data_5Z2U
#
_entry.id   5Z2U
#
_cell.length_a   90.670
_cell.length_b   90.700
_cell.length_c   169.070
_cell.angle_alpha   83.260
_cell.angle_beta   75.960
_cell.angle_gamma   64.170
#
_symmetry.space_group_name_H-M   'P 1'
#
loop_
_entity.id
_entity.type
_entity.pdbx_description
1 polymer '2-succinyl-5-enolpyruvyl-6-hydroxy-3-cyclohexene-1-carboxylate synthase'
2 non-polymer '(4S)-4-{3-[(4-amino-2-methylpyrimidin-5-yl)methyl]-5-(2-{[(S)-hydroxy(phosphonooxy)phosphoryl]oxy}ethyl)-4-methyl-1,3lambda~5~-thiazol-2-yl}-4-hydroxybutanoic acid'
3 non-polymer 'MAGNESIUM ION'
4 non-polymer 'FORMIC ACID'
5 non-polymer GLYCEROL
6 non-polymer 'THIAMINE DIPHOSPHATE'
7 non-polymer 1,2-ETHANEDIOL
8 water water
#
_entity_poly.entity_id   1
_entity_poly.type   'polypeptide(L)'
_entity_poly.pdbx_seq_one_letter_code
;MSVSAFNRRWAAVILEALTRHGVRHICIAPGSRSTPLTLAAAENSAFIHHTHFDERGLGHLALGLAKVSKQPVAVIVTSG
TAVANLYPALIEAGLTGEKLILLTADRPPELIDCGANQAIRQPGMFASHPTHSISLPRPTQDIPARWLVSTIDHALGTLH
AGGVHINCPFAEPLYGEMDDTGLSWQQRLGDWWQDDKPWLREAPRLESEKQRDWFFWRQKRGVVVAGRMSAEEGKKVALW
AQTLGWPLIGDVLSQTGQPLPCADLWLGNAKATSELQQAQIVVQLGSSLTGKRLLQWQASCEPEEYWIVDDIEGRLDPAH
HRGRRLIANIADWLELHPAEKRQPWCVEIPRLAEQAMQAVIARRDAFGEAQLAHRICDYLPEQGQLFVGNSLVVALIDAL
SQLPAGYPVYSNRGASGIDGLLSTAAGVQRASGKPTLAIVGDLSALYDLNALALLRQVSAPLVLIVVNNNGGQIFSLLPT
PQSERERFYLMPQNVHFEHAAAMFELKYHRPQNWQELETAFADAWRTPTTTVIEMVVNDTDGAQTLQQLLAQVSHL
;
_entity_poly.pdbx_strand_id   A,B,C,D,E,F,G,H
#
loop_
_chem_comp.id
_chem_comp.type
_chem_comp.name
_chem_comp.formula
EDO non-polymer 1,2-ETHANEDIOL 'C2 H6 O2'
FMT non-polymer 'FORMIC ACID' 'C H2 O2'
GOL non-polymer GLYCEROL 'C3 H8 O3'
MG non-polymer 'MAGNESIUM ION' 'Mg 2'
TD6 non-polymer '(4S)-4-{3-[(4-amino-2-methylpyrimidin-5-yl)methyl]-5-(2-{[(S)-hydroxy(phosphonooxy)phosphoryl]oxy}ethyl)-4-methyl-1,3lambda~5~-thiazol-2-yl}-4-hydroxybutanoic acid' 'C16 H25 N4 O10 P2 S 1'
TPP non-polymer 'THIAMINE DIPHOSPHATE' 'C12 H19 N4 O7 P2 S 1'
#
# COMPACT_ATOMS: atom_id res chain seq x y z
N MET A 1 -36.20 -56.14 4.94
CA MET A 1 -35.40 -55.50 5.97
C MET A 1 -36.29 -54.91 7.08
N SER A 2 -35.78 -54.94 8.31
CA SER A 2 -36.54 -54.55 9.48
C SER A 2 -36.31 -53.08 9.80
N VAL A 3 -37.38 -52.28 9.71
CA VAL A 3 -37.29 -50.86 10.01
C VAL A 3 -37.00 -50.62 11.49
N SER A 4 -37.65 -51.38 12.38
CA SER A 4 -37.43 -51.21 13.81
C SER A 4 -35.97 -51.50 14.18
N ALA A 5 -35.41 -52.58 13.65
CA ALA A 5 -34.02 -52.94 13.94
C ALA A 5 -33.07 -51.86 13.44
N PHE A 6 -33.27 -51.40 12.20
CA PHE A 6 -32.37 -50.39 11.67
C PHE A 6 -32.47 -49.08 12.43
N ASN A 7 -33.70 -48.67 12.78
CA ASN A 7 -33.86 -47.53 13.66
C ASN A 7 -32.99 -47.66 14.89
N ARG A 8 -32.95 -48.85 15.50
CA ARG A 8 -32.14 -49.00 16.72
C ARG A 8 -30.63 -48.97 16.43
N ARG A 9 -30.18 -49.40 15.23
CA ARG A 9 -28.77 -49.28 14.88
C ARG A 9 -28.34 -47.84 14.57
N TRP A 10 -29.19 -47.10 13.87
CA TRP A 10 -29.00 -45.67 13.67
C TRP A 10 -28.86 -44.95 15.02
N ALA A 11 -29.81 -45.20 15.92
CA ALA A 11 -29.71 -44.60 17.25
C ALA A 11 -28.43 -45.05 17.95
N ALA A 12 -28.10 -46.35 17.86
CA ALA A 12 -26.93 -46.86 18.57
C ALA A 12 -25.65 -46.16 18.12
N VAL A 13 -25.52 -45.89 16.80
CA VAL A 13 -24.39 -45.10 16.32
C VAL A 13 -24.42 -43.70 16.95
N ILE A 14 -25.59 -43.09 17.06
CA ILE A 14 -25.64 -41.74 17.65
C ILE A 14 -25.14 -41.76 19.10
N LEU A 15 -25.70 -42.66 19.90
CA LEU A 15 -25.37 -42.69 21.32
C LEU A 15 -23.91 -43.06 21.55
N GLU A 16 -23.45 -44.09 20.82
CA GLU A 16 -22.05 -44.50 20.93
C GLU A 16 -21.12 -43.35 20.54
N ALA A 17 -21.47 -42.59 19.49
CA ALA A 17 -20.68 -41.43 19.14
C ALA A 17 -20.60 -40.44 20.29
N LEU A 18 -21.73 -40.23 20.97
CA LEU A 18 -21.72 -39.30 22.11
C LEU A 18 -20.74 -39.73 23.18
N THR A 19 -20.59 -41.05 23.40
CA THR A 19 -19.64 -41.47 24.45
C THR A 19 -18.19 -41.08 24.18
N ARG A 20 -17.82 -40.80 22.91
CA ARG A 20 -16.45 -40.42 22.59
C ARG A 20 -16.16 -38.96 22.92
N HIS A 21 -17.14 -38.20 23.41
CA HIS A 21 -16.93 -36.80 23.73
C HIS A 21 -17.15 -36.53 25.21
N GLY A 22 -17.11 -37.56 26.05
CA GLY A 22 -17.25 -37.40 27.48
C GLY A 22 -18.67 -37.49 27.99
N VAL A 23 -19.63 -37.85 27.15
CA VAL A 23 -21.01 -37.95 27.64
C VAL A 23 -21.12 -39.19 28.50
N ARG A 24 -21.46 -38.99 29.76
CA ARG A 24 -21.68 -40.10 30.68
C ARG A 24 -23.09 -40.11 31.23
N HIS A 25 -23.57 -38.98 31.73
CA HIS A 25 -24.93 -38.90 32.24
C HIS A 25 -25.90 -38.76 31.09
N ILE A 26 -27.00 -39.52 31.16
CA ILE A 26 -28.09 -39.38 30.19
C ILE A 26 -29.42 -39.37 30.92
N CYS A 27 -30.24 -38.37 30.61
CA CYS A 27 -31.53 -38.15 31.24
C CYS A 27 -32.63 -38.51 30.24
N ILE A 28 -33.55 -39.36 30.69
CA ILE A 28 -34.51 -40.01 29.81
C ILE A 28 -35.91 -39.77 30.35
N ALA A 29 -36.79 -39.27 29.49
CA ALA A 29 -38.19 -39.25 29.83
C ALA A 29 -38.92 -40.33 29.05
N PRO A 30 -40.08 -40.78 29.52
CA PRO A 30 -40.75 -41.90 28.85
C PRO A 30 -41.50 -41.44 27.62
N GLY A 31 -41.60 -42.36 26.67
CA GLY A 31 -42.29 -42.09 25.43
C GLY A 31 -42.16 -43.29 24.53
N SER A 32 -42.91 -43.26 23.43
CA SER A 32 -42.86 -44.36 22.48
C SER A 32 -41.96 -44.05 21.28
N ARG A 33 -42.11 -42.87 20.69
CA ARG A 33 -41.28 -42.50 19.55
C ARG A 33 -39.79 -42.47 19.90
N SER A 34 -39.44 -42.27 21.16
CA SER A 34 -38.02 -42.23 21.55
C SER A 34 -37.42 -43.61 21.77
N THR A 35 -38.18 -44.68 21.52
CA THR A 35 -37.72 -46.05 21.74
C THR A 35 -36.34 -46.37 21.14
N PRO A 36 -36.04 -46.04 19.88
CA PRO A 36 -34.69 -46.37 19.38
C PRO A 36 -33.58 -45.72 20.21
N LEU A 37 -33.75 -44.45 20.55
CA LEU A 37 -32.77 -43.75 21.37
C LEU A 37 -32.68 -44.34 22.77
N THR A 38 -33.85 -44.53 23.42
CA THR A 38 -33.90 -44.99 24.80
C THR A 38 -33.35 -46.41 24.95
N LEU A 39 -33.67 -47.29 24.00
CA LEU A 39 -33.13 -48.65 24.06
C LEU A 39 -31.64 -48.67 23.74
N ALA A 40 -31.19 -47.88 22.76
CA ALA A 40 -29.76 -47.81 22.50
C ALA A 40 -29.00 -47.28 23.71
N ALA A 41 -29.58 -46.32 24.43
CA ALA A 41 -28.93 -45.79 25.62
C ALA A 41 -28.94 -46.81 26.75
N ALA A 42 -30.04 -47.57 26.90
CA ALA A 42 -30.14 -48.54 27.98
C ALA A 42 -29.15 -49.68 27.83
N GLU A 43 -28.80 -50.03 26.59
CA GLU A 43 -27.86 -51.12 26.30
C GLU A 43 -26.40 -50.67 26.36
N ASN A 44 -26.12 -49.37 26.41
CA ASN A 44 -24.75 -48.85 26.37
C ASN A 44 -24.22 -48.66 27.79
N SER A 45 -23.18 -49.40 28.14
CA SER A 45 -22.68 -49.46 29.52
C SER A 45 -21.89 -48.21 29.91
N ALA A 46 -21.67 -47.26 29.00
CA ALA A 46 -20.94 -46.04 29.33
C ALA A 46 -21.79 -45.03 30.12
N PHE A 47 -23.11 -45.19 30.15
CA PHE A 47 -24.00 -44.15 30.66
C PHE A 47 -24.43 -44.40 32.09
N ILE A 48 -24.66 -43.32 32.81
CA ILE A 48 -25.50 -43.33 34.01
C ILE A 48 -26.86 -42.80 33.61
N HIS A 49 -27.91 -43.59 33.83
CA HIS A 49 -29.25 -43.24 33.39
C HIS A 49 -30.02 -42.60 34.52
N HIS A 50 -30.58 -41.43 34.27
CA HIS A 50 -31.51 -40.77 35.18
C HIS A 50 -32.84 -40.65 34.46
N THR A 51 -33.94 -40.82 35.20
CA THR A 51 -35.27 -40.76 34.63
C THR A 51 -36.13 -39.75 35.38
N HIS A 52 -37.13 -39.20 34.68
CA HIS A 52 -38.09 -38.30 35.29
C HIS A 52 -39.28 -38.17 34.34
N PHE A 53 -40.45 -37.90 34.94
CA PHE A 53 -41.69 -37.78 34.17
C PHE A 53 -41.95 -36.35 33.70
N ASP A 54 -41.31 -35.34 34.27
CA ASP A 54 -41.49 -33.95 33.84
C ASP A 54 -40.29 -33.54 33.00
N GLU A 55 -40.52 -33.26 31.71
CA GLU A 55 -39.41 -32.96 30.81
C GLU A 55 -38.75 -31.61 31.12
N ARG A 56 -39.48 -30.65 31.69
CA ARG A 56 -38.87 -29.39 32.11
C ARG A 56 -37.91 -29.62 33.27
N GLY A 57 -38.35 -30.38 34.27
CA GLY A 57 -37.45 -30.80 35.33
C GLY A 57 -36.35 -31.72 34.84
N LEU A 58 -36.62 -32.56 33.83
CA LEU A 58 -35.58 -33.41 33.28
C LEU A 58 -34.46 -32.57 32.65
N GLY A 59 -34.85 -31.53 31.91
CA GLY A 59 -33.86 -30.60 31.37
C GLY A 59 -33.05 -29.92 32.46
N HIS A 60 -33.71 -29.49 33.54
CA HIS A 60 -32.93 -28.84 34.60
C HIS A 60 -32.07 -29.85 35.35
N LEU A 61 -32.50 -31.10 35.44
CA LEU A 61 -31.66 -32.15 36.03
C LEU A 61 -30.39 -32.34 35.23
N ALA A 62 -30.53 -32.43 33.90
CA ALA A 62 -29.38 -32.48 33.01
C ALA A 62 -28.52 -31.23 33.16
N LEU A 63 -29.16 -30.08 33.41
CA LEU A 63 -28.43 -28.83 33.61
C LEU A 63 -27.56 -28.88 34.87
N GLY A 64 -28.11 -29.35 35.98
CA GLY A 64 -27.31 -29.45 37.20
C GLY A 64 -26.18 -30.47 37.05
N LEU A 65 -26.50 -31.63 36.45
CA LEU A 65 -25.48 -32.66 36.22
C LEU A 65 -24.31 -32.11 35.40
N ALA A 66 -24.61 -31.44 34.26
CA ALA A 66 -23.57 -30.87 33.41
C ALA A 66 -22.83 -29.76 34.15
N LYS A 67 -23.59 -28.98 34.93
CA LYS A 67 -23.05 -27.88 35.71
C LYS A 67 -21.92 -28.37 36.61
N VAL A 68 -22.13 -29.50 37.28
CA VAL A 68 -21.14 -29.99 38.24
C VAL A 68 -20.06 -30.82 37.55
N SER A 69 -20.45 -31.72 36.64
CA SER A 69 -19.52 -32.64 36.04
C SER A 69 -18.62 -31.98 35.00
N LYS A 70 -19.02 -30.80 34.50
CA LYS A 70 -18.24 -30.07 33.49
C LYS A 70 -18.09 -30.83 32.18
N GLN A 71 -18.98 -31.76 31.88
CA GLN A 71 -18.96 -32.59 30.67
C GLN A 71 -20.32 -32.46 29.98
N PRO A 72 -20.39 -32.79 28.70
CA PRO A 72 -21.71 -32.79 28.03
C PRO A 72 -22.61 -33.88 28.61
N VAL A 73 -23.88 -33.52 28.80
CA VAL A 73 -24.88 -34.41 29.38
C VAL A 73 -26.01 -34.56 28.36
N ALA A 74 -26.42 -35.80 28.10
CA ALA A 74 -27.41 -36.08 27.09
C ALA A 74 -28.80 -36.18 27.70
N VAL A 75 -29.81 -35.87 26.87
CA VAL A 75 -31.23 -35.89 27.19
C VAL A 75 -31.96 -36.60 26.06
N ILE A 76 -32.90 -37.47 26.39
CA ILE A 76 -33.73 -38.14 25.41
C ILE A 76 -35.19 -37.87 25.75
N VAL A 77 -35.96 -37.35 24.77
CA VAL A 77 -37.40 -37.17 24.98
C VAL A 77 -38.15 -37.64 23.74
N THR A 78 -39.41 -37.98 23.94
CA THR A 78 -40.25 -38.35 22.81
C THR A 78 -40.77 -37.07 22.15
N SER A 79 -41.47 -37.26 21.02
CA SER A 79 -41.90 -36.13 20.21
C SER A 79 -43.08 -35.41 20.84
N GLY A 80 -43.24 -34.13 20.47
CA GLY A 80 -44.36 -33.32 20.92
C GLY A 80 -44.01 -32.25 21.94
N THR A 81 -44.94 -31.90 22.85
CA THR A 81 -44.66 -30.90 23.88
C THR A 81 -43.56 -31.35 24.84
N ALA A 82 -43.25 -32.64 24.88
CA ALA A 82 -42.08 -33.08 25.65
C ALA A 82 -40.82 -32.34 25.21
N VAL A 83 -40.63 -32.16 23.90
CA VAL A 83 -39.47 -31.40 23.39
C VAL A 83 -39.56 -29.95 23.86
N ALA A 84 -40.74 -29.36 23.76
CA ALA A 84 -40.90 -27.96 24.11
C ALA A 84 -40.57 -27.70 25.56
N ASN A 85 -40.83 -28.67 26.44
CA ASN A 85 -40.52 -28.48 27.86
C ASN A 85 -39.03 -28.38 28.15
N LEU A 86 -38.18 -28.74 27.20
CA LEU A 86 -36.74 -28.60 27.36
C LEU A 86 -36.24 -27.18 27.15
N TYR A 87 -37.11 -26.25 26.70
CA TYR A 87 -36.64 -24.91 26.34
C TYR A 87 -35.96 -24.18 27.49
N PRO A 88 -36.55 -24.11 28.70
CA PRO A 88 -35.89 -23.32 29.76
C PRO A 88 -34.45 -23.78 30.06
N ALA A 89 -34.22 -25.08 30.26
CA ALA A 89 -32.86 -25.52 30.55
C ALA A 89 -31.94 -25.23 29.38
N LEU A 90 -32.44 -25.38 28.15
CA LEU A 90 -31.61 -25.10 26.99
C LEU A 90 -31.19 -23.64 26.94
N ILE A 91 -32.11 -22.73 27.29
CA ILE A 91 -31.80 -21.30 27.29
C ILE A 91 -30.77 -20.98 28.35
N GLU A 92 -30.97 -21.50 29.56
CA GLU A 92 -30.02 -21.24 30.63
C GLU A 92 -28.64 -21.77 30.27
N ALA A 93 -28.57 -22.98 29.69
CA ALA A 93 -27.27 -23.50 29.25
C ALA A 93 -26.67 -22.64 28.16
N GLY A 94 -27.50 -22.10 27.27
CA GLY A 94 -27.00 -21.17 26.27
C GLY A 94 -26.39 -19.92 26.89
N LEU A 95 -26.84 -19.54 28.10
CA LEU A 95 -26.26 -18.37 28.76
C LEU A 95 -25.06 -18.71 29.65
N THR A 96 -25.09 -19.81 30.39
CA THR A 96 -24.01 -20.08 31.33
C THR A 96 -23.02 -21.15 30.85
N GLY A 97 -23.31 -21.84 29.74
CA GLY A 97 -22.30 -22.65 29.08
C GLY A 97 -22.43 -24.15 29.22
N GLU A 98 -23.37 -24.65 30.00
CA GLU A 98 -23.55 -26.10 30.13
C GLU A 98 -23.82 -26.75 28.78
N LYS A 99 -23.21 -27.91 28.57
CA LYS A 99 -23.32 -28.65 27.32
C LYS A 99 -24.40 -29.71 27.49
N LEU A 100 -25.60 -29.38 27.05
CA LEU A 100 -26.75 -30.29 27.04
C LEU A 100 -26.94 -30.78 25.62
N ILE A 101 -26.91 -32.09 25.44
CA ILE A 101 -27.13 -32.71 24.13
C ILE A 101 -28.58 -33.20 24.10
N LEU A 102 -29.44 -32.51 23.37
CA LEU A 102 -30.87 -32.81 23.39
C LEU A 102 -31.21 -33.74 22.23
N LEU A 103 -31.50 -35.00 22.54
CA LEU A 103 -31.94 -36.00 21.57
C LEU A 103 -33.48 -36.08 21.61
N THR A 104 -34.11 -35.44 20.64
CA THR A 104 -35.54 -35.29 20.61
C THR A 104 -36.10 -36.18 19.50
N ALA A 105 -36.81 -37.22 19.92
CA ALA A 105 -37.47 -38.08 18.95
C ALA A 105 -38.49 -37.26 18.19
N ASP A 106 -38.70 -37.65 16.93
CA ASP A 106 -39.63 -36.97 16.06
C ASP A 106 -40.39 -38.01 15.26
N ARG A 107 -41.57 -37.62 14.80
CA ARG A 107 -42.24 -38.35 13.74
C ARG A 107 -41.41 -38.19 12.46
N PRO A 108 -41.51 -39.13 11.54
CA PRO A 108 -40.84 -38.96 10.25
C PRO A 108 -41.50 -37.86 9.44
N PRO A 109 -40.83 -37.37 8.40
CA PRO A 109 -41.40 -36.25 7.62
C PRO A 109 -42.78 -36.51 7.06
N GLU A 110 -43.12 -37.76 6.74
CA GLU A 110 -44.44 -38.02 6.15
C GLU A 110 -45.59 -37.90 7.15
N LEU A 111 -45.32 -37.65 8.46
CA LEU A 111 -46.38 -37.49 9.46
C LEU A 111 -46.39 -36.09 10.06
N ILE A 112 -45.77 -35.11 9.40
CA ILE A 112 -45.78 -33.72 9.88
C ILE A 112 -46.80 -32.93 9.07
N ASP A 113 -47.48 -31.99 9.74
CA ASP A 113 -48.53 -31.12 9.14
C ASP A 113 -49.61 -31.90 8.40
N CYS A 114 -50.10 -32.98 9.03
CA CYS A 114 -51.21 -33.75 8.49
C CYS A 114 -52.17 -34.22 9.57
N GLY A 115 -52.17 -33.58 10.75
CA GLY A 115 -53.10 -33.98 11.78
C GLY A 115 -52.75 -35.27 12.50
N ALA A 116 -51.52 -35.76 12.38
CA ALA A 116 -51.14 -36.95 13.11
C ALA A 116 -51.01 -36.65 14.59
N ASN A 117 -51.34 -37.63 15.42
CA ASN A 117 -51.30 -37.42 16.87
C ASN A 117 -49.86 -37.25 17.32
N GLN A 118 -49.64 -36.27 18.20
CA GLN A 118 -48.34 -36.04 18.85
C GLN A 118 -47.24 -35.74 17.83
N ALA A 119 -47.59 -35.11 16.73
CA ALA A 119 -46.64 -34.75 15.68
C ALA A 119 -46.66 -33.24 15.50
N ILE A 120 -45.49 -32.62 15.67
CA ILE A 120 -45.35 -31.18 15.59
C ILE A 120 -44.10 -30.89 14.76
N ARG A 121 -43.93 -29.62 14.40
CA ARG A 121 -42.75 -29.17 13.68
C ARG A 121 -41.61 -28.91 14.67
N GLN A 122 -40.64 -29.82 14.70
CA GLN A 122 -39.60 -29.81 15.70
C GLN A 122 -38.30 -29.18 15.22
N PRO A 123 -37.87 -29.37 13.96
CA PRO A 123 -36.62 -28.72 13.53
C PRO A 123 -36.72 -27.20 13.66
N GLY A 124 -35.67 -26.63 14.28
CA GLY A 124 -35.55 -25.20 14.47
C GLY A 124 -36.42 -24.61 15.55
N MET A 125 -37.14 -25.44 16.31
CA MET A 125 -38.10 -24.92 17.28
C MET A 125 -37.45 -24.25 18.48
N PHE A 126 -36.15 -24.45 18.69
CA PHE A 126 -35.43 -23.73 19.74
C PHE A 126 -34.69 -22.50 19.19
N ALA A 127 -34.97 -22.10 17.94
CA ALA A 127 -34.50 -20.84 17.32
C ALA A 127 -32.98 -20.74 17.47
N SER A 128 -32.44 -19.61 17.92
CA SER A 128 -31.00 -19.44 18.00
C SER A 128 -30.40 -19.89 19.32
N HIS A 129 -31.18 -20.46 20.21
CA HIS A 129 -30.65 -20.72 21.54
C HIS A 129 -29.69 -21.90 21.62
N PRO A 130 -29.83 -22.96 20.81
CA PRO A 130 -28.77 -23.97 20.78
C PRO A 130 -27.53 -23.39 20.13
N THR A 131 -26.38 -23.83 20.60
CA THR A 131 -25.15 -23.50 19.90
C THR A 131 -25.10 -24.18 18.54
N HIS A 132 -25.49 -25.47 18.47
CA HIS A 132 -25.57 -26.25 17.25
C HIS A 132 -26.95 -26.88 17.12
N SER A 133 -27.48 -26.90 15.90
CA SER A 133 -28.73 -27.55 15.57
C SER A 133 -28.48 -28.57 14.47
N ILE A 134 -28.91 -29.80 14.72
CA ILE A 134 -28.84 -30.88 13.74
C ILE A 134 -30.23 -31.45 13.60
N SER A 135 -30.78 -31.36 12.40
CA SER A 135 -32.05 -32.01 12.07
C SER A 135 -31.71 -33.23 11.23
N LEU A 136 -31.63 -34.39 11.88
CA LEU A 136 -31.22 -35.59 11.19
C LEU A 136 -32.25 -35.96 10.12
N PRO A 137 -31.82 -36.60 9.05
CA PRO A 137 -32.76 -37.06 8.02
C PRO A 137 -33.48 -38.32 8.47
N ARG A 138 -34.52 -38.66 7.72
CA ARG A 138 -35.22 -39.93 7.87
C ARG A 138 -34.21 -41.07 7.75
N PRO A 139 -34.14 -41.99 8.71
CA PRO A 139 -33.09 -43.01 8.68
C PRO A 139 -33.16 -43.86 7.42
N THR A 140 -32.01 -44.10 6.81
CA THR A 140 -31.91 -44.98 5.64
C THR A 140 -30.50 -45.53 5.57
N GLN A 141 -30.37 -46.76 5.06
CA GLN A 141 -29.04 -47.30 4.82
C GLN A 141 -28.35 -46.63 3.66
N ASP A 142 -29.08 -45.86 2.86
CA ASP A 142 -28.41 -45.18 1.76
C ASP A 142 -27.55 -44.01 2.22
N ILE A 143 -27.65 -43.61 3.49
CA ILE A 143 -26.74 -42.62 4.05
C ILE A 143 -25.72 -43.36 4.91
N PRO A 144 -24.43 -43.23 4.65
CA PRO A 144 -23.45 -44.07 5.35
C PRO A 144 -23.32 -43.68 6.82
N ALA A 145 -23.03 -44.70 7.63
CA ALA A 145 -22.86 -44.47 9.06
C ALA A 145 -21.73 -43.50 9.34
N ARG A 146 -20.70 -43.47 8.50
CA ARG A 146 -19.63 -42.50 8.66
C ARG A 146 -20.15 -41.05 8.55
N TRP A 147 -21.20 -40.82 7.75
CA TRP A 147 -21.79 -39.48 7.70
C TRP A 147 -22.45 -39.14 9.03
N LEU A 148 -23.25 -40.05 9.55
CA LEU A 148 -23.94 -39.79 10.80
C LEU A 148 -22.95 -39.52 11.92
N VAL A 149 -21.97 -40.41 12.08
CA VAL A 149 -21.01 -40.23 13.17
C VAL A 149 -20.19 -38.96 12.95
N SER A 150 -19.88 -38.62 11.70
CA SER A 150 -19.12 -37.40 11.44
C SER A 150 -19.93 -36.15 11.80
N THR A 151 -21.24 -36.18 11.55
CA THR A 151 -22.08 -35.03 11.89
C THR A 151 -22.11 -34.83 13.40
N ILE A 152 -22.29 -35.93 14.15
CA ILE A 152 -22.28 -35.82 15.60
C ILE A 152 -20.92 -35.33 16.08
N ASP A 153 -19.84 -35.89 15.52
CA ASP A 153 -18.49 -35.52 15.96
C ASP A 153 -18.20 -34.07 15.67
N HIS A 154 -18.68 -33.55 14.53
CA HIS A 154 -18.51 -32.13 14.25
C HIS A 154 -19.23 -31.29 15.29
N ALA A 155 -20.47 -31.68 15.62
CA ALA A 155 -21.24 -30.90 16.58
C ALA A 155 -20.59 -30.91 17.96
N LEU A 156 -20.16 -32.08 18.45
CA LEU A 156 -19.62 -32.14 19.80
C LEU A 156 -18.19 -31.61 19.85
N GLY A 157 -17.42 -31.85 18.80
CA GLY A 157 -16.03 -31.44 18.80
C GLY A 157 -15.85 -29.94 18.77
N THR A 158 -16.74 -29.23 18.07
CA THR A 158 -16.66 -27.79 17.97
C THR A 158 -17.51 -27.07 19.00
N LEU A 159 -18.09 -27.81 19.94
CA LEU A 159 -18.97 -27.22 20.94
C LEU A 159 -18.12 -26.58 22.04
N HIS A 160 -17.95 -25.25 21.96
CA HIS A 160 -17.23 -24.52 22.99
C HIS A 160 -18.05 -24.42 24.28
N ALA A 161 -19.37 -24.30 24.15
CA ALA A 161 -20.31 -24.11 25.23
C ALA A 161 -21.74 -24.17 24.67
N GLY A 162 -22.69 -24.47 25.55
CA GLY A 162 -24.10 -24.43 25.21
C GLY A 162 -24.66 -25.74 24.72
N GLY A 163 -25.93 -25.69 24.37
CA GLY A 163 -26.65 -26.89 24.02
C GLY A 163 -26.55 -27.23 22.54
N VAL A 164 -26.81 -28.51 22.25
CA VAL A 164 -26.89 -29.02 20.90
C VAL A 164 -28.26 -29.66 20.76
N HIS A 165 -29.04 -29.21 19.78
CA HIS A 165 -30.34 -29.79 19.48
C HIS A 165 -30.17 -30.79 18.34
N ILE A 166 -30.42 -32.06 18.63
CA ILE A 166 -30.33 -33.10 17.62
C ILE A 166 -31.73 -33.67 17.46
N ASN A 167 -32.42 -33.29 16.39
CA ASN A 167 -33.73 -33.84 16.11
C ASN A 167 -33.57 -35.17 15.38
N CYS A 168 -34.26 -36.21 15.90
CA CYS A 168 -34.10 -37.60 15.46
C CYS A 168 -35.43 -38.17 15.01
N PRO A 169 -35.79 -38.03 13.74
CA PRO A 169 -37.02 -38.67 13.25
C PRO A 169 -36.83 -40.18 13.13
N PHE A 170 -37.89 -40.90 13.51
CA PHE A 170 -37.95 -42.36 13.41
C PHE A 170 -39.32 -42.76 12.90
N ALA A 171 -39.36 -43.59 11.87
CA ALA A 171 -40.59 -44.12 11.33
C ALA A 171 -40.92 -45.47 11.95
N GLU A 172 -42.21 -45.72 12.14
CA GLU A 172 -42.68 -47.01 12.61
C GLU A 172 -42.52 -48.09 11.51
N PRO A 173 -42.46 -49.37 11.89
CA PRO A 173 -42.55 -49.89 13.27
C PRO A 173 -41.33 -49.57 14.15
N LEU A 174 -41.59 -49.30 15.43
CA LEU A 174 -40.56 -49.02 16.42
C LEU A 174 -40.19 -50.26 17.24
N TYR A 175 -41.07 -51.26 17.26
CA TYR A 175 -40.89 -52.46 18.04
C TYR A 175 -40.84 -53.66 17.10
N GLY A 176 -40.30 -54.75 17.59
CA GLY A 176 -40.12 -55.93 16.77
C GLY A 176 -38.82 -56.60 17.15
N GLU A 177 -38.67 -57.86 16.75
CA GLU A 177 -37.47 -58.58 17.11
C GLU A 177 -36.26 -57.93 16.44
N MET A 178 -35.14 -57.81 17.16
CA MET A 178 -33.90 -57.34 16.55
C MET A 178 -33.37 -58.38 15.60
N ASP A 179 -33.19 -58.01 14.33
CA ASP A 179 -32.42 -58.85 13.44
C ASP A 179 -31.15 -58.17 12.95
N ASP A 180 -30.58 -58.66 11.83
CA ASP A 180 -29.30 -58.21 11.34
C ASP A 180 -29.40 -57.03 10.37
N THR A 181 -30.58 -56.43 10.25
CA THR A 181 -30.77 -55.27 9.41
C THR A 181 -29.90 -54.13 9.92
N GLY A 182 -29.05 -53.59 9.04
CA GLY A 182 -28.18 -52.50 9.42
C GLY A 182 -26.88 -52.93 10.05
N LEU A 183 -26.63 -54.23 10.20
CA LEU A 183 -25.40 -54.70 10.83
C LEU A 183 -24.19 -54.39 9.96
N SER A 184 -24.29 -54.69 8.66
CA SER A 184 -23.22 -54.37 7.72
C SER A 184 -22.98 -52.87 7.63
N TRP A 185 -24.07 -52.11 7.59
CA TRP A 185 -24.00 -50.66 7.61
C TRP A 185 -23.19 -50.16 8.80
N GLN A 186 -23.46 -50.71 9.98
CA GLN A 186 -22.69 -50.41 11.20
C GLN A 186 -21.23 -50.86 11.07
N GLN A 187 -21.00 -51.98 10.44
CA GLN A 187 -19.65 -52.50 10.35
C GLN A 187 -18.80 -51.76 9.33
N ARG A 188 -19.37 -50.90 8.50
CA ARG A 188 -18.49 -50.03 7.73
C ARG A 188 -17.64 -49.10 8.60
N LEU A 189 -17.98 -48.95 9.88
CA LEU A 189 -17.16 -48.14 10.78
C LEU A 189 -15.94 -48.89 11.32
N GLY A 190 -15.80 -50.18 11.01
CA GLY A 190 -14.56 -50.88 11.35
C GLY A 190 -14.34 -50.99 12.85
N ASP A 191 -13.09 -50.84 13.27
CA ASP A 191 -12.79 -50.97 14.69
C ASP A 191 -12.99 -49.66 15.45
N TRP A 192 -13.61 -48.65 14.83
CA TRP A 192 -14.08 -47.51 15.59
C TRP A 192 -14.97 -47.97 16.74
N TRP A 193 -15.69 -49.09 16.55
CA TRP A 193 -16.58 -49.57 17.60
C TRP A 193 -15.82 -49.97 18.86
N GLN A 194 -14.56 -50.37 18.72
CA GLN A 194 -13.69 -50.73 19.84
C GLN A 194 -12.73 -49.62 20.20
N ASP A 195 -12.89 -48.45 19.58
CA ASP A 195 -11.99 -47.34 19.81
C ASP A 195 -12.55 -46.46 20.91
N ASP A 196 -11.70 -45.53 21.40
CA ASP A 196 -12.11 -44.62 22.46
C ASP A 196 -12.09 -43.16 22.02
N LYS A 197 -11.81 -42.88 20.76
CA LYS A 197 -11.79 -41.51 20.29
C LYS A 197 -12.89 -41.28 19.25
N PRO A 198 -13.20 -40.03 18.90
CA PRO A 198 -14.16 -39.80 17.83
C PRO A 198 -13.72 -40.37 16.49
N TRP A 199 -14.72 -40.61 15.63
CA TRP A 199 -14.44 -40.96 14.24
C TRP A 199 -13.74 -39.82 13.52
N LEU A 200 -14.24 -38.59 13.69
CA LEU A 200 -13.61 -37.40 13.18
C LEU A 200 -13.24 -36.51 14.35
N ARG A 201 -11.96 -36.21 14.48
CA ARG A 201 -11.48 -35.31 15.52
C ARG A 201 -11.46 -33.90 14.95
N GLU A 202 -12.38 -33.08 15.42
CA GLU A 202 -12.45 -31.66 15.02
C GLU A 202 -12.70 -30.90 16.31
N ALA A 203 -11.65 -30.33 16.88
CA ALA A 203 -11.72 -29.71 18.20
C ALA A 203 -10.87 -28.45 18.27
N PRO A 204 -11.16 -27.45 17.44
CA PRO A 204 -10.39 -26.19 17.55
C PRO A 204 -10.71 -25.49 18.87
N ARG A 205 -9.72 -24.79 19.40
CA ARG A 205 -9.87 -24.07 20.66
C ARG A 205 -10.10 -22.59 20.39
N LEU A 206 -10.92 -21.96 21.20
CA LEU A 206 -11.22 -20.54 21.06
C LEU A 206 -10.70 -19.82 22.28
N GLU A 207 -9.74 -18.92 22.08
CA GLU A 207 -9.07 -18.29 23.21
C GLU A 207 -8.41 -17.01 22.74
N SER A 208 -8.43 -15.99 23.61
CA SER A 208 -7.78 -14.72 23.33
C SER A 208 -6.26 -14.82 23.50
N GLU A 209 -5.56 -13.97 22.75
CA GLU A 209 -4.11 -13.93 22.90
C GLU A 209 -3.71 -13.20 24.18
N LYS A 210 -2.44 -13.39 24.53
CA LYS A 210 -1.88 -12.68 25.67
C LYS A 210 -1.92 -11.18 25.39
N GLN A 211 -2.28 -10.41 26.41
CA GLN A 211 -2.32 -8.95 26.32
C GLN A 211 -0.92 -8.44 26.58
N ARG A 212 -0.27 -7.90 25.55
CA ARG A 212 1.16 -7.65 25.64
C ARG A 212 1.48 -6.36 26.39
N ASP A 213 0.49 -5.54 26.69
CA ASP A 213 0.69 -4.36 27.52
C ASP A 213 0.30 -4.62 28.98
N TRP A 214 0.15 -5.89 29.37
CA TRP A 214 -0.30 -6.20 30.72
C TRP A 214 0.71 -5.72 31.77
N PHE A 215 2.00 -5.75 31.46
CA PHE A 215 2.97 -5.23 32.43
C PHE A 215 2.84 -3.74 32.66
N PHE A 216 2.25 -3.00 31.73
CA PHE A 216 1.90 -1.62 32.04
C PHE A 216 0.68 -1.57 32.96
N TRP A 217 -0.37 -2.32 32.61
CA TRP A 217 -1.64 -2.13 33.30
C TRP A 217 -1.64 -2.69 34.72
N ARG A 218 -0.84 -3.71 34.97
CA ARG A 218 -0.72 -4.29 36.28
C ARG A 218 -0.17 -3.33 37.33
N GLN A 219 0.62 -2.34 36.95
CA GLN A 219 1.12 -1.37 37.89
C GLN A 219 0.22 -0.14 38.13
N LYS A 220 -0.86 -0.02 37.38
CA LYS A 220 -1.80 1.07 37.58
C LYS A 220 -2.80 0.76 38.70
N ARG A 221 -3.61 1.72 39.11
CA ARG A 221 -4.64 1.50 40.12
C ARG A 221 -5.76 0.68 39.50
N GLY A 222 -5.81 -0.60 39.84
CA GLY A 222 -6.86 -1.43 39.31
C GLY A 222 -7.85 -1.89 40.35
N VAL A 223 -9.01 -2.34 39.90
CA VAL A 223 -10.02 -2.96 40.73
C VAL A 223 -10.25 -4.34 40.15
N VAL A 224 -10.38 -5.35 41.02
CA VAL A 224 -10.69 -6.71 40.60
C VAL A 224 -12.13 -7.01 40.97
N VAL A 225 -12.92 -7.39 39.97
CA VAL A 225 -14.29 -7.84 40.18
C VAL A 225 -14.35 -9.32 39.81
N ALA A 226 -14.86 -10.13 40.73
CA ALA A 226 -14.93 -11.57 40.54
C ALA A 226 -16.41 -11.97 40.46
N GLY A 227 -16.84 -12.45 39.30
CA GLY A 227 -18.16 -12.96 39.10
C GLY A 227 -18.19 -14.48 39.23
N ARG A 228 -19.10 -15.11 38.49
CA ARG A 228 -19.23 -16.55 38.60
C ARG A 228 -18.00 -17.23 38.00
N MET A 229 -17.47 -18.22 38.71
CA MET A 229 -16.30 -18.98 38.29
C MET A 229 -16.29 -20.24 39.15
N SER A 230 -15.31 -21.10 38.90
CA SER A 230 -15.13 -22.31 39.71
C SER A 230 -14.50 -22.01 41.07
N ALA A 231 -14.53 -23.00 41.96
CA ALA A 231 -14.01 -22.82 43.32
C ALA A 231 -12.51 -22.58 43.31
N GLU A 232 -11.79 -23.35 42.50
CA GLU A 232 -10.34 -23.23 42.47
C GLU A 232 -9.92 -21.94 41.80
N GLU A 233 -10.63 -21.56 40.73
CA GLU A 233 -10.42 -20.26 40.13
C GLU A 233 -10.67 -19.15 41.14
N GLY A 234 -11.68 -19.32 42.01
CA GLY A 234 -11.92 -18.32 43.02
C GLY A 234 -10.72 -18.12 43.94
N LYS A 235 -10.11 -19.24 44.38
CA LYS A 235 -8.93 -19.07 45.22
C LYS A 235 -7.78 -18.40 44.46
N LYS A 236 -7.55 -18.81 43.22
CA LYS A 236 -6.46 -18.21 42.44
C LYS A 236 -6.68 -16.73 42.19
N VAL A 237 -7.92 -16.33 41.90
CA VAL A 237 -8.23 -14.92 41.71
C VAL A 237 -8.02 -14.14 42.99
N ALA A 238 -8.43 -14.71 44.12
CA ALA A 238 -8.21 -14.01 45.40
C ALA A 238 -6.72 -13.77 45.63
N LEU A 239 -5.89 -14.79 45.40
CA LEU A 239 -4.45 -14.61 45.60
C LEU A 239 -3.88 -13.58 44.63
N TRP A 240 -4.35 -13.59 43.39
CA TRP A 240 -3.87 -12.69 42.34
C TRP A 240 -4.17 -11.22 42.67
N ALA A 241 -5.42 -10.95 43.06
CA ALA A 241 -5.81 -9.58 43.43
C ALA A 241 -5.06 -9.11 44.66
N GLN A 242 -4.89 -9.99 45.65
CA GLN A 242 -4.13 -9.60 46.83
C GLN A 242 -2.70 -9.23 46.46
N THR A 243 -2.07 -10.01 45.58
CA THR A 243 -0.71 -9.69 45.18
C THR A 243 -0.63 -8.35 44.46
N LEU A 244 -1.61 -8.04 43.59
CA LEU A 244 -1.61 -6.76 42.91
C LEU A 244 -1.87 -5.58 43.82
N GLY A 245 -2.41 -5.81 45.03
CA GLY A 245 -2.81 -4.71 45.88
C GLY A 245 -4.09 -4.01 45.44
N TRP A 246 -4.91 -4.68 44.60
CA TRP A 246 -6.17 -4.13 44.12
C TRP A 246 -7.33 -4.62 44.98
N PRO A 247 -8.31 -3.76 45.24
CA PRO A 247 -9.49 -4.22 45.97
C PRO A 247 -10.24 -5.28 45.16
N LEU A 248 -10.68 -6.34 45.85
CA LEU A 248 -11.41 -7.44 45.24
C LEU A 248 -12.88 -7.36 45.67
N ILE A 249 -13.76 -7.13 44.71
CA ILE A 249 -15.20 -7.19 44.94
C ILE A 249 -15.67 -8.59 44.54
N GLY A 250 -16.04 -9.39 45.52
CA GLY A 250 -16.30 -10.77 45.23
C GLY A 250 -17.76 -11.10 45.26
N ASP A 251 -18.25 -11.70 44.18
CA ASP A 251 -19.64 -12.10 44.13
C ASP A 251 -19.84 -13.34 44.99
N VAL A 252 -21.09 -13.55 45.41
CA VAL A 252 -21.44 -14.78 46.11
C VAL A 252 -21.10 -16.00 45.27
N LEU A 253 -21.07 -15.85 43.94
CA LEU A 253 -20.77 -16.97 43.05
C LEU A 253 -19.28 -17.14 42.78
N SER A 254 -18.43 -16.27 43.32
CA SER A 254 -17.02 -16.28 42.96
C SER A 254 -16.13 -17.16 43.85
N GLN A 255 -16.57 -17.61 45.02
CA GLN A 255 -15.79 -18.48 45.87
C GLN A 255 -14.41 -17.91 46.10
N THR A 256 -14.35 -16.63 46.15
CA THR A 256 -13.06 -15.99 46.39
C THR A 256 -12.77 -15.85 47.87
N GLY A 257 -13.74 -16.11 48.75
CA GLY A 257 -13.62 -15.76 50.13
C GLY A 257 -14.09 -14.37 50.46
N GLN A 258 -14.45 -13.57 49.45
CA GLN A 258 -14.99 -12.22 49.59
C GLN A 258 -14.25 -11.43 50.65
N PRO A 259 -12.98 -11.10 50.44
CA PRO A 259 -12.20 -10.35 51.46
C PRO A 259 -12.77 -8.97 51.79
N LEU A 260 -13.58 -8.38 50.91
CA LEU A 260 -14.32 -7.15 51.22
C LEU A 260 -15.81 -7.45 51.20
N PRO A 261 -16.31 -8.14 52.22
CA PRO A 261 -17.70 -8.60 52.18
C PRO A 261 -18.69 -7.45 52.30
N CYS A 262 -19.96 -7.79 52.03
CA CYS A 262 -21.07 -6.85 52.09
C CYS A 262 -20.90 -5.72 51.08
N ALA A 263 -20.34 -6.03 49.92
CA ALA A 263 -20.15 -5.01 48.90
C ALA A 263 -21.47 -4.38 48.51
N ASP A 264 -22.55 -5.18 48.45
CA ASP A 264 -23.84 -4.61 48.10
C ASP A 264 -24.27 -3.52 49.07
N LEU A 265 -23.70 -3.50 50.27
CA LEU A 265 -23.96 -2.44 51.24
C LEU A 265 -22.96 -1.29 51.13
N TRP A 266 -21.65 -1.58 51.19
CA TRP A 266 -20.70 -0.48 51.26
C TRP A 266 -20.49 0.22 49.91
N LEU A 267 -20.85 -0.42 48.80
CA LEU A 267 -20.85 0.27 47.52
C LEU A 267 -21.89 1.38 47.46
N GLY A 268 -22.84 1.41 48.41
CA GLY A 268 -23.78 2.51 48.54
C GLY A 268 -23.25 3.70 49.29
N ASN A 269 -22.03 3.63 49.82
CA ASN A 269 -21.42 4.73 50.55
C ASN A 269 -20.56 5.58 49.63
N ALA A 270 -20.75 6.90 49.67
CA ALA A 270 -20.09 7.81 48.73
C ALA A 270 -18.57 7.76 48.86
N LYS A 271 -18.03 7.47 50.05
CA LYS A 271 -16.58 7.40 50.21
C LYS A 271 -15.98 6.25 49.40
N ALA A 272 -16.70 5.12 49.33
CA ALA A 272 -16.21 3.99 48.55
C ALA A 272 -16.21 4.32 47.06
N THR A 273 -17.34 4.79 46.53
CA THR A 273 -17.40 5.06 45.10
C THR A 273 -16.46 6.19 44.72
N SER A 274 -16.28 7.18 45.60
CA SER A 274 -15.29 8.21 45.36
C SER A 274 -13.88 7.62 45.32
N GLU A 275 -13.58 6.66 46.21
CA GLU A 275 -12.25 6.05 46.14
C GLU A 275 -12.08 5.23 44.86
N LEU A 276 -13.12 4.51 44.44
CA LEU A 276 -13.08 3.71 43.23
C LEU A 276 -13.00 4.57 41.98
N GLN A 277 -13.40 5.84 42.07
CA GLN A 277 -13.26 6.73 40.92
C GLN A 277 -11.81 6.87 40.50
N GLN A 278 -10.89 6.68 41.44
CA GLN A 278 -9.46 6.74 41.13
C GLN A 278 -8.97 5.53 40.33
N ALA A 279 -9.80 4.50 40.18
CA ALA A 279 -9.39 3.30 39.46
C ALA A 279 -9.17 3.60 37.97
N GLN A 280 -7.99 3.23 37.46
CA GLN A 280 -7.71 3.39 36.04
C GLN A 280 -8.02 2.16 35.20
N ILE A 281 -8.09 0.97 35.78
CA ILE A 281 -8.49 -0.22 35.03
C ILE A 281 -9.35 -1.09 35.94
N VAL A 282 -10.37 -1.72 35.38
CA VAL A 282 -11.13 -2.72 36.10
C VAL A 282 -10.94 -4.02 35.34
N VAL A 283 -10.48 -5.05 36.04
CA VAL A 283 -10.37 -6.37 35.45
C VAL A 283 -11.41 -7.25 36.12
N GLN A 284 -12.42 -7.63 35.37
CA GLN A 284 -13.47 -8.52 35.86
C GLN A 284 -13.19 -9.92 35.36
N LEU A 285 -13.24 -10.90 36.27
CA LEU A 285 -13.12 -12.31 35.92
C LEU A 285 -14.44 -12.98 36.30
N GLY A 286 -15.03 -13.72 35.35
CA GLY A 286 -16.37 -14.25 35.52
C GLY A 286 -17.42 -13.19 35.23
N SER A 287 -18.69 -13.60 35.30
CA SER A 287 -19.78 -12.71 34.92
C SER A 287 -21.05 -13.09 35.67
N SER A 288 -22.18 -12.57 35.20
CA SER A 288 -23.47 -12.67 35.88
C SER A 288 -23.39 -12.13 37.31
N LEU A 289 -22.88 -10.91 37.43
CA LEU A 289 -22.76 -10.27 38.74
C LEU A 289 -24.13 -10.18 39.41
N THR A 290 -24.15 -10.40 40.72
CA THR A 290 -25.40 -10.57 41.48
C THR A 290 -26.00 -9.27 42.00
N GLY A 291 -25.21 -8.48 42.74
CA GLY A 291 -25.79 -7.44 43.57
C GLY A 291 -26.20 -6.19 42.81
N LYS A 292 -27.28 -5.56 43.28
CA LYS A 292 -27.80 -4.38 42.61
C LYS A 292 -26.84 -3.20 42.70
N ARG A 293 -26.19 -3.02 43.87
CA ARG A 293 -25.24 -1.93 44.03
C ARG A 293 -24.00 -2.14 43.17
N LEU A 294 -23.57 -3.39 43.04
CA LEU A 294 -22.42 -3.71 42.19
C LEU A 294 -22.72 -3.43 40.72
N LEU A 295 -23.92 -3.83 40.25
CA LEU A 295 -24.32 -3.52 38.88
C LEU A 295 -24.45 -2.01 38.67
N GLN A 296 -24.96 -1.28 39.67
CA GLN A 296 -25.03 0.17 39.54
C GLN A 296 -23.66 0.82 39.51
N TRP A 297 -22.71 0.35 40.34
CA TRP A 297 -21.37 0.90 40.28
C TRP A 297 -20.70 0.59 38.96
N GLN A 298 -20.82 -0.65 38.50
CA GLN A 298 -20.26 -0.97 37.19
C GLN A 298 -20.84 -0.06 36.12
N ALA A 299 -22.17 0.17 36.13
CA ALA A 299 -22.82 1.03 35.15
C ALA A 299 -22.30 2.47 35.22
N SER A 300 -21.94 2.94 36.42
CA SER A 300 -21.51 4.32 36.58
C SER A 300 -20.01 4.52 36.42
N CYS A 301 -19.20 3.49 36.65
CA CYS A 301 -17.76 3.69 36.71
C CYS A 301 -17.22 3.99 35.32
N GLU A 302 -16.15 4.78 35.28
CA GLU A 302 -15.53 5.20 34.03
C GLU A 302 -14.02 4.99 34.09
N PRO A 303 -13.54 3.76 34.25
CA PRO A 303 -12.10 3.52 34.14
C PRO A 303 -11.63 3.76 32.72
N GLU A 304 -10.32 4.00 32.56
CA GLU A 304 -9.81 4.09 31.20
C GLU A 304 -10.14 2.84 30.42
N GLU A 305 -9.99 1.66 31.05
CA GLU A 305 -10.28 0.39 30.41
C GLU A 305 -11.04 -0.54 31.34
N TYR A 306 -11.94 -1.32 30.76
CA TYR A 306 -12.72 -2.31 31.48
C TYR A 306 -12.54 -3.64 30.77
N TRP A 307 -12.00 -4.63 31.47
CA TRP A 307 -11.75 -5.95 30.93
C TRP A 307 -12.69 -6.96 31.57
N ILE A 308 -13.19 -7.91 30.76
CA ILE A 308 -13.92 -9.04 31.31
C ILE A 308 -13.27 -10.32 30.77
N VAL A 309 -12.71 -11.10 31.68
CA VAL A 309 -12.10 -12.40 31.39
C VAL A 309 -13.10 -13.48 31.77
N ASP A 310 -13.40 -14.37 30.83
CA ASP A 310 -14.28 -15.49 31.11
C ASP A 310 -14.17 -16.49 29.96
N ASP A 311 -14.56 -17.72 30.25
CA ASP A 311 -14.55 -18.78 29.24
C ASP A 311 -15.84 -18.83 28.42
N ILE A 312 -16.84 -17.92 28.71
CA ILE A 312 -18.03 -17.70 27.88
C ILE A 312 -17.72 -16.73 26.75
N GLU A 313 -18.39 -16.91 25.61
CA GLU A 313 -18.22 -16.01 24.46
C GLU A 313 -19.17 -14.83 24.56
N GLY A 314 -18.88 -13.79 23.78
CA GLY A 314 -19.79 -12.69 23.60
C GLY A 314 -19.63 -11.56 24.60
N ARG A 315 -20.39 -10.50 24.37
CA ARG A 315 -20.30 -9.39 25.31
C ARG A 315 -20.89 -9.77 26.66
N LEU A 316 -20.19 -9.35 27.69
CA LEU A 316 -20.60 -9.65 29.05
C LEU A 316 -20.71 -8.40 29.94
N ASP A 317 -20.49 -7.22 29.37
CA ASP A 317 -20.60 -5.98 30.12
C ASP A 317 -21.90 -5.28 29.73
N PRO A 318 -22.94 -5.31 30.58
CA PRO A 318 -24.21 -4.66 30.22
C PRO A 318 -24.15 -3.15 30.18
N ALA A 319 -23.02 -2.54 30.54
CA ALA A 319 -22.83 -1.10 30.45
C ALA A 319 -21.98 -0.68 29.26
N HIS A 320 -21.45 -1.64 28.49
CA HIS A 320 -20.77 -1.40 27.21
C HIS A 320 -19.55 -0.50 27.36
N HIS A 321 -18.74 -0.77 28.37
CA HIS A 321 -17.56 0.06 28.57
C HIS A 321 -16.58 -0.08 27.43
N ARG A 322 -15.83 0.99 27.21
CA ARG A 322 -14.59 0.90 26.45
C ARG A 322 -13.62 -0.04 27.16
N GLY A 323 -13.12 -1.04 26.44
CA GLY A 323 -12.21 -1.99 27.04
C GLY A 323 -12.05 -3.27 26.25
N ARG A 324 -11.98 -4.40 26.97
CA ARG A 324 -11.61 -5.67 26.37
C ARG A 324 -12.51 -6.78 26.88
N ARG A 325 -12.75 -7.76 26.01
CA ARG A 325 -13.54 -8.95 26.29
C ARG A 325 -12.64 -10.13 25.91
N LEU A 326 -12.09 -10.81 26.92
CA LEU A 326 -11.03 -11.81 26.78
C LEU A 326 -11.60 -13.20 27.09
N ILE A 327 -11.50 -14.10 26.11
CA ILE A 327 -12.05 -15.45 26.19
C ILE A 327 -10.92 -16.37 26.61
N ALA A 328 -11.06 -17.01 27.77
CA ALA A 328 -9.96 -17.82 28.28
C ALA A 328 -10.42 -18.62 29.49
N ASN A 329 -9.73 -19.73 29.74
CA ASN A 329 -9.82 -20.32 31.07
C ASN A 329 -9.15 -19.38 32.06
N ILE A 330 -9.86 -19.05 33.14
CA ILE A 330 -9.39 -18.00 34.04
C ILE A 330 -8.07 -18.38 34.70
N ALA A 331 -7.90 -19.66 35.07
CA ALA A 331 -6.61 -20.07 35.66
C ALA A 331 -5.48 -19.89 34.64
N ASP A 332 -5.70 -20.37 33.40
CA ASP A 332 -4.74 -20.12 32.33
C ASP A 332 -4.49 -18.64 32.12
N TRP A 333 -5.55 -17.82 32.15
CA TRP A 333 -5.39 -16.39 31.92
C TRP A 333 -4.58 -15.72 33.02
N LEU A 334 -4.78 -16.14 34.28
CA LEU A 334 -4.01 -15.61 35.39
C LEU A 334 -2.54 -16.02 35.30
N GLU A 335 -2.26 -17.24 34.85
CA GLU A 335 -0.87 -17.64 34.65
C GLU A 335 -0.24 -16.86 33.50
N LEU A 336 -1.04 -16.56 32.47
CA LEU A 336 -0.56 -15.82 31.31
C LEU A 336 -0.36 -14.36 31.63
N HIS A 337 -1.05 -13.82 32.65
CA HIS A 337 -0.93 -12.42 33.06
C HIS A 337 -0.68 -12.38 34.55
N PRO A 338 0.52 -12.75 34.99
CA PRO A 338 0.76 -12.91 36.44
C PRO A 338 0.83 -11.57 37.13
N ALA A 339 0.53 -11.59 38.42
CA ALA A 339 0.60 -10.40 39.26
C ALA A 339 2.02 -10.19 39.77
N GLU A 340 2.35 -8.93 40.05
CA GLU A 340 3.60 -8.61 40.74
C GLU A 340 3.29 -7.79 41.97
N LYS A 341 3.93 -8.14 43.08
CA LYS A 341 3.57 -7.61 44.38
C LYS A 341 3.72 -6.10 44.39
N ARG A 342 2.63 -5.42 44.71
CA ARG A 342 2.61 -3.97 44.87
C ARG A 342 1.70 -3.63 46.04
N GLN A 343 1.98 -2.50 46.69
CA GLN A 343 1.26 -2.22 47.93
C GLN A 343 -0.16 -1.80 47.62
N PRO A 344 -1.11 -2.10 48.50
CA PRO A 344 -2.51 -1.76 48.22
C PRO A 344 -2.73 -0.26 48.21
N TRP A 345 -3.58 0.19 47.30
CA TRP A 345 -3.83 1.60 47.12
C TRP A 345 -5.13 2.10 47.74
N CYS A 346 -6.04 1.20 48.14
CA CYS A 346 -7.27 1.59 48.80
C CYS A 346 -7.06 1.80 50.29
N VAL A 347 -7.66 2.87 50.82
CA VAL A 347 -7.53 3.20 52.22
C VAL A 347 -8.87 3.15 52.95
N GLU A 348 -9.92 3.68 52.33
CA GLU A 348 -11.22 3.78 52.98
C GLU A 348 -12.07 2.51 52.84
N ILE A 349 -11.99 1.80 51.73
CA ILE A 349 -12.91 0.71 51.45
C ILE A 349 -12.73 -0.46 52.42
N PRO A 350 -11.52 -0.91 52.76
CA PRO A 350 -11.43 -2.03 53.74
C PRO A 350 -12.09 -1.73 55.07
N ARG A 351 -11.89 -0.52 55.60
CA ARG A 351 -12.57 -0.12 56.81
C ARG A 351 -14.08 -0.13 56.61
N LEU A 352 -14.55 0.40 55.47
CA LEU A 352 -15.99 0.41 55.21
C LEU A 352 -16.57 -1.00 55.15
N ALA A 353 -15.83 -1.95 54.58
CA ALA A 353 -16.32 -3.32 54.48
C ALA A 353 -16.38 -3.97 55.85
N GLU A 354 -15.37 -3.72 56.68
CA GLU A 354 -15.42 -4.22 58.05
C GLU A 354 -16.61 -3.62 58.81
N GLN A 355 -16.81 -2.30 58.70
CA GLN A 355 -17.90 -1.65 59.43
C GLN A 355 -19.26 -2.12 58.94
N ALA A 356 -19.38 -2.39 57.64
CA ALA A 356 -20.63 -2.89 57.08
C ALA A 356 -20.93 -4.29 57.60
N MET A 357 -19.91 -5.15 57.59
CA MET A 357 -20.08 -6.49 58.15
C MET A 357 -20.50 -6.41 59.61
N GLN A 358 -19.87 -5.50 60.37
CA GLN A 358 -20.27 -5.33 61.76
C GLN A 358 -21.72 -4.91 61.86
N ALA A 359 -22.17 -4.03 60.95
CA ALA A 359 -23.56 -3.59 60.97
C ALA A 359 -24.51 -4.76 60.73
N VAL A 360 -24.11 -5.72 59.90
CA VAL A 360 -24.93 -6.91 59.72
C VAL A 360 -24.88 -7.80 60.96
N ILE A 361 -23.69 -7.95 61.55
CA ILE A 361 -23.54 -8.80 62.74
C ILE A 361 -24.42 -8.30 63.88
N ALA A 362 -24.56 -6.98 64.01
CA ALA A 362 -25.38 -6.43 65.08
C ALA A 362 -26.86 -6.85 65.02
N ARG A 363 -27.36 -7.32 63.86
CA ARG A 363 -28.77 -7.67 63.69
C ARG A 363 -28.99 -9.16 63.46
N ARG A 364 -28.06 -10.01 63.89
CA ARG A 364 -28.04 -11.44 63.58
C ARG A 364 -29.05 -12.27 64.36
N ASP A 365 -29.72 -11.71 65.37
CA ASP A 365 -30.42 -12.54 66.34
C ASP A 365 -31.82 -12.95 65.89
N ALA A 366 -32.54 -12.06 65.20
CA ALA A 366 -33.91 -12.37 64.79
C ALA A 366 -33.96 -13.57 63.86
N PHE A 367 -35.00 -14.39 64.01
CA PHE A 367 -35.11 -15.62 63.24
C PHE A 367 -35.81 -15.34 61.91
N GLY A 368 -35.08 -14.64 61.03
CA GLY A 368 -35.60 -14.22 59.75
C GLY A 368 -34.66 -14.61 58.61
N GLU A 369 -35.14 -14.35 57.38
CA GLU A 369 -34.41 -14.80 56.20
C GLU A 369 -33.13 -14.00 55.98
N ALA A 370 -33.11 -12.72 56.35
CA ALA A 370 -31.85 -11.96 56.27
C ALA A 370 -30.80 -12.56 57.20
N GLN A 371 -31.19 -12.93 58.41
CA GLN A 371 -30.25 -13.52 59.36
C GLN A 371 -29.81 -14.91 58.91
N LEU A 372 -30.73 -15.69 58.33
CA LEU A 372 -30.35 -16.99 57.77
C LEU A 372 -29.32 -16.83 56.66
N ALA A 373 -29.55 -15.85 55.77
CA ALA A 373 -28.58 -15.59 54.72
C ALA A 373 -27.24 -15.16 55.29
N HIS A 374 -27.25 -14.23 56.24
CA HIS A 374 -26.02 -13.74 56.85
C HIS A 374 -25.25 -14.85 57.54
N ARG A 375 -25.96 -15.76 58.19
CA ARG A 375 -25.35 -16.80 59.03
C ARG A 375 -25.18 -18.14 58.30
N ILE A 376 -25.43 -18.18 56.99
CA ILE A 376 -25.51 -19.44 56.25
C ILE A 376 -24.22 -20.25 56.31
N CYS A 377 -23.05 -19.63 56.52
CA CYS A 377 -21.83 -20.41 56.60
C CYS A 377 -21.88 -21.43 57.73
N ASP A 378 -22.64 -21.14 58.80
CA ASP A 378 -22.69 -22.11 59.89
C ASP A 378 -23.43 -23.39 59.52
N TYR A 379 -24.05 -23.46 58.34
CA TYR A 379 -24.84 -24.62 57.98
C TYR A 379 -24.28 -25.32 56.75
N LEU A 380 -23.17 -24.81 56.18
CA LEU A 380 -22.56 -25.43 55.02
C LEU A 380 -21.98 -26.78 55.38
N PRO A 381 -22.33 -27.85 54.66
CA PRO A 381 -21.76 -29.17 54.99
C PRO A 381 -20.27 -29.23 54.66
N GLU A 382 -19.52 -29.91 55.54
CA GLU A 382 -18.09 -30.10 55.34
C GLU A 382 -17.89 -30.93 54.09
N GLN A 383 -17.04 -30.47 53.21
CA GLN A 383 -16.76 -31.13 51.94
C GLN A 383 -18.03 -31.20 51.08
N GLY A 384 -18.89 -30.23 51.26
CA GLY A 384 -20.12 -30.20 50.54
C GLY A 384 -20.16 -29.10 49.50
N GLN A 385 -21.39 -28.74 49.11
CA GLN A 385 -21.60 -27.71 48.12
C GLN A 385 -22.91 -27.00 48.43
N LEU A 386 -22.96 -25.74 48.01
CA LEU A 386 -24.12 -24.89 48.20
C LEU A 386 -24.77 -24.65 46.86
N PHE A 387 -26.07 -24.91 46.78
CA PHE A 387 -26.87 -24.50 45.63
C PHE A 387 -27.84 -23.42 46.10
N VAL A 388 -27.69 -22.22 45.54
CA VAL A 388 -28.49 -21.08 45.97
C VAL A 388 -29.53 -20.77 44.91
N GLY A 389 -30.78 -20.63 45.34
CA GLY A 389 -31.88 -20.29 44.47
C GLY A 389 -31.86 -18.82 44.07
N ASN A 390 -32.90 -18.43 43.33
CA ASN A 390 -33.01 -17.09 42.78
C ASN A 390 -33.90 -16.21 43.66
N SER A 391 -34.18 -14.99 43.19
CA SER A 391 -34.93 -13.97 43.94
C SER A 391 -34.15 -13.57 45.19
N LEU A 392 -34.79 -13.48 46.36
CA LEU A 392 -34.18 -12.77 47.49
C LEU A 392 -33.00 -13.54 48.10
N VAL A 393 -33.00 -14.87 48.06
CA VAL A 393 -31.99 -15.63 48.79
C VAL A 393 -30.57 -15.30 48.29
N VAL A 394 -30.38 -15.29 46.96
CA VAL A 394 -29.02 -15.02 46.45
C VAL A 394 -28.63 -13.58 46.72
N ALA A 395 -29.59 -12.65 46.68
CA ALA A 395 -29.27 -11.25 46.99
C ALA A 395 -28.91 -11.07 48.47
N LEU A 396 -29.64 -11.73 49.38
CA LEU A 396 -29.37 -11.58 50.80
C LEU A 396 -28.07 -12.24 51.18
N ILE A 397 -27.79 -13.44 50.65
CA ILE A 397 -26.49 -14.05 50.89
C ILE A 397 -25.37 -13.20 50.29
N ASP A 398 -25.55 -12.74 49.05
CA ASP A 398 -24.53 -11.91 48.41
C ASP A 398 -24.23 -10.67 49.23
N ALA A 399 -25.28 -10.07 49.80
CA ALA A 399 -25.13 -8.81 50.50
C ALA A 399 -24.68 -8.99 51.95
N LEU A 400 -25.04 -10.11 52.59
CA LEU A 400 -24.98 -10.19 54.05
C LEU A 400 -24.02 -11.24 54.57
N SER A 401 -23.49 -12.11 53.72
CA SER A 401 -22.65 -13.22 54.13
C SER A 401 -21.28 -13.13 53.49
N GLN A 402 -20.31 -13.78 54.11
CA GLN A 402 -18.96 -13.92 53.56
C GLN A 402 -18.70 -15.42 53.44
N LEU A 403 -18.85 -15.96 52.23
CA LEU A 403 -18.72 -17.40 52.00
C LEU A 403 -17.23 -17.78 51.89
N PRO A 404 -16.84 -18.95 52.38
CA PRO A 404 -15.41 -19.29 52.42
C PRO A 404 -14.85 -19.50 51.03
N ALA A 405 -13.58 -19.12 50.87
CA ALA A 405 -12.88 -19.30 49.59
C ALA A 405 -12.85 -20.76 49.21
N GLY A 406 -13.10 -21.03 47.93
CA GLY A 406 -13.02 -22.37 47.40
C GLY A 406 -14.16 -23.29 47.77
N TYR A 407 -15.16 -22.83 48.52
CA TYR A 407 -16.30 -23.68 48.84
C TYR A 407 -17.31 -23.62 47.70
N PRO A 408 -17.64 -24.73 47.06
CA PRO A 408 -18.35 -24.68 45.78
C PRO A 408 -19.78 -24.15 45.94
N VAL A 409 -20.11 -23.17 45.10
CA VAL A 409 -21.43 -22.60 44.98
C VAL A 409 -21.92 -22.82 43.55
N TYR A 410 -23.16 -23.29 43.44
CA TYR A 410 -23.81 -23.48 42.17
C TYR A 410 -25.12 -22.71 42.18
N SER A 411 -25.57 -22.34 40.98
CA SER A 411 -26.75 -21.50 40.82
C SER A 411 -27.23 -21.60 39.37
N ASN A 412 -28.39 -21.00 39.12
CA ASN A 412 -28.94 -20.76 37.78
C ASN A 412 -29.11 -19.24 37.60
N ARG A 413 -28.01 -18.54 37.34
CA ARG A 413 -28.00 -17.09 37.25
C ARG A 413 -27.77 -16.58 35.82
N GLY A 414 -27.99 -17.41 34.82
CA GLY A 414 -28.03 -16.92 33.46
C GLY A 414 -29.30 -16.11 33.26
N ALA A 415 -30.42 -16.82 33.12
CA ALA A 415 -31.72 -16.19 33.03
C ALA A 415 -32.40 -16.02 34.39
N SER A 416 -31.87 -16.62 35.45
CA SER A 416 -32.37 -16.46 36.81
C SER A 416 -33.81 -16.94 36.96
N GLY A 417 -34.16 -18.01 36.27
CA GLY A 417 -35.50 -18.56 36.39
C GLY A 417 -35.75 -19.23 37.72
N ILE A 418 -36.98 -19.10 38.21
CA ILE A 418 -37.44 -19.78 39.40
C ILE A 418 -38.16 -21.08 39.03
N ASP A 419 -37.95 -21.57 37.81
CA ASP A 419 -38.76 -22.67 37.29
C ASP A 419 -38.09 -24.04 37.39
N GLY A 420 -36.80 -24.12 37.76
CA GLY A 420 -36.18 -25.43 37.83
C GLY A 420 -35.15 -25.64 38.92
N LEU A 421 -35.34 -24.99 40.08
CA LEU A 421 -34.26 -24.92 41.05
C LEU A 421 -34.11 -26.23 41.81
N LEU A 422 -35.21 -26.92 42.12
CA LEU A 422 -35.11 -28.19 42.84
C LEU A 422 -34.46 -29.26 41.98
N SER A 423 -34.96 -29.45 40.76
CA SER A 423 -34.38 -30.47 39.90
C SER A 423 -32.94 -30.16 39.55
N THR A 424 -32.61 -28.87 39.36
CA THR A 424 -31.21 -28.51 39.13
C THR A 424 -30.34 -28.94 40.32
N ALA A 425 -30.78 -28.63 41.54
CA ALA A 425 -30.05 -29.03 42.74
C ALA A 425 -29.88 -30.55 42.82
N ALA A 426 -30.90 -31.29 42.40
CA ALA A 426 -30.81 -32.75 42.35
C ALA A 426 -29.71 -33.22 41.40
N GLY A 427 -29.60 -32.59 40.23
CA GLY A 427 -28.52 -32.94 39.32
C GLY A 427 -27.16 -32.57 39.90
N VAL A 428 -27.08 -31.42 40.56
CA VAL A 428 -25.83 -31.01 41.20
C VAL A 428 -25.36 -32.09 42.18
N GLN A 429 -26.29 -32.54 43.02
CA GLN A 429 -25.99 -33.55 44.03
C GLN A 429 -25.58 -34.88 43.37
N ARG A 430 -26.38 -35.35 42.40
CA ARG A 430 -26.08 -36.66 41.82
C ARG A 430 -24.76 -36.64 41.07
N ALA A 431 -24.43 -35.52 40.43
CA ALA A 431 -23.18 -35.46 39.70
C ALA A 431 -21.99 -35.50 40.66
N SER A 432 -22.06 -34.77 41.78
CA SER A 432 -20.87 -34.76 42.62
C SER A 432 -20.84 -35.87 43.67
N GLY A 433 -21.98 -36.42 44.04
CA GLY A 433 -21.97 -37.33 45.16
C GLY A 433 -21.69 -36.69 46.50
N LYS A 434 -21.71 -35.29 46.57
CA LYS A 434 -21.36 -34.55 47.79
C LYS A 434 -22.62 -34.18 48.59
N PRO A 435 -22.51 -34.06 49.91
CA PRO A 435 -23.62 -33.48 50.69
C PRO A 435 -23.88 -32.05 50.23
N THR A 436 -25.17 -31.71 50.12
CA THR A 436 -25.57 -30.47 49.47
C THR A 436 -26.53 -29.70 50.35
N LEU A 437 -26.30 -28.39 50.44
CA LEU A 437 -27.28 -27.46 51.00
C LEU A 437 -27.85 -26.66 49.85
N ALA A 438 -29.18 -26.73 49.68
CA ALA A 438 -29.93 -26.02 48.67
C ALA A 438 -30.91 -25.07 49.34
N ILE A 439 -31.00 -23.84 48.86
CA ILE A 439 -31.85 -22.82 49.48
C ILE A 439 -32.70 -22.16 48.40
N VAL A 440 -34.03 -22.19 48.57
CA VAL A 440 -34.95 -21.61 47.59
C VAL A 440 -36.12 -20.90 48.28
N GLY A 441 -36.81 -20.06 47.51
CA GLY A 441 -38.00 -19.40 48.01
C GLY A 441 -39.26 -20.25 47.83
N ASP A 442 -40.34 -19.78 48.43
CA ASP A 442 -41.57 -20.58 48.45
C ASP A 442 -42.17 -20.73 47.04
N LEU A 443 -42.26 -19.63 46.28
CA LEU A 443 -42.79 -19.73 44.91
C LEU A 443 -41.90 -20.59 44.01
N SER A 444 -40.58 -20.49 44.19
CA SER A 444 -39.63 -21.35 43.50
C SER A 444 -39.87 -22.82 43.84
N ALA A 445 -40.11 -23.12 45.11
CA ALA A 445 -40.39 -24.50 45.53
C ALA A 445 -41.70 -25.00 44.93
N LEU A 446 -42.74 -24.16 44.92
CA LEU A 446 -44.00 -24.56 44.31
C LEU A 446 -43.83 -24.80 42.81
N TYR A 447 -43.04 -23.94 42.15
CA TYR A 447 -42.85 -24.01 40.70
C TYR A 447 -42.31 -25.37 40.29
N ASP A 448 -41.32 -25.87 41.01
CA ASP A 448 -40.66 -27.14 40.68
C ASP A 448 -41.00 -28.22 41.71
N LEU A 449 -42.26 -28.22 42.18
CA LEU A 449 -42.68 -29.08 43.30
C LEU A 449 -42.50 -30.57 42.98
N ASN A 450 -42.86 -31.00 41.77
CA ASN A 450 -42.79 -32.43 41.50
C ASN A 450 -41.35 -32.94 41.43
N ALA A 451 -40.38 -32.03 41.36
CA ALA A 451 -38.98 -32.43 41.45
C ALA A 451 -38.64 -33.05 42.79
N LEU A 452 -39.51 -32.92 43.81
CA LEU A 452 -39.28 -33.67 45.04
C LEU A 452 -39.16 -35.17 44.77
N ALA A 453 -39.84 -35.67 43.74
CA ALA A 453 -39.65 -37.08 43.36
C ALA A 453 -38.18 -37.37 43.09
N LEU A 454 -37.53 -36.52 42.29
CA LEU A 454 -36.11 -36.69 42.03
C LEU A 454 -35.30 -36.62 43.32
N LEU A 455 -35.73 -35.83 44.29
CA LEU A 455 -34.95 -35.72 45.51
C LEU A 455 -35.17 -36.90 46.45
N ARG A 456 -35.98 -37.89 46.05
CA ARG A 456 -35.98 -39.14 46.81
C ARG A 456 -34.75 -39.99 46.56
N GLN A 457 -33.91 -39.65 45.57
CA GLN A 457 -32.70 -40.42 45.27
C GLN A 457 -31.52 -39.47 45.26
N VAL A 458 -30.86 -39.34 46.41
CA VAL A 458 -29.60 -38.62 46.52
C VAL A 458 -28.57 -39.58 47.09
N SER A 459 -27.31 -39.40 46.70
CA SER A 459 -26.22 -40.28 47.12
C SER A 459 -25.54 -39.80 48.40
N ALA A 460 -25.95 -38.64 48.89
CA ALA A 460 -25.43 -38.00 50.09
C ALA A 460 -26.53 -37.11 50.64
N PRO A 461 -26.43 -36.70 51.90
CA PRO A 461 -27.47 -35.82 52.48
C PRO A 461 -27.64 -34.52 51.69
N LEU A 462 -28.90 -34.17 51.40
CA LEU A 462 -29.24 -32.89 50.82
C LEU A 462 -30.29 -32.22 51.70
N VAL A 463 -29.97 -31.04 52.21
CA VAL A 463 -30.90 -30.21 52.97
C VAL A 463 -31.51 -29.23 51.99
N LEU A 464 -32.83 -29.21 51.90
CA LEU A 464 -33.53 -28.21 51.11
C LEU A 464 -34.23 -27.25 52.04
N ILE A 465 -33.70 -26.03 52.15
CA ILE A 465 -34.37 -24.96 52.88
C ILE A 465 -35.34 -24.27 51.95
N VAL A 466 -36.62 -24.23 52.34
CA VAL A 466 -37.62 -23.46 51.64
C VAL A 466 -37.97 -22.29 52.54
N VAL A 467 -37.54 -21.10 52.13
CA VAL A 467 -37.85 -19.87 52.85
C VAL A 467 -39.27 -19.47 52.45
N ASN A 468 -40.19 -19.54 53.39
CA ASN A 468 -41.59 -19.28 53.07
C ASN A 468 -41.93 -17.92 53.68
N ASN A 469 -41.88 -16.89 52.83
CA ASN A 469 -42.31 -15.56 53.19
C ASN A 469 -43.65 -15.22 52.54
N ASN A 470 -44.37 -16.24 52.07
CA ASN A 470 -45.72 -16.15 51.52
C ASN A 470 -45.76 -15.22 50.30
N GLY A 471 -45.06 -15.65 49.25
CA GLY A 471 -45.08 -14.98 47.98
C GLY A 471 -43.69 -14.65 47.50
N GLY A 472 -43.63 -13.92 46.38
CA GLY A 472 -42.36 -13.44 45.86
C GLY A 472 -42.02 -12.08 46.40
N GLN A 473 -41.40 -12.04 47.59
CA GLN A 473 -41.19 -10.79 48.32
C GLN A 473 -40.06 -9.95 47.78
N ILE A 474 -39.40 -10.37 46.70
CA ILE A 474 -38.53 -9.45 45.98
C ILE A 474 -39.30 -8.23 45.51
N PHE A 475 -40.60 -8.40 45.25
CA PHE A 475 -41.51 -7.33 44.84
C PHE A 475 -41.97 -6.48 46.03
N SER A 476 -41.59 -6.85 47.26
CA SER A 476 -41.62 -5.89 48.36
C SER A 476 -40.33 -5.07 48.45
N LEU A 477 -39.24 -5.58 47.88
CA LEU A 477 -38.00 -4.81 47.83
C LEU A 477 -38.01 -3.82 46.67
N LEU A 478 -38.45 -4.24 45.48
CA LEU A 478 -38.58 -3.32 44.37
C LEU A 478 -39.75 -2.37 44.63
N PRO A 479 -39.70 -1.07 44.06
CA PRO A 479 -40.76 -0.08 44.38
C PRO A 479 -42.02 -0.33 43.57
N THR A 480 -42.56 -1.55 43.71
CA THR A 480 -43.79 -1.88 43.03
C THR A 480 -44.95 -1.07 43.62
N PRO A 481 -46.00 -0.82 42.85
CA PRO A 481 -47.12 -0.04 43.38
C PRO A 481 -47.86 -0.81 44.45
N GLN A 482 -48.24 -0.09 45.51
CA GLN A 482 -48.84 -0.72 46.67
C GLN A 482 -50.20 -1.35 46.35
N SER A 483 -50.99 -0.73 45.46
CA SER A 483 -52.36 -1.17 45.26
C SER A 483 -52.45 -2.47 44.46
N GLU A 484 -51.51 -2.74 43.56
CA GLU A 484 -51.52 -3.97 42.77
C GLU A 484 -50.53 -5.01 43.31
N ARG A 485 -49.73 -4.66 44.34
CA ARG A 485 -48.59 -5.48 44.73
C ARG A 485 -48.99 -6.89 45.11
N GLU A 486 -49.98 -7.05 45.99
CA GLU A 486 -50.29 -8.37 46.51
C GLU A 486 -50.84 -9.28 45.42
N ARG A 487 -51.86 -8.83 44.70
CA ARG A 487 -52.52 -9.69 43.73
C ARG A 487 -51.64 -9.91 42.50
N PHE A 488 -50.95 -8.89 42.03
CA PHE A 488 -50.29 -9.02 40.75
C PHE A 488 -48.79 -9.19 40.85
N TYR A 489 -48.18 -9.04 42.03
CA TYR A 489 -46.74 -9.22 42.18
C TYR A 489 -46.42 -10.30 43.21
N LEU A 490 -46.75 -10.09 44.48
CA LEU A 490 -46.35 -11.05 45.50
C LEU A 490 -46.97 -12.42 45.26
N MET A 491 -48.25 -12.45 44.88
CA MET A 491 -49.02 -13.67 44.65
C MET A 491 -48.79 -14.70 45.76
N PRO A 492 -49.11 -14.38 47.01
CA PRO A 492 -49.00 -15.38 48.08
C PRO A 492 -49.92 -16.55 47.78
N GLN A 493 -49.40 -17.76 48.01
CA GLN A 493 -50.16 -18.97 47.79
C GLN A 493 -50.69 -19.60 49.08
N ASN A 494 -50.26 -19.11 50.23
CA ASN A 494 -50.76 -19.56 51.52
C ASN A 494 -50.73 -21.09 51.64
N VAL A 495 -49.54 -21.66 51.51
CA VAL A 495 -49.37 -23.10 51.64
C VAL A 495 -48.24 -23.34 52.63
N HIS A 496 -48.12 -24.60 53.07
CA HIS A 496 -46.89 -25.07 53.70
C HIS A 496 -46.42 -26.30 52.94
N PHE A 497 -45.23 -26.81 53.26
CA PHE A 497 -44.59 -27.85 52.47
C PHE A 497 -44.42 -29.14 53.26
N GLU A 498 -45.13 -29.25 54.40
CA GLU A 498 -45.07 -30.48 55.19
C GLU A 498 -45.70 -31.63 54.43
N HIS A 499 -46.88 -31.39 53.85
CA HIS A 499 -47.55 -32.43 53.09
C HIS A 499 -46.82 -32.73 51.79
N ALA A 500 -46.12 -31.75 51.23
CA ALA A 500 -45.27 -32.00 50.08
C ALA A 500 -44.14 -32.97 50.44
N ALA A 501 -43.48 -32.73 51.57
CA ALA A 501 -42.44 -33.66 52.02
C ALA A 501 -43.02 -35.04 52.30
N ALA A 502 -44.18 -35.10 52.98
CA ALA A 502 -44.79 -36.38 53.30
C ALA A 502 -45.19 -37.16 52.05
N MET A 503 -45.65 -36.46 51.00
CA MET A 503 -46.06 -37.16 49.77
C MET A 503 -44.90 -37.94 49.16
N PHE A 504 -43.69 -37.39 49.21
CA PHE A 504 -42.52 -38.07 48.66
C PHE A 504 -41.65 -38.69 49.75
N GLU A 505 -42.20 -38.86 50.95
CA GLU A 505 -41.54 -39.62 52.02
C GLU A 505 -40.16 -39.04 52.37
N LEU A 506 -40.13 -37.72 52.52
CA LEU A 506 -38.94 -36.98 52.93
C LEU A 506 -39.11 -36.47 54.35
N LYS A 507 -38.04 -36.54 55.15
CA LYS A 507 -38.07 -35.95 56.49
C LYS A 507 -38.35 -34.45 56.42
N TYR A 508 -39.06 -33.96 57.44
CA TYR A 508 -39.54 -32.57 57.42
C TYR A 508 -39.36 -31.93 58.79
N HIS A 509 -38.88 -30.69 58.81
CA HIS A 509 -38.80 -29.87 60.01
C HIS A 509 -39.33 -28.49 59.70
N ARG A 510 -40.04 -27.88 60.66
CA ARG A 510 -40.46 -26.47 60.60
C ARG A 510 -39.92 -25.77 61.84
N PRO A 511 -38.63 -25.44 61.87
CA PRO A 511 -38.03 -24.87 63.08
C PRO A 511 -38.54 -23.47 63.40
N GLN A 512 -38.69 -23.20 64.70
CA GLN A 512 -39.16 -21.93 65.23
C GLN A 512 -38.04 -21.07 65.80
N ASN A 513 -36.85 -21.62 65.97
CA ASN A 513 -35.74 -20.85 66.54
C ASN A 513 -34.44 -21.46 66.07
N TRP A 514 -33.34 -20.79 66.42
CA TRP A 514 -32.06 -21.28 65.93
C TRP A 514 -31.78 -22.68 66.44
N GLN A 515 -32.05 -22.95 67.72
CA GLN A 515 -31.72 -24.27 68.26
C GLN A 515 -32.41 -25.37 67.47
N GLU A 516 -33.69 -25.18 67.11
CA GLU A 516 -34.38 -26.22 66.34
C GLU A 516 -33.86 -26.31 64.91
N LEU A 517 -33.38 -25.21 64.34
CA LEU A 517 -32.72 -25.26 63.03
C LEU A 517 -31.46 -26.12 63.09
N GLU A 518 -30.59 -25.86 64.09
CA GLU A 518 -29.43 -26.72 64.32
C GLU A 518 -29.86 -28.18 64.47
N THR A 519 -30.89 -28.44 65.25
CA THR A 519 -31.34 -29.82 65.42
C THR A 519 -31.75 -30.44 64.10
N ALA A 520 -32.48 -29.69 63.27
CA ALA A 520 -32.90 -30.19 61.97
C ALA A 520 -31.68 -30.54 61.10
N PHE A 521 -30.67 -29.65 61.08
CA PHE A 521 -29.46 -29.94 60.32
C PHE A 521 -28.75 -31.19 60.82
N ALA A 522 -28.53 -31.27 62.14
CA ALA A 522 -27.83 -32.41 62.71
C ALA A 522 -28.52 -33.71 62.34
N ASP A 523 -29.85 -33.74 62.39
CA ASP A 523 -30.57 -34.92 61.94
C ASP A 523 -30.35 -35.17 60.46
N ALA A 524 -30.29 -34.09 59.67
CA ALA A 524 -30.29 -34.24 58.22
C ALA A 524 -28.97 -34.79 57.69
N TRP A 525 -27.84 -34.42 58.30
CA TRP A 525 -26.58 -34.90 57.76
C TRP A 525 -26.29 -36.36 58.07
N ARG A 526 -27.17 -37.08 58.76
CA ARG A 526 -26.82 -38.41 59.24
C ARG A 526 -27.08 -39.51 58.21
N THR A 527 -27.88 -39.25 57.18
CA THR A 527 -28.16 -40.26 56.14
C THR A 527 -28.19 -39.68 54.72
N PRO A 528 -27.94 -40.50 53.69
CA PRO A 528 -27.98 -39.98 52.30
C PRO A 528 -29.40 -39.81 51.77
N THR A 529 -30.13 -38.87 52.38
CA THR A 529 -31.51 -38.61 52.03
C THR A 529 -31.74 -37.11 52.00
N THR A 530 -32.86 -36.70 51.40
CA THR A 530 -33.22 -35.29 51.35
C THR A 530 -34.11 -34.92 52.54
N THR A 531 -33.72 -33.88 53.25
CA THR A 531 -34.54 -33.33 54.33
C THR A 531 -35.03 -31.95 53.91
N VAL A 532 -36.33 -31.71 54.06
CA VAL A 532 -36.95 -30.43 53.76
C VAL A 532 -37.10 -29.65 55.05
N ILE A 533 -36.50 -28.47 55.08
CA ILE A 533 -36.58 -27.54 56.20
C ILE A 533 -37.33 -26.30 55.72
N GLU A 534 -38.54 -26.11 56.23
CA GLU A 534 -39.34 -24.95 55.89
C GLU A 534 -39.13 -23.88 56.95
N MET A 535 -38.66 -22.71 56.52
CA MET A 535 -38.48 -21.61 57.44
C MET A 535 -39.57 -20.58 57.19
N VAL A 536 -40.53 -20.50 58.10
CA VAL A 536 -41.62 -19.54 57.99
C VAL A 536 -41.21 -18.21 58.62
N VAL A 537 -41.24 -17.14 57.83
CA VAL A 537 -40.83 -15.81 58.24
C VAL A 537 -41.91 -14.84 57.81
N ASN A 538 -41.93 -13.67 58.46
CA ASN A 538 -42.89 -12.67 58.05
C ASN A 538 -42.48 -12.05 56.71
N ASP A 539 -43.47 -11.82 55.85
CA ASP A 539 -43.25 -11.55 54.44
C ASP A 539 -42.10 -10.57 54.16
N THR A 540 -42.21 -9.33 54.65
CA THR A 540 -41.35 -8.24 54.22
C THR A 540 -40.18 -7.97 55.16
N ASP A 541 -39.95 -8.80 56.18
CA ASP A 541 -38.91 -8.51 57.16
C ASP A 541 -37.52 -8.53 56.54
N GLY A 542 -37.24 -9.50 55.66
CA GLY A 542 -35.92 -9.57 55.05
C GLY A 542 -35.66 -8.42 54.11
N ALA A 543 -36.61 -8.13 53.23
CA ALA A 543 -36.46 -6.98 52.33
C ALA A 543 -36.26 -5.71 53.14
N GLN A 544 -37.07 -5.49 54.17
CA GLN A 544 -36.93 -4.27 54.96
C GLN A 544 -35.59 -4.23 55.69
N THR A 545 -35.14 -5.37 56.22
CA THR A 545 -33.83 -5.41 56.88
C THR A 545 -32.74 -5.03 55.90
N LEU A 546 -32.84 -5.52 54.67
CA LEU A 546 -31.88 -5.16 53.65
C LEU A 546 -31.89 -3.66 53.38
N GLN A 547 -33.08 -3.08 53.22
CA GLN A 547 -33.19 -1.65 52.98
C GLN A 547 -32.60 -0.84 54.13
N GLN A 548 -32.88 -1.25 55.37
CA GLN A 548 -32.37 -0.55 56.54
C GLN A 548 -30.85 -0.65 56.63
N LEU A 549 -30.29 -1.82 56.35
CA LEU A 549 -28.84 -2.00 56.34
C LEU A 549 -28.17 -1.20 55.22
N LEU A 550 -28.80 -1.14 54.04
CA LEU A 550 -28.28 -0.28 52.98
C LEU A 550 -28.22 1.16 53.44
N ALA A 551 -29.31 1.68 54.04
CA ALA A 551 -29.28 3.05 54.51
C ALA A 551 -28.21 3.25 55.58
N GLN A 552 -28.16 2.35 56.56
CA GLN A 552 -27.23 2.56 57.66
C GLN A 552 -25.79 2.56 57.17
N VAL A 553 -25.44 1.61 56.29
CA VAL A 553 -24.07 1.56 55.77
C VAL A 553 -23.80 2.75 54.86
N SER A 554 -24.83 3.26 54.18
CA SER A 554 -24.63 4.44 53.35
C SER A 554 -24.31 5.68 54.19
N HIS A 555 -24.70 5.69 55.47
CA HIS A 555 -24.40 6.85 56.31
C HIS A 555 -23.12 6.69 57.11
N LEU A 556 -22.32 5.65 56.86
CA LEU A 556 -21.08 5.47 57.60
C LEU A 556 -20.00 6.48 57.13
N MET B 1 -33.68 19.10 17.12
CA MET B 1 -34.21 17.74 17.00
C MET B 1 -34.30 17.26 15.53
N SER B 2 -33.20 17.37 14.78
CA SER B 2 -33.21 16.98 13.37
C SER B 2 -33.02 15.47 13.24
N VAL B 3 -34.05 14.80 12.71
CA VAL B 3 -33.98 13.35 12.51
C VAL B 3 -32.90 13.01 11.49
N SER B 4 -32.80 13.81 10.41
CA SER B 4 -31.80 13.51 9.37
C SER B 4 -30.39 13.62 9.91
N ALA B 5 -30.12 14.67 10.69
CA ALA B 5 -28.80 14.86 11.28
C ALA B 5 -28.43 13.70 12.19
N PHE B 6 -29.36 13.28 13.07
CA PHE B 6 -29.03 12.19 13.97
C PHE B 6 -28.83 10.90 13.22
N ASN B 7 -29.65 10.65 12.20
CA ASN B 7 -29.42 9.51 11.31
C ASN B 7 -27.97 9.49 10.84
N ARG B 8 -27.45 10.66 10.41
CA ARG B 8 -26.08 10.67 9.93
C ARG B 8 -25.04 10.52 11.04
N ARG B 9 -25.34 10.95 12.27
CA ARG B 9 -24.42 10.71 13.38
C ARG B 9 -24.36 9.23 13.75
N TRP B 10 -25.52 8.58 13.81
CA TRP B 10 -25.64 7.15 14.03
C TRP B 10 -24.83 6.36 12.98
N ALA B 11 -25.08 6.65 11.70
CA ALA B 11 -24.32 6.01 10.63
C ALA B 11 -22.83 6.29 10.77
N ALA B 12 -22.46 7.52 11.14
CA ALA B 12 -21.04 7.86 11.26
C ALA B 12 -20.34 6.97 12.28
N VAL B 13 -21.00 6.71 13.41
CA VAL B 13 -20.40 5.80 14.40
C VAL B 13 -20.20 4.43 13.79
N ILE B 14 -21.17 3.96 13.01
CA ILE B 14 -21.03 2.63 12.40
C ILE B 14 -19.80 2.58 11.48
N LEU B 15 -19.69 3.56 10.57
CA LEU B 15 -18.61 3.52 9.57
C LEU B 15 -17.23 3.67 10.22
N GLU B 16 -17.11 4.63 11.13
CA GLU B 16 -15.84 4.79 11.84
C GLU B 16 -15.46 3.54 12.61
N ALA B 17 -16.44 2.89 13.24
CA ALA B 17 -16.14 1.65 13.95
C ALA B 17 -15.55 0.62 13.00
N LEU B 18 -16.11 0.53 11.78
CA LEU B 18 -15.56 -0.41 10.80
C LEU B 18 -14.08 -0.10 10.51
N THR B 19 -13.69 1.18 10.47
CA THR B 19 -12.27 1.48 10.19
C THR B 19 -11.31 0.94 11.25
N ARG B 20 -11.79 0.60 12.46
CA ARG B 20 -10.89 0.06 13.47
C ARG B 20 -10.61 -1.42 13.29
N HIS B 21 -11.24 -2.07 12.32
CA HIS B 21 -11.05 -3.50 12.12
C HIS B 21 -10.43 -3.80 10.76
N GLY B 22 -9.81 -2.80 10.13
CA GLY B 22 -9.12 -3.03 8.87
C GLY B 22 -9.96 -2.87 7.63
N VAL B 23 -11.18 -2.36 7.74
CA VAL B 23 -12.01 -2.10 6.57
C VAL B 23 -11.45 -0.85 5.86
N ARG B 24 -10.88 -1.05 4.69
CA ARG B 24 -10.47 0.05 3.82
C ARG B 24 -11.39 0.20 2.63
N HIS B 25 -11.67 -0.89 1.89
CA HIS B 25 -12.54 -0.82 0.72
C HIS B 25 -13.99 -0.81 1.15
N ILE B 26 -14.77 0.07 0.53
CA ILE B 26 -16.21 0.05 0.70
C ILE B 26 -16.84 0.20 -0.67
N CYS B 27 -17.80 -0.69 -0.96
CA CYS B 27 -18.53 -0.74 -2.22
C CYS B 27 -19.96 -0.23 -2.01
N ILE B 28 -20.36 0.71 -2.86
CA ILE B 28 -21.59 1.45 -2.65
C ILE B 28 -22.43 1.40 -3.92
N ALA B 29 -23.67 0.99 -3.78
CA ALA B 29 -24.67 1.08 -4.84
C ALA B 29 -25.59 2.25 -4.53
N PRO B 30 -26.26 2.82 -5.53
CA PRO B 30 -27.00 4.05 -5.29
C PRO B 30 -28.37 3.82 -4.64
N GLY B 31 -28.79 4.82 -3.89
CA GLY B 31 -30.08 4.71 -3.25
C GLY B 31 -30.36 5.94 -2.42
N SER B 32 -31.60 6.03 -1.98
CA SER B 32 -32.04 7.11 -1.11
C SER B 32 -32.05 6.69 0.35
N ARG B 33 -32.67 5.56 0.68
CA ARG B 33 -32.75 5.14 2.08
C ARG B 33 -31.36 4.93 2.69
N SER B 34 -30.36 4.63 1.89
CA SER B 34 -29.00 4.39 2.38
C SER B 34 -28.19 5.66 2.57
N THR B 35 -28.80 6.84 2.35
CA THR B 35 -28.12 8.12 2.46
C THR B 35 -27.31 8.28 3.73
N PRO B 36 -27.80 7.95 4.93
CA PRO B 36 -26.92 8.11 6.11
C PRO B 36 -25.64 7.30 6.00
N LEU B 37 -25.74 6.03 5.59
CA LEU B 37 -24.55 5.20 5.44
C LEU B 37 -23.65 5.74 4.34
N THR B 38 -24.22 6.02 3.17
CA THR B 38 -23.41 6.45 2.03
C THR B 38 -22.71 7.78 2.30
N LEU B 39 -23.41 8.75 2.89
CA LEU B 39 -22.80 10.03 3.24
C LEU B 39 -21.75 9.88 4.33
N ALA B 40 -22.02 9.06 5.34
CA ALA B 40 -21.00 8.80 6.35
C ALA B 40 -19.76 8.18 5.71
N ALA B 41 -19.95 7.28 4.75
CA ALA B 41 -18.81 6.63 4.10
C ALA B 41 -18.07 7.60 3.20
N ALA B 42 -18.82 8.47 2.48
CA ALA B 42 -18.22 9.43 1.56
C ALA B 42 -17.40 10.49 2.28
N GLU B 43 -17.80 10.85 3.50
CA GLU B 43 -17.03 11.83 4.26
C GLU B 43 -15.84 11.21 4.98
N ASN B 44 -15.74 9.89 5.06
CA ASN B 44 -14.68 9.25 5.83
C ASN B 44 -13.47 8.99 4.94
N SER B 45 -12.35 9.61 5.29
CA SER B 45 -11.12 9.54 4.52
C SER B 45 -10.35 8.24 4.72
N ALA B 46 -10.82 7.33 5.57
CA ALA B 46 -10.13 6.05 5.69
C ALA B 46 -10.45 5.11 4.53
N PHE B 47 -11.51 5.37 3.77
CA PHE B 47 -12.06 4.42 2.84
C PHE B 47 -11.57 4.65 1.41
N ILE B 48 -11.45 3.54 0.67
CA ILE B 48 -11.41 3.56 -0.78
C ILE B 48 -12.79 3.18 -1.28
N HIS B 49 -13.43 4.06 -2.04
CA HIS B 49 -14.82 3.89 -2.48
C HIS B 49 -14.89 3.31 -3.89
N HIS B 50 -15.66 2.23 -4.05
CA HIS B 50 -16.02 1.68 -5.35
C HIS B 50 -17.52 1.74 -5.53
N THR B 51 -18.00 2.04 -6.74
CA THR B 51 -19.43 2.13 -6.97
C THR B 51 -19.84 1.23 -8.13
N HIS B 52 -21.09 0.80 -8.12
CA HIS B 52 -21.65 0.00 -9.20
C HIS B 52 -23.16 0.07 -9.12
N PHE B 53 -23.83 -0.13 -10.27
CA PHE B 53 -25.29 -0.05 -10.32
C PHE B 53 -25.98 -1.39 -10.09
N ASP B 54 -25.28 -2.50 -10.30
CA ASP B 54 -25.84 -3.85 -10.14
C ASP B 54 -25.37 -4.37 -8.79
N GLU B 55 -26.32 -4.56 -7.86
CA GLU B 55 -25.97 -4.93 -6.49
C GLU B 55 -25.41 -6.34 -6.41
N ARG B 56 -25.81 -7.23 -7.33
CA ARG B 56 -25.21 -8.56 -7.36
C ARG B 56 -23.74 -8.47 -7.76
N GLY B 57 -23.47 -7.71 -8.82
CA GLY B 57 -22.10 -7.43 -9.20
C GLY B 57 -21.34 -6.68 -8.14
N LEU B 58 -22.02 -5.79 -7.41
CA LEU B 58 -21.37 -5.07 -6.32
C LEU B 58 -20.93 -6.03 -5.22
N GLY B 59 -21.80 -6.96 -4.85
CA GLY B 59 -21.42 -7.97 -3.89
C GLY B 59 -20.22 -8.77 -4.37
N HIS B 60 -20.19 -9.11 -5.66
CA HIS B 60 -19.06 -9.90 -6.14
C HIS B 60 -17.79 -9.07 -6.25
N LEU B 61 -17.93 -7.78 -6.51
CA LEU B 61 -16.77 -6.90 -6.52
C LEU B 61 -16.14 -6.85 -5.14
N ALA B 62 -16.97 -6.66 -4.13
CA ALA B 62 -16.46 -6.69 -2.77
C ALA B 62 -15.84 -8.06 -2.47
N LEU B 63 -16.43 -9.12 -3.01
CA LEU B 63 -15.87 -10.45 -2.80
C LEU B 63 -14.47 -10.56 -3.37
N GLY B 64 -14.23 -10.01 -4.58
CA GLY B 64 -12.88 -10.06 -5.14
C GLY B 64 -11.90 -9.25 -4.31
N LEU B 65 -12.33 -8.06 -3.87
CA LEU B 65 -11.50 -7.22 -3.02
C LEU B 65 -11.07 -7.94 -1.74
N ALA B 66 -12.03 -8.55 -1.05
CA ALA B 66 -11.71 -9.28 0.16
C ALA B 66 -10.87 -10.53 -0.13
N LYS B 67 -11.20 -11.23 -1.22
CA LYS B 67 -10.50 -12.45 -1.59
C LYS B 67 -9.01 -12.20 -1.68
N VAL B 68 -8.63 -11.12 -2.36
CA VAL B 68 -7.21 -10.87 -2.59
C VAL B 68 -6.59 -10.15 -1.40
N SER B 69 -7.25 -9.12 -0.85
CA SER B 69 -6.65 -8.34 0.22
C SER B 69 -6.68 -9.04 1.58
N LYS B 70 -7.51 -10.06 1.76
CA LYS B 70 -7.70 -10.78 3.03
C LYS B 70 -8.21 -9.90 4.16
N GLN B 71 -8.55 -8.65 3.86
CA GLN B 71 -9.17 -7.74 4.81
C GLN B 71 -10.68 -7.80 4.68
N PRO B 72 -11.42 -7.33 5.70
CA PRO B 72 -12.87 -7.19 5.56
C PRO B 72 -13.20 -6.02 4.64
N VAL B 73 -14.27 -6.19 3.85
CA VAL B 73 -14.71 -5.21 2.87
C VAL B 73 -16.17 -4.86 3.09
N ALA B 74 -16.48 -3.57 3.14
CA ALA B 74 -17.83 -3.15 3.44
C ALA B 74 -18.63 -2.91 2.18
N VAL B 75 -19.94 -3.13 2.27
CA VAL B 75 -20.88 -2.91 1.18
C VAL B 75 -22.03 -2.10 1.75
N ILE B 76 -22.50 -1.12 0.98
CA ILE B 76 -23.67 -0.33 1.33
C ILE B 76 -24.69 -0.48 0.23
N VAL B 77 -25.91 -0.88 0.59
CA VAL B 77 -27.00 -0.89 -0.40
C VAL B 77 -28.24 -0.29 0.25
N THR B 78 -29.17 0.16 -0.60
CA THR B 78 -30.45 0.68 -0.11
C THR B 78 -31.40 -0.48 0.17
N SER B 79 -32.59 -0.16 0.67
CA SER B 79 -33.54 -1.21 1.04
C SER B 79 -34.19 -1.82 -0.21
N GLY B 80 -34.72 -3.03 -0.03
CA GLY B 80 -35.50 -3.70 -1.08
C GLY B 80 -34.78 -4.85 -1.75
N THR B 81 -35.08 -5.11 -3.03
CA THR B 81 -34.38 -6.17 -3.75
C THR B 81 -32.90 -5.90 -3.90
N ALA B 82 -32.48 -4.64 -3.72
CA ALA B 82 -31.05 -4.36 -3.65
C ALA B 82 -30.36 -5.25 -2.63
N VAL B 83 -30.97 -5.41 -1.47
CA VAL B 83 -30.41 -6.27 -0.43
C VAL B 83 -30.39 -7.71 -0.91
N ALA B 84 -31.48 -8.15 -1.55
CA ALA B 84 -31.54 -9.55 -1.97
C ALA B 84 -30.44 -9.88 -2.98
N ASN B 85 -30.07 -8.91 -3.84
CA ASN B 85 -29.00 -9.14 -4.81
C ASN B 85 -27.63 -9.36 -4.18
N LEU B 86 -27.45 -9.09 -2.89
CA LEU B 86 -26.17 -9.40 -2.27
C LEU B 86 -26.03 -10.86 -1.89
N TYR B 87 -27.12 -11.64 -2.00
CA TYR B 87 -27.12 -13.02 -1.50
C TYR B 87 -26.05 -13.90 -2.13
N PRO B 88 -25.88 -13.94 -3.46
CA PRO B 88 -24.88 -14.87 -4.03
C PRO B 88 -23.47 -14.68 -3.48
N ALA B 89 -22.96 -13.44 -3.49
CA ALA B 89 -21.62 -13.20 -2.98
C ALA B 89 -21.54 -13.53 -1.49
N LEU B 90 -22.62 -13.26 -0.76
CA LEU B 90 -22.65 -13.58 0.67
C LEU B 90 -22.55 -15.09 0.89
N ILE B 91 -23.24 -15.87 0.07
CA ILE B 91 -23.19 -17.33 0.16
C ILE B 91 -21.78 -17.83 -0.17
N GLU B 92 -21.19 -17.29 -1.25
CA GLU B 92 -19.82 -17.68 -1.61
C GLU B 92 -18.84 -17.34 -0.50
N ALA B 93 -18.98 -16.15 0.10
CA ALA B 93 -18.13 -15.75 1.22
C ALA B 93 -18.34 -16.68 2.42
N GLY B 94 -19.57 -17.16 2.61
CA GLY B 94 -19.84 -18.11 3.67
C GLY B 94 -19.14 -19.44 3.44
N LEU B 95 -18.85 -19.77 2.18
CA LEU B 95 -18.15 -21.02 1.94
C LEU B 95 -16.62 -20.87 1.91
N THR B 96 -16.09 -19.77 1.36
CA THR B 96 -14.64 -19.63 1.22
C THR B 96 -13.97 -18.68 2.22
N GLY B 97 -14.75 -17.95 3.03
CA GLY B 97 -14.20 -17.23 4.16
C GLY B 97 -14.02 -15.73 4.01
N GLU B 98 -14.28 -15.16 2.82
CA GLU B 98 -14.18 -13.71 2.65
C GLU B 98 -15.05 -13.01 3.67
N LYS B 99 -14.55 -11.90 4.20
CA LYS B 99 -15.28 -11.12 5.20
C LYS B 99 -15.99 -9.95 4.50
N LEU B 100 -17.27 -10.13 4.22
CA LEU B 100 -18.09 -9.07 3.62
C LEU B 100 -18.98 -8.49 4.70
N ILE B 101 -18.87 -7.18 4.91
CA ILE B 101 -19.65 -6.49 5.92
C ILE B 101 -20.78 -5.77 5.18
N LEU B 102 -22.00 -6.29 5.29
CA LEU B 102 -23.13 -5.79 4.51
C LEU B 102 -23.96 -4.83 5.35
N LEU B 103 -23.84 -3.54 5.02
CA LEU B 103 -24.63 -2.46 5.59
C LEU B 103 -25.81 -2.22 4.65
N THR B 104 -26.96 -2.76 5.02
CA THR B 104 -28.16 -2.75 4.20
C THR B 104 -29.15 -1.80 4.84
N ALA B 105 -29.37 -0.66 4.20
CA ALA B 105 -30.35 0.30 4.70
C ALA B 105 -31.73 -0.34 4.71
N ASP B 106 -32.55 0.09 5.66
CA ASP B 106 -33.90 -0.45 5.82
C ASP B 106 -34.86 0.69 6.12
N ARG B 107 -36.12 0.45 5.81
CA ARG B 107 -37.20 1.28 6.31
C ARG B 107 -37.31 1.12 7.83
N PRO B 108 -37.82 2.13 8.54
CA PRO B 108 -38.05 1.97 9.97
C PRO B 108 -39.17 0.98 10.22
N PRO B 109 -39.30 0.46 11.45
CA PRO B 109 -40.33 -0.58 11.71
C PRO B 109 -41.73 -0.13 11.38
N GLU B 110 -42.04 1.15 11.49
CA GLU B 110 -43.40 1.61 11.22
C GLU B 110 -43.76 1.63 9.73
N LEU B 111 -42.83 1.28 8.83
CA LEU B 111 -43.15 1.20 7.40
C LEU B 111 -42.98 -0.22 6.86
N ILE B 112 -42.99 -1.22 7.75
CA ILE B 112 -42.87 -2.62 7.36
C ILE B 112 -44.26 -3.24 7.39
N ASP B 113 -44.53 -4.16 6.46
CA ASP B 113 -45.82 -4.88 6.35
C ASP B 113 -47.02 -3.92 6.36
N CYS B 114 -46.92 -2.83 5.59
CA CYS B 114 -48.06 -1.95 5.44
C CYS B 114 -48.19 -1.43 4.02
N GLY B 115 -47.61 -2.11 3.03
CA GLY B 115 -47.71 -1.71 1.63
C GLY B 115 -46.85 -0.53 1.24
N ALA B 116 -45.88 -0.15 2.06
CA ALA B 116 -45.02 0.98 1.73
C ALA B 116 -44.09 0.65 0.58
N ASN B 117 -43.74 1.66 -0.20
CA ASN B 117 -42.95 1.45 -1.40
C ASN B 117 -41.53 1.03 -1.02
N GLN B 118 -41.04 -0.03 -1.66
CA GLN B 118 -39.66 -0.47 -1.49
C GLN B 118 -39.36 -0.84 -0.03
N ALA B 119 -40.34 -1.40 0.67
CA ALA B 119 -40.20 -1.81 2.06
C ALA B 119 -40.46 -3.30 2.13
N ILE B 120 -39.45 -4.04 2.61
CA ILE B 120 -39.55 -5.50 2.75
C ILE B 120 -39.03 -5.90 4.12
N ARG B 121 -39.32 -7.14 4.50
CA ARG B 121 -38.83 -7.69 5.76
C ARG B 121 -37.38 -8.12 5.57
N GLN B 122 -36.46 -7.34 6.12
CA GLN B 122 -35.04 -7.55 5.86
C GLN B 122 -34.28 -8.30 6.95
N PRO B 123 -34.60 -8.11 8.25
CA PRO B 123 -33.87 -8.88 9.27
C PRO B 123 -34.03 -10.38 9.04
N GLY B 124 -32.91 -11.10 9.08
CA GLY B 124 -32.92 -12.54 8.91
C GLY B 124 -33.11 -13.06 7.50
N MET B 125 -33.16 -12.16 6.50
CA MET B 125 -33.46 -12.59 5.13
C MET B 125 -32.31 -13.35 4.49
N PHE B 126 -31.12 -13.32 5.06
CA PHE B 126 -30.04 -14.15 4.55
C PHE B 126 -29.91 -15.46 5.34
N ALA B 127 -30.88 -15.76 6.22
CA ALA B 127 -30.96 -17.03 6.97
C ALA B 127 -29.62 -17.27 7.67
N SER B 128 -29.03 -18.47 7.54
CA SER B 128 -27.82 -18.85 8.24
C SER B 128 -26.56 -18.57 7.46
N HIS B 129 -26.65 -17.91 6.32
CA HIS B 129 -25.45 -17.74 5.50
C HIS B 129 -24.48 -16.68 6.04
N PRO B 130 -24.93 -15.61 6.70
CA PRO B 130 -23.95 -14.74 7.38
C PRO B 130 -23.37 -15.46 8.60
N THR B 131 -22.10 -15.16 8.90
CA THR B 131 -21.53 -15.62 10.17
C THR B 131 -22.17 -14.91 11.34
N HIS B 132 -22.37 -13.61 11.22
CA HIS B 132 -23.05 -12.84 12.24
C HIS B 132 -24.12 -12.00 11.56
N SER B 133 -25.27 -11.88 12.21
CA SER B 133 -26.37 -11.06 11.74
C SER B 133 -26.73 -10.06 12.83
N ILE B 134 -26.83 -8.79 12.46
CA ILE B 134 -27.20 -7.70 13.38
C ILE B 134 -28.39 -6.96 12.78
N SER B 135 -29.49 -6.93 13.52
CA SER B 135 -30.64 -6.11 13.12
C SER B 135 -30.65 -4.89 14.05
N LEU B 136 -30.07 -3.78 13.59
CA LEU B 136 -29.98 -2.59 14.43
C LEU B 136 -31.38 -2.04 14.72
N PRO B 137 -31.56 -1.42 15.88
CA PRO B 137 -32.86 -0.86 16.21
C PRO B 137 -33.04 0.47 15.49
N ARG B 138 -34.26 0.98 15.57
CA ARG B 138 -34.58 2.30 15.08
C ARG B 138 -33.68 3.32 15.78
N PRO B 139 -32.97 4.18 15.04
CA PRO B 139 -32.04 5.09 15.69
C PRO B 139 -32.74 5.98 16.70
N THR B 140 -32.11 6.12 17.86
CA THR B 140 -32.58 7.01 18.92
C THR B 140 -31.39 7.39 19.79
N GLN B 141 -31.45 8.60 20.35
CA GLN B 141 -30.44 9.03 21.29
C GLN B 141 -30.56 8.35 22.64
N ASP B 142 -31.69 7.70 22.91
CA ASP B 142 -31.86 6.97 24.17
C ASP B 142 -31.05 5.68 24.22
N ILE B 143 -30.47 5.27 23.10
CA ILE B 143 -29.52 4.16 23.06
C ILE B 143 -28.12 4.74 22.92
N PRO B 144 -27.21 4.47 23.85
CA PRO B 144 -25.92 5.15 23.83
C PRO B 144 -25.05 4.68 22.66
N ALA B 145 -24.20 5.61 22.19
CA ALA B 145 -23.28 5.29 21.10
C ALA B 145 -22.34 4.15 21.46
N ARG B 146 -22.04 3.98 22.76
CA ARG B 146 -21.14 2.91 23.18
C ARG B 146 -21.77 1.54 22.96
N TRP B 147 -23.10 1.45 23.00
CA TRP B 147 -23.76 0.20 22.65
C TRP B 147 -23.59 -0.12 21.18
N LEU B 148 -23.87 0.84 20.31
CA LEU B 148 -23.76 0.65 18.86
C LEU B 148 -22.33 0.28 18.46
N VAL B 149 -21.35 1.05 18.94
CA VAL B 149 -19.98 0.72 18.59
C VAL B 149 -19.59 -0.62 19.20
N SER B 150 -20.10 -0.96 20.39
CA SER B 150 -19.77 -2.26 20.99
C SER B 150 -20.38 -3.39 20.18
N THR B 151 -21.58 -3.20 19.62
CA THR B 151 -22.22 -4.23 18.81
C THR B 151 -21.41 -4.50 17.54
N ILE B 152 -21.01 -3.43 16.86
CA ILE B 152 -20.19 -3.63 15.68
C ILE B 152 -18.84 -4.25 16.05
N ASP B 153 -18.23 -3.79 17.16
CA ASP B 153 -16.94 -4.32 17.59
C ASP B 153 -17.04 -5.79 17.94
N HIS B 154 -18.15 -6.20 18.55
CA HIS B 154 -18.33 -7.62 18.79
C HIS B 154 -18.41 -8.38 17.48
N ALA B 155 -19.18 -7.85 16.51
CA ALA B 155 -19.36 -8.57 15.26
C ALA B 155 -18.05 -8.72 14.50
N LEU B 156 -17.28 -7.64 14.38
CA LEU B 156 -16.05 -7.66 13.61
C LEU B 156 -14.92 -8.35 14.38
N GLY B 157 -14.88 -8.18 15.69
CA GLY B 157 -13.78 -8.73 16.47
C GLY B 157 -13.78 -10.24 16.52
N THR B 158 -14.96 -10.84 16.59
CA THR B 158 -15.09 -12.29 16.68
C THR B 158 -15.27 -12.98 15.32
N LEU B 159 -15.10 -12.25 14.20
CA LEU B 159 -15.35 -12.79 12.87
C LEU B 159 -14.15 -13.62 12.40
N HIS B 160 -14.27 -14.95 12.47
CA HIS B 160 -13.18 -15.77 11.94
C HIS B 160 -13.13 -15.71 10.42
N ALA B 161 -14.29 -15.65 9.76
CA ALA B 161 -14.43 -15.71 8.31
C ALA B 161 -15.89 -15.52 7.96
N GLY B 162 -16.15 -15.13 6.71
CA GLY B 162 -17.52 -15.04 6.24
C GLY B 162 -18.10 -13.65 6.44
N GLY B 163 -19.39 -13.52 6.05
CA GLY B 163 -20.02 -12.22 6.00
C GLY B 163 -20.74 -11.82 7.28
N VAL B 164 -21.00 -10.53 7.40
CA VAL B 164 -21.77 -9.99 8.51
C VAL B 164 -22.91 -9.17 7.92
N HIS B 165 -24.14 -9.52 8.27
CA HIS B 165 -25.30 -8.75 7.83
C HIS B 165 -25.66 -7.77 8.93
N ILE B 166 -25.54 -6.48 8.64
CA ILE B 166 -25.91 -5.42 9.57
C ILE B 166 -27.04 -4.65 8.91
N ASN B 167 -28.26 -4.90 9.36
CA ASN B 167 -29.44 -4.23 8.83
C ASN B 167 -29.61 -2.89 9.54
N CYS B 168 -29.74 -1.81 8.74
CA CYS B 168 -29.68 -0.44 9.25
C CYS B 168 -30.94 0.35 8.89
N PRO B 169 -31.98 0.31 9.71
CA PRO B 169 -33.18 1.11 9.42
C PRO B 169 -32.94 2.59 9.65
N PHE B 170 -33.59 3.40 8.79
CA PHE B 170 -33.54 4.86 8.94
C PHE B 170 -34.90 5.46 8.62
N ALA B 171 -35.40 6.31 9.51
CA ALA B 171 -36.67 6.99 9.26
C ALA B 171 -36.41 8.32 8.56
N GLU B 172 -37.32 8.70 7.66
CA GLU B 172 -37.25 10.00 7.04
C GLU B 172 -37.60 11.03 8.11
N PRO B 173 -37.17 12.30 7.96
CA PRO B 173 -36.41 12.83 6.81
C PRO B 173 -34.98 12.37 6.75
N LEU B 174 -34.51 12.14 5.52
CA LEU B 174 -33.15 11.71 5.26
C LEU B 174 -32.23 12.86 4.86
N TYR B 175 -32.78 13.98 4.41
CA TYR B 175 -32.00 15.07 3.89
C TYR B 175 -32.20 16.31 4.74
N GLY B 176 -31.29 17.23 4.60
CA GLY B 176 -31.32 18.46 5.38
C GLY B 176 -29.92 18.84 5.77
N GLU B 177 -29.76 20.10 6.16
CA GLU B 177 -28.47 20.57 6.63
C GLU B 177 -28.16 19.92 7.97
N MET B 178 -26.88 19.65 8.19
CA MET B 178 -26.42 19.14 9.47
C MET B 178 -26.56 20.22 10.55
N ASP B 179 -27.19 19.85 11.67
CA ASP B 179 -27.13 20.66 12.88
C ASP B 179 -26.38 19.88 13.96
N ASP B 180 -26.55 20.28 15.23
CA ASP B 180 -25.85 19.68 16.35
C ASP B 180 -26.60 18.50 16.97
N THR B 181 -27.69 18.04 16.34
CA THR B 181 -28.41 16.87 16.83
C THR B 181 -27.48 15.65 16.85
N GLY B 182 -27.35 15.03 18.02
CA GLY B 182 -26.51 13.86 18.19
C GLY B 182 -25.03 14.14 18.43
N LEU B 183 -24.63 15.41 18.47
CA LEU B 183 -23.21 15.69 18.64
C LEU B 183 -22.72 15.26 20.02
N SER B 184 -23.40 15.70 21.08
CA SER B 184 -22.99 15.30 22.43
C SER B 184 -23.13 13.79 22.60
N TRP B 185 -24.19 13.21 22.01
CA TRP B 185 -24.36 11.75 21.97
C TRP B 185 -23.13 11.06 21.41
N GLN B 186 -22.59 11.58 20.30
CA GLN B 186 -21.32 11.07 19.76
C GLN B 186 -20.15 11.31 20.70
N GLN B 187 -20.11 12.48 21.33
CA GLN B 187 -18.97 12.84 22.17
C GLN B 187 -18.92 12.02 23.46
N ARG B 188 -19.98 11.28 23.81
CA ARG B 188 -19.83 10.38 24.95
C ARG B 188 -18.77 9.30 24.73
N LEU B 189 -18.30 9.08 23.51
CA LEU B 189 -17.22 8.13 23.24
C LEU B 189 -15.85 8.73 23.50
N GLY B 190 -15.77 10.02 23.83
CA GLY B 190 -14.51 10.62 24.24
C GLY B 190 -13.53 10.64 23.09
N ASP B 191 -12.26 10.44 23.43
CA ASP B 191 -11.21 10.47 22.44
C ASP B 191 -11.10 9.14 21.68
N TRP B 192 -12.09 8.27 21.82
CA TRP B 192 -12.20 7.13 20.89
C TRP B 192 -12.21 7.60 19.45
N TRP B 193 -12.79 8.80 19.19
CA TRP B 193 -12.83 9.33 17.83
C TRP B 193 -11.43 9.56 17.25
N GLN B 194 -10.44 9.83 18.11
CA GLN B 194 -9.07 10.07 17.67
C GLN B 194 -8.16 8.86 17.83
N ASP B 195 -8.72 7.71 18.17
CA ASP B 195 -7.98 6.48 18.45
C ASP B 195 -7.91 5.61 17.19
N ASP B 196 -7.11 4.56 17.25
CA ASP B 196 -7.02 3.64 16.11
C ASP B 196 -7.49 2.24 16.47
N LYS B 197 -8.02 2.04 17.66
CA LYS B 197 -8.43 0.74 18.14
C LYS B 197 -9.94 0.65 18.25
N PRO B 198 -10.49 -0.57 18.34
CA PRO B 198 -11.92 -0.69 18.61
C PRO B 198 -12.25 -0.13 19.99
N TRP B 199 -13.52 0.25 20.15
CA TRP B 199 -14.01 0.58 21.48
C TRP B 199 -13.97 -0.67 22.37
N LEU B 200 -14.43 -1.81 21.86
CA LEU B 200 -14.34 -3.06 22.59
C LEU B 200 -13.49 -4.03 21.79
N ARG B 201 -12.36 -4.46 22.37
CA ARG B 201 -11.47 -5.41 21.70
C ARG B 201 -11.88 -6.80 22.16
N GLU B 202 -12.45 -7.56 21.23
CA GLU B 202 -12.84 -8.93 21.51
C GLU B 202 -12.39 -9.69 20.27
N ALA B 203 -11.22 -10.31 20.34
CA ALA B 203 -10.61 -10.94 19.17
C ALA B 203 -10.04 -12.31 19.53
N PRO B 204 -10.88 -13.23 20.00
CA PRO B 204 -10.37 -14.58 20.29
C PRO B 204 -10.01 -15.31 19.01
N ARG B 205 -8.94 -16.12 19.07
CA ARG B 205 -8.45 -16.89 17.94
C ARG B 205 -8.99 -18.31 18.00
N LEU B 206 -9.33 -18.84 16.84
CA LEU B 206 -9.83 -20.20 16.71
C LEU B 206 -8.78 -21.02 15.97
N GLU B 207 -8.23 -22.02 16.64
CA GLU B 207 -7.12 -22.77 16.06
C GLU B 207 -7.03 -24.13 16.74
N SER B 208 -6.73 -25.16 15.95
CA SER B 208 -6.56 -26.50 16.48
C SER B 208 -5.21 -26.60 17.18
N GLU B 209 -5.14 -27.51 18.15
CA GLU B 209 -3.85 -27.70 18.76
C GLU B 209 -2.95 -28.49 17.83
N LYS B 210 -1.64 -28.36 18.04
CA LYS B 210 -0.70 -29.16 17.27
C LYS B 210 -0.90 -30.64 17.61
N GLN B 211 -0.71 -31.50 16.61
CA GLN B 211 -0.87 -32.93 16.78
C GLN B 211 0.43 -33.54 17.35
N ARG B 212 0.37 -34.10 18.57
CA ARG B 212 1.58 -34.61 19.22
C ARG B 212 2.08 -35.93 18.63
N ASP B 213 1.22 -36.73 18.00
CA ASP B 213 1.67 -37.97 17.35
C ASP B 213 2.10 -37.76 15.89
N TRP B 214 2.37 -36.51 15.49
CA TRP B 214 2.77 -36.21 14.12
C TRP B 214 4.13 -36.83 13.77
N PHE B 215 5.06 -36.83 14.70
CA PHE B 215 6.38 -37.41 14.41
C PHE B 215 6.27 -38.93 14.27
N PHE B 216 5.20 -39.53 14.80
CA PHE B 216 4.89 -40.92 14.54
C PHE B 216 4.35 -41.10 13.12
N TRP B 217 3.36 -40.27 12.73
CA TRP B 217 2.68 -40.47 11.46
C TRP B 217 3.54 -40.06 10.26
N ARG B 218 4.48 -39.12 10.44
CA ARG B 218 5.30 -38.69 9.32
C ARG B 218 6.24 -39.79 8.85
N GLN B 219 6.38 -40.87 9.61
CA GLN B 219 7.21 -41.99 9.24
C GLN B 219 6.49 -42.99 8.35
N LYS B 220 5.17 -42.88 8.22
CA LYS B 220 4.39 -43.83 7.46
C LYS B 220 4.33 -43.42 5.98
N ARG B 221 3.73 -44.29 5.17
CA ARG B 221 3.55 -44.01 3.75
C ARG B 221 2.40 -43.03 3.60
N GLY B 222 2.71 -41.77 3.36
CA GLY B 222 1.68 -40.76 3.22
C GLY B 222 1.53 -40.18 1.83
N VAL B 223 0.38 -39.55 1.63
CA VAL B 223 0.07 -38.76 0.44
C VAL B 223 -0.28 -37.35 0.89
N VAL B 224 0.18 -36.36 0.16
CA VAL B 224 -0.18 -34.97 0.39
C VAL B 224 -1.11 -34.52 -0.73
N VAL B 225 -2.28 -33.99 -0.35
CA VAL B 225 -3.23 -33.40 -1.28
C VAL B 225 -3.25 -31.90 -1.01
N ALA B 226 -3.01 -31.12 -2.03
CA ALA B 226 -2.95 -29.66 -1.91
C ALA B 226 -4.15 -29.07 -2.64
N GLY B 227 -5.05 -28.45 -1.88
CA GLY B 227 -6.18 -27.71 -2.41
C GLY B 227 -5.94 -26.21 -2.47
N ARG B 228 -7.01 -25.44 -2.34
CA ARG B 228 -6.91 -23.99 -2.42
C ARG B 228 -6.17 -23.44 -1.20
N MET B 229 -5.22 -22.55 -1.45
CA MET B 229 -4.40 -21.94 -0.42
C MET B 229 -3.72 -20.73 -1.04
N SER B 230 -2.96 -19.99 -0.23
CA SER B 230 -2.24 -18.86 -0.77
C SER B 230 -1.03 -19.34 -1.58
N ALA B 231 -0.47 -18.41 -2.36
CA ALA B 231 0.65 -18.72 -3.24
C ALA B 231 1.89 -19.16 -2.46
N GLU B 232 2.22 -18.43 -1.41
CA GLU B 232 3.36 -18.80 -0.57
C GLU B 232 3.12 -20.12 0.13
N GLU B 233 1.89 -20.33 0.62
CA GLU B 233 1.53 -21.62 1.19
C GLU B 233 1.73 -22.74 0.19
N GLY B 234 1.40 -22.49 -1.09
CA GLY B 234 1.67 -23.49 -2.11
C GLY B 234 3.14 -23.84 -2.23
N LYS B 235 4.00 -22.82 -2.22
CA LYS B 235 5.43 -23.14 -2.29
C LYS B 235 5.88 -23.94 -1.08
N LYS B 236 5.42 -23.55 0.11
CA LYS B 236 5.83 -24.25 1.33
C LYS B 236 5.33 -25.68 1.36
N VAL B 237 4.10 -25.92 0.91
CA VAL B 237 3.58 -27.28 0.82
C VAL B 237 4.39 -28.11 -0.16
N ALA B 238 4.79 -27.53 -1.30
CA ALA B 238 5.61 -28.29 -2.22
C ALA B 238 6.93 -28.72 -1.59
N LEU B 239 7.64 -27.79 -0.94
CA LEU B 239 8.91 -28.16 -0.34
C LEU B 239 8.73 -29.20 0.78
N TRP B 240 7.69 -29.03 1.59
CA TRP B 240 7.41 -29.96 2.69
C TRP B 240 7.13 -31.37 2.16
N ALA B 241 6.25 -31.49 1.17
CA ALA B 241 5.93 -32.81 0.66
C ALA B 241 7.17 -33.44 0.01
N GLN B 242 7.97 -32.64 -0.68
CA GLN B 242 9.17 -33.22 -1.26
C GLN B 242 10.09 -33.77 -0.17
N THR B 243 10.26 -33.01 0.93
CA THR B 243 11.11 -33.48 2.03
C THR B 243 10.57 -34.75 2.67
N LEU B 244 9.25 -34.84 2.86
CA LEU B 244 8.70 -36.07 3.43
C LEU B 244 8.87 -37.28 2.52
N GLY B 245 9.12 -37.06 1.23
CA GLY B 245 9.12 -38.17 0.30
C GLY B 245 7.75 -38.71 -0.04
N TRP B 246 6.65 -37.92 0.23
CA TRP B 246 5.27 -38.28 -0.05
C TRP B 246 4.83 -37.73 -1.39
N PRO B 247 4.03 -38.46 -2.18
CA PRO B 247 3.53 -37.88 -3.44
C PRO B 247 2.65 -36.67 -3.15
N LEU B 248 2.82 -35.63 -3.96
CA LEU B 248 2.03 -34.40 -3.85
C LEU B 248 1.05 -34.33 -5.02
N ILE B 249 -0.25 -34.44 -4.71
CA ILE B 249 -1.31 -34.19 -5.69
C ILE B 249 -1.77 -32.74 -5.54
N GLY B 250 -1.44 -31.90 -6.53
CA GLY B 250 -1.65 -30.47 -6.43
C GLY B 250 -2.80 -30.00 -7.31
N ASP B 251 -3.75 -29.32 -6.68
CA ASP B 251 -4.90 -28.78 -7.41
C ASP B 251 -4.46 -27.54 -8.18
N VAL B 252 -5.24 -27.18 -9.20
CA VAL B 252 -4.98 -25.94 -9.93
C VAL B 252 -5.03 -24.74 -8.99
N LEU B 253 -5.80 -24.82 -7.89
CA LEU B 253 -5.90 -23.70 -6.96
C LEU B 253 -4.76 -23.70 -5.95
N SER B 254 -3.95 -24.74 -5.94
CA SER B 254 -2.80 -24.79 -5.09
C SER B 254 -1.71 -24.22 -5.96
N GLN B 255 -0.84 -23.44 -5.37
CA GLN B 255 0.25 -22.93 -6.20
C GLN B 255 1.49 -23.78 -5.93
N THR B 256 1.36 -25.09 -5.91
CA THR B 256 2.44 -26.01 -5.68
C THR B 256 3.49 -26.21 -6.79
N GLY B 257 3.08 -25.92 -8.01
CA GLY B 257 3.82 -26.22 -9.20
C GLY B 257 3.52 -27.62 -9.75
N GLN B 258 2.68 -28.35 -9.07
CA GLN B 258 2.24 -29.65 -9.41
C GLN B 258 3.36 -30.66 -9.84
N PRO B 259 4.27 -31.06 -8.94
CA PRO B 259 5.37 -31.96 -9.33
C PRO B 259 4.87 -33.23 -9.97
N LEU B 260 3.62 -33.63 -9.74
CA LEU B 260 2.98 -34.74 -10.44
C LEU B 260 1.82 -34.25 -11.27
N PRO B 261 2.08 -33.57 -12.39
CA PRO B 261 1.01 -32.89 -13.11
C PRO B 261 0.05 -33.86 -13.79
N CYS B 262 -1.10 -33.31 -14.22
CA CYS B 262 -2.16 -34.04 -14.93
C CYS B 262 -2.74 -35.17 -14.08
N ALA B 263 -2.87 -34.92 -12.77
CA ALA B 263 -3.46 -35.92 -11.87
C ALA B 263 -4.86 -36.32 -12.30
N ASP B 264 -5.63 -35.38 -12.83
CA ASP B 264 -6.98 -35.77 -13.26
C ASP B 264 -6.93 -36.82 -14.35
N LEU B 265 -5.79 -36.99 -15.02
CA LEU B 265 -5.62 -38.06 -15.99
C LEU B 265 -5.02 -39.31 -15.34
N TRP B 266 -3.88 -39.19 -14.68
CA TRP B 266 -3.18 -40.40 -14.23
C TRP B 266 -3.84 -41.04 -13.03
N LEU B 267 -4.67 -40.30 -12.30
CA LEU B 267 -5.47 -40.92 -11.25
C LEU B 267 -6.50 -41.88 -11.82
N GLY B 268 -6.79 -41.80 -13.11
CA GLY B 268 -7.64 -42.78 -13.75
C GLY B 268 -6.95 -44.07 -14.16
N ASN B 269 -5.63 -44.15 -13.97
CA ASN B 269 -4.87 -45.34 -14.32
C ASN B 269 -4.84 -46.26 -13.10
N ALA B 270 -5.19 -47.53 -13.32
CA ALA B 270 -5.28 -48.44 -12.19
C ALA B 270 -3.93 -48.61 -11.48
N LYS B 271 -2.81 -48.47 -12.19
CA LYS B 271 -1.52 -48.59 -11.52
C LYS B 271 -1.33 -47.50 -10.47
N ALA B 272 -1.81 -46.29 -10.76
CA ALA B 272 -1.69 -45.17 -9.83
C ALA B 272 -2.54 -45.41 -8.59
N THR B 273 -3.81 -45.74 -8.76
CA THR B 273 -4.66 -45.94 -7.60
C THR B 273 -4.18 -47.16 -6.79
N SER B 274 -3.73 -48.20 -7.47
CA SER B 274 -3.18 -49.35 -6.76
C SER B 274 -1.97 -48.97 -5.92
N GLU B 275 -1.07 -48.15 -6.47
CA GLU B 275 0.05 -47.70 -5.64
C GLU B 275 -0.41 -46.83 -4.48
N LEU B 276 -1.41 -45.98 -4.71
CA LEU B 276 -1.92 -45.10 -3.65
C LEU B 276 -2.60 -45.87 -2.53
N GLN B 277 -3.02 -47.07 -2.79
CA GLN B 277 -3.67 -47.90 -1.81
C GLN B 277 -2.73 -48.26 -0.65
N GLN B 278 -1.43 -48.11 -0.86
CA GLN B 278 -0.47 -48.36 0.19
C GLN B 278 -0.41 -47.23 1.22
N ALA B 279 -1.00 -46.07 0.91
CA ALA B 279 -0.94 -44.94 1.83
C ALA B 279 -1.70 -45.23 3.12
N GLN B 280 -1.03 -45.07 4.25
CA GLN B 280 -1.66 -45.27 5.55
C GLN B 280 -2.24 -43.99 6.12
N ILE B 281 -1.78 -42.84 5.66
CA ILE B 281 -2.33 -41.55 6.06
C ILE B 281 -2.34 -40.66 4.83
N VAL B 282 -3.37 -39.83 4.72
CA VAL B 282 -3.45 -38.77 3.72
C VAL B 282 -3.55 -37.44 4.47
N VAL B 283 -2.65 -36.51 4.15
CA VAL B 283 -2.69 -35.17 4.70
C VAL B 283 -3.07 -34.21 3.58
N GLN B 284 -4.28 -33.65 3.68
CA GLN B 284 -4.79 -32.66 2.75
C GLN B 284 -4.68 -31.28 3.38
N LEU B 285 -4.12 -30.35 2.64
CA LEU B 285 -4.05 -28.94 3.04
C LEU B 285 -4.84 -28.13 2.03
N GLY B 286 -5.76 -27.28 2.52
CA GLY B 286 -6.70 -26.61 1.64
C GLY B 286 -7.89 -27.50 1.29
N SER B 287 -8.82 -26.94 0.53
CA SER B 287 -10.04 -27.69 0.22
C SER B 287 -10.59 -27.18 -1.11
N SER B 288 -11.86 -27.51 -1.40
CA SER B 288 -12.51 -27.24 -2.69
C SER B 288 -11.73 -27.87 -3.83
N LEU B 289 -11.43 -29.17 -3.71
CA LEU B 289 -10.69 -29.85 -4.75
C LEU B 289 -11.42 -29.80 -6.10
N THR B 290 -10.66 -29.61 -7.17
CA THR B 290 -11.24 -29.35 -8.47
C THR B 290 -11.55 -30.62 -9.25
N GLY B 291 -10.55 -31.49 -9.42
CA GLY B 291 -10.60 -32.54 -10.45
C GLY B 291 -11.51 -33.69 -10.03
N LYS B 292 -12.28 -34.19 -10.98
CA LYS B 292 -13.22 -35.29 -10.75
C LYS B 292 -12.54 -36.59 -10.34
N ARG B 293 -11.43 -36.91 -10.99
CA ARG B 293 -10.70 -38.12 -10.66
C ARG B 293 -10.13 -38.04 -9.26
N LEU B 294 -9.69 -36.84 -8.87
CA LEU B 294 -9.20 -36.65 -7.51
C LEU B 294 -10.32 -36.83 -6.50
N LEU B 295 -11.50 -36.27 -6.75
CA LEU B 295 -12.62 -36.45 -5.83
C LEU B 295 -13.07 -37.92 -5.78
N GLN B 296 -12.98 -38.63 -6.89
CA GLN B 296 -13.28 -40.06 -6.87
C GLN B 296 -12.24 -40.86 -6.08
N TRP B 297 -10.97 -40.53 -6.23
CA TRP B 297 -9.95 -41.23 -5.45
C TRP B 297 -10.09 -40.92 -3.98
N GLN B 298 -10.29 -39.64 -3.63
CA GLN B 298 -10.53 -39.30 -2.24
C GLN B 298 -11.69 -40.09 -1.70
N ALA B 299 -12.78 -40.20 -2.47
CA ALA B 299 -13.92 -40.98 -2.00
C ALA B 299 -13.58 -42.45 -1.82
N SER B 300 -12.69 -42.99 -2.65
CA SER B 300 -12.41 -44.43 -2.61
C SER B 300 -11.32 -44.82 -1.63
N CYS B 301 -10.38 -43.93 -1.33
CA CYS B 301 -9.23 -44.32 -0.52
C CYS B 301 -9.64 -44.57 0.93
N GLU B 302 -8.94 -45.50 1.56
CA GLU B 302 -9.21 -45.90 2.94
C GLU B 302 -7.92 -45.92 3.75
N PRO B 303 -7.26 -44.78 3.94
CA PRO B 303 -6.14 -44.75 4.87
C PRO B 303 -6.63 -44.91 6.30
N GLU B 304 -5.70 -45.15 7.20
CA GLU B 304 -6.01 -45.25 8.60
C GLU B 304 -6.55 -43.90 9.08
N GLU B 305 -5.98 -42.81 8.56
CA GLU B 305 -6.39 -41.49 9.00
C GLU B 305 -6.35 -40.57 7.81
N TYR B 306 -7.29 -39.64 7.81
CA TYR B 306 -7.39 -38.62 6.78
C TYR B 306 -7.41 -37.28 7.50
N TRP B 307 -6.41 -36.44 7.23
CA TRP B 307 -6.37 -35.14 7.87
C TRP B 307 -6.67 -34.09 6.82
N ILE B 308 -7.48 -33.09 7.20
CA ILE B 308 -7.68 -31.90 6.38
C ILE B 308 -7.27 -30.69 7.20
N VAL B 309 -6.22 -30.00 6.74
CA VAL B 309 -5.73 -28.78 7.35
C VAL B 309 -6.23 -27.60 6.53
N ASP B 310 -6.90 -26.65 7.19
CA ASP B 310 -7.39 -25.46 6.51
C ASP B 310 -7.79 -24.42 7.57
N ASP B 311 -7.84 -23.14 7.16
CA ASP B 311 -8.30 -22.10 8.06
C ASP B 311 -9.80 -21.86 7.98
N ILE B 312 -10.50 -22.63 7.15
CA ILE B 312 -11.95 -22.67 7.12
C ILE B 312 -12.45 -23.61 8.21
N GLU B 313 -13.60 -23.28 8.80
CA GLU B 313 -14.22 -24.09 9.83
C GLU B 313 -15.09 -25.17 9.17
N GLY B 314 -15.47 -26.16 9.97
CA GLY B 314 -16.42 -27.15 9.54
C GLY B 314 -15.79 -28.32 8.80
N ARG B 315 -16.62 -29.32 8.56
CA ARG B 315 -16.14 -30.49 7.83
C ARG B 315 -15.83 -30.11 6.39
N LEU B 316 -14.72 -30.65 5.88
CA LEU B 316 -14.29 -30.38 4.52
C LEU B 316 -14.07 -31.67 3.72
N ASP B 317 -14.39 -32.82 4.30
CA ASP B 317 -14.22 -34.09 3.60
C ASP B 317 -15.59 -34.60 3.17
N PRO B 318 -15.95 -34.50 1.89
CA PRO B 318 -17.27 -34.99 1.44
C PRO B 318 -17.41 -36.51 1.42
N ALA B 319 -16.34 -37.25 1.69
CA ALA B 319 -16.42 -38.70 1.81
C ALA B 319 -16.44 -39.17 3.26
N HIS B 320 -16.31 -38.25 4.22
CA HIS B 320 -16.52 -38.52 5.64
C HIS B 320 -15.54 -39.56 6.21
N HIS B 321 -14.26 -39.40 5.88
CA HIS B 321 -13.24 -40.32 6.39
C HIS B 321 -13.06 -40.20 7.90
N ARG B 322 -12.66 -41.31 8.49
CA ARG B 322 -12.11 -41.32 9.85
C ARG B 322 -10.81 -40.51 9.87
N GLY B 323 -10.72 -39.56 10.80
CA GLY B 323 -9.52 -38.76 10.82
C GLY B 323 -9.66 -37.45 11.56
N ARG B 324 -9.05 -36.40 11.04
CA ARG B 324 -8.93 -35.15 11.76
C ARG B 324 -9.26 -33.97 10.86
N ARG B 325 -9.89 -32.99 11.49
CA ARG B 325 -10.23 -31.73 10.88
C ARG B 325 -9.37 -30.80 11.71
N LEU B 326 -8.47 -30.07 11.06
CA LEU B 326 -7.54 -29.22 11.79
C LEU B 326 -7.62 -27.79 11.24
N ILE B 327 -8.02 -26.87 12.11
CA ILE B 327 -8.23 -25.47 11.76
C ILE B 327 -6.94 -24.74 12.10
N ALA B 328 -6.32 -24.16 11.08
CA ALA B 328 -5.04 -23.51 11.24
C ALA B 328 -4.70 -22.76 9.97
N ASN B 329 -3.91 -21.72 10.12
CA ASN B 329 -3.18 -21.18 8.99
C ASN B 329 -2.18 -22.23 8.51
N ILE B 330 -2.20 -22.49 7.20
CA ILE B 330 -1.46 -23.64 6.65
C ILE B 330 0.03 -23.50 6.87
N ALA B 331 0.58 -22.30 6.65
CA ALA B 331 2.02 -22.07 6.83
C ALA B 331 2.42 -22.28 8.29
N ASP B 332 1.67 -21.69 9.21
CA ASP B 332 1.96 -21.90 10.63
C ASP B 332 1.83 -23.36 11.03
N TRP B 333 0.82 -24.07 10.50
CA TRP B 333 0.67 -25.49 10.79
C TRP B 333 1.85 -26.29 10.28
N LEU B 334 2.40 -25.92 9.11
CA LEU B 334 3.57 -26.62 8.60
C LEU B 334 4.78 -26.38 9.48
N GLU B 335 4.89 -25.18 10.07
CA GLU B 335 5.97 -24.99 11.05
C GLU B 335 5.75 -25.87 12.28
N LEU B 336 4.49 -26.06 12.67
CA LEU B 336 4.21 -26.87 13.84
C LEU B 336 4.36 -28.36 13.58
N HIS B 337 4.26 -28.79 12.33
CA HIS B 337 4.37 -30.20 11.96
C HIS B 337 5.39 -30.33 10.84
N PRO B 338 6.66 -30.11 11.14
CA PRO B 338 7.68 -30.05 10.09
C PRO B 338 8.00 -31.42 9.51
N ALA B 339 8.55 -31.39 8.30
CA ALA B 339 9.00 -32.58 7.60
C ALA B 339 10.43 -32.96 8.00
N GLU B 340 10.76 -34.24 7.87
CA GLU B 340 12.14 -34.70 7.99
C GLU B 340 12.49 -35.57 6.80
N LYS B 341 13.70 -35.38 6.27
CA LYS B 341 14.11 -36.01 5.03
C LYS B 341 13.93 -37.53 5.13
N ARG B 342 13.17 -38.09 4.19
CA ARG B 342 12.90 -39.52 4.17
C ARG B 342 12.76 -39.98 2.72
N GLN B 343 13.20 -41.21 2.45
CA GLN B 343 13.23 -41.70 1.10
C GLN B 343 11.82 -41.72 0.51
N PRO B 344 11.64 -41.35 -0.76
CA PRO B 344 10.32 -41.46 -1.37
C PRO B 344 9.87 -42.91 -1.47
N TRP B 345 8.57 -43.14 -1.28
CA TRP B 345 8.06 -44.50 -1.39
C TRP B 345 7.33 -44.77 -2.70
N CYS B 346 6.97 -43.73 -3.45
CA CYS B 346 6.30 -43.90 -4.74
C CYS B 346 7.30 -44.11 -5.86
N VAL B 347 7.01 -45.11 -6.72
CA VAL B 347 7.86 -45.42 -7.87
C VAL B 347 7.10 -45.31 -9.19
N GLU B 348 5.86 -45.80 -9.25
CA GLU B 348 5.16 -45.84 -10.53
C GLU B 348 4.48 -44.51 -10.87
N ILE B 349 4.03 -43.77 -9.87
CA ILE B 349 3.23 -42.58 -10.16
C ILE B 349 4.06 -41.51 -10.85
N PRO B 350 5.31 -41.21 -10.44
CA PRO B 350 6.04 -40.16 -11.17
C PRO B 350 6.17 -40.45 -12.66
N ARG B 351 6.48 -41.69 -13.03
CA ARG B 351 6.51 -42.02 -14.46
C ARG B 351 5.13 -41.84 -15.09
N LEU B 352 4.07 -42.28 -14.41
CA LEU B 352 2.73 -42.14 -14.98
C LEU B 352 2.37 -40.68 -15.23
N ALA B 353 2.70 -39.79 -14.29
CA ALA B 353 2.38 -38.37 -14.48
C ALA B 353 3.22 -37.77 -15.60
N GLU B 354 4.49 -38.17 -15.70
CA GLU B 354 5.32 -37.70 -16.82
C GLU B 354 4.73 -38.12 -18.17
N GLN B 355 4.30 -39.38 -18.28
CA GLN B 355 3.69 -39.86 -19.51
C GLN B 355 2.37 -39.18 -19.80
N ALA B 356 1.60 -38.84 -18.75
CA ALA B 356 0.35 -38.13 -18.96
C ALA B 356 0.61 -36.74 -19.54
N MET B 357 1.54 -35.99 -18.92
CA MET B 357 1.87 -34.67 -19.45
C MET B 357 2.35 -34.78 -20.90
N GLN B 358 3.14 -35.80 -21.20
CA GLN B 358 3.59 -36.02 -22.57
C GLN B 358 2.41 -36.25 -23.52
N ALA B 359 1.42 -37.02 -23.07
CA ALA B 359 0.26 -37.29 -23.90
C ALA B 359 -0.52 -36.02 -24.18
N VAL B 360 -0.58 -35.11 -23.21
CA VAL B 360 -1.26 -33.83 -23.47
C VAL B 360 -0.43 -32.98 -24.44
N ILE B 361 0.89 -32.92 -24.23
CA ILE B 361 1.75 -32.10 -25.08
C ILE B 361 1.66 -32.55 -26.54
N ALA B 362 1.55 -33.86 -26.76
CA ALA B 362 1.42 -34.35 -28.13
C ALA B 362 0.19 -33.79 -28.83
N ARG B 363 -0.77 -33.26 -28.09
CA ARG B 363 -2.02 -32.76 -28.68
C ARG B 363 -2.16 -31.24 -28.53
N ARG B 364 -1.04 -30.54 -28.39
CA ARG B 364 -1.07 -29.11 -28.05
C ARG B 364 -1.39 -28.20 -29.23
N ASP B 365 -1.41 -28.71 -30.46
CA ASP B 365 -1.34 -27.82 -31.61
C ASP B 365 -2.71 -27.27 -32.03
N ALA B 366 -3.78 -28.06 -31.93
CA ALA B 366 -5.09 -27.60 -32.39
C ALA B 366 -5.51 -26.36 -31.61
N PHE B 367 -6.21 -25.44 -32.30
CA PHE B 367 -6.61 -24.16 -31.71
C PHE B 367 -7.96 -24.28 -31.02
N GLY B 368 -7.94 -24.97 -29.87
CA GLY B 368 -9.13 -25.21 -29.09
C GLY B 368 -8.92 -24.86 -27.63
N GLU B 369 -10.02 -24.99 -26.86
CA GLU B 369 -9.99 -24.62 -25.44
C GLU B 369 -9.18 -25.60 -24.60
N ALA B 370 -9.15 -26.88 -24.97
CA ALA B 370 -8.30 -27.82 -24.22
C ALA B 370 -6.84 -27.43 -24.36
N GLN B 371 -6.40 -27.14 -25.59
CA GLN B 371 -5.03 -26.69 -25.81
C GLN B 371 -4.78 -25.33 -25.18
N LEU B 372 -5.77 -24.43 -25.17
CA LEU B 372 -5.61 -23.15 -24.50
C LEU B 372 -5.33 -23.37 -23.00
N ALA B 373 -6.12 -24.24 -22.37
CA ALA B 373 -5.90 -24.55 -20.96
C ALA B 373 -4.52 -25.15 -20.74
N HIS B 374 -4.14 -26.11 -21.58
CA HIS B 374 -2.84 -26.75 -21.44
C HIS B 374 -1.71 -25.74 -21.57
N ARG B 375 -1.87 -24.77 -22.47
CA ARG B 375 -0.81 -23.83 -22.78
C ARG B 375 -0.92 -22.53 -21.98
N ILE B 376 -1.83 -22.46 -21.01
CA ILE B 376 -2.11 -21.19 -20.34
C ILE B 376 -0.90 -20.64 -19.57
N CYS B 377 0.01 -21.52 -19.13
CA CYS B 377 1.18 -21.01 -18.43
C CYS B 377 2.05 -20.14 -19.34
N ASP B 378 2.00 -20.35 -20.66
CA ASP B 378 2.76 -19.48 -21.56
C ASP B 378 2.16 -18.08 -21.67
N TYR B 379 1.00 -17.85 -21.08
CA TYR B 379 0.35 -16.57 -21.24
C TYR B 379 0.16 -15.80 -19.94
N LEU B 380 0.59 -16.37 -18.82
CA LEU B 380 0.45 -15.70 -17.54
C LEU B 380 1.28 -14.42 -17.55
N PRO B 381 0.70 -13.28 -17.17
CA PRO B 381 1.46 -12.03 -17.16
C PRO B 381 2.52 -12.04 -16.07
N GLU B 382 3.67 -11.46 -16.38
CA GLU B 382 4.76 -11.43 -15.42
C GLU B 382 4.32 -10.67 -14.18
N GLN B 383 4.54 -11.28 -13.01
CA GLN B 383 4.23 -10.68 -11.72
C GLN B 383 2.75 -10.31 -11.62
N GLY B 384 1.90 -11.11 -12.26
CA GLY B 384 0.48 -10.94 -12.23
C GLY B 384 -0.24 -12.02 -11.45
N GLN B 385 -1.52 -12.18 -11.76
CA GLN B 385 -2.37 -13.14 -11.08
C GLN B 385 -3.36 -13.74 -12.08
N LEU B 386 -3.81 -14.96 -11.75
CA LEU B 386 -4.76 -15.71 -12.57
C LEU B 386 -6.09 -15.81 -11.84
N PHE B 387 -7.16 -15.40 -12.51
CA PHE B 387 -8.52 -15.65 -12.05
C PHE B 387 -9.16 -16.60 -13.04
N VAL B 388 -9.51 -17.78 -12.57
CA VAL B 388 -10.02 -18.84 -13.41
C VAL B 388 -11.52 -18.96 -13.18
N GLY B 389 -12.29 -18.97 -14.27
CA GLY B 389 -13.73 -19.10 -14.18
C GLY B 389 -14.14 -20.51 -13.82
N ASN B 390 -15.45 -20.73 -13.81
CA ASN B 390 -16.01 -22.01 -13.45
C ASN B 390 -16.38 -22.79 -14.71
N SER B 391 -17.01 -23.95 -14.51
CA SER B 391 -17.36 -24.91 -15.58
C SER B 391 -16.07 -25.47 -16.19
N LEU B 392 -15.94 -25.54 -17.53
CA LEU B 392 -14.88 -26.32 -18.16
C LEU B 392 -13.50 -25.70 -17.97
N VAL B 393 -13.38 -24.37 -17.89
CA VAL B 393 -12.04 -23.79 -17.91
C VAL B 393 -11.22 -24.26 -16.70
N VAL B 394 -11.81 -24.24 -15.52
CA VAL B 394 -11.02 -24.65 -14.36
C VAL B 394 -10.74 -26.14 -14.40
N ALA B 395 -11.67 -26.94 -14.93
CA ALA B 395 -11.42 -28.37 -15.03
C ALA B 395 -10.31 -28.67 -16.04
N LEU B 396 -10.31 -27.98 -17.19
CA LEU B 396 -9.29 -28.24 -18.20
C LEU B 396 -7.93 -27.75 -17.74
N ILE B 397 -7.85 -26.57 -17.14
CA ILE B 397 -6.53 -26.16 -16.62
C ILE B 397 -6.05 -27.15 -15.58
N ASP B 398 -6.94 -27.57 -14.65
CA ASP B 398 -6.54 -28.53 -13.62
C ASP B 398 -6.05 -29.84 -14.26
N ALA B 399 -6.72 -30.29 -15.32
CA ALA B 399 -6.39 -31.59 -15.87
C ALA B 399 -5.17 -31.55 -16.79
N LEU B 400 -4.93 -30.42 -17.47
CA LEU B 400 -4.05 -30.41 -18.62
C LEU B 400 -2.82 -29.51 -18.53
N SER B 401 -2.74 -28.62 -17.53
CA SER B 401 -1.66 -27.66 -17.43
C SER B 401 -0.88 -27.86 -16.15
N GLN B 402 0.36 -27.37 -16.14
CA GLN B 402 1.21 -27.37 -14.96
C GLN B 402 1.54 -25.92 -14.63
N LEU B 403 0.81 -25.35 -13.68
CA LEU B 403 0.97 -23.94 -13.33
C LEU B 403 2.18 -23.75 -12.40
N PRO B 404 2.91 -22.64 -12.53
CA PRO B 404 4.14 -22.49 -11.74
C PRO B 404 3.85 -22.31 -10.25
N ALA B 405 4.74 -22.84 -9.43
CA ALA B 405 4.62 -22.71 -7.98
C ALA B 405 4.61 -21.25 -7.58
N GLY B 406 3.70 -20.88 -6.68
CA GLY B 406 3.67 -19.52 -6.16
C GLY B 406 3.09 -18.47 -7.08
N TYR B 407 2.67 -18.83 -8.30
CA TYR B 407 1.98 -17.88 -9.14
C TYR B 407 0.51 -17.84 -8.71
N PRO B 408 0.00 -16.69 -8.25
CA PRO B 408 -1.31 -16.64 -7.57
C PRO B 408 -2.48 -16.99 -8.50
N VAL B 409 -3.36 -17.86 -8.00
CA VAL B 409 -4.62 -18.19 -8.67
C VAL B 409 -5.78 -17.83 -7.76
N TYR B 410 -6.79 -17.17 -8.33
CA TYR B 410 -8.01 -16.86 -7.58
C TYR B 410 -9.21 -17.42 -8.32
N SER B 411 -10.29 -17.66 -7.58
CA SER B 411 -11.45 -18.32 -8.15
C SER B 411 -12.66 -18.15 -7.23
N ASN B 412 -13.83 -18.52 -7.74
CA ASN B 412 -15.05 -18.60 -6.93
C ASN B 412 -15.46 -20.06 -6.88
N ARG B 413 -14.74 -20.85 -6.09
CA ARG B 413 -14.89 -22.30 -6.05
C ARG B 413 -15.51 -22.78 -4.75
N GLY B 414 -16.17 -21.90 -4.01
CA GLY B 414 -17.01 -22.34 -2.91
C GLY B 414 -18.25 -23.01 -3.47
N ALA B 415 -19.17 -22.18 -3.96
CA ALA B 415 -20.37 -22.66 -4.61
C ALA B 415 -20.20 -22.77 -6.13
N SER B 416 -19.10 -22.27 -6.68
CA SER B 416 -18.79 -22.42 -8.09
C SER B 416 -19.84 -21.78 -8.98
N GLY B 417 -20.38 -20.65 -8.53
CA GLY B 417 -21.38 -19.95 -9.32
C GLY B 417 -20.78 -19.30 -10.56
N ILE B 418 -21.58 -19.28 -11.62
CA ILE B 418 -21.21 -18.57 -12.84
C ILE B 418 -21.85 -17.17 -12.87
N ASP B 419 -22.31 -16.68 -11.72
CA ASP B 419 -23.11 -15.45 -11.72
C ASP B 419 -22.33 -14.18 -11.38
N GLY B 420 -21.08 -14.29 -10.93
CA GLY B 420 -20.35 -13.07 -10.60
C GLY B 420 -18.89 -13.05 -10.96
N LEU B 421 -18.49 -13.72 -12.04
CA LEU B 421 -17.07 -13.92 -12.27
C LEU B 421 -16.39 -12.65 -12.81
N LEU B 422 -17.09 -11.86 -13.65
CA LEU B 422 -16.47 -10.65 -14.16
C LEU B 422 -16.33 -9.59 -13.06
N SER B 423 -17.40 -9.36 -12.28
CA SER B 423 -17.29 -8.38 -11.20
C SER B 423 -16.28 -8.82 -10.14
N THR B 424 -16.24 -10.14 -9.86
CA THR B 424 -15.23 -10.69 -8.95
C THR B 424 -13.82 -10.42 -9.46
N ALA B 425 -13.59 -10.70 -10.75
CA ALA B 425 -12.29 -10.46 -11.35
C ALA B 425 -11.89 -8.99 -11.26
N ALA B 426 -12.86 -8.10 -11.46
CA ALA B 426 -12.56 -6.68 -11.27
C ALA B 426 -12.06 -6.43 -9.85
N GLY B 427 -12.73 -7.01 -8.85
CA GLY B 427 -12.26 -6.84 -7.48
C GLY B 427 -10.88 -7.43 -7.22
N VAL B 428 -10.62 -8.62 -7.77
CA VAL B 428 -9.30 -9.26 -7.62
C VAL B 428 -8.20 -8.32 -8.10
N GLN B 429 -8.39 -7.76 -9.31
CA GLN B 429 -7.43 -6.84 -9.92
C GLN B 429 -7.28 -5.56 -9.09
N ARG B 430 -8.41 -4.95 -8.70
CA ARG B 430 -8.30 -3.68 -8.00
C ARG B 430 -7.62 -3.85 -6.65
N ALA B 431 -7.82 -5.01 -6.00
CA ALA B 431 -7.21 -5.27 -4.71
C ALA B 431 -5.69 -5.39 -4.83
N SER B 432 -5.21 -6.14 -5.82
CA SER B 432 -3.76 -6.34 -5.84
C SER B 432 -3.00 -5.29 -6.62
N GLY B 433 -3.65 -4.62 -7.56
CA GLY B 433 -2.94 -3.74 -8.47
C GLY B 433 -2.08 -4.45 -9.50
N LYS B 434 -2.18 -5.75 -9.62
CA LYS B 434 -1.36 -6.55 -10.53
C LYS B 434 -2.05 -6.74 -11.87
N PRO B 435 -1.28 -6.89 -12.96
CA PRO B 435 -1.90 -7.34 -14.22
C PRO B 435 -2.53 -8.70 -14.01
N THR B 436 -3.70 -8.90 -14.62
CA THR B 436 -4.56 -10.05 -14.32
C THR B 436 -4.98 -10.74 -15.61
N LEU B 437 -4.90 -12.08 -15.63
CA LEU B 437 -5.54 -12.86 -16.68
C LEU B 437 -6.74 -13.59 -16.09
N ALA B 438 -7.92 -13.29 -16.62
CA ALA B 438 -9.16 -13.92 -16.19
C ALA B 438 -9.74 -14.67 -17.37
N ILE B 439 -10.18 -15.91 -17.13
CA ILE B 439 -10.68 -16.78 -18.20
C ILE B 439 -12.05 -17.31 -17.82
N VAL B 440 -13.05 -17.07 -18.68
CA VAL B 440 -14.40 -17.51 -18.39
C VAL B 440 -15.06 -18.04 -19.66
N GLY B 441 -16.18 -18.77 -19.45
CA GLY B 441 -16.99 -19.26 -20.54
C GLY B 441 -17.99 -18.24 -21.04
N ASP B 442 -18.64 -18.59 -22.15
CA ASP B 442 -19.53 -17.64 -22.81
C ASP B 442 -20.77 -17.35 -21.96
N LEU B 443 -21.40 -18.39 -21.42
CA LEU B 443 -22.58 -18.18 -20.56
C LEU B 443 -22.21 -17.42 -19.30
N SER B 444 -21.01 -17.69 -18.76
CA SER B 444 -20.52 -16.93 -17.61
C SER B 444 -20.37 -15.46 -17.95
N ALA B 445 -19.80 -15.14 -19.11
CA ALA B 445 -19.64 -13.75 -19.49
C ALA B 445 -20.99 -13.07 -19.71
N LEU B 446 -21.94 -13.78 -20.32
CA LEU B 446 -23.28 -13.22 -20.51
C LEU B 446 -23.94 -12.96 -19.16
N TYR B 447 -23.76 -13.89 -18.22
CA TYR B 447 -24.41 -13.77 -16.92
C TYR B 447 -24.03 -12.46 -16.24
N ASP B 448 -22.75 -12.11 -16.25
CA ASP B 448 -22.29 -10.91 -15.57
C ASP B 448 -21.86 -9.85 -16.60
N LEU B 449 -22.61 -9.76 -17.71
CA LEU B 449 -22.22 -8.91 -18.83
C LEU B 449 -22.05 -7.47 -18.38
N ASN B 450 -22.96 -6.97 -17.55
CA ASN B 450 -22.84 -5.56 -17.19
C ASN B 450 -21.63 -5.25 -16.33
N ALA B 451 -20.95 -6.28 -15.78
CA ALA B 451 -19.71 -6.03 -15.07
C ALA B 451 -18.60 -5.53 -15.98
N LEU B 452 -18.78 -5.62 -17.29
CA LEU B 452 -17.84 -4.94 -18.18
C LEU B 452 -17.74 -3.46 -17.85
N ALA B 453 -18.80 -2.85 -17.33
CA ALA B 453 -18.70 -1.45 -16.89
C ALA B 453 -17.59 -1.30 -15.84
N LEU B 454 -17.59 -2.17 -14.83
CA LEU B 454 -16.53 -2.09 -13.83
C LEU B 454 -15.17 -2.25 -14.46
N LEU B 455 -15.08 -3.09 -15.50
CA LEU B 455 -13.75 -3.37 -16.05
C LEU B 455 -13.22 -2.21 -16.89
N ARG B 456 -13.98 -1.11 -17.01
CA ARG B 456 -13.40 0.12 -17.53
C ARG B 456 -12.46 0.80 -16.52
N GLN B 457 -12.42 0.34 -15.27
CA GLN B 457 -11.54 0.92 -14.26
C GLN B 457 -10.71 -0.20 -13.63
N VAL B 458 -9.51 -0.42 -14.19
CA VAL B 458 -8.52 -1.32 -13.63
C VAL B 458 -7.21 -0.55 -13.50
N SER B 459 -6.40 -0.93 -12.51
CA SER B 459 -5.14 -0.23 -12.25
C SER B 459 -3.96 -0.83 -12.99
N ALA B 460 -4.16 -1.94 -13.69
CA ALA B 460 -3.13 -2.62 -14.45
C ALA B 460 -3.84 -3.37 -15.56
N PRO B 461 -3.14 -3.76 -16.62
CA PRO B 461 -3.82 -4.47 -17.71
C PRO B 461 -4.56 -5.70 -17.19
N LEU B 462 -5.81 -5.86 -17.62
CA LEU B 462 -6.56 -7.07 -17.34
C LEU B 462 -6.99 -7.65 -18.67
N VAL B 463 -6.59 -8.89 -18.94
CA VAL B 463 -7.03 -9.62 -20.11
C VAL B 463 -8.18 -10.53 -19.69
N LEU B 464 -9.31 -10.38 -20.35
CA LEU B 464 -10.45 -11.24 -20.10
C LEU B 464 -10.62 -12.14 -21.32
N ILE B 465 -10.26 -13.41 -21.18
CA ILE B 465 -10.50 -14.38 -22.23
C ILE B 465 -11.92 -14.91 -22.06
N VAL B 466 -12.72 -14.78 -23.10
CA VAL B 466 -14.03 -15.42 -23.16
C VAL B 466 -13.92 -16.54 -24.18
N VAL B 467 -13.98 -17.77 -23.67
CA VAL B 467 -13.98 -18.95 -24.53
C VAL B 467 -15.41 -19.15 -24.99
N ASN B 468 -15.66 -18.98 -26.29
CA ASN B 468 -17.03 -19.02 -26.80
C ASN B 468 -17.18 -20.37 -27.50
N ASN B 469 -17.75 -21.32 -26.76
CA ASN B 469 -18.12 -22.64 -27.27
C ASN B 469 -19.61 -22.77 -27.45
N ASN B 470 -20.33 -21.64 -27.49
CA ASN B 470 -21.77 -21.59 -27.78
C ASN B 470 -22.56 -22.48 -26.81
N GLY B 471 -22.49 -22.12 -25.53
CA GLY B 471 -23.28 -22.80 -24.52
C GLY B 471 -22.45 -23.28 -23.36
N GLY B 472 -23.11 -24.01 -22.46
CA GLY B 472 -22.41 -24.62 -21.35
C GLY B 472 -21.94 -26.02 -21.70
N GLN B 473 -20.77 -26.14 -22.31
CA GLN B 473 -20.35 -27.42 -22.85
C GLN B 473 -19.86 -28.38 -21.78
N ILE B 474 -19.84 -27.99 -20.51
CA ILE B 474 -19.68 -28.97 -19.45
C ILE B 474 -20.78 -30.02 -19.54
N PHE B 475 -21.97 -29.64 -20.03
CA PHE B 475 -23.06 -30.58 -20.19
C PHE B 475 -22.93 -31.43 -21.45
N SER B 476 -21.91 -31.18 -22.27
CA SER B 476 -21.45 -32.16 -23.25
C SER B 476 -20.42 -33.12 -22.67
N LEU B 477 -19.75 -32.75 -21.56
CA LEU B 477 -18.84 -33.65 -20.86
C LEU B 477 -19.61 -34.57 -19.92
N LEU B 478 -20.60 -34.02 -19.23
CA LEU B 478 -21.48 -34.84 -18.40
C LEU B 478 -22.35 -35.71 -19.31
N PRO B 479 -22.80 -36.91 -18.80
CA PRO B 479 -23.64 -37.81 -19.62
C PRO B 479 -25.11 -37.37 -19.65
N THR B 480 -25.35 -36.14 -20.08
CA THR B 480 -26.71 -35.65 -20.22
C THR B 480 -27.39 -36.31 -21.43
N PRO B 481 -28.72 -36.47 -21.39
CA PRO B 481 -29.39 -37.14 -22.52
C PRO B 481 -29.36 -36.29 -23.77
N GLN B 482 -29.03 -36.93 -24.90
CA GLN B 482 -28.74 -36.20 -26.13
C GLN B 482 -29.95 -35.43 -26.65
N SER B 483 -31.15 -35.96 -26.44
CA SER B 483 -32.32 -35.37 -27.06
C SER B 483 -32.75 -34.06 -26.40
N GLU B 484 -32.48 -33.89 -25.11
CA GLU B 484 -32.78 -32.66 -24.39
C GLU B 484 -31.57 -31.75 -24.19
N ARG B 485 -30.38 -32.20 -24.60
CA ARG B 485 -29.13 -31.53 -24.23
C ARG B 485 -29.10 -30.10 -24.73
N GLU B 486 -29.37 -29.91 -26.02
CA GLU B 486 -29.31 -28.58 -26.63
C GLU B 486 -30.24 -27.60 -25.91
N ARG B 487 -31.53 -27.93 -25.85
CA ARG B 487 -32.49 -26.95 -25.37
C ARG B 487 -32.38 -26.73 -23.85
N PHE B 488 -32.17 -27.80 -23.08
CA PHE B 488 -32.29 -27.72 -21.63
C PHE B 488 -30.97 -27.73 -20.86
N TYR B 489 -29.84 -27.99 -21.53
CA TYR B 489 -28.54 -28.02 -20.86
C TYR B 489 -27.59 -27.01 -21.50
N LEU B 490 -27.17 -27.22 -22.75
CA LEU B 490 -26.16 -26.35 -23.34
C LEU B 490 -26.67 -24.92 -23.43
N MET B 491 -27.92 -24.73 -23.82
CA MET B 491 -28.55 -23.43 -24.00
C MET B 491 -27.65 -22.46 -24.77
N PRO B 492 -27.28 -22.78 -26.01
CA PRO B 492 -26.50 -21.82 -26.79
C PRO B 492 -27.26 -20.52 -26.99
N GLN B 493 -26.52 -19.41 -26.88
CA GLN B 493 -27.09 -18.09 -27.08
C GLN B 493 -26.72 -17.49 -28.43
N ASN B 494 -25.78 -18.08 -29.17
CA ASN B 494 -25.40 -17.64 -30.51
C ASN B 494 -25.11 -16.14 -30.54
N VAL B 495 -24.10 -15.75 -29.78
CA VAL B 495 -23.67 -14.35 -29.71
C VAL B 495 -22.16 -14.32 -29.88
N HIS B 496 -21.65 -13.11 -30.11
CA HIS B 496 -20.24 -12.79 -29.93
C HIS B 496 -20.13 -11.60 -29.00
N PHE B 497 -18.91 -11.28 -28.61
CA PHE B 497 -18.68 -10.27 -27.57
C PHE B 497 -17.92 -9.04 -28.08
N GLU B 498 -17.92 -8.80 -29.39
CA GLU B 498 -17.30 -7.61 -29.94
C GLU B 498 -18.14 -6.36 -29.64
N HIS B 499 -19.46 -6.46 -29.78
CA HIS B 499 -20.29 -5.30 -29.49
C HIS B 499 -20.40 -5.00 -27.99
N ALA B 500 -20.34 -6.03 -27.13
CA ALA B 500 -20.29 -5.79 -25.69
C ALA B 500 -19.05 -4.99 -25.33
N ALA B 501 -17.90 -5.39 -25.87
CA ALA B 501 -16.66 -4.64 -25.64
C ALA B 501 -16.75 -3.21 -26.21
N ALA B 502 -17.27 -3.06 -27.43
CA ALA B 502 -17.37 -1.73 -28.04
C ALA B 502 -18.26 -0.83 -27.21
N MET B 503 -19.31 -1.41 -26.62
CA MET B 503 -20.25 -0.63 -25.83
C MET B 503 -19.55 0.06 -24.66
N PHE B 504 -18.63 -0.65 -23.99
CA PHE B 504 -17.91 -0.10 -22.85
C PHE B 504 -16.48 0.36 -23.21
N GLU B 505 -16.22 0.57 -24.50
CA GLU B 505 -14.97 1.15 -25.00
C GLU B 505 -13.76 0.35 -24.54
N LEU B 506 -13.85 -0.97 -24.66
CA LEU B 506 -12.78 -1.89 -24.31
C LEU B 506 -12.16 -2.47 -25.58
N LYS B 507 -10.83 -2.55 -25.59
CA LYS B 507 -10.14 -3.21 -26.71
C LYS B 507 -10.63 -4.64 -26.87
N TYR B 508 -10.70 -5.10 -28.11
CA TYR B 508 -11.26 -6.41 -28.41
C TYR B 508 -10.42 -7.08 -29.50
N HIS B 509 -10.16 -8.38 -29.33
CA HIS B 509 -9.51 -9.21 -30.34
C HIS B 509 -10.28 -10.51 -30.48
N ARG B 510 -10.36 -11.04 -31.71
CA ARG B 510 -10.90 -12.38 -31.96
C ARG B 510 -9.86 -13.19 -32.73
N PRO B 511 -8.84 -13.70 -32.05
CA PRO B 511 -7.74 -14.38 -32.73
C PRO B 511 -8.19 -15.69 -33.33
N GLN B 512 -7.66 -16.03 -34.50
CA GLN B 512 -8.06 -17.26 -35.18
C GLN B 512 -7.01 -18.36 -35.15
N ASN B 513 -5.82 -18.08 -34.64
CA ASN B 513 -4.75 -19.06 -34.54
C ASN B 513 -3.83 -18.62 -33.40
N TRP B 514 -2.81 -19.44 -33.12
CA TRP B 514 -1.94 -19.13 -32.00
C TRP B 514 -1.15 -17.85 -32.20
N GLN B 515 -0.71 -17.57 -33.44
CA GLN B 515 0.09 -16.39 -33.72
C GLN B 515 -0.68 -15.12 -33.37
N GLU B 516 -1.93 -15.08 -33.80
CA GLU B 516 -2.78 -13.92 -33.52
C GLU B 516 -3.16 -13.82 -32.04
N LEU B 517 -3.28 -14.95 -31.34
CA LEU B 517 -3.53 -14.88 -29.91
C LEU B 517 -2.34 -14.27 -29.18
N GLU B 518 -1.13 -14.69 -29.55
CA GLU B 518 0.09 -14.08 -29.00
C GLU B 518 0.18 -12.59 -29.35
N THR B 519 -0.15 -12.23 -30.60
CA THR B 519 -0.19 -10.81 -30.95
C THR B 519 -1.18 -10.02 -30.10
N ALA B 520 -2.37 -10.60 -29.89
CA ALA B 520 -3.40 -9.95 -29.08
C ALA B 520 -2.90 -9.71 -27.65
N PHE B 521 -2.27 -10.73 -27.04
CA PHE B 521 -1.73 -10.57 -25.70
C PHE B 521 -0.64 -9.49 -25.65
N ALA B 522 0.30 -9.56 -26.59
CA ALA B 522 1.38 -8.59 -26.65
C ALA B 522 0.84 -7.17 -26.70
N ASP B 523 -0.24 -6.95 -27.47
CA ASP B 523 -0.90 -5.63 -27.47
C ASP B 523 -1.55 -5.33 -26.13
N ALA B 524 -2.22 -6.33 -25.54
CA ALA B 524 -3.11 -6.05 -24.42
C ALA B 524 -2.33 -5.67 -23.17
N TRP B 525 -1.15 -6.27 -22.98
CA TRP B 525 -0.42 -5.96 -21.75
C TRP B 525 0.23 -4.57 -21.75
N ARG B 526 0.03 -3.76 -22.78
CA ARG B 526 0.79 -2.52 -22.88
C ARG B 526 0.20 -1.38 -22.07
N THR B 527 -1.07 -1.46 -21.71
CA THR B 527 -1.76 -0.36 -21.04
C THR B 527 -2.59 -0.87 -19.88
N PRO B 528 -2.79 0.00 -18.79
CA PRO B 528 -3.66 -0.40 -17.65
C PRO B 528 -5.14 -0.32 -18.01
N THR B 529 -5.54 -1.16 -18.96
CA THR B 529 -6.92 -1.23 -19.39
C THR B 529 -7.33 -2.69 -19.52
N THR B 530 -8.63 -2.91 -19.64
CA THR B 530 -9.16 -4.25 -19.86
C THR B 530 -9.26 -4.49 -21.36
N THR B 531 -8.71 -5.62 -21.81
CA THR B 531 -8.85 -6.09 -23.19
C THR B 531 -9.66 -7.39 -23.17
N VAL B 532 -10.66 -7.47 -24.04
CA VAL B 532 -11.48 -8.68 -24.17
C VAL B 532 -10.94 -9.51 -25.33
N ILE B 533 -10.56 -10.75 -25.08
CA ILE B 533 -10.09 -11.65 -26.12
C ILE B 533 -11.10 -12.79 -26.23
N GLU B 534 -11.83 -12.84 -27.34
CA GLU B 534 -12.80 -13.89 -27.55
C GLU B 534 -12.15 -15.01 -28.37
N MET B 535 -12.15 -16.23 -27.82
CA MET B 535 -11.63 -17.42 -28.51
C MET B 535 -12.82 -18.29 -28.93
N VAL B 536 -13.16 -18.25 -30.21
CA VAL B 536 -14.28 -19.02 -30.74
C VAL B 536 -13.76 -20.40 -31.08
N VAL B 537 -14.40 -21.43 -30.52
CA VAL B 537 -13.99 -22.81 -30.70
C VAL B 537 -15.23 -23.63 -31.00
N ASN B 538 -14.99 -24.79 -31.61
CA ASN B 538 -16.07 -25.72 -31.91
C ASN B 538 -16.58 -26.32 -30.61
N ASP B 539 -17.92 -26.39 -30.50
CA ASP B 539 -18.62 -26.63 -29.24
C ASP B 539 -18.03 -27.74 -28.38
N THR B 540 -17.95 -28.95 -28.91
CA THR B 540 -17.65 -30.12 -28.09
C THR B 540 -16.19 -30.56 -28.15
N ASP B 541 -15.30 -29.78 -28.80
CA ASP B 541 -13.92 -30.24 -28.94
C ASP B 541 -13.19 -30.35 -27.59
N GLY B 542 -13.42 -29.39 -26.68
CA GLY B 542 -12.72 -29.44 -25.40
C GLY B 542 -13.14 -30.65 -24.57
N ALA B 543 -14.46 -30.86 -24.44
CA ALA B 543 -14.96 -32.02 -23.70
C ALA B 543 -14.42 -33.34 -24.29
N GLN B 544 -14.52 -33.50 -25.61
CA GLN B 544 -14.08 -34.74 -26.24
C GLN B 544 -12.58 -34.94 -26.09
N THR B 545 -11.81 -33.87 -26.22
CA THR B 545 -10.37 -33.99 -26.02
C THR B 545 -10.06 -34.43 -24.60
N LEU B 546 -10.75 -33.87 -23.60
CA LEU B 546 -10.54 -34.32 -22.24
C LEU B 546 -10.88 -35.80 -22.07
N GLN B 547 -12.01 -36.25 -22.65
CA GLN B 547 -12.38 -37.65 -22.55
C GLN B 547 -11.34 -38.55 -23.21
N GLN B 548 -10.86 -38.17 -24.39
CA GLN B 548 -9.88 -38.99 -25.09
C GLN B 548 -8.58 -39.07 -24.32
N LEU B 549 -8.13 -37.94 -23.78
CA LEU B 549 -6.91 -37.97 -22.99
C LEU B 549 -7.08 -38.84 -21.75
N LEU B 550 -8.26 -38.78 -21.11
CA LEU B 550 -8.53 -39.64 -19.97
C LEU B 550 -8.39 -41.12 -20.34
N ALA B 551 -9.03 -41.53 -21.43
CA ALA B 551 -8.93 -42.92 -21.86
C ALA B 551 -7.50 -43.32 -22.18
N GLN B 552 -6.80 -42.46 -22.93
CA GLN B 552 -5.45 -42.79 -23.35
C GLN B 552 -4.54 -42.95 -22.15
N VAL B 553 -4.64 -42.05 -21.17
CA VAL B 553 -3.81 -42.17 -19.97
C VAL B 553 -4.26 -43.37 -19.13
N SER B 554 -5.55 -43.74 -19.20
CA SER B 554 -5.98 -44.90 -18.44
C SER B 554 -5.38 -46.20 -18.96
N HIS B 555 -4.98 -46.26 -20.23
CA HIS B 555 -4.43 -47.52 -20.74
C HIS B 555 -2.91 -47.58 -20.65
N LEU B 556 -2.30 -46.64 -19.96
CA LEU B 556 -0.86 -46.64 -19.79
C LEU B 556 -0.43 -47.78 -18.86
N MET C 1 3.18 36.10 -21.63
CA MET C 1 4.55 35.66 -21.38
C MET C 1 4.91 35.80 -19.89
N SER C 2 4.24 35.06 -19.02
CA SER C 2 4.45 35.17 -17.59
C SER C 2 5.59 34.25 -17.15
N VAL C 3 6.66 34.83 -16.63
CA VAL C 3 7.79 34.04 -16.16
C VAL C 3 7.37 33.13 -15.01
N SER C 4 6.54 33.62 -14.10
CA SER C 4 6.08 32.79 -12.99
C SER C 4 5.34 31.56 -13.49
N ALA C 5 4.43 31.79 -14.45
CA ALA C 5 3.64 30.70 -15.00
C ALA C 5 4.52 29.67 -15.70
N PHE C 6 5.46 30.14 -16.53
CA PHE C 6 6.28 29.16 -17.26
C PHE C 6 7.20 28.40 -16.32
N ASN C 7 7.75 29.09 -15.31
CA ASN C 7 8.48 28.39 -14.25
C ASN C 7 7.65 27.23 -13.74
N ARG C 8 6.35 27.48 -13.48
CA ARG C 8 5.53 26.41 -12.92
C ARG C 8 5.24 25.30 -13.93
N ARG C 9 5.18 25.62 -15.23
CA ARG C 9 4.98 24.57 -16.23
C ARG C 9 6.21 23.68 -16.40
N TRP C 10 7.38 24.31 -16.46
CA TRP C 10 8.66 23.60 -16.49
C TRP C 10 8.82 22.67 -15.29
N ALA C 11 8.65 23.22 -14.09
CA ALA C 11 8.74 22.41 -12.88
C ALA C 11 7.71 21.27 -12.90
N ALA C 12 6.50 21.55 -13.36
CA ALA C 12 5.48 20.51 -13.42
C ALA C 12 5.91 19.35 -14.31
N VAL C 13 6.57 19.64 -15.43
CA VAL C 13 7.06 18.55 -16.27
C VAL C 13 8.08 17.71 -15.50
N ILE C 14 8.96 18.36 -14.73
CA ILE C 14 9.94 17.59 -13.96
C ILE C 14 9.25 16.65 -12.98
N LEU C 15 8.31 17.17 -12.19
CA LEU C 15 7.70 16.34 -11.14
C LEU C 15 6.87 15.20 -11.73
N GLU C 16 6.07 15.51 -12.77
CA GLU C 16 5.28 14.46 -13.39
C GLU C 16 6.18 13.37 -13.98
N ALA C 17 7.31 13.76 -14.56
CA ALA C 17 8.26 12.77 -15.07
C ALA C 17 8.74 11.86 -13.95
N LEU C 18 8.99 12.44 -12.77
CA LEU C 18 9.40 11.60 -11.65
C LEU C 18 8.32 10.56 -11.29
N THR C 19 7.04 10.93 -11.38
CA THR C 19 6.00 9.95 -11.02
C THR C 19 5.99 8.71 -11.90
N ARG C 20 6.58 8.77 -13.11
CA ARG C 20 6.63 7.64 -14.02
C ARG C 20 7.73 6.64 -13.68
N HIS C 21 8.55 6.93 -12.68
CA HIS C 21 9.64 6.04 -12.29
C HIS C 21 9.49 5.52 -10.87
N GLY C 22 8.28 5.57 -10.31
CA GLY C 22 8.01 5.02 -9.00
C GLY C 22 8.20 5.97 -7.84
N VAL C 23 8.43 7.25 -8.09
CA VAL C 23 8.56 8.20 -6.99
C VAL C 23 7.18 8.48 -6.42
N ARG C 24 6.98 8.10 -5.16
CA ARG C 24 5.75 8.43 -4.41
C ARG C 24 6.01 9.40 -3.26
N HIS C 25 7.08 9.19 -2.52
CA HIS C 25 7.43 10.06 -1.41
C HIS C 25 8.23 11.23 -1.93
N ILE C 26 7.90 12.42 -1.46
CA ILE C 26 8.70 13.61 -1.74
C ILE C 26 8.86 14.39 -0.43
N CYS C 27 10.10 14.76 -0.13
CA CYS C 27 10.46 15.47 1.09
C CYS C 27 10.79 16.92 0.76
N ILE C 28 10.15 17.84 1.46
CA ILE C 28 10.18 19.24 1.08
C ILE C 28 10.64 20.08 2.26
N ALA C 29 11.66 20.87 2.04
CA ALA C 29 12.07 21.87 2.99
C ALA C 29 11.58 23.22 2.52
N PRO C 30 11.41 24.19 3.41
CA PRO C 30 10.83 25.46 3.00
C PRO C 30 11.86 26.36 2.32
N GLY C 31 11.34 27.19 1.42
CA GLY C 31 12.17 28.14 0.71
C GLY C 31 11.32 28.92 -0.26
N SER C 32 11.90 29.98 -0.80
CA SER C 32 11.21 30.77 -1.80
C SER C 32 11.60 30.39 -3.21
N ARG C 33 12.91 30.28 -3.49
CA ARG C 33 13.38 29.94 -4.84
C ARG C 33 12.84 28.60 -5.32
N SER C 34 12.50 27.69 -4.41
CA SER C 34 11.97 26.38 -4.79
C SER C 34 10.48 26.40 -5.10
N THR C 35 9.83 27.57 -5.07
CA THR C 35 8.40 27.65 -5.32
C THR C 35 7.92 26.88 -6.54
N PRO C 36 8.53 26.97 -7.73
CA PRO C 36 8.02 26.18 -8.85
C PRO C 36 7.97 24.68 -8.56
N LEU C 37 9.05 24.14 -7.98
CA LEU C 37 9.12 22.73 -7.61
C LEU C 37 8.11 22.39 -6.52
N THR C 38 8.08 23.20 -5.46
CA THR C 38 7.20 22.87 -4.34
C THR C 38 5.72 22.95 -4.73
N LEU C 39 5.32 23.98 -5.49
CA LEU C 39 3.92 24.07 -5.90
C LEU C 39 3.56 22.98 -6.92
N ALA C 40 4.45 22.70 -7.87
CA ALA C 40 4.20 21.58 -8.78
C ALA C 40 4.05 20.29 -8.00
N ALA C 41 4.87 20.10 -6.96
CA ALA C 41 4.78 18.87 -6.17
C ALA C 41 3.50 18.85 -5.33
N ALA C 42 3.10 20.00 -4.78
CA ALA C 42 1.93 20.03 -3.89
C ALA C 42 0.65 19.76 -4.67
N GLU C 43 0.61 20.19 -5.93
CA GLU C 43 -0.56 20.01 -6.76
C GLU C 43 -0.63 18.63 -7.38
N ASN C 44 0.45 17.86 -7.35
CA ASN C 44 0.47 16.56 -8.00
C ASN C 44 0.02 15.52 -7.00
N SER C 45 -1.12 14.88 -7.29
CA SER C 45 -1.79 13.92 -6.40
C SER C 45 -1.11 12.56 -6.36
N ALA C 46 -0.03 12.38 -7.13
CA ALA C 46 0.73 11.15 -7.06
C ALA C 46 1.62 11.08 -5.82
N PHE C 47 1.87 12.20 -5.16
CA PHE C 47 2.90 12.24 -4.13
C PHE C 47 2.34 12.11 -2.72
N ILE C 48 3.15 11.47 -1.87
CA ILE C 48 3.04 11.58 -0.41
C ILE C 48 4.08 12.60 0.03
N HIS C 49 3.64 13.70 0.64
CA HIS C 49 4.51 14.81 1.02
C HIS C 49 4.92 14.73 2.48
N HIS C 50 6.23 14.82 2.74
CA HIS C 50 6.80 14.97 4.07
C HIS C 50 7.54 16.29 4.14
N THR C 51 7.48 16.97 5.29
CA THR C 51 8.17 18.23 5.44
C THR C 51 9.08 18.24 6.67
N HIS C 52 10.10 19.09 6.61
CA HIS C 52 11.00 19.28 7.75
C HIS C 52 11.75 20.58 7.51
N PHE C 53 12.19 21.21 8.62
CA PHE C 53 12.89 22.49 8.59
C PHE C 53 14.40 22.33 8.50
N ASP C 54 14.96 21.17 8.81
CA ASP C 54 16.40 20.93 8.76
C ASP C 54 16.69 20.11 7.50
N GLU C 55 17.45 20.70 6.56
CA GLU C 55 17.66 20.01 5.29
C GLU C 55 18.55 18.78 5.42
N ARG C 56 19.43 18.76 6.43
CA ARG C 56 20.24 17.55 6.67
C ARG C 56 19.35 16.41 7.16
N GLY C 57 18.48 16.71 8.12
CA GLY C 57 17.50 15.73 8.55
C GLY C 57 16.52 15.36 7.45
N LEU C 58 16.18 16.31 6.58
CA LEU C 58 15.31 16.02 5.45
C LEU C 58 15.95 15.03 4.50
N GLY C 59 17.24 15.23 4.23
CA GLY C 59 17.96 14.25 3.43
C GLY C 59 17.95 12.88 4.07
N HIS C 60 18.17 12.80 5.38
CA HIS C 60 18.19 11.49 6.04
C HIS C 60 16.79 10.89 6.16
N LEU C 61 15.75 11.73 6.24
CA LEU C 61 14.38 11.24 6.22
C LEU C 61 14.07 10.58 4.88
N ALA C 62 14.45 11.26 3.79
CA ALA C 62 14.35 10.68 2.45
C ALA C 62 15.20 9.41 2.34
N LEU C 63 16.37 9.41 2.96
CA LEU C 63 17.23 8.23 2.92
C LEU C 63 16.54 7.05 3.59
N GLY C 64 15.91 7.27 4.75
CA GLY C 64 15.19 6.18 5.41
C GLY C 64 13.99 5.70 4.61
N LEU C 65 13.22 6.63 4.03
CA LEU C 65 12.09 6.24 3.19
C LEU C 65 12.57 5.35 2.05
N ALA C 66 13.64 5.77 1.36
CA ALA C 66 14.16 4.98 0.23
C ALA C 66 14.71 3.65 0.70
N LYS C 67 15.38 3.67 1.85
CA LYS C 67 15.98 2.47 2.42
C LYS C 67 14.94 1.37 2.58
N VAL C 68 13.79 1.71 3.17
CA VAL C 68 12.80 0.69 3.43
C VAL C 68 11.97 0.37 2.19
N SER C 69 11.49 1.41 1.49
CA SER C 69 10.56 1.23 0.38
C SER C 69 11.23 0.72 -0.90
N LYS C 70 12.55 0.83 -1.03
CA LYS C 70 13.28 0.46 -2.24
C LYS C 70 12.84 1.26 -3.47
N GLN C 71 12.15 2.38 -3.28
CA GLN C 71 11.80 3.24 -4.41
C GLN C 71 12.66 4.50 -4.42
N PRO C 72 12.72 5.20 -5.55
CA PRO C 72 13.30 6.55 -5.52
C PRO C 72 12.44 7.48 -4.69
N VAL C 73 13.11 8.33 -3.92
CA VAL C 73 12.44 9.31 -3.08
C VAL C 73 12.96 10.67 -3.50
N ALA C 74 12.05 11.60 -3.72
CA ALA C 74 12.43 12.92 -4.20
C ALA C 74 12.59 13.88 -3.03
N VAL C 75 13.48 14.86 -3.22
CA VAL C 75 13.76 15.90 -2.26
C VAL C 75 13.71 17.23 -3.00
N ILE C 76 13.09 18.23 -2.36
CA ILE C 76 13.07 19.58 -2.89
C ILE C 76 13.70 20.48 -1.84
N VAL C 77 14.70 21.27 -2.23
CA VAL C 77 15.22 22.29 -1.34
C VAL C 77 15.43 23.55 -2.15
N THR C 78 15.44 24.68 -1.45
CA THR C 78 15.75 25.96 -2.07
C THR C 78 17.26 26.12 -2.20
N SER C 79 17.68 27.22 -2.81
CA SER C 79 19.08 27.43 -3.12
C SER C 79 19.89 27.80 -1.88
N GLY C 80 21.21 27.60 -1.97
CA GLY C 80 22.11 28.02 -0.90
C GLY C 80 22.62 26.89 -0.04
N THR C 81 22.90 27.18 1.23
CA THR C 81 23.37 26.13 2.13
C THR C 81 22.32 25.04 2.36
N ALA C 82 21.05 25.33 2.06
CA ALA C 82 20.04 24.28 2.09
C ALA C 82 20.47 23.11 1.23
N VAL C 83 20.97 23.39 0.04
CA VAL C 83 21.44 22.32 -0.83
C VAL C 83 22.59 21.58 -0.19
N ALA C 84 23.53 22.32 0.43
CA ALA C 84 24.73 21.73 1.00
C ALA C 84 24.40 20.75 2.12
N ASN C 85 23.36 21.06 2.91
CA ASN C 85 22.95 20.16 3.99
C ASN C 85 22.45 18.82 3.46
N LEU C 86 22.25 18.66 2.15
CA LEU C 86 21.87 17.34 1.65
C LEU C 86 23.05 16.39 1.49
N TYR C 87 24.30 16.85 1.55
CA TYR C 87 25.45 16.05 1.25
C TYR C 87 25.63 14.78 2.04
N PRO C 88 25.43 14.80 3.34
CA PRO C 88 25.61 13.53 4.08
C PRO C 88 24.72 12.40 3.61
N ALA C 89 23.40 12.63 3.49
CA ALA C 89 22.51 11.58 3.03
C ALA C 89 22.85 11.17 1.60
N LEU C 90 23.28 12.13 0.78
CA LEU C 90 23.66 11.81 -0.58
C LEU C 90 24.86 10.88 -0.61
N ILE C 91 25.84 11.10 0.28
CA ILE C 91 27.01 10.25 0.34
C ILE C 91 26.65 8.84 0.80
N GLU C 92 25.86 8.75 1.89
CA GLU C 92 25.44 7.44 2.36
C GLU C 92 24.63 6.72 1.29
N ALA C 93 23.77 7.45 0.57
CA ALA C 93 23.00 6.86 -0.51
C ALA C 93 23.92 6.36 -1.62
N GLY C 94 24.99 7.10 -1.89
CA GLY C 94 26.01 6.66 -2.83
C GLY C 94 26.73 5.41 -2.37
N LEU C 95 26.78 5.14 -1.08
CA LEU C 95 27.45 3.92 -0.65
C LEU C 95 26.49 2.73 -0.55
N THR C 96 25.26 2.93 -0.09
CA THR C 96 24.37 1.82 0.18
C THR C 96 23.24 1.65 -0.82
N GLY C 97 23.08 2.55 -1.79
CA GLY C 97 22.22 2.29 -2.92
C GLY C 97 20.88 3.00 -2.91
N GLU C 98 20.52 3.71 -1.84
CA GLU C 98 19.24 4.42 -1.84
C GLU C 98 19.21 5.39 -3.01
N LYS C 99 18.06 5.47 -3.67
CA LYS C 99 17.89 6.35 -4.83
C LYS C 99 17.26 7.65 -4.35
N LEU C 100 18.08 8.67 -4.12
CA LEU C 100 17.59 9.98 -3.71
C LEU C 100 17.63 10.90 -4.92
N ILE C 101 16.49 11.44 -5.30
CA ILE C 101 16.43 12.36 -6.43
C ILE C 101 16.37 13.77 -5.84
N LEU C 102 17.49 14.50 -5.96
CA LEU C 102 17.67 15.79 -5.29
C LEU C 102 17.33 16.91 -6.28
N LEU C 103 16.17 17.55 -6.05
CA LEU C 103 15.70 18.72 -6.81
C LEU C 103 16.08 19.97 -6.04
N THR C 104 17.17 20.60 -6.48
CA THR C 104 17.80 21.70 -5.77
C THR C 104 17.56 22.99 -6.55
N ALA C 105 16.66 23.83 -6.04
CA ALA C 105 16.40 25.10 -6.72
C ALA C 105 17.67 25.94 -6.72
N ASP C 106 17.81 26.76 -7.76
CA ASP C 106 18.98 27.61 -7.91
C ASP C 106 18.54 28.98 -8.41
N ARG C 107 19.40 29.98 -8.16
CA ARG C 107 19.30 31.24 -8.84
C ARG C 107 19.57 31.08 -10.32
N PRO C 108 19.06 31.98 -11.16
CA PRO C 108 19.36 31.93 -12.59
C PRO C 108 20.81 32.28 -12.84
N PRO C 109 21.36 31.96 -14.00
CA PRO C 109 22.80 32.19 -14.22
C PRO C 109 23.23 33.65 -14.04
N GLU C 110 22.33 34.60 -14.31
CA GLU C 110 22.69 36.01 -14.22
C GLU C 110 22.81 36.52 -12.79
N LEU C 111 22.54 35.68 -11.79
CA LEU C 111 22.67 36.09 -10.40
C LEU C 111 23.73 35.28 -9.68
N ILE C 112 24.60 34.61 -10.43
CA ILE C 112 25.67 33.81 -9.86
C ILE C 112 26.97 34.61 -9.89
N ASP C 113 27.79 34.44 -8.85
CA ASP C 113 29.08 35.14 -8.73
C ASP C 113 28.95 36.63 -8.94
N CYS C 114 27.91 37.24 -8.34
CA CYS C 114 27.77 38.69 -8.38
C CYS C 114 27.31 39.27 -7.05
N GLY C 115 27.50 38.54 -5.95
CA GLY C 115 27.12 39.02 -4.63
C GLY C 115 25.63 38.98 -4.32
N ALA C 116 24.81 38.29 -5.11
CA ALA C 116 23.39 38.19 -4.82
C ALA C 116 23.14 37.28 -3.61
N ASN C 117 22.11 37.62 -2.84
CA ASN C 117 21.83 36.91 -1.59
C ASN C 117 21.35 35.49 -1.85
N GLN C 118 21.87 34.55 -1.07
CA GLN C 118 21.45 33.16 -1.12
C GLN C 118 21.73 32.52 -2.50
N ALA C 119 22.79 32.99 -3.17
CA ALA C 119 23.19 32.51 -4.50
C ALA C 119 24.61 31.98 -4.42
N ILE C 120 24.79 30.69 -4.73
CA ILE C 120 26.08 30.02 -4.69
C ILE C 120 26.21 29.18 -5.96
N ARG C 121 27.44 28.73 -6.22
CA ARG C 121 27.74 27.87 -7.37
C ARG C 121 27.31 26.45 -7.03
N GLN C 122 26.19 26.03 -7.61
CA GLN C 122 25.55 24.79 -7.23
C GLN C 122 25.84 23.63 -8.18
N PRO C 123 25.98 23.85 -9.50
CA PRO C 123 26.34 22.73 -10.38
C PRO C 123 27.66 22.09 -9.96
N GLY C 124 27.66 20.77 -9.85
CA GLY C 124 28.87 20.06 -9.50
C GLY C 124 29.27 20.12 -8.05
N MET C 125 28.46 20.72 -7.17
CA MET C 125 28.85 20.91 -5.78
C MET C 125 28.88 19.62 -4.98
N PHE C 126 28.27 18.53 -5.48
CA PHE C 126 28.37 17.24 -4.83
C PHE C 126 29.47 16.36 -5.44
N ALA C 127 30.31 16.94 -6.30
CA ALA C 127 31.49 16.26 -6.83
C ALA C 127 31.06 14.91 -7.42
N SER C 128 31.71 13.81 -7.07
CA SER C 128 31.46 12.52 -7.67
C SER C 128 30.44 11.68 -6.90
N HIS C 129 29.83 12.22 -5.89
CA HIS C 129 28.98 11.42 -5.03
C HIS C 129 27.59 11.11 -5.64
N PRO C 130 26.98 11.98 -6.43
CA PRO C 130 25.78 11.54 -7.16
C PRO C 130 26.15 10.51 -8.23
N THR C 131 25.26 9.54 -8.45
CA THR C 131 25.45 8.64 -9.60
C THR C 131 25.25 9.40 -10.91
N HIS C 132 24.25 10.27 -10.97
CA HIS C 132 24.02 11.15 -12.11
C HIS C 132 23.82 12.58 -11.62
N SER C 133 24.34 13.54 -12.37
CA SER C 133 24.20 14.97 -12.08
C SER C 133 23.64 15.71 -13.30
N ILE C 134 22.60 16.52 -13.06
CA ILE C 134 21.92 17.31 -14.08
C ILE C 134 21.91 18.78 -13.66
N SER C 135 22.52 19.63 -14.49
CA SER C 135 22.42 21.07 -14.31
C SER C 135 21.42 21.55 -15.38
N LEU C 136 20.15 21.71 -14.99
CA LEU C 136 19.16 22.14 -15.97
C LEU C 136 19.48 23.56 -16.41
N PRO C 137 19.16 23.91 -17.66
CA PRO C 137 19.41 25.29 -18.13
C PRO C 137 18.34 26.23 -17.61
N ARG C 138 18.57 27.51 -17.86
CA ARG C 138 17.60 28.53 -17.57
C ARG C 138 16.29 28.21 -18.31
N PRO C 139 15.16 28.15 -17.63
CA PRO C 139 13.91 27.78 -18.32
C PRO C 139 13.59 28.72 -19.47
N THR C 140 13.20 28.12 -20.59
CA THR C 140 12.79 28.86 -21.76
C THR C 140 11.94 27.95 -22.62
N GLN C 141 11.00 28.54 -23.33
CA GLN C 141 10.21 27.78 -24.30
C GLN C 141 11.01 27.38 -25.52
N ASP C 142 12.19 27.97 -25.73
CA ASP C 142 12.95 27.57 -26.90
C ASP C 142 13.55 26.19 -26.76
N ILE C 143 13.47 25.60 -25.57
CA ILE C 143 13.85 24.20 -25.36
C ILE C 143 12.57 23.39 -25.23
N PRO C 144 12.33 22.40 -26.07
CA PRO C 144 11.05 21.70 -26.05
C PRO C 144 10.92 20.88 -24.77
N ALA C 145 9.67 20.68 -24.35
CA ALA C 145 9.41 19.89 -23.14
C ALA C 145 9.91 18.45 -23.30
N ARG C 146 9.94 17.94 -24.53
CA ARG C 146 10.42 16.57 -24.71
C ARG C 146 11.90 16.43 -24.38
N TRP C 147 12.66 17.52 -24.49
CA TRP C 147 14.05 17.46 -24.06
C TRP C 147 14.14 17.29 -22.55
N LEU C 148 13.38 18.11 -21.82
CA LEU C 148 13.41 18.10 -20.37
C LEU C 148 12.97 16.74 -19.83
N VAL C 149 11.84 16.23 -20.32
CA VAL C 149 11.38 14.95 -19.85
C VAL C 149 12.35 13.85 -20.28
N SER C 150 12.97 13.98 -21.45
CA SER C 150 13.95 12.97 -21.88
C SER C 150 15.17 12.98 -20.96
N THR C 151 15.61 14.16 -20.53
CA THR C 151 16.76 14.22 -19.64
C THR C 151 16.45 13.58 -18.29
N ILE C 152 15.29 13.89 -17.71
CA ILE C 152 14.95 13.24 -16.45
C ILE C 152 14.75 11.73 -16.64
N ASP C 153 14.11 11.34 -17.76
CA ASP C 153 13.87 9.92 -17.99
C ASP C 153 15.17 9.17 -18.17
N HIS C 154 16.14 9.79 -18.82
CA HIS C 154 17.45 9.17 -18.90
C HIS C 154 18.06 9.01 -17.52
N ALA C 155 17.97 10.06 -16.68
CA ALA C 155 18.57 10.00 -15.35
C ALA C 155 17.93 8.91 -14.48
N LEU C 156 16.60 8.82 -14.46
CA LEU C 156 15.92 7.89 -13.58
C LEU C 156 15.94 6.45 -14.11
N GLY C 157 15.90 6.29 -15.43
CA GLY C 157 15.84 4.96 -16.01
C GLY C 157 17.14 4.18 -15.90
N THR C 158 18.26 4.87 -16.03
CA THR C 158 19.57 4.21 -15.96
C THR C 158 20.14 4.19 -14.56
N LEU C 159 19.36 4.58 -13.55
CA LEU C 159 19.84 4.69 -12.18
C LEU C 159 19.84 3.29 -11.56
N HIS C 160 21.00 2.65 -11.50
CA HIS C 160 21.10 1.34 -10.84
C HIS C 160 20.96 1.49 -9.33
N ALA C 161 21.50 2.57 -8.76
CA ALA C 161 21.52 2.81 -7.33
C ALA C 161 22.09 4.19 -7.09
N GLY C 162 21.80 4.75 -5.91
CA GLY C 162 22.42 6.01 -5.52
C GLY C 162 21.60 7.22 -5.89
N GLY C 163 22.19 8.40 -5.62
CA GLY C 163 21.48 9.65 -5.77
C GLY C 163 21.62 10.28 -7.13
N VAL C 164 20.67 11.15 -7.45
CA VAL C 164 20.69 11.97 -8.65
C VAL C 164 20.58 13.41 -8.20
N HIS C 165 21.51 14.25 -8.66
CA HIS C 165 21.45 15.68 -8.38
C HIS C 165 20.85 16.41 -9.59
N ILE C 166 19.69 17.03 -9.40
CA ILE C 166 19.02 17.81 -10.43
C ILE C 166 18.97 19.26 -9.97
N ASN C 167 19.86 20.08 -10.52
CA ASN C 167 19.91 21.50 -10.19
C ASN C 167 18.93 22.24 -11.10
N CYS C 168 18.04 23.03 -10.50
CA CYS C 168 16.89 23.64 -11.17
C CYS C 168 16.86 25.14 -10.96
N PRO C 169 17.52 25.91 -11.84
CA PRO C 169 17.45 27.37 -11.75
C PRO C 169 16.08 27.93 -12.14
N PHE C 170 15.67 28.98 -11.43
CA PHE C 170 14.43 29.70 -11.71
C PHE C 170 14.65 31.19 -11.55
N ALA C 171 14.23 31.97 -12.55
CA ALA C 171 14.31 33.41 -12.46
C ALA C 171 13.02 33.97 -11.90
N GLU C 172 13.13 35.04 -11.15
CA GLU C 172 11.96 35.73 -10.66
C GLU C 172 11.31 36.49 -11.84
N PRO C 173 10.01 36.82 -11.75
CA PRO C 173 9.09 36.60 -10.64
C PRO C 173 8.75 35.13 -10.43
N LEU C 174 8.61 34.75 -9.16
CA LEU C 174 8.21 33.41 -8.77
C LEU C 174 6.74 33.29 -8.46
N TYR C 175 6.09 34.38 -8.12
CA TYR C 175 4.71 34.37 -7.67
C TYR C 175 3.89 35.16 -8.69
N GLY C 176 2.60 34.91 -8.66
CA GLY C 176 1.69 35.46 -9.65
C GLY C 176 0.71 34.37 -10.02
N GLU C 177 -0.39 34.79 -10.65
CA GLU C 177 -1.44 33.89 -11.14
C GLU C 177 -0.93 33.07 -12.33
N MET C 178 -1.42 31.84 -12.43
CA MET C 178 -1.16 31.00 -13.60
C MET C 178 -1.91 31.61 -14.80
N ASP C 179 -1.21 31.85 -15.89
CA ASP C 179 -1.91 32.19 -17.15
C ASP C 179 -1.61 31.04 -18.07
N ASP C 180 -1.74 31.24 -19.38
CA ASP C 180 -1.52 30.17 -20.35
C ASP C 180 -0.09 30.11 -20.87
N THR C 181 0.82 30.87 -20.27
CA THR C 181 2.21 30.79 -20.67
C THR C 181 2.73 29.37 -20.43
N GLY C 182 3.21 28.74 -21.51
CA GLY C 182 3.73 27.40 -21.45
C GLY C 182 2.71 26.29 -21.59
N LEU C 183 1.44 26.61 -21.76
CA LEU C 183 0.44 25.56 -21.88
C LEU C 183 0.61 24.80 -23.18
N SER C 184 0.74 25.51 -24.31
CA SER C 184 0.96 24.83 -25.59
C SER C 184 2.31 24.12 -25.60
N TRP C 185 3.32 24.74 -24.99
CA TRP C 185 4.62 24.10 -24.80
C TRP C 185 4.49 22.76 -24.11
N GLN C 186 3.73 22.72 -23.00
CA GLN C 186 3.43 21.46 -22.33
C GLN C 186 2.65 20.51 -23.23
N GLN C 187 1.68 21.02 -23.98
CA GLN C 187 0.81 20.20 -24.82
C GLN C 187 1.57 19.57 -25.98
N ARG C 188 2.79 20.03 -26.27
CA ARG C 188 3.60 19.34 -27.28
C ARG C 188 3.93 17.91 -26.86
N LEU C 189 3.73 17.55 -25.59
CA LEU C 189 3.93 16.16 -25.16
C LEU C 189 2.69 15.29 -25.39
N GLY C 190 1.57 15.86 -25.84
CA GLY C 190 0.43 15.04 -26.24
C GLY C 190 -0.15 14.26 -25.08
N ASP C 191 -0.60 13.03 -25.35
CA ASP C 191 -1.25 12.26 -24.29
C ASP C 191 -0.24 11.58 -23.37
N TRP C 192 1.02 11.97 -23.42
CA TRP C 192 1.94 11.58 -22.36
C TRP C 192 1.41 12.00 -21.00
N TRP C 193 0.70 13.14 -20.94
CA TRP C 193 0.19 13.64 -19.66
C TRP C 193 -0.77 12.67 -18.99
N GLN C 194 -1.45 11.83 -19.78
CA GLN C 194 -2.37 10.84 -19.24
C GLN C 194 -1.76 9.45 -19.22
N ASP C 195 -0.47 9.32 -19.51
CA ASP C 195 0.16 8.02 -19.59
C ASP C 195 0.76 7.65 -18.22
N ASP C 196 1.16 6.39 -18.09
CA ASP C 196 1.77 5.90 -16.86
C ASP C 196 3.20 5.47 -17.10
N LYS C 197 3.74 5.71 -18.29
CA LYS C 197 5.08 5.30 -18.66
C LYS C 197 5.98 6.52 -18.81
N PRO C 198 7.29 6.33 -18.80
CA PRO C 198 8.20 7.44 -19.14
C PRO C 198 8.02 7.87 -20.58
N TRP C 199 8.39 9.13 -20.85
CA TRP C 199 8.47 9.56 -22.24
C TRP C 199 9.54 8.74 -22.98
N LEU C 200 10.71 8.56 -22.36
CA LEU C 200 11.75 7.76 -22.94
C LEU C 200 12.02 6.58 -22.01
N ARG C 201 11.80 5.37 -22.50
CA ARG C 201 12.08 4.18 -21.70
C ARG C 201 13.48 3.72 -22.01
N GLU C 202 14.37 3.92 -21.03
CA GLU C 202 15.77 3.49 -21.10
C GLU C 202 16.05 2.86 -19.76
N ALA C 203 16.02 1.54 -19.69
CA ALA C 203 16.12 0.83 -18.41
C ALA C 203 17.00 -0.40 -18.56
N PRO C 204 18.28 -0.21 -18.94
CA PRO C 204 19.18 -1.36 -19.03
C PRO C 204 19.50 -1.91 -17.64
N ARG C 205 19.55 -3.23 -17.54
CA ARG C 205 19.89 -3.90 -16.29
C ARG C 205 21.37 -4.21 -16.23
N LEU C 206 21.93 -4.06 -15.04
CA LEU C 206 23.32 -4.36 -14.78
C LEU C 206 23.40 -5.62 -13.92
N GLU C 207 24.04 -6.67 -14.46
CA GLU C 207 24.07 -7.93 -13.76
C GLU C 207 25.23 -8.79 -14.28
N SER C 208 25.89 -9.48 -13.36
CA SER C 208 26.94 -10.42 -13.74
C SER C 208 26.28 -11.69 -14.25
N GLU C 209 26.96 -12.39 -15.16
CA GLU C 209 26.39 -13.67 -15.57
C GLU C 209 26.65 -14.72 -14.50
N LYS C 210 25.86 -15.80 -14.58
CA LYS C 210 26.02 -16.93 -13.68
C LYS C 210 27.40 -17.57 -13.85
N GLN C 211 27.97 -18.04 -12.74
CA GLN C 211 29.29 -18.67 -12.73
C GLN C 211 29.14 -20.13 -13.11
N ARG C 212 29.63 -20.49 -14.29
CA ARG C 212 29.44 -21.83 -14.79
C ARG C 212 30.32 -22.87 -14.09
N ASP C 213 31.35 -22.46 -13.36
CA ASP C 213 32.14 -23.40 -12.55
C ASP C 213 31.65 -23.49 -11.11
N TRP C 214 30.42 -23.02 -10.83
CA TRP C 214 29.90 -23.06 -9.48
C TRP C 214 29.71 -24.50 -9.01
N PHE C 215 29.28 -25.38 -9.91
CA PHE C 215 29.07 -26.77 -9.53
C PHE C 215 30.38 -27.48 -9.23
N PHE C 216 31.51 -26.96 -9.72
CA PHE C 216 32.82 -27.42 -9.26
C PHE C 216 33.13 -26.89 -7.86
N TRP C 217 32.92 -25.58 -7.63
CA TRP C 217 33.38 -24.97 -6.38
C TRP C 217 32.52 -25.35 -5.19
N ARG C 218 31.25 -25.70 -5.41
CA ARG C 218 30.41 -26.07 -4.28
C ARG C 218 30.81 -27.41 -3.65
N GLN C 219 31.68 -28.18 -4.29
CA GLN C 219 32.11 -29.43 -3.68
C GLN C 219 33.24 -29.23 -2.70
N LYS C 220 33.84 -28.04 -2.69
CA LYS C 220 34.99 -27.75 -1.86
C LYS C 220 34.56 -27.26 -0.48
N ARG C 221 35.55 -27.12 0.40
CA ARG C 221 35.33 -26.59 1.74
C ARG C 221 35.16 -25.08 1.61
N GLY C 222 33.92 -24.61 1.73
CA GLY C 222 33.63 -23.20 1.63
C GLY C 222 33.17 -22.58 2.93
N VAL C 223 33.25 -21.26 3.02
CA VAL C 223 32.67 -20.49 4.11
C VAL C 223 31.68 -19.51 3.51
N VAL C 224 30.54 -19.32 4.17
CA VAL C 224 29.55 -18.34 3.73
C VAL C 224 29.59 -17.18 4.72
N VAL C 225 29.79 -15.97 4.19
CA VAL C 225 29.78 -14.74 4.98
C VAL C 225 28.55 -13.95 4.54
N ALA C 226 27.71 -13.58 5.50
CA ALA C 226 26.47 -12.85 5.23
C ALA C 226 26.60 -11.44 5.80
N GLY C 227 26.62 -10.45 4.91
CA GLY C 227 26.58 -9.04 5.27
C GLY C 227 25.19 -8.46 5.21
N ARG C 228 25.10 -7.16 4.92
CA ARG C 228 23.80 -6.49 4.84
C ARG C 228 22.99 -6.97 3.64
N MET C 229 21.73 -7.32 3.88
CA MET C 229 20.82 -7.80 2.85
C MET C 229 19.41 -7.67 3.40
N SER C 230 18.42 -7.99 2.57
CA SER C 230 17.03 -7.95 3.03
C SER C 230 16.75 -9.16 3.91
N ALA C 231 15.62 -9.10 4.63
CA ALA C 231 15.28 -10.15 5.58
C ALA C 231 15.02 -11.49 4.87
N GLU C 232 14.33 -11.45 3.72
CA GLU C 232 14.02 -12.68 3.01
C GLU C 232 15.29 -13.31 2.45
N GLU C 233 16.18 -12.46 1.91
CA GLU C 233 17.50 -12.92 1.49
C GLU C 233 18.24 -13.55 2.64
N GLY C 234 18.10 -12.99 3.86
CA GLY C 234 18.75 -13.58 5.02
C GLY C 234 18.29 -15.00 5.29
N LYS C 235 16.97 -15.22 5.24
CA LYS C 235 16.47 -16.59 5.44
C LYS C 235 16.97 -17.52 4.33
N LYS C 236 16.93 -17.06 3.07
CA LYS C 236 17.35 -17.91 1.97
C LYS C 236 18.83 -18.25 2.06
N VAL C 237 19.66 -17.29 2.48
CA VAL C 237 21.08 -17.53 2.65
C VAL C 237 21.33 -18.54 3.77
N ALA C 238 20.60 -18.42 4.89
CA ALA C 238 20.78 -19.41 5.96
C ALA C 238 20.44 -20.83 5.48
N LEU C 239 19.32 -20.97 4.77
CA LEU C 239 18.98 -22.30 4.28
C LEU C 239 20.01 -22.81 3.28
N TRP C 240 20.50 -21.94 2.40
CA TRP C 240 21.49 -22.34 1.40
C TRP C 240 22.80 -22.79 2.05
N ALA C 241 23.32 -22.01 2.99
CA ALA C 241 24.57 -22.38 3.64
C ALA C 241 24.40 -23.67 4.41
N GLN C 242 23.24 -23.87 5.05
CA GLN C 242 23.02 -25.11 5.77
C GLN C 242 23.03 -26.31 4.82
N THR C 243 22.38 -26.17 3.66
CA THR C 243 22.38 -27.24 2.66
C THR C 243 23.79 -27.53 2.14
N LEU C 244 24.59 -26.47 1.91
CA LEU C 244 25.96 -26.72 1.45
C LEU C 244 26.82 -27.41 2.50
N GLY C 245 26.44 -27.38 3.77
CA GLY C 245 27.32 -27.86 4.81
C GLY C 245 28.47 -26.92 5.12
N TRP C 246 28.34 -25.65 4.71
CA TRP C 246 29.35 -24.64 4.96
C TRP C 246 28.97 -23.81 6.17
N PRO C 247 29.97 -23.44 6.97
CA PRO C 247 29.71 -22.55 8.11
C PRO C 247 29.26 -21.17 7.63
N LEU C 248 28.25 -20.62 8.31
CA LEU C 248 27.68 -19.30 8.03
C LEU C 248 28.12 -18.32 9.12
N ILE C 249 28.91 -17.33 8.75
CA ILE C 249 29.24 -16.20 9.61
C ILE C 249 28.24 -15.09 9.27
N GLY C 250 27.32 -14.83 10.19
CA GLY C 250 26.21 -13.94 9.88
C GLY C 250 26.27 -12.60 10.56
N ASP C 251 26.23 -11.52 9.79
CA ASP C 251 26.30 -10.18 10.36
C ASP C 251 24.99 -9.85 11.05
N VAL C 252 25.05 -8.91 12.00
CA VAL C 252 23.83 -8.38 12.61
C VAL C 252 22.88 -7.80 11.56
N LEU C 253 23.40 -7.36 10.42
CA LEU C 253 22.55 -6.82 9.37
C LEU C 253 22.02 -7.87 8.39
N SER C 254 22.39 -9.12 8.57
CA SER C 254 22.06 -10.13 7.57
C SER C 254 20.72 -10.83 7.80
N GLN C 255 20.14 -10.75 8.97
CA GLN C 255 18.86 -11.35 9.26
C GLN C 255 18.89 -12.84 8.89
N THR C 256 20.03 -13.44 9.02
CA THR C 256 20.14 -14.87 8.72
C THR C 256 19.75 -15.76 9.89
N GLY C 257 19.55 -15.20 11.09
CA GLY C 257 19.39 -15.99 12.30
C GLY C 257 20.69 -16.29 13.03
N GLN C 258 21.82 -15.97 12.41
CA GLN C 258 23.16 -16.16 12.95
C GLN C 258 23.28 -17.53 13.61
N PRO C 259 23.25 -18.62 12.84
CA PRO C 259 23.36 -19.96 13.47
C PRO C 259 24.65 -20.20 14.21
N LEU C 260 25.72 -19.47 13.92
CA LEU C 260 26.94 -19.56 14.73
C LEU C 260 27.12 -18.22 15.42
N PRO C 261 26.32 -17.92 16.44
CA PRO C 261 26.27 -16.55 16.97
C PRO C 261 27.55 -16.19 17.71
N CYS C 262 27.66 -14.90 18.03
CA CYS C 262 28.81 -14.35 18.75
C CYS C 262 30.11 -14.54 17.97
N ALA C 263 30.03 -14.43 16.65
CA ALA C 263 31.20 -14.58 15.81
C ALA C 263 32.29 -13.57 16.16
N ASP C 264 31.92 -12.34 16.53
CA ASP C 264 32.95 -11.38 16.92
C ASP C 264 33.73 -11.86 18.13
N LEU C 265 33.18 -12.81 18.90
CA LEU C 265 33.95 -13.41 19.98
C LEU C 265 34.72 -14.65 19.51
N TRP C 266 34.04 -15.64 18.92
CA TRP C 266 34.73 -16.89 18.68
C TRP C 266 35.71 -16.81 17.52
N LEU C 267 35.58 -15.80 16.65
CA LEU C 267 36.59 -15.59 15.62
C LEU C 267 37.92 -15.15 16.21
N GLY C 268 37.94 -14.73 17.48
CA GLY C 268 39.16 -14.44 18.20
C GLY C 268 39.87 -15.64 18.81
N ASN C 269 39.28 -16.83 18.71
CA ASN C 269 39.88 -18.05 19.25
C ASN C 269 40.70 -18.75 18.16
N ALA C 270 41.93 -19.13 18.51
CA ALA C 270 42.84 -19.69 17.51
C ALA C 270 42.30 -21.01 16.92
N LYS C 271 41.51 -21.78 17.67
CA LYS C 271 40.99 -23.02 17.10
C LYS C 271 40.05 -22.73 15.93
N ALA C 272 39.25 -21.65 16.05
CA ALA C 272 38.32 -21.28 14.99
C ALA C 272 39.06 -20.86 13.73
N THR C 273 40.04 -19.96 13.87
CA THR C 273 40.77 -19.50 12.69
C THR C 273 41.59 -20.63 12.07
N SER C 274 42.14 -21.50 12.90
CA SER C 274 42.85 -22.65 12.37
C SER C 274 41.92 -23.54 11.57
N GLU C 275 40.68 -23.75 12.06
CA GLU C 275 39.75 -24.54 11.29
C GLU C 275 39.36 -23.83 9.98
N LEU C 276 39.18 -22.51 10.04
CA LEU C 276 38.81 -21.75 8.85
C LEU C 276 39.93 -21.72 7.84
N GLN C 277 41.17 -21.99 8.25
CA GLN C 277 42.26 -22.02 7.28
C GLN C 277 42.10 -23.14 6.26
N GLN C 278 41.20 -24.10 6.51
CA GLN C 278 40.88 -25.16 5.56
C GLN C 278 39.96 -24.70 4.43
N ALA C 279 39.34 -23.54 4.55
CA ALA C 279 38.45 -23.08 3.50
C ALA C 279 39.21 -22.73 2.22
N GLN C 280 38.81 -23.29 1.12
CA GLN C 280 39.36 -22.99 -0.17
C GLN C 280 38.58 -21.89 -0.92
N ILE C 281 37.33 -21.72 -0.59
CA ILE C 281 36.53 -20.68 -1.22
C ILE C 281 35.73 -20.01 -0.12
N VAL C 282 35.57 -18.70 -0.23
CA VAL C 282 34.66 -17.93 0.63
C VAL C 282 33.67 -17.23 -0.29
N VAL C 283 32.39 -17.45 -0.04
CA VAL C 283 31.32 -16.76 -0.76
C VAL C 283 30.67 -15.81 0.23
N GLN C 284 30.85 -14.51 0.00
CA GLN C 284 30.24 -13.48 0.82
C GLN C 284 29.04 -12.90 0.10
N LEU C 285 27.91 -12.84 0.78
CA LEU C 285 26.72 -12.22 0.23
C LEU C 285 26.40 -11.01 1.09
N GLY C 286 26.21 -9.86 0.43
CA GLY C 286 26.12 -8.59 1.14
C GLY C 286 27.50 -8.02 1.48
N SER C 287 27.48 -6.85 2.11
CA SER C 287 28.73 -6.17 2.46
C SER C 287 28.49 -5.29 3.68
N SER C 288 29.42 -4.38 3.94
CA SER C 288 29.47 -3.55 5.14
C SER C 288 29.51 -4.39 6.41
N LEU C 289 30.45 -5.32 6.45
CA LEU C 289 30.58 -6.19 7.62
C LEU C 289 30.86 -5.39 8.88
N THR C 290 30.22 -5.79 9.97
CA THR C 290 30.23 -4.99 11.19
C THR C 290 31.44 -5.25 12.09
N GLY C 291 31.68 -6.52 12.45
CA GLY C 291 32.55 -6.83 13.58
C GLY C 291 34.04 -6.74 13.25
N LYS C 292 34.80 -6.29 14.24
CA LYS C 292 36.25 -6.13 14.03
C LYS C 292 36.94 -7.46 13.83
N ARG C 293 36.57 -8.49 14.59
CA ARG C 293 37.24 -9.77 14.43
C ARG C 293 36.94 -10.39 13.07
N LEU C 294 35.70 -10.21 12.57
CA LEU C 294 35.36 -10.69 11.24
C LEU C 294 36.14 -9.96 10.17
N LEU C 295 36.29 -8.63 10.31
CA LEU C 295 37.10 -7.90 9.35
C LEU C 295 38.57 -8.31 9.42
N GLN C 296 39.08 -8.60 10.60
CA GLN C 296 40.46 -9.09 10.71
C GLN C 296 40.61 -10.47 10.08
N TRP C 297 39.62 -11.34 10.29
CA TRP C 297 39.69 -12.67 9.68
C TRP C 297 39.59 -12.56 8.16
N GLN C 298 38.66 -11.75 7.66
CA GLN C 298 38.60 -11.49 6.23
C GLN C 298 39.94 -10.97 5.71
N ALA C 299 40.57 -10.06 6.43
CA ALA C 299 41.87 -9.55 5.99
C ALA C 299 42.96 -10.62 5.99
N SER C 300 42.90 -11.59 6.92
CA SER C 300 43.97 -12.55 7.05
C SER C 300 43.77 -13.82 6.23
N CYS C 301 42.53 -14.18 5.93
CA CYS C 301 42.27 -15.46 5.27
C CYS C 301 42.72 -15.44 3.82
N GLU C 302 43.20 -16.57 3.38
CA GLU C 302 43.67 -16.74 2.05
C GLU C 302 43.13 -17.96 1.32
N PRO C 303 41.83 -17.97 1.07
CA PRO C 303 41.26 -19.04 0.25
C PRO C 303 41.75 -18.88 -1.18
N GLU C 304 41.63 -19.98 -1.94
CA GLU C 304 41.95 -19.93 -3.36
C GLU C 304 41.13 -18.84 -4.05
N GLU C 305 39.85 -18.72 -3.71
CA GLU C 305 39.00 -17.69 -4.29
C GLU C 305 38.11 -17.05 -3.23
N TYR C 306 37.86 -15.75 -3.39
CA TYR C 306 36.96 -14.98 -2.54
C TYR C 306 35.92 -14.29 -3.41
N TRP C 307 34.64 -14.61 -3.21
CA TRP C 307 33.56 -14.02 -3.98
C TRP C 307 32.73 -13.07 -3.12
N ILE C 308 32.30 -11.95 -3.68
CA ILE C 308 31.32 -11.08 -3.01
C ILE C 308 30.11 -10.88 -3.93
N VAL C 309 28.95 -11.37 -3.51
CA VAL C 309 27.69 -11.20 -4.24
C VAL C 309 26.91 -10.08 -3.59
N ASP C 310 26.51 -9.09 -4.40
CA ASP C 310 25.73 -7.96 -3.90
C ASP C 310 25.15 -7.22 -5.10
N ASP C 311 24.12 -6.41 -4.86
CA ASP C 311 23.54 -5.67 -5.98
C ASP C 311 24.09 -4.28 -6.09
N ILE C 312 25.14 -4.00 -5.33
CA ILE C 312 25.82 -2.72 -5.32
C ILE C 312 27.07 -2.88 -6.17
N GLU C 313 27.46 -1.80 -6.87
CA GLU C 313 28.60 -1.88 -7.78
C GLU C 313 29.94 -1.66 -7.06
N GLY C 314 31.01 -2.00 -7.76
CA GLY C 314 32.35 -1.70 -7.32
C GLY C 314 32.93 -2.76 -6.40
N ARG C 315 34.20 -2.58 -6.07
CA ARG C 315 34.87 -3.46 -5.13
C ARG C 315 34.27 -3.32 -3.73
N LEU C 316 34.08 -4.46 -3.08
CA LEU C 316 33.51 -4.48 -1.74
C LEU C 316 34.40 -5.25 -0.77
N ASP C 317 35.56 -5.70 -1.21
CA ASP C 317 36.48 -6.43 -0.37
C ASP C 317 37.62 -5.49 -0.01
N PRO C 318 37.66 -4.97 1.22
CA PRO C 318 38.77 -4.08 1.61
C PRO C 318 40.12 -4.78 1.79
N ALA C 319 40.21 -6.10 1.63
CA ALA C 319 41.48 -6.80 1.66
C ALA C 319 41.96 -7.22 0.26
N HIS C 320 41.18 -6.94 -0.79
CA HIS C 320 41.63 -7.11 -2.18
C HIS C 320 42.01 -8.57 -2.50
N HIS C 321 41.17 -9.51 -2.07
CA HIS C 321 41.41 -10.92 -2.37
C HIS C 321 41.32 -11.19 -3.86
N ARG C 322 42.10 -12.17 -4.30
CA ARG C 322 41.90 -12.78 -5.60
C ARG C 322 40.53 -13.45 -5.60
N GLY C 323 39.72 -13.15 -6.59
CA GLY C 323 38.41 -13.77 -6.64
C GLY C 323 37.43 -13.07 -7.54
N ARG C 324 36.17 -12.98 -7.13
CA ARG C 324 35.11 -12.48 -8.01
C ARG C 324 34.24 -11.48 -7.27
N ARG C 325 33.74 -10.50 -8.03
CA ARG C 325 32.88 -9.43 -7.55
C ARG C 325 31.62 -9.50 -8.42
N LEU C 326 30.55 -10.06 -7.87
CA LEU C 326 29.38 -10.47 -8.64
C LEU C 326 28.19 -9.55 -8.32
N ILE C 327 27.71 -8.87 -9.35
CA ILE C 327 26.65 -7.88 -9.20
C ILE C 327 25.34 -8.58 -9.50
N ALA C 328 24.46 -8.66 -8.49
CA ALA C 328 23.23 -9.42 -8.62
C ALA C 328 22.32 -9.14 -7.43
N ASN C 329 21.05 -9.36 -7.62
CA ASN C 329 20.10 -9.44 -6.53
C ASN C 329 20.48 -10.80 -5.87
N ILE C 330 20.58 -10.83 -4.56
CA ILE C 330 21.14 -11.98 -3.85
C ILE C 330 20.23 -13.21 -4.00
N ALA C 331 18.91 -13.00 -3.90
CA ALA C 331 17.98 -14.12 -4.02
C ALA C 331 18.04 -14.76 -5.40
N ASP C 332 18.01 -13.93 -6.44
CA ASP C 332 18.19 -14.41 -7.80
C ASP C 332 19.51 -15.15 -7.98
N TRP C 333 20.59 -14.62 -7.39
CA TRP C 333 21.89 -15.26 -7.54
C TRP C 333 21.88 -16.65 -6.89
N LEU C 334 21.19 -16.79 -5.74
CA LEU C 334 21.09 -18.08 -5.08
C LEU C 334 20.31 -19.09 -5.90
N GLU C 335 19.28 -18.64 -6.61
CA GLU C 335 18.57 -19.56 -7.52
C GLU C 335 19.46 -19.95 -8.68
N LEU C 336 20.29 -19.02 -9.14
CA LEU C 336 21.19 -19.31 -10.24
C LEU C 336 22.37 -20.18 -9.80
N HIS C 337 22.70 -20.17 -8.51
CA HIS C 337 23.81 -20.97 -8.00
C HIS C 337 23.33 -21.78 -6.81
N PRO C 338 22.48 -22.79 -7.05
CA PRO C 338 21.84 -23.49 -5.94
C PRO C 338 22.78 -24.42 -5.17
N ALA C 339 22.37 -24.73 -3.96
CA ALA C 339 23.08 -25.66 -3.10
C ALA C 339 22.65 -27.10 -3.36
N GLU C 340 23.50 -28.03 -2.97
CA GLU C 340 23.15 -29.45 -2.97
C GLU C 340 23.64 -30.07 -1.68
N LYS C 341 22.82 -30.97 -1.11
CA LYS C 341 23.09 -31.49 0.22
C LYS C 341 24.48 -32.07 0.31
N ARG C 342 25.29 -31.55 1.24
CA ARG C 342 26.62 -32.07 1.49
C ARG C 342 26.89 -32.07 2.99
N GLN C 343 27.70 -33.02 3.45
CA GLN C 343 27.96 -33.15 4.88
C GLN C 343 28.79 -31.96 5.39
N PRO C 344 28.43 -31.38 6.54
CA PRO C 344 29.23 -30.28 7.08
C PRO C 344 30.66 -30.69 7.36
N TRP C 345 31.58 -29.78 7.09
CA TRP C 345 33.00 -30.06 7.29
C TRP C 345 33.58 -29.42 8.55
N CYS C 346 32.87 -28.48 9.17
CA CYS C 346 33.32 -27.83 10.41
C CYS C 346 32.91 -28.64 11.64
N VAL C 347 33.86 -28.85 12.54
CA VAL C 347 33.64 -29.64 13.75
C VAL C 347 33.85 -28.82 15.02
N GLU C 348 34.87 -27.96 15.05
CA GLU C 348 35.16 -27.19 16.25
C GLU C 348 34.34 -25.90 16.37
N ILE C 349 33.99 -25.27 15.25
CA ILE C 349 33.39 -23.94 15.33
C ILE C 349 31.99 -23.96 15.93
N PRO C 350 31.11 -24.91 15.60
CA PRO C 350 29.80 -24.91 16.30
C PRO C 350 29.93 -24.99 17.81
N ARG C 351 30.81 -25.85 18.31
CA ARG C 351 31.01 -25.95 19.75
C ARG C 351 31.52 -24.63 20.34
N LEU C 352 32.50 -24.02 19.67
CA LEU C 352 33.03 -22.72 20.13
C LEU C 352 31.95 -21.64 20.15
N ALA C 353 31.08 -21.61 19.13
CA ALA C 353 30.03 -20.59 19.09
C ALA C 353 29.01 -20.79 20.22
N GLU C 354 28.62 -22.05 20.47
CA GLU C 354 27.72 -22.34 21.58
C GLU C 354 28.36 -21.91 22.91
N GLN C 355 29.65 -22.19 23.09
CA GLN C 355 30.34 -21.80 24.32
C GLN C 355 30.45 -20.30 24.47
N ALA C 356 30.65 -19.59 23.35
CA ALA C 356 30.70 -18.13 23.41
C ALA C 356 29.35 -17.55 23.83
N MET C 357 28.28 -18.03 23.19
CA MET C 357 26.95 -17.56 23.60
C MET C 357 26.68 -17.85 25.07
N GLN C 358 27.05 -19.05 25.57
CA GLN C 358 26.87 -19.34 26.99
C GLN C 358 27.67 -18.39 27.88
N ALA C 359 28.90 -18.05 27.46
CA ALA C 359 29.69 -17.10 28.21
C ALA C 359 29.01 -15.75 28.29
N VAL C 360 28.33 -15.34 27.22
CA VAL C 360 27.60 -14.06 27.28
C VAL C 360 26.37 -14.17 28.16
N ILE C 361 25.63 -15.27 28.05
CA ILE C 361 24.43 -15.46 28.84
C ILE C 361 24.75 -15.42 30.32
N ALA C 362 25.92 -15.96 30.71
CA ALA C 362 26.32 -15.95 32.11
C ALA C 362 26.45 -14.54 32.67
N ARG C 363 26.56 -13.52 31.82
CA ARG C 363 26.73 -12.14 32.25
C ARG C 363 25.54 -11.26 31.91
N ARG C 364 24.35 -11.86 31.76
CA ARG C 364 23.17 -11.14 31.27
C ARG C 364 22.51 -10.26 32.32
N ASP C 365 22.92 -10.34 33.58
CA ASP C 365 22.10 -9.76 34.64
C ASP C 365 22.36 -8.27 34.87
N ALA C 366 23.60 -7.81 34.71
CA ALA C 366 23.92 -6.41 35.00
C ALA C 366 23.11 -5.49 34.10
N PHE C 367 22.66 -4.36 34.64
CA PHE C 367 21.81 -3.43 33.91
C PHE C 367 22.66 -2.43 33.13
N GLY C 368 23.33 -2.93 32.08
CA GLY C 368 24.21 -2.12 31.25
C GLY C 368 23.91 -2.31 29.77
N GLU C 369 24.65 -1.56 28.95
CA GLU C 369 24.39 -1.54 27.51
C GLU C 369 24.83 -2.82 26.82
N ALA C 370 25.91 -3.46 27.30
CA ALA C 370 26.27 -4.76 26.75
C ALA C 370 25.16 -5.78 26.98
N GLN C 371 24.61 -5.80 28.19
CA GLN C 371 23.51 -6.69 28.48
C GLN C 371 22.26 -6.32 27.69
N LEU C 372 22.00 -5.02 27.52
CA LEU C 372 20.86 -4.60 26.72
C LEU C 372 20.99 -5.10 25.29
N ALA C 373 22.19 -4.94 24.72
CA ALA C 373 22.46 -5.45 23.38
C ALA C 373 22.26 -6.96 23.32
N HIS C 374 22.80 -7.68 24.30
CA HIS C 374 22.66 -9.13 24.33
C HIS C 374 21.19 -9.54 24.40
N ARG C 375 20.38 -8.81 25.16
CA ARG C 375 18.99 -9.19 25.41
C ARG C 375 18.03 -8.53 24.44
N ILE C 376 18.54 -7.84 23.42
CA ILE C 376 17.70 -7.01 22.57
C ILE C 376 16.62 -7.81 21.85
N CYS C 377 16.83 -9.12 21.64
CA CYS C 377 15.81 -9.96 21.00
C CYS C 377 14.53 -10.03 21.80
N ASP C 378 14.63 -9.90 23.12
CA ASP C 378 13.45 -9.92 23.99
C ASP C 378 12.63 -8.64 23.88
N TYR C 379 13.11 -7.64 23.16
CA TYR C 379 12.40 -6.38 23.08
C TYR C 379 11.95 -6.04 21.68
N LEU C 380 12.23 -6.88 20.69
CA LEU C 380 11.83 -6.59 19.32
C LEU C 380 10.32 -6.57 19.19
N PRO C 381 9.73 -5.53 18.60
CA PRO C 381 8.27 -5.52 18.46
C PRO C 381 7.80 -6.57 17.46
N GLU C 382 6.69 -7.21 17.80
CA GLU C 382 6.12 -8.26 16.98
C GLU C 382 5.73 -7.70 15.63
N GLN C 383 6.18 -8.37 14.56
CA GLN C 383 5.93 -7.94 13.18
C GLN C 383 6.46 -6.52 12.92
N GLY C 384 7.63 -6.24 13.48
CA GLY C 384 8.19 -4.91 13.47
C GLY C 384 9.53 -4.84 12.79
N GLN C 385 10.29 -3.78 13.09
CA GLN C 385 11.60 -3.62 12.46
C GLN C 385 12.54 -2.96 13.45
N LEU C 386 13.82 -3.24 13.27
CA LEU C 386 14.87 -2.73 14.13
C LEU C 386 15.72 -1.75 13.34
N PHE C 387 15.90 -0.55 13.87
CA PHE C 387 16.86 0.40 13.32
C PHE C 387 18.01 0.50 14.33
N VAL C 388 19.20 0.15 13.86
CA VAL C 388 20.40 0.04 14.69
C VAL C 388 21.26 1.27 14.44
N GLY C 389 21.63 1.96 15.51
CA GLY C 389 22.47 3.12 15.41
C GLY C 389 23.91 2.72 15.17
N ASN C 390 24.78 3.71 15.16
CA ASN C 390 26.18 3.46 14.91
C ASN C 390 26.92 3.44 16.24
N SER C 391 28.23 3.28 16.15
CA SER C 391 29.16 3.16 17.28
C SER C 391 28.86 1.89 18.08
N LEU C 392 28.83 1.97 19.41
CA LEU C 392 28.87 0.76 20.21
C LEU C 392 27.62 -0.07 20.01
N VAL C 393 26.46 0.56 19.81
CA VAL C 393 25.24 -0.25 19.83
C VAL C 393 25.30 -1.32 18.73
N VAL C 394 25.70 -0.92 17.52
CA VAL C 394 25.75 -1.93 16.47
C VAL C 394 26.89 -2.91 16.75
N ALA C 395 27.99 -2.44 17.34
CA ALA C 395 29.06 -3.40 17.64
C ALA C 395 28.64 -4.43 18.70
N LEU C 396 27.99 -3.98 19.77
CA LEU C 396 27.63 -4.87 20.87
C LEU C 396 26.51 -5.81 20.46
N ILE C 397 25.52 -5.32 19.72
CA ILE C 397 24.50 -6.24 19.25
C ILE C 397 25.13 -7.29 18.33
N ASP C 398 26.03 -6.86 17.44
CA ASP C 398 26.64 -7.83 16.53
C ASP C 398 27.40 -8.90 17.31
N ALA C 399 28.11 -8.50 18.36
CA ALA C 399 28.97 -9.46 19.04
C ALA C 399 28.21 -10.33 20.03
N LEU C 400 27.12 -9.81 20.64
CA LEU C 400 26.55 -10.41 21.84
C LEU C 400 25.11 -10.91 21.72
N SER C 401 24.40 -10.62 20.63
CA SER C 401 23.02 -11.04 20.48
C SER C 401 22.86 -11.94 19.26
N GLN C 402 21.79 -12.72 19.27
CA GLN C 402 21.46 -13.58 18.14
C GLN C 402 20.09 -13.16 17.63
N LEU C 403 20.06 -12.36 16.56
CA LEU C 403 18.79 -11.84 16.09
C LEU C 403 18.07 -12.89 15.25
N PRO C 404 16.75 -12.95 15.32
CA PRO C 404 16.03 -14.01 14.61
C PRO C 404 16.09 -13.85 13.09
N ALA C 405 16.13 -14.99 12.41
CA ALA C 405 16.12 -14.99 10.96
C ALA C 405 14.87 -14.30 10.43
N GLY C 406 15.06 -13.46 9.41
CA GLY C 406 13.96 -12.77 8.76
C GLY C 406 13.39 -11.57 9.48
N TYR C 407 13.90 -11.21 10.65
CA TYR C 407 13.44 -10.00 11.32
C TYR C 407 14.18 -8.79 10.78
N PRO C 408 13.48 -7.80 10.22
CA PRO C 408 14.14 -6.75 9.45
C PRO C 408 15.01 -5.85 10.32
N VAL C 409 16.25 -5.65 9.88
CA VAL C 409 17.19 -4.70 10.50
C VAL C 409 17.59 -3.66 9.47
N TYR C 410 17.55 -2.38 9.85
CA TYR C 410 17.97 -1.29 8.98
C TYR C 410 19.03 -0.45 9.70
N SER C 411 19.88 0.21 8.91
CA SER C 411 21.01 0.94 9.47
C SER C 411 21.59 1.90 8.44
N ASN C 412 22.52 2.74 8.91
CA ASN C 412 23.33 3.64 8.07
C ASN C 412 24.79 3.22 8.22
N ARG C 413 25.14 2.12 7.57
CA ARG C 413 26.45 1.52 7.69
C ARG C 413 27.28 1.64 6.41
N GLY C 414 26.92 2.54 5.51
CA GLY C 414 27.81 2.90 4.42
C GLY C 414 28.97 3.70 4.97
N ALA C 415 28.72 4.96 5.32
CA ALA C 415 29.70 5.82 5.95
C ALA C 415 29.64 5.76 7.48
N SER C 416 28.60 5.13 8.03
CA SER C 416 28.44 4.93 9.47
C SER C 416 28.37 6.26 10.24
N GLY C 417 27.72 7.25 9.63
CA GLY C 417 27.59 8.55 10.27
C GLY C 417 26.64 8.54 11.45
N ILE C 418 26.96 9.37 12.45
CA ILE C 418 26.09 9.59 13.59
C ILE C 418 25.28 10.85 13.42
N ASP C 419 25.20 11.38 12.20
CA ASP C 419 24.63 12.70 12.00
C ASP C 419 23.17 12.68 11.57
N GLY C 420 22.60 11.51 11.25
CA GLY C 420 21.22 11.48 10.79
C GLY C 420 20.39 10.30 11.24
N LEU C 421 20.66 9.78 12.44
CA LEU C 421 20.06 8.50 12.83
C LEU C 421 18.58 8.66 13.24
N LEU C 422 18.21 9.76 13.90
CA LEU C 422 16.81 9.97 14.27
C LEU C 422 15.95 10.25 13.03
N SER C 423 16.41 11.13 12.13
CA SER C 423 15.64 11.42 10.92
C SER C 423 15.54 10.20 10.01
N THR C 424 16.64 9.43 9.90
CA THR C 424 16.61 8.17 9.14
C THR C 424 15.62 7.20 9.76
N ALA C 425 15.64 7.07 11.09
CA ALA C 425 14.70 6.19 11.77
C ALA C 425 13.27 6.61 11.48
N ALA C 426 13.01 7.92 11.46
CA ALA C 426 11.68 8.39 11.14
C ALA C 426 11.25 7.98 9.73
N GLY C 427 12.15 8.10 8.73
CA GLY C 427 11.80 7.65 7.39
C GLY C 427 11.59 6.16 7.30
N VAL C 428 12.45 5.38 7.98
CA VAL C 428 12.32 3.93 8.04
C VAL C 428 10.94 3.54 8.56
N GLN C 429 10.49 4.21 9.64
CA GLN C 429 9.18 3.92 10.20
C GLN C 429 8.07 4.31 9.22
N ARG C 430 8.14 5.53 8.67
CA ARG C 430 7.02 5.99 7.83
C ARG C 430 6.86 5.17 6.56
N ALA C 431 7.96 4.66 5.99
CA ALA C 431 7.86 3.91 4.75
C ALA C 431 7.08 2.61 4.93
N SER C 432 7.35 1.87 6.00
CA SER C 432 6.75 0.54 6.21
C SER C 432 5.45 0.55 7.00
N GLY C 433 5.20 1.59 7.80
CA GLY C 433 4.08 1.54 8.73
C GLY C 433 4.27 0.57 9.87
N LYS C 434 5.45 0.03 10.04
CA LYS C 434 5.59 -1.00 11.05
C LYS C 434 6.00 -0.43 12.40
N PRO C 435 5.67 -1.09 13.50
CA PRO C 435 6.25 -0.69 14.78
C PRO C 435 7.76 -0.84 14.73
N THR C 436 8.46 0.16 15.26
CA THR C 436 9.89 0.30 15.05
C THR C 436 10.59 0.47 16.38
N LEU C 437 11.67 -0.30 16.59
CA LEU C 437 12.59 -0.07 17.70
C LEU C 437 13.88 0.48 17.11
N ALA C 438 14.28 1.68 17.56
CA ALA C 438 15.51 2.33 17.12
C ALA C 438 16.43 2.54 18.33
N ILE C 439 17.71 2.22 18.17
CA ILE C 439 18.65 2.29 19.30
C ILE C 439 19.86 3.12 18.88
N VAL C 440 20.14 4.17 19.63
CA VAL C 440 21.24 5.06 19.31
C VAL C 440 21.97 5.43 20.58
N GLY C 441 23.22 5.98 20.40
CA GLY C 441 24.00 6.49 21.51
C GLY C 441 23.64 7.95 21.83
N ASP C 442 24.20 8.45 22.94
CA ASP C 442 23.82 9.77 23.43
C ASP C 442 24.28 10.88 22.49
N LEU C 443 25.53 10.80 22.03
CA LEU C 443 26.04 11.78 21.08
C LEU C 443 25.26 11.72 19.78
N SER C 444 24.86 10.52 19.38
CA SER C 444 24.03 10.38 18.20
C SER C 444 22.71 11.10 18.38
N ALA C 445 22.06 10.94 19.53
CA ALA C 445 20.80 11.61 19.76
C ALA C 445 20.98 13.13 19.79
N LEU C 446 22.06 13.62 20.40
CA LEU C 446 22.30 15.05 20.39
C LEU C 446 22.52 15.57 18.97
N TYR C 447 23.27 14.80 18.17
CA TYR C 447 23.63 15.24 16.84
C TYR C 447 22.39 15.59 16.01
N ASP C 448 21.37 14.73 16.01
CA ASP C 448 20.17 14.93 15.21
C ASP C 448 18.96 15.25 16.11
N LEU C 449 19.19 16.08 17.12
CA LEU C 449 18.20 16.31 18.17
C LEU C 449 16.89 16.86 17.61
N ASN C 450 16.95 17.80 16.66
CA ASN C 450 15.72 18.42 16.18
C ASN C 450 14.86 17.45 15.37
N ALA C 451 15.41 16.29 14.97
CA ALA C 451 14.61 15.25 14.33
C ALA C 451 13.55 14.67 15.25
N LEU C 452 13.64 14.95 16.56
CA LEU C 452 12.52 14.62 17.43
C LEU C 452 11.21 15.24 16.95
N ALA C 453 11.29 16.40 16.30
CA ALA C 453 10.09 16.98 15.69
C ALA C 453 9.44 16.00 14.72
N LEU C 454 10.23 15.40 13.83
CA LEU C 454 9.67 14.45 12.90
C LEU C 454 9.04 13.28 13.61
N LEU C 455 9.61 12.85 14.73
CA LEU C 455 9.09 11.67 15.40
C LEU C 455 7.79 11.97 16.13
N ARG C 456 7.34 13.22 16.08
CA ARG C 456 6.00 13.50 16.54
C ARG C 456 4.93 12.96 15.59
N GLN C 457 5.33 12.55 14.42
CA GLN C 457 4.45 11.94 13.44
C GLN C 457 4.88 10.56 12.96
N VAL C 458 4.42 9.52 13.62
CA VAL C 458 4.66 8.16 13.20
C VAL C 458 3.32 7.44 13.05
N SER C 459 3.27 6.47 12.13
CA SER C 459 2.05 5.71 11.87
C SER C 459 1.94 4.45 12.73
N ALA C 460 2.96 4.14 13.52
CA ALA C 460 2.98 2.98 14.39
C ALA C 460 3.90 3.30 15.56
N PRO C 461 3.81 2.57 16.66
CA PRO C 461 4.70 2.88 17.80
C PRO C 461 6.14 2.83 17.36
N LEU C 462 6.91 3.85 17.74
CA LEU C 462 8.35 3.86 17.57
C LEU C 462 8.98 4.08 18.94
N VAL C 463 9.79 3.13 19.39
CA VAL C 463 10.56 3.26 20.62
C VAL C 463 11.96 3.72 20.26
N LEU C 464 12.38 4.82 20.82
CA LEU C 464 13.73 5.33 20.61
C LEU C 464 14.48 5.12 21.92
N ILE C 465 15.38 4.15 21.94
CA ILE C 465 16.26 3.94 23.08
C ILE C 465 17.50 4.80 22.88
N VAL C 466 17.77 5.68 23.85
CA VAL C 466 19.01 6.44 23.87
C VAL C 466 19.87 5.87 24.98
N VAL C 467 20.95 5.20 24.58
CA VAL C 467 21.91 4.69 25.53
C VAL C 467 22.82 5.85 25.89
N ASN C 468 22.73 6.29 27.14
CA ASN C 468 23.46 7.48 27.59
C ASN C 468 24.61 6.99 28.45
N ASN C 469 25.78 6.85 27.84
CA ASN C 469 26.98 6.52 28.59
C ASN C 469 27.92 7.72 28.68
N ASN C 470 27.38 8.91 28.46
CA ASN C 470 28.05 10.20 28.64
C ASN C 470 29.32 10.29 27.79
N GLY C 471 29.09 10.31 26.48
CA GLY C 471 30.14 10.51 25.51
C GLY C 471 30.16 9.41 24.49
N GLY C 472 31.15 9.49 23.60
CA GLY C 472 31.35 8.46 22.61
C GLY C 472 32.25 7.37 23.17
N GLN C 473 31.65 6.40 23.87
CA GLN C 473 32.47 5.45 24.60
C GLN C 473 33.12 4.39 23.70
N ILE C 474 32.86 4.44 22.39
CA ILE C 474 33.67 3.66 21.45
C ILE C 474 35.14 4.04 21.58
N PHE C 475 35.42 5.28 21.97
CA PHE C 475 36.80 5.69 22.16
C PHE C 475 37.36 5.27 23.51
N SER C 476 36.53 4.66 24.38
CA SER C 476 37.03 3.86 25.49
C SER C 476 37.32 2.43 25.07
N LEU C 477 36.70 1.95 23.97
CA LEU C 477 37.00 0.63 23.43
C LEU C 477 38.27 0.68 22.61
N LEU C 478 38.55 1.76 21.93
CA LEU C 478 39.81 1.90 21.20
C LEU C 478 40.98 2.28 22.14
N PRO C 479 42.23 1.92 21.81
CA PRO C 479 43.40 2.28 22.65
C PRO C 479 43.74 3.76 22.46
N THR C 480 42.77 4.65 22.69
CA THR C 480 43.03 6.11 22.68
C THR C 480 43.97 6.48 23.84
N PRO C 481 44.78 7.53 23.69
CA PRO C 481 45.67 7.91 24.80
C PRO C 481 44.85 8.47 25.95
N GLN C 482 45.21 8.06 27.16
CA GLN C 482 44.37 8.32 28.32
C GLN C 482 44.25 9.82 28.63
N SER C 483 45.34 10.58 28.43
CA SER C 483 45.34 11.98 28.86
C SER C 483 44.49 12.90 27.99
N GLU C 484 44.31 12.62 26.70
CA GLU C 484 43.44 13.42 25.84
C GLU C 484 42.08 12.78 25.61
N ARG C 485 41.84 11.58 26.15
CA ARG C 485 40.66 10.79 25.79
C ARG C 485 39.37 11.53 26.09
N GLU C 486 39.25 12.12 27.28
CA GLU C 486 37.99 12.73 27.67
C GLU C 486 37.69 13.99 26.85
N ARG C 487 38.64 14.92 26.82
CA ARG C 487 38.40 16.19 26.16
C ARG C 487 38.30 16.04 24.64
N PHE C 488 39.13 15.19 24.04
CA PHE C 488 39.24 15.16 22.58
C PHE C 488 38.62 13.93 21.93
N TYR C 489 38.17 12.94 22.69
CA TYR C 489 37.54 11.76 22.12
C TYR C 489 36.14 11.57 22.67
N LEU C 490 36.01 11.27 23.98
CA LEU C 490 34.71 10.96 24.55
C LEU C 490 33.76 12.14 24.43
N MET C 491 34.27 13.34 24.73
CA MET C 491 33.51 14.59 24.75
C MET C 491 32.17 14.39 25.47
N PRO C 492 32.20 14.05 26.76
CA PRO C 492 30.94 13.94 27.49
C PRO C 492 30.23 15.29 27.49
N GLN C 493 28.92 15.23 27.28
CA GLN C 493 28.08 16.41 27.24
C GLN C 493 27.24 16.60 28.49
N ASN C 494 27.16 15.59 29.36
CA ASN C 494 26.49 15.65 30.65
C ASN C 494 25.05 16.17 30.54
N VAL C 495 24.24 15.42 29.80
CA VAL C 495 22.84 15.76 29.62
C VAL C 495 21.99 14.53 29.87
N HIS C 496 20.68 14.76 29.98
CA HIS C 496 19.67 13.74 29.84
C HIS C 496 18.66 14.20 28.79
N PHE C 497 17.72 13.33 28.44
CA PHE C 497 16.84 13.60 27.32
C PHE C 497 15.37 13.70 27.71
N GLU C 498 15.07 13.93 28.99
CA GLU C 498 13.67 14.11 29.40
C GLU C 498 13.11 15.43 28.90
N HIS C 499 13.90 16.50 28.94
CA HIS C 499 13.39 17.79 28.48
C HIS C 499 13.31 17.85 26.96
N ALA C 500 14.20 17.15 26.25
CA ALA C 500 14.08 17.06 24.80
C ALA C 500 12.78 16.39 24.42
N ALA C 501 12.47 15.25 25.05
CA ALA C 501 11.19 14.59 24.82
C ALA C 501 10.01 15.50 25.19
N ALA C 502 10.10 16.20 26.33
CA ALA C 502 9.00 17.08 26.74
C ALA C 502 8.78 18.21 25.75
N MET C 503 9.86 18.75 25.19
CA MET C 503 9.73 19.86 24.25
C MET C 503 8.90 19.44 23.04
N PHE C 504 9.04 18.19 22.59
CA PHE C 504 8.27 17.70 21.45
C PHE C 504 7.10 16.83 21.87
N GLU C 505 6.74 16.86 23.15
CA GLU C 505 5.53 16.20 23.69
C GLU C 505 5.52 14.70 23.38
N LEU C 506 6.67 14.06 23.58
CA LEU C 506 6.84 12.63 23.38
C LEU C 506 6.97 11.95 24.74
N LYS C 507 6.35 10.77 24.88
CA LYS C 507 6.50 10.00 26.11
C LYS C 507 7.96 9.68 26.39
N TYR C 508 8.33 9.67 27.68
CA TYR C 508 9.70 9.48 28.11
C TYR C 508 9.74 8.57 29.32
N HIS C 509 10.68 7.60 29.31
CA HIS C 509 10.96 6.74 30.45
C HIS C 509 12.45 6.66 30.69
N ARG C 510 12.83 6.61 31.96
CA ARG C 510 14.21 6.32 32.35
C ARG C 510 14.20 5.13 33.28
N PRO C 511 14.11 3.93 32.73
CA PRO C 511 14.03 2.76 33.59
C PRO C 511 15.33 2.56 34.35
N GLN C 512 15.22 2.09 35.59
CA GLN C 512 16.40 1.90 36.43
C GLN C 512 16.79 0.46 36.62
N ASN C 513 15.97 -0.48 36.14
CA ASN C 513 16.24 -1.90 36.22
C ASN C 513 15.47 -2.56 35.09
N TRP C 514 15.65 -3.88 34.97
CA TRP C 514 15.02 -4.60 33.87
C TRP C 514 13.50 -4.56 33.98
N GLN C 515 12.96 -4.66 35.19
CA GLN C 515 11.51 -4.65 35.36
C GLN C 515 10.92 -3.34 34.86
N GLU C 516 11.52 -2.21 35.21
CA GLU C 516 10.99 -0.94 34.73
C GLU C 516 11.20 -0.78 33.24
N LEU C 517 12.25 -1.38 32.68
CA LEU C 517 12.43 -1.33 31.22
C LEU C 517 11.30 -2.07 30.53
N GLU C 518 11.00 -3.30 30.98
CA GLU C 518 9.87 -4.04 30.43
C GLU C 518 8.53 -3.29 30.61
N THR C 519 8.32 -2.67 31.77
CA THR C 519 7.14 -1.82 31.95
C THR C 519 7.09 -0.69 30.93
N ALA C 520 8.24 -0.03 30.71
CA ALA C 520 8.30 1.05 29.73
C ALA C 520 7.95 0.56 28.33
N PHE C 521 8.50 -0.58 27.92
CA PHE C 521 8.18 -1.12 26.60
C PHE C 521 6.70 -1.44 26.48
N ALA C 522 6.16 -2.18 27.45
CA ALA C 522 4.75 -2.53 27.41
C ALA C 522 3.87 -1.29 27.31
N ASP C 523 4.26 -0.23 27.99
CA ASP C 523 3.55 1.05 27.88
C ASP C 523 3.70 1.65 26.47
N ALA C 524 4.90 1.56 25.88
CA ALA C 524 5.25 2.26 24.66
C ALA C 524 4.59 1.66 23.41
N TRP C 525 4.45 0.34 23.36
CA TRP C 525 3.88 -0.24 22.14
C TRP C 525 2.37 -0.04 22.01
N ARG C 526 1.70 0.68 22.92
CA ARG C 526 0.25 0.71 22.89
C ARG C 526 -0.33 1.73 21.92
N THR C 527 0.43 2.75 21.53
CA THR C 527 -0.12 3.81 20.70
C THR C 527 0.82 4.11 19.54
N PRO C 528 0.31 4.56 18.47
CA PRO C 528 1.18 4.90 17.33
C PRO C 528 1.89 6.23 17.51
N THR C 529 2.79 6.26 18.48
CA THR C 529 3.57 7.45 18.81
C THR C 529 4.99 7.02 19.15
N THR C 530 5.88 8.01 19.18
CA THR C 530 7.26 7.80 19.55
C THR C 530 7.41 7.94 21.05
N THR C 531 8.02 6.94 21.68
CA THR C 531 8.37 6.97 23.09
C THR C 531 9.88 7.01 23.21
N VAL C 532 10.42 7.91 24.00
CA VAL C 532 11.86 7.97 24.23
C VAL C 532 12.18 7.25 25.53
N ILE C 533 13.03 6.22 25.47
CA ILE C 533 13.47 5.48 26.64
C ILE C 533 14.97 5.73 26.79
N GLU C 534 15.35 6.46 27.83
CA GLU C 534 16.76 6.74 28.09
C GLU C 534 17.31 5.72 29.07
N MET C 535 18.35 5.01 28.66
CA MET C 535 19.03 4.04 29.52
C MET C 535 20.35 4.65 29.96
N VAL C 536 20.42 5.10 31.20
CA VAL C 536 21.63 5.70 31.73
C VAL C 536 22.50 4.59 32.30
N VAL C 537 23.73 4.50 31.81
CA VAL C 537 24.65 3.43 32.21
C VAL C 537 26.01 4.05 32.47
N ASN C 538 26.84 3.31 33.22
CA ASN C 538 28.18 3.77 33.55
C ASN C 538 29.04 3.79 32.29
N ASP C 539 29.87 4.84 32.15
CA ASP C 539 30.52 5.17 30.89
C ASP C 539 31.15 3.96 30.18
N THR C 540 32.14 3.30 30.81
CA THR C 540 32.97 2.33 30.11
C THR C 540 32.57 0.88 30.33
N ASP C 541 31.44 0.61 30.99
CA ASP C 541 31.08 -0.77 31.31
C ASP C 541 30.88 -1.60 30.05
N GLY C 542 30.25 -1.03 29.01
CA GLY C 542 30.02 -1.79 27.80
C GLY C 542 31.32 -2.16 27.09
N ALA C 543 32.20 -1.18 26.93
CA ALA C 543 33.49 -1.45 26.30
C ALA C 543 34.26 -2.51 27.06
N GLN C 544 34.37 -2.34 28.38
CA GLN C 544 35.12 -3.29 29.21
C GLN C 544 34.49 -4.67 29.21
N THR C 545 33.15 -4.74 29.25
CA THR C 545 32.47 -6.04 29.18
C THR C 545 32.79 -6.74 27.88
N LEU C 546 32.76 -5.99 26.77
CA LEU C 546 33.13 -6.58 25.49
C LEU C 546 34.57 -7.08 25.50
N GLN C 547 35.51 -6.27 26.03
CA GLN C 547 36.90 -6.73 26.07
C GLN C 547 37.04 -8.01 26.87
N GLN C 548 36.38 -8.06 28.04
CA GLN C 548 36.51 -9.23 28.91
C GLN C 548 35.93 -10.45 28.25
N LEU C 549 34.77 -10.30 27.60
CA LEU C 549 34.20 -11.43 26.91
C LEU C 549 35.10 -11.87 25.76
N LEU C 550 35.76 -10.92 25.08
CA LEU C 550 36.69 -11.26 24.02
C LEU C 550 37.83 -12.12 24.56
N ALA C 551 38.46 -11.70 25.65
CA ALA C 551 39.56 -12.48 26.21
C ALA C 551 39.08 -13.86 26.65
N GLN C 552 37.95 -13.90 27.37
CA GLN C 552 37.47 -15.17 27.88
C GLN C 552 37.17 -16.12 26.72
N VAL C 553 36.53 -15.62 25.66
CA VAL C 553 36.23 -16.49 24.53
C VAL C 553 37.50 -16.88 23.79
N SER C 554 38.52 -16.02 23.78
CA SER C 554 39.77 -16.42 23.13
C SER C 554 40.49 -17.54 23.85
N HIS C 555 40.25 -17.73 25.16
CA HIS C 555 40.96 -18.79 25.88
C HIS C 555 40.23 -20.12 25.99
N LEU C 556 39.09 -20.28 25.31
CA LEU C 556 38.42 -21.60 25.35
C LEU C 556 39.13 -22.68 24.54
N MET D 1 60.30 2.60 12.20
CA MET D 1 59.32 1.99 11.32
C MET D 1 57.89 2.02 11.88
N SER D 2 57.59 2.98 12.76
CA SER D 2 56.28 3.06 13.39
C SER D 2 55.37 3.96 12.57
N VAL D 3 54.33 3.38 11.99
CA VAL D 3 53.41 4.16 11.17
C VAL D 3 52.67 5.19 12.01
N SER D 4 52.22 4.81 13.22
CA SER D 4 51.47 5.74 14.06
C SER D 4 52.32 6.95 14.45
N ALA D 5 53.57 6.69 14.86
CA ALA D 5 54.48 7.77 15.24
C ALA D 5 54.74 8.72 14.09
N PHE D 6 55.00 8.17 12.89
CA PHE D 6 55.25 9.05 11.75
C PHE D 6 54.01 9.83 11.37
N ASN D 7 52.84 9.19 11.43
CA ASN D 7 51.58 9.89 11.23
C ASN D 7 51.53 11.14 12.11
N ARG D 8 51.92 10.98 13.38
CA ARG D 8 51.86 12.13 14.30
C ARG D 8 52.95 13.16 13.98
N ARG D 9 54.09 12.76 13.41
CA ARG D 9 55.12 13.72 13.03
C ARG D 9 54.71 14.55 11.81
N TRP D 10 54.17 13.88 10.80
CA TRP D 10 53.59 14.55 9.65
C TRP D 10 52.51 15.54 10.07
N ALA D 11 51.58 15.07 10.90
CA ALA D 11 50.52 15.95 11.41
C ALA D 11 51.11 17.14 12.15
N ALA D 12 52.10 16.87 13.01
CA ALA D 12 52.73 17.93 13.81
C ALA D 12 53.31 19.01 12.92
N VAL D 13 53.91 18.62 11.77
CA VAL D 13 54.39 19.66 10.86
C VAL D 13 53.22 20.46 10.32
N ILE D 14 52.09 19.82 9.98
CA ILE D 14 50.94 20.56 9.45
C ILE D 14 50.47 21.61 10.46
N LEU D 15 50.24 21.20 11.71
CA LEU D 15 49.71 22.09 12.75
C LEU D 15 50.70 23.20 13.11
N GLU D 16 51.98 22.84 13.33
CA GLU D 16 52.97 23.87 13.62
C GLU D 16 53.07 24.88 12.48
N ALA D 17 52.97 24.42 11.23
CA ALA D 17 52.95 25.35 10.10
C ALA D 17 51.79 26.33 10.23
N LEU D 18 50.63 25.83 10.64
CA LEU D 18 49.49 26.73 10.78
C LEU D 18 49.77 27.83 11.80
N THR D 19 50.49 27.49 12.88
CA THR D 19 50.75 28.52 13.88
C THR D 19 51.51 29.73 13.32
N ARG D 20 52.23 29.56 12.22
CA ARG D 20 53.03 30.67 11.69
C ARG D 20 52.20 31.65 10.88
N HIS D 21 50.91 31.38 10.69
CA HIS D 21 50.06 32.23 9.88
C HIS D 21 48.90 32.84 10.67
N GLY D 22 49.02 32.86 12.00
CA GLY D 22 48.03 33.47 12.84
C GLY D 22 46.91 32.56 13.29
N VAL D 23 47.00 31.26 13.04
CA VAL D 23 45.94 30.35 13.50
C VAL D 23 46.09 30.21 15.01
N ARG D 24 45.14 30.72 15.76
CA ARG D 24 45.15 30.53 17.21
C ARG D 24 44.03 29.62 17.72
N HIS D 25 42.81 29.76 17.20
CA HIS D 25 41.70 28.90 17.57
C HIS D 25 41.67 27.66 16.68
N ILE D 26 41.44 26.50 17.29
CA ILE D 26 41.24 25.27 16.54
C ILE D 26 40.01 24.55 17.07
N CYS D 27 39.12 24.17 16.15
CA CYS D 27 37.87 23.48 16.48
C CYS D 27 37.94 22.03 16.06
N ILE D 28 37.64 21.12 17.00
CA ILE D 28 37.89 19.70 16.85
C ILE D 28 36.61 18.92 17.18
N ALA D 29 36.19 18.07 16.25
CA ALA D 29 35.13 17.11 16.49
C ALA D 29 35.74 15.74 16.71
N PRO D 30 35.04 14.82 17.38
CA PRO D 30 35.67 13.55 17.77
C PRO D 30 35.74 12.55 16.61
N GLY D 31 36.73 11.68 16.70
CA GLY D 31 36.89 10.65 15.70
C GLY D 31 38.16 9.87 15.98
N SER D 32 38.31 8.78 15.25
CA SER D 32 39.51 7.94 15.34
C SER D 32 40.51 8.23 14.23
N ARG D 33 40.04 8.30 12.98
CA ARG D 33 40.93 8.55 11.85
C ARG D 33 41.66 9.89 11.98
N SER D 34 41.08 10.85 12.70
CA SER D 34 41.70 12.16 12.90
C SER D 34 42.73 12.18 14.02
N THR D 35 42.97 11.04 14.66
CA THR D 35 43.92 10.98 15.79
C THR D 35 45.24 11.68 15.50
N PRO D 36 45.93 11.48 14.36
CA PRO D 36 47.21 12.19 14.15
C PRO D 36 47.08 13.69 14.25
N LEU D 37 46.06 14.24 13.59
CA LEU D 37 45.82 15.68 13.67
C LEU D 37 45.44 16.10 15.08
N THR D 38 44.49 15.40 15.69
CA THR D 38 43.96 15.82 16.99
C THR D 38 45.02 15.77 18.08
N LEU D 39 45.83 14.71 18.10
CA LEU D 39 46.88 14.64 19.11
C LEU D 39 47.97 15.67 18.85
N ALA D 40 48.36 15.86 17.58
CA ALA D 40 49.33 16.90 17.27
C ALA D 40 48.83 18.27 17.68
N ALA D 41 47.53 18.53 17.55
CA ALA D 41 46.97 19.83 17.92
C ALA D 41 46.88 19.98 19.44
N ALA D 42 46.49 18.89 20.13
CA ALA D 42 46.32 18.92 21.57
C ALA D 42 47.65 19.12 22.30
N GLU D 43 48.75 18.62 21.74
CA GLU D 43 50.06 18.83 22.34
C GLU D 43 50.70 20.15 21.94
N ASN D 44 50.12 20.89 21.01
CA ASN D 44 50.70 22.17 20.58
C ASN D 44 50.08 23.29 21.42
N SER D 45 50.91 23.94 22.23
CA SER D 45 50.41 24.92 23.20
C SER D 45 50.03 26.25 22.58
N ALA D 46 50.24 26.44 21.27
CA ALA D 46 49.88 27.72 20.68
C ALA D 46 48.38 27.87 20.51
N PHE D 47 47.63 26.79 20.62
CA PHE D 47 46.23 26.77 20.24
C PHE D 47 45.32 26.91 21.44
N ILE D 48 44.19 27.56 21.20
CA ILE D 48 43.01 27.44 22.05
C ILE D 48 42.09 26.44 21.38
N HIS D 49 41.78 25.35 22.08
CA HIS D 49 41.00 24.23 21.52
C HIS D 49 39.53 24.35 21.91
N HIS D 50 38.64 24.24 20.92
CA HIS D 50 37.20 24.14 21.12
C HIS D 50 36.72 22.80 20.56
N THR D 51 35.73 22.19 21.23
CA THR D 51 35.20 20.91 20.80
C THR D 51 33.69 20.99 20.64
N HIS D 52 33.14 20.10 19.82
CA HIS D 52 31.70 19.98 19.62
C HIS D 52 31.41 18.67 18.92
N PHE D 53 30.21 18.14 19.13
CA PHE D 53 29.83 16.84 18.56
C PHE D 53 29.19 16.94 17.19
N ASP D 54 28.65 18.08 16.80
CA ASP D 54 28.04 18.24 15.48
C ASP D 54 29.02 19.00 14.58
N GLU D 55 29.46 18.33 13.50
CA GLU D 55 30.49 18.95 12.65
C GLU D 55 29.96 20.16 11.88
N ARG D 56 28.67 20.21 11.56
CA ARG D 56 28.13 21.41 10.93
C ARG D 56 28.16 22.57 11.90
N GLY D 57 27.72 22.34 13.14
CA GLY D 57 27.84 23.36 14.15
C GLY D 57 29.29 23.71 14.44
N LEU D 58 30.19 22.72 14.34
CA LEU D 58 31.61 23.00 14.55
C LEU D 58 32.13 23.95 13.49
N GLY D 59 31.77 23.70 12.23
CA GLY D 59 32.15 24.63 11.18
C GLY D 59 31.63 26.03 11.44
N HIS D 60 30.38 26.14 11.93
CA HIS D 60 29.82 27.47 12.18
C HIS D 60 30.44 28.14 13.40
N LEU D 61 30.88 27.35 14.37
CA LEU D 61 31.64 27.89 15.49
C LEU D 61 32.96 28.47 14.98
N ALA D 62 33.67 27.71 14.14
CA ALA D 62 34.89 28.23 13.57
C ALA D 62 34.61 29.46 12.74
N LEU D 63 33.46 29.48 12.06
CA LEU D 63 33.07 30.63 11.26
C LEU D 63 32.91 31.86 12.14
N GLY D 64 32.22 31.73 13.28
CA GLY D 64 32.06 32.87 14.18
C GLY D 64 33.38 33.36 14.76
N LEU D 65 34.24 32.43 15.18
CA LEU D 65 35.56 32.80 15.69
C LEU D 65 36.34 33.59 14.64
N ALA D 66 36.38 33.10 13.41
CA ALA D 66 37.08 33.79 12.33
C ALA D 66 36.43 35.12 12.02
N LYS D 67 35.10 35.15 12.05
CA LYS D 67 34.35 36.37 11.78
C LYS D 67 34.81 37.49 12.69
N VAL D 68 34.93 37.20 13.98
CA VAL D 68 35.24 38.26 14.92
C VAL D 68 36.75 38.53 14.97
N SER D 69 37.55 37.47 15.05
CA SER D 69 38.99 37.62 15.26
C SER D 69 39.75 38.07 14.02
N LYS D 70 39.16 37.87 12.83
CA LYS D 70 39.82 38.22 11.57
C LYS D 70 41.13 37.46 11.37
N GLN D 71 41.31 36.35 12.09
CA GLN D 71 42.44 35.43 11.89
C GLN D 71 41.94 34.19 11.18
N PRO D 72 42.85 33.36 10.67
CA PRO D 72 42.43 32.04 10.18
C PRO D 72 42.10 31.12 11.34
N VAL D 73 41.07 30.32 11.19
CA VAL D 73 40.66 29.40 12.23
C VAL D 73 40.66 28.01 11.64
N ALA D 74 41.30 27.07 12.33
CA ALA D 74 41.42 25.70 11.85
C ALA D 74 40.29 24.83 12.39
N VAL D 75 39.95 23.78 11.62
CA VAL D 75 38.94 22.80 11.98
C VAL D 75 39.53 21.42 11.73
N ILE D 76 39.34 20.49 12.67
CA ILE D 76 39.77 19.11 12.51
C ILE D 76 38.54 18.23 12.58
N VAL D 77 38.34 17.38 11.57
CA VAL D 77 37.25 16.39 11.59
C VAL D 77 37.76 15.04 11.11
N THR D 78 37.03 13.99 11.51
CA THR D 78 37.35 12.66 11.05
C THR D 78 36.76 12.44 9.65
N SER D 79 37.07 11.28 9.07
CA SER D 79 36.63 10.99 7.71
C SER D 79 35.16 10.60 7.68
N GLY D 80 34.56 10.75 6.50
CA GLY D 80 33.17 10.37 6.28
C GLY D 80 32.23 11.54 6.18
N THR D 81 30.96 11.36 6.59
CA THR D 81 29.99 12.44 6.57
C THR D 81 30.38 13.59 7.48
N ALA D 82 31.28 13.34 8.45
CA ALA D 82 31.83 14.43 9.24
C ALA D 82 32.39 15.52 8.34
N VAL D 83 33.14 15.14 7.31
CA VAL D 83 33.68 16.14 6.40
C VAL D 83 32.55 16.86 5.68
N ALA D 84 31.54 16.12 5.22
CA ALA D 84 30.47 16.75 4.43
C ALA D 84 29.74 17.80 5.23
N ASN D 85 29.60 17.57 6.54
CA ASN D 85 28.91 18.54 7.39
C ASN D 85 29.62 19.89 7.47
N LEU D 86 30.86 19.99 7.00
CA LEU D 86 31.55 21.27 7.01
C LEU D 86 31.12 22.17 5.85
N TYR D 87 30.36 21.62 4.90
CA TYR D 87 30.06 22.34 3.67
C TYR D 87 29.35 23.67 3.89
N PRO D 88 28.29 23.77 4.72
CA PRO D 88 27.60 25.06 4.83
C PRO D 88 28.51 26.20 5.29
N ALA D 89 29.25 26.00 6.39
CA ALA D 89 30.15 27.05 6.85
C ALA D 89 31.24 27.33 5.85
N LEU D 90 31.71 26.31 5.13
CA LEU D 90 32.72 26.56 4.11
C LEU D 90 32.18 27.47 3.02
N ILE D 91 30.94 27.24 2.60
CA ILE D 91 30.33 28.06 1.56
C ILE D 91 30.15 29.50 2.05
N GLU D 92 29.60 29.66 3.26
CA GLU D 92 29.45 31.01 3.78
C GLU D 92 30.79 31.71 3.87
N ALA D 93 31.83 30.99 4.31
CA ALA D 93 33.16 31.59 4.38
C ALA D 93 33.66 31.98 3.00
N GLY D 94 33.32 31.19 1.98
CA GLY D 94 33.66 31.57 0.63
C GLY D 94 32.96 32.83 0.17
N LEU D 95 31.80 33.13 0.74
CA LEU D 95 31.08 34.34 0.34
C LEU D 95 31.50 35.58 1.10
N THR D 96 31.77 35.44 2.41
CA THR D 96 32.04 36.58 3.27
C THR D 96 33.51 36.73 3.65
N GLY D 97 34.37 35.76 3.36
CA GLY D 97 35.80 35.96 3.44
C GLY D 97 36.50 35.35 4.64
N GLU D 98 35.77 34.75 5.57
CA GLU D 98 36.41 34.12 6.73
C GLU D 98 37.41 33.07 6.28
N LYS D 99 38.55 32.99 6.97
CA LYS D 99 39.58 32.03 6.61
C LYS D 99 39.42 30.80 7.49
N LEU D 100 38.74 29.79 6.97
CA LEU D 100 38.59 28.53 7.68
C LEU D 100 39.52 27.51 7.04
N ILE D 101 40.42 26.94 7.84
CA ILE D 101 41.36 25.94 7.38
C ILE D 101 40.85 24.58 7.82
N LEU D 102 40.36 23.78 6.85
CA LEU D 102 39.69 22.52 7.15
C LEU D 102 40.68 21.37 6.99
N LEU D 103 41.08 20.80 8.13
CA LEU D 103 41.90 19.59 8.22
C LEU D 103 40.95 18.42 8.40
N THR D 104 40.73 17.70 7.31
CA THR D 104 39.78 16.59 7.24
C THR D 104 40.60 15.31 7.10
N ALA D 105 40.65 14.50 8.16
CA ALA D 105 41.34 13.22 8.09
C ALA D 105 40.69 12.32 7.03
N ASP D 106 41.50 11.47 6.41
CA ASP D 106 40.99 10.60 5.37
C ASP D 106 41.59 9.21 5.54
N ARG D 107 40.88 8.22 5.00
CA ARG D 107 41.49 6.91 4.80
C ARG D 107 42.62 7.01 3.77
N PRO D 108 43.59 6.10 3.83
CA PRO D 108 44.65 6.07 2.82
C PRO D 108 44.08 5.65 1.49
N PRO D 109 44.81 5.85 0.37
CA PRO D 109 44.22 5.53 -0.95
C PRO D 109 43.79 4.08 -1.11
N GLU D 110 44.47 3.13 -0.46
CA GLU D 110 44.15 1.72 -0.62
C GLU D 110 42.83 1.30 0.05
N LEU D 111 42.15 2.20 0.79
CA LEU D 111 40.88 1.86 1.42
C LEU D 111 39.73 2.67 0.88
N ILE D 112 39.90 3.29 -0.29
CA ILE D 112 38.86 4.06 -0.97
C ILE D 112 38.25 3.21 -2.08
N ASP D 113 36.93 3.35 -2.28
CA ASP D 113 36.19 2.62 -3.33
C ASP D 113 36.43 1.12 -3.28
N CYS D 114 36.43 0.57 -2.07
CA CYS D 114 36.51 -0.87 -1.86
C CYS D 114 35.56 -1.33 -0.75
N GLY D 115 34.56 -0.53 -0.40
CA GLY D 115 33.59 -0.89 0.62
C GLY D 115 34.06 -0.77 2.05
N ALA D 116 35.17 -0.10 2.30
CA ALA D 116 35.68 0.04 3.65
C ALA D 116 34.77 0.94 4.47
N ASN D 117 34.67 0.65 5.76
CA ASN D 117 33.73 1.41 6.58
C ASN D 117 34.22 2.84 6.77
N GLN D 118 33.29 3.79 6.63
CA GLN D 118 33.56 5.20 6.87
C GLN D 118 34.64 5.75 5.94
N ALA D 119 34.75 5.20 4.74
CA ALA D 119 35.73 5.64 3.75
C ALA D 119 34.97 6.12 2.52
N ILE D 120 35.16 7.39 2.15
CA ILE D 120 34.49 8.02 1.02
C ILE D 120 35.52 8.79 0.20
N ARG D 121 35.10 9.21 -0.99
CA ARG D 121 35.95 10.01 -1.88
C ARG D 121 35.95 11.47 -1.43
N GLN D 122 37.04 11.91 -0.82
CA GLN D 122 37.09 13.22 -0.16
C GLN D 122 37.83 14.31 -0.95
N PRO D 123 38.94 14.04 -1.65
CA PRO D 123 39.55 15.12 -2.44
C PRO D 123 38.55 15.70 -3.43
N GLY D 124 38.44 17.04 -3.43
CA GLY D 124 37.53 17.74 -4.32
C GLY D 124 36.07 17.72 -3.94
N MET D 125 35.73 17.16 -2.77
CA MET D 125 34.31 17.03 -2.46
C MET D 125 33.64 18.37 -2.15
N PHE D 126 34.40 19.44 -1.98
CA PHE D 126 33.82 20.76 -1.79
C PHE D 126 33.79 21.57 -3.06
N ALA D 127 34.10 20.94 -4.20
CA ALA D 127 34.01 21.54 -5.54
C ALA D 127 34.80 22.84 -5.54
N SER D 128 34.25 23.94 -6.06
CA SER D 128 34.99 25.18 -6.19
C SER D 128 34.84 26.11 -5.01
N HIS D 129 34.22 25.65 -3.92
CA HIS D 129 33.95 26.54 -2.79
C HIS D 129 35.15 26.85 -1.90
N PRO D 130 36.14 25.96 -1.72
CA PRO D 130 37.37 26.41 -1.06
C PRO D 130 38.14 27.34 -1.97
N THR D 131 38.79 28.34 -1.37
CA THR D 131 39.72 29.17 -2.13
C THR D 131 40.92 28.36 -2.58
N HIS D 132 41.46 27.53 -1.70
CA HIS D 132 42.56 26.61 -1.98
C HIS D 132 42.18 25.22 -1.53
N SER D 133 42.56 24.24 -2.34
CA SER D 133 42.34 22.84 -2.03
C SER D 133 43.65 22.08 -2.11
N ILE D 134 43.95 21.34 -1.05
CA ILE D 134 45.15 20.52 -0.95
C ILE D 134 44.71 19.08 -0.68
N SER D 135 45.07 18.17 -1.57
CA SER D 135 44.89 16.74 -1.32
C SER D 135 46.27 16.20 -0.98
N LEU D 136 46.57 16.09 0.29
CA LEU D 136 47.87 15.64 0.72
C LEU D 136 48.05 14.19 0.30
N PRO D 137 49.28 13.79 0.02
CA PRO D 137 49.56 12.40 -0.37
C PRO D 137 49.61 11.51 0.85
N ARG D 138 49.67 10.20 0.59
CA ARG D 138 49.89 9.22 1.66
C ARG D 138 51.18 9.55 2.42
N PRO D 139 51.13 9.70 3.74
CA PRO D 139 52.34 10.11 4.49
C PRO D 139 53.48 9.14 4.27
N THR D 140 54.67 9.70 4.00
CA THR D 140 55.88 8.90 3.81
C THR D 140 57.08 9.79 4.05
N GLN D 141 58.15 9.20 4.57
CA GLN D 141 59.43 9.89 4.73
C GLN D 141 60.12 10.14 3.41
N ASP D 142 59.69 9.49 2.32
CA ASP D 142 60.32 9.76 1.05
C ASP D 142 59.95 11.14 0.50
N ILE D 143 58.98 11.80 1.11
CA ILE D 143 58.61 13.17 0.77
C ILE D 143 59.17 14.07 1.88
N PRO D 144 60.00 15.05 1.56
CA PRO D 144 60.62 15.86 2.62
C PRO D 144 59.62 16.76 3.35
N ALA D 145 59.92 17.00 4.62
CA ALA D 145 59.09 17.86 5.45
C ALA D 145 59.00 19.27 4.88
N ARG D 146 60.08 19.77 4.27
CA ARG D 146 60.05 21.10 3.66
C ARG D 146 59.04 21.19 2.52
N TRP D 147 58.75 20.08 1.84
CA TRP D 147 57.67 20.11 0.86
C TRP D 147 56.30 20.32 1.53
N LEU D 148 56.04 19.57 2.59
CA LEU D 148 54.76 19.68 3.30
C LEU D 148 54.55 21.08 3.86
N VAL D 149 55.57 21.61 4.56
CA VAL D 149 55.44 22.94 5.13
C VAL D 149 55.36 23.97 4.02
N SER D 150 56.06 23.76 2.90
CA SER D 150 55.98 24.72 1.80
C SER D 150 54.58 24.73 1.20
N THR D 151 53.94 23.58 1.10
CA THR D 151 52.59 23.54 0.57
C THR D 151 51.65 24.30 1.50
N ILE D 152 51.79 24.07 2.80
CA ILE D 152 50.95 24.75 3.79
C ILE D 152 51.16 26.27 3.76
N ASP D 153 52.41 26.68 3.62
CA ASP D 153 52.77 28.09 3.57
C ASP D 153 52.24 28.75 2.30
N HIS D 154 52.26 28.04 1.18
CA HIS D 154 51.67 28.61 -0.04
C HIS D 154 50.17 28.82 0.15
N ALA D 155 49.46 27.81 0.67
CA ALA D 155 48.02 27.93 0.82
C ALA D 155 47.64 29.05 1.79
N LEU D 156 48.32 29.14 2.93
CA LEU D 156 47.93 30.13 3.91
C LEU D 156 48.43 31.52 3.54
N GLY D 157 49.61 31.59 2.93
CA GLY D 157 50.20 32.90 2.64
C GLY D 157 49.49 33.65 1.53
N THR D 158 49.02 32.94 0.51
CA THR D 158 48.32 33.58 -0.61
C THR D 158 46.81 33.62 -0.38
N LEU D 159 46.34 33.29 0.82
CA LEU D 159 44.92 33.22 1.09
C LEU D 159 44.40 34.63 1.33
N HIS D 160 43.78 35.23 0.30
CA HIS D 160 43.17 36.54 0.51
C HIS D 160 41.93 36.41 1.39
N ALA D 161 41.17 35.34 1.21
CA ALA D 161 39.89 35.18 1.88
C ALA D 161 39.34 33.79 1.59
N GLY D 162 38.45 33.33 2.44
CA GLY D 162 37.76 32.09 2.20
C GLY D 162 38.47 30.90 2.80
N GLY D 163 37.88 29.71 2.59
CA GLY D 163 38.35 28.51 3.24
C GLY D 163 39.42 27.77 2.45
N VAL D 164 40.18 26.97 3.18
CA VAL D 164 41.20 26.10 2.61
C VAL D 164 40.88 24.69 3.04
N HIS D 165 40.73 23.78 2.07
CA HIS D 165 40.50 22.37 2.33
C HIS D 165 41.81 21.64 2.22
N ILE D 166 42.26 21.05 3.34
CA ILE D 166 43.48 20.25 3.39
C ILE D 166 43.05 18.84 3.74
N ASN D 167 43.06 17.95 2.76
CA ASN D 167 42.69 16.56 2.98
C ASN D 167 43.91 15.79 3.45
N CYS D 168 43.76 15.04 4.54
CA CYS D 168 44.88 14.41 5.25
C CYS D 168 44.64 12.92 5.40
N PRO D 169 45.05 12.11 4.43
CA PRO D 169 44.95 10.66 4.59
C PRO D 169 45.97 10.14 5.60
N PHE D 170 45.54 9.14 6.39
CA PHE D 170 46.40 8.46 7.36
C PHE D 170 46.08 6.97 7.36
N ALA D 171 47.12 6.13 7.31
CA ALA D 171 46.93 4.69 7.41
C ALA D 171 47.12 4.20 8.84
N GLU D 172 46.38 3.15 9.22
CA GLU D 172 46.55 2.51 10.53
C GLU D 172 47.89 1.74 10.51
N PRO D 173 48.51 1.51 11.68
CA PRO D 173 48.03 1.84 13.03
C PRO D 173 48.01 3.33 13.30
N LEU D 174 46.97 3.76 14.03
CA LEU D 174 46.85 5.14 14.46
C LEU D 174 47.33 5.36 15.89
N TYR D 175 47.37 4.31 16.70
CA TYR D 175 47.67 4.41 18.13
C TYR D 175 48.95 3.68 18.43
N GLY D 176 49.55 4.02 19.55
CA GLY D 176 50.81 3.44 19.94
C GLY D 176 51.68 4.50 20.57
N GLU D 177 52.71 4.05 21.28
CA GLU D 177 53.63 4.98 21.89
C GLU D 177 54.42 5.72 20.81
N MET D 178 54.72 6.97 21.09
CA MET D 178 55.63 7.72 20.22
C MET D 178 57.03 7.16 20.34
N ASP D 179 57.62 6.77 19.22
CA ASP D 179 59.03 6.56 19.23
C ASP D 179 59.60 7.67 18.35
N ASP D 180 60.85 7.53 17.95
CA ASP D 180 61.51 8.59 17.20
C ASP D 180 61.45 8.39 15.69
N THR D 181 60.55 7.53 15.20
CA THR D 181 60.35 7.41 13.77
C THR D 181 59.95 8.76 13.22
N GLY D 182 60.73 9.26 12.24
CA GLY D 182 60.42 10.54 11.65
C GLY D 182 60.97 11.75 12.39
N LEU D 183 61.70 11.55 13.49
CA LEU D 183 62.25 12.69 14.22
C LEU D 183 63.33 13.39 13.40
N SER D 184 64.28 12.63 12.84
CA SER D 184 65.29 13.23 11.98
C SER D 184 64.66 13.85 10.72
N TRP D 185 63.62 13.22 10.17
CA TRP D 185 62.82 13.80 9.10
C TRP D 185 62.31 15.19 9.47
N GLN D 186 61.76 15.31 10.68
CA GLN D 186 61.38 16.62 11.19
C GLN D 186 62.57 17.56 11.33
N GLN D 187 63.70 17.03 11.81
CA GLN D 187 64.86 17.86 12.10
C GLN D 187 65.52 18.40 10.84
N ARG D 188 65.16 17.89 9.66
CA ARG D 188 65.62 18.52 8.42
C ARG D 188 65.12 19.97 8.28
N LEU D 189 64.12 20.39 9.05
CA LEU D 189 63.71 21.79 9.04
C LEU D 189 64.57 22.67 9.94
N GLY D 190 65.51 22.10 10.68
CA GLY D 190 66.46 22.94 11.41
C GLY D 190 65.81 23.76 12.51
N ASP D 191 66.30 24.98 12.70
CA ASP D 191 65.74 25.79 13.77
C ASP D 191 64.44 26.47 13.37
N TRP D 192 63.87 26.10 12.22
CA TRP D 192 62.51 26.54 11.90
C TRP D 192 61.55 26.17 13.01
N TRP D 193 61.80 25.06 13.69
CA TRP D 193 60.94 24.65 14.80
C TRP D 193 60.95 25.65 15.94
N GLN D 194 62.01 26.45 16.07
CA GLN D 194 62.09 27.49 17.09
C GLN D 194 61.79 28.89 16.54
N ASP D 195 61.39 29.00 15.28
CA ASP D 195 61.12 30.29 14.65
C ASP D 195 59.63 30.64 14.73
N ASP D 196 59.30 31.88 14.39
CA ASP D 196 57.93 32.36 14.46
C ASP D 196 57.38 32.75 13.10
N LYS D 197 58.10 32.48 12.03
CA LYS D 197 57.73 32.84 10.68
C LYS D 197 57.44 31.59 9.87
N PRO D 198 56.76 31.72 8.73
CA PRO D 198 56.62 30.56 7.84
C PRO D 198 57.97 30.13 7.30
N TRP D 199 58.04 28.83 6.94
CA TRP D 199 59.19 28.30 6.20
C TRP D 199 59.33 29.00 4.85
N LEU D 200 58.22 29.16 4.13
CA LEU D 200 58.22 29.92 2.89
C LEU D 200 57.29 31.11 3.07
N ARG D 201 57.84 32.32 2.93
CA ARG D 201 57.03 33.53 3.04
C ARG D 201 56.53 33.92 1.66
N GLU D 202 55.25 33.72 1.45
CA GLU D 202 54.61 33.99 0.18
C GLU D 202 53.29 34.69 0.48
N ALA D 203 53.29 36.03 0.42
CA ALA D 203 52.13 36.83 0.86
C ALA D 203 51.91 38.05 -0.04
N PRO D 204 51.72 37.84 -1.34
CA PRO D 204 51.46 39.00 -2.21
C PRO D 204 50.09 39.61 -1.90
N ARG D 205 50.04 40.94 -1.94
CA ARG D 205 48.84 41.70 -1.61
C ARG D 205 47.97 41.97 -2.85
N LEU D 206 46.67 41.77 -2.71
CA LEU D 206 45.70 42.00 -3.78
C LEU D 206 44.93 43.27 -3.48
N GLU D 207 45.06 44.28 -4.35
CA GLU D 207 44.53 45.59 -4.04
C GLU D 207 44.36 46.44 -5.30
N SER D 208 43.26 47.18 -5.36
CA SER D 208 43.05 48.09 -6.47
C SER D 208 43.91 49.34 -6.31
N GLU D 209 44.25 49.93 -7.44
CA GLU D 209 45.04 51.14 -7.50
C GLU D 209 44.19 52.37 -7.17
N LYS D 210 44.87 53.46 -6.83
CA LYS D 210 44.17 54.72 -6.60
C LYS D 210 43.48 55.17 -7.87
N GLN D 211 42.27 55.69 -7.73
CA GLN D 211 41.48 56.17 -8.87
C GLN D 211 41.90 57.60 -9.15
N ARG D 212 42.57 57.80 -10.29
CA ARG D 212 43.20 59.09 -10.55
C ARG D 212 42.21 60.20 -10.87
N ASP D 213 40.96 59.84 -11.14
CA ASP D 213 39.94 60.83 -11.45
C ASP D 213 39.00 61.06 -10.28
N TRP D 214 39.41 60.70 -9.06
CA TRP D 214 38.53 60.87 -7.91
C TRP D 214 38.26 62.35 -7.63
N PHE D 215 39.25 63.23 -7.83
CA PHE D 215 38.98 64.64 -7.59
C PHE D 215 37.94 65.20 -8.53
N PHE D 216 37.74 64.56 -9.70
CA PHE D 216 36.65 64.91 -10.60
C PHE D 216 35.32 64.38 -10.05
N TRP D 217 35.28 63.12 -9.65
CA TRP D 217 33.99 62.50 -9.29
C TRP D 217 33.48 62.93 -7.92
N ARG D 218 34.35 63.26 -6.96
CA ARG D 218 33.87 63.64 -5.65
C ARG D 218 33.13 64.97 -5.67
N GLN D 219 33.27 65.76 -6.73
CA GLN D 219 32.51 67.00 -6.85
C GLN D 219 31.14 66.80 -7.48
N LYS D 220 30.83 65.61 -7.97
CA LYS D 220 29.53 65.39 -8.60
C LYS D 220 28.46 65.02 -7.59
N ARG D 221 27.23 64.96 -8.06
CA ARG D 221 26.14 64.56 -7.17
C ARG D 221 26.21 63.06 -6.97
N GLY D 222 26.75 62.65 -5.83
CA GLY D 222 26.89 61.23 -5.54
C GLY D 222 26.00 60.74 -4.42
N VAL D 223 25.80 59.43 -4.37
CA VAL D 223 25.10 58.72 -3.29
C VAL D 223 26.09 57.74 -2.68
N VAL D 224 26.05 57.62 -1.36
CA VAL D 224 26.89 56.66 -0.65
C VAL D 224 25.99 55.56 -0.14
N VAL D 225 26.29 54.33 -0.52
CA VAL D 225 25.62 53.14 -0.02
C VAL D 225 26.61 52.38 0.83
N ALA D 226 26.26 52.13 2.09
CA ALA D 226 27.14 51.42 3.02
C ALA D 226 26.51 50.07 3.36
N GLY D 227 27.17 48.99 2.94
CA GLY D 227 26.85 47.61 3.27
C GLY D 227 27.69 47.11 4.43
N ARG D 228 27.95 45.79 4.44
CA ARG D 228 28.65 45.19 5.56
C ARG D 228 30.11 45.61 5.61
N MET D 229 30.56 46.00 6.79
CA MET D 229 31.91 46.45 7.03
C MET D 229 32.14 46.38 8.53
N SER D 230 33.36 46.69 8.94
CA SER D 230 33.65 46.71 10.36
C SER D 230 33.04 47.95 11.00
N ALA D 231 33.00 47.94 12.33
CA ALA D 231 32.37 49.04 13.05
C ALA D 231 33.14 50.35 12.86
N GLU D 232 34.47 50.28 12.93
CA GLU D 232 35.30 51.48 12.72
C GLU D 232 35.10 52.01 11.30
N GLU D 233 35.05 51.10 10.34
CA GLU D 233 34.78 51.49 8.96
C GLU D 233 33.43 52.17 8.83
N GLY D 234 32.44 51.71 9.58
CA GLY D 234 31.14 52.35 9.55
C GLY D 234 31.22 53.80 10.00
N LYS D 235 31.94 54.05 11.11
CA LYS D 235 32.09 55.42 11.59
C LYS D 235 32.82 56.29 10.57
N LYS D 236 33.87 55.75 9.94
CA LYS D 236 34.61 56.53 8.95
C LYS D 236 33.79 56.82 7.70
N VAL D 237 33.02 55.83 7.22
CA VAL D 237 32.18 56.06 6.04
C VAL D 237 31.09 57.08 6.34
N ALA D 238 30.50 57.02 7.53
CA ALA D 238 29.52 58.03 7.90
C ALA D 238 30.14 59.42 7.81
N LEU D 239 31.33 59.59 8.39
CA LEU D 239 32.00 60.89 8.36
C LEU D 239 32.38 61.36 6.95
N TRP D 240 32.86 60.44 6.14
CA TRP D 240 33.25 60.69 4.76
C TRP D 240 32.05 61.15 3.92
N ALA D 241 30.94 60.41 4.01
CA ALA D 241 29.73 60.76 3.28
C ALA D 241 29.15 62.09 3.78
N GLN D 242 29.17 62.33 5.08
CA GLN D 242 28.68 63.63 5.55
C GLN D 242 29.58 64.75 5.06
N THR D 243 30.91 64.55 5.00
CA THR D 243 31.78 65.60 4.49
C THR D 243 31.45 65.91 3.04
N LEU D 244 31.20 64.86 2.23
CA LEU D 244 30.85 65.06 0.83
C LEU D 244 29.49 65.72 0.64
N GLY D 245 28.61 65.66 1.64
CA GLY D 245 27.26 66.14 1.44
C GLY D 245 26.40 65.23 0.61
N TRP D 246 26.78 64.01 0.46
CA TRP D 246 26.08 62.98 -0.25
C TRP D 246 25.19 62.22 0.73
N PRO D 247 23.96 61.88 0.34
CA PRO D 247 23.11 61.05 1.21
C PRO D 247 23.71 59.67 1.44
N LEU D 248 23.62 59.20 2.69
CA LEU D 248 24.15 57.91 3.10
C LEU D 248 22.97 56.96 3.33
N ILE D 249 22.88 55.93 2.50
CA ILE D 249 21.94 54.84 2.72
C ILE D 249 22.71 53.79 3.49
N GLY D 250 22.40 53.63 4.77
CA GLY D 250 23.21 52.76 5.59
C GLY D 250 22.48 51.48 5.95
N ASP D 251 23.10 50.35 5.61
CA ASP D 251 22.54 49.04 5.89
C ASP D 251 22.60 48.76 7.38
N VAL D 252 21.76 47.84 7.83
CA VAL D 252 21.78 47.37 9.22
C VAL D 252 23.16 46.83 9.59
N LEU D 253 23.91 46.33 8.61
CA LEU D 253 25.23 45.76 8.88
C LEU D 253 26.38 46.78 8.83
N SER D 254 26.11 48.05 8.47
CA SER D 254 27.17 49.01 8.20
C SER D 254 27.63 49.82 9.41
N GLN D 255 26.93 49.83 10.51
CA GLN D 255 27.34 50.49 11.73
C GLN D 255 27.73 51.97 11.46
N THR D 256 27.03 52.56 10.51
CA THR D 256 27.29 53.95 10.19
C THR D 256 26.52 54.92 11.07
N GLY D 257 25.57 54.43 11.87
CA GLY D 257 24.63 55.29 12.56
C GLY D 257 23.36 55.55 11.78
N GLN D 258 23.28 55.08 10.53
CA GLN D 258 22.14 55.21 9.64
C GLN D 258 21.52 56.60 9.73
N PRO D 259 22.22 57.66 9.30
CA PRO D 259 21.69 59.03 9.44
C PRO D 259 20.39 59.29 8.67
N LEU D 260 20.09 58.51 7.62
CA LEU D 260 18.80 58.56 6.96
C LEU D 260 18.09 57.21 7.21
N PRO D 261 17.59 56.98 8.42
CA PRO D 261 17.10 55.64 8.78
C PRO D 261 15.81 55.28 8.08
N CYS D 262 15.44 54.00 8.21
CA CYS D 262 14.23 53.46 7.59
C CYS D 262 14.28 53.60 6.07
N ALA D 263 15.48 53.45 5.52
CA ALA D 263 15.63 53.50 4.06
C ALA D 263 14.73 52.46 3.40
N ASP D 264 14.51 51.32 4.04
CA ASP D 264 13.62 50.32 3.46
C ASP D 264 12.18 50.82 3.33
N LEU D 265 11.80 51.85 4.07
CA LEU D 265 10.49 52.48 3.92
C LEU D 265 10.50 53.66 2.95
N TRP D 266 11.39 54.63 3.15
CA TRP D 266 11.31 55.84 2.33
C TRP D 266 11.87 55.64 0.93
N LEU D 267 12.67 54.60 0.71
CA LEU D 267 13.04 54.26 -0.66
C LEU D 267 11.84 53.78 -1.48
N GLY D 268 10.71 53.47 -0.84
CA GLY D 268 9.48 53.14 -1.52
C GLY D 268 8.63 54.32 -1.95
N ASN D 269 9.04 55.53 -1.62
CA ASN D 269 8.32 56.73 -1.99
C ASN D 269 8.89 57.28 -3.29
N ALA D 270 8.00 57.60 -4.24
CA ALA D 270 8.43 58.02 -5.58
C ALA D 270 9.25 59.31 -5.56
N LYS D 271 9.00 60.20 -4.60
CA LYS D 271 9.76 61.45 -4.50
C LYS D 271 11.24 61.19 -4.20
N ALA D 272 11.51 60.20 -3.35
CA ALA D 272 12.89 59.85 -3.04
C ALA D 272 13.60 59.31 -4.26
N THR D 273 12.99 58.33 -4.94
CA THR D 273 13.64 57.76 -6.12
C THR D 273 13.79 58.80 -7.24
N SER D 274 12.83 59.72 -7.37
CA SER D 274 12.99 60.80 -8.33
C SER D 274 14.17 61.70 -7.99
N GLU D 275 14.35 62.03 -6.71
CA GLU D 275 15.54 62.80 -6.33
C GLU D 275 16.81 62.01 -6.58
N LEU D 276 16.79 60.70 -6.31
CA LEU D 276 17.97 59.88 -6.49
C LEU D 276 18.34 59.73 -7.97
N GLN D 277 17.39 59.94 -8.88
CA GLN D 277 17.73 59.82 -10.30
C GLN D 277 18.84 60.80 -10.70
N GLN D 278 18.95 61.94 -10.03
CA GLN D 278 19.96 62.94 -10.40
C GLN D 278 21.37 62.56 -9.99
N ALA D 279 21.54 61.48 -9.22
CA ALA D 279 22.89 61.06 -8.83
C ALA D 279 23.71 60.70 -10.06
N GLN D 280 24.88 61.31 -10.17
CA GLN D 280 25.75 60.97 -11.29
C GLN D 280 26.71 59.84 -10.98
N ILE D 281 26.98 59.59 -9.70
CA ILE D 281 27.82 58.48 -9.27
C ILE D 281 27.22 57.88 -8.01
N VAL D 282 27.35 56.57 -7.87
CA VAL D 282 27.05 55.87 -6.61
C VAL D 282 28.33 55.20 -6.14
N VAL D 283 28.75 55.49 -4.91
CA VAL D 283 29.90 54.83 -4.31
C VAL D 283 29.39 53.94 -3.18
N GLN D 284 29.45 52.64 -3.40
CA GLN D 284 29.02 51.66 -2.41
C GLN D 284 30.25 51.08 -1.73
N LEU D 285 30.25 51.07 -0.41
CA LEU D 285 31.30 50.44 0.37
C LEU D 285 30.68 49.29 1.14
N GLY D 286 31.28 48.10 1.02
CA GLY D 286 30.69 46.89 1.55
C GLY D 286 29.66 46.30 0.60
N SER D 287 29.11 45.16 0.99
CA SER D 287 28.18 44.49 0.10
C SER D 287 27.21 43.67 0.95
N SER D 288 26.49 42.75 0.31
CA SER D 288 25.41 41.99 0.94
C SER D 288 24.34 42.92 1.52
N LEU D 289 23.86 43.84 0.68
CA LEU D 289 22.81 44.77 1.08
C LEU D 289 21.54 44.03 1.51
N THR D 290 20.91 44.50 2.58
CA THR D 290 19.83 43.75 3.24
C THR D 290 18.45 44.02 2.64
N GLY D 291 18.05 45.29 2.56
CA GLY D 291 16.66 45.63 2.32
C GLY D 291 16.21 45.51 0.87
N LYS D 292 14.96 45.06 0.70
CA LYS D 292 14.42 44.86 -0.64
C LYS D 292 14.25 46.17 -1.40
N ARG D 293 13.85 47.26 -0.72
CA ARG D 293 13.70 48.54 -1.42
C ARG D 293 15.06 49.09 -1.85
N LEU D 294 16.10 48.89 -1.05
CA LEU D 294 17.45 49.26 -1.47
C LEU D 294 17.93 48.42 -2.64
N LEU D 295 17.70 47.11 -2.60
CA LEU D 295 18.09 46.27 -3.74
C LEU D 295 17.30 46.63 -5.01
N GLN D 296 16.03 46.98 -4.87
CA GLN D 296 15.26 47.41 -6.03
C GLN D 296 15.72 48.76 -6.56
N TRP D 297 16.08 49.68 -5.66
CA TRP D 297 16.60 50.96 -6.13
C TRP D 297 17.94 50.79 -6.81
N GLN D 298 18.83 49.98 -6.23
CA GLN D 298 20.08 49.66 -6.90
C GLN D 298 19.82 49.10 -8.29
N ALA D 299 18.86 48.18 -8.41
CA ALA D 299 18.56 47.60 -9.72
C ALA D 299 18.07 48.64 -10.71
N SER D 300 17.30 49.63 -10.25
CA SER D 300 16.71 50.56 -11.21
C SER D 300 17.58 51.77 -11.50
N CYS D 301 18.42 52.17 -10.55
CA CYS D 301 19.13 53.42 -10.69
C CYS D 301 20.15 53.34 -11.82
N GLU D 302 20.36 54.46 -12.50
CA GLU D 302 21.27 54.53 -13.64
C GLU D 302 22.21 55.72 -13.50
N PRO D 303 23.08 55.72 -12.49
CA PRO D 303 24.13 56.74 -12.45
C PRO D 303 25.09 56.53 -13.60
N GLU D 304 25.82 57.59 -13.92
CA GLU D 304 26.89 57.43 -14.90
C GLU D 304 27.86 56.33 -14.46
N GLU D 305 28.23 56.32 -13.18
CA GLU D 305 29.13 55.30 -12.69
C GLU D 305 28.67 54.76 -11.34
N TYR D 306 28.90 53.47 -11.14
CA TYR D 306 28.58 52.78 -9.89
C TYR D 306 29.86 52.10 -9.44
N TRP D 307 30.35 52.48 -8.26
CA TRP D 307 31.58 51.89 -7.70
C TRP D 307 31.21 51.03 -6.49
N ILE D 308 31.84 49.86 -6.38
CA ILE D 308 31.70 49.07 -5.17
C ILE D 308 33.08 48.86 -4.59
N VAL D 309 33.31 49.42 -3.39
CA VAL D 309 34.57 49.28 -2.66
C VAL D 309 34.39 48.21 -1.59
N ASP D 310 35.27 47.22 -1.58
CA ASP D 310 35.20 46.17 -0.57
C ASP D 310 36.49 45.38 -0.62
N ASP D 311 36.81 44.70 0.48
CA ASP D 311 37.99 43.84 0.49
C ASP D 311 37.66 42.42 0.11
N ILE D 312 36.49 42.18 -0.47
CA ILE D 312 36.08 40.92 -1.06
C ILE D 312 36.31 41.00 -2.56
N GLU D 313 36.68 39.87 -3.16
CA GLU D 313 36.96 39.82 -4.59
C GLU D 313 35.69 39.60 -5.39
N GLY D 314 35.78 39.91 -6.68
CA GLY D 314 34.72 39.57 -7.59
C GLY D 314 33.62 40.61 -7.66
N ARG D 315 32.70 40.37 -8.60
CA ARG D 315 31.55 41.24 -8.76
C ARG D 315 30.65 41.16 -7.53
N LEU D 316 30.16 42.32 -7.10
CA LEU D 316 29.28 42.41 -5.95
C LEU D 316 28.01 43.19 -6.26
N ASP D 317 27.81 43.60 -7.51
CA ASP D 317 26.64 44.35 -7.92
C ASP D 317 25.68 43.42 -8.66
N PRO D 318 24.63 42.93 -8.02
CA PRO D 318 23.68 42.03 -8.71
C PRO D 318 22.89 42.69 -9.81
N ALA D 319 23.08 44.00 -10.03
CA ALA D 319 22.44 44.66 -11.16
C ALA D 319 23.39 44.92 -12.31
N HIS D 320 24.69 44.69 -12.15
CA HIS D 320 25.68 44.75 -13.24
C HIS D 320 25.79 46.14 -13.88
N HIS D 321 25.86 47.16 -13.04
CA HIS D 321 26.02 48.54 -13.53
C HIS D 321 27.37 48.75 -14.19
N ARG D 322 27.39 49.66 -15.15
CA ARG D 322 28.63 50.24 -15.63
C ARG D 322 29.32 50.96 -14.48
N GLY D 323 30.59 50.63 -14.25
CA GLY D 323 31.31 51.28 -13.17
C GLY D 323 32.58 50.57 -12.79
N ARG D 324 32.84 50.50 -11.48
CA ARG D 324 34.11 50.02 -10.98
C ARG D 324 33.88 49.08 -9.81
N ARG D 325 34.77 48.10 -9.71
CA ARG D 325 34.77 47.08 -8.65
C ARG D 325 36.17 47.17 -8.02
N LEU D 326 36.23 47.78 -6.83
CA LEU D 326 37.48 48.18 -6.19
C LEU D 326 37.75 47.31 -4.98
N ILE D 327 38.88 46.62 -5.02
CA ILE D 327 39.29 45.70 -3.97
C ILE D 327 40.26 46.47 -3.05
N ALA D 328 39.87 46.64 -1.80
CA ALA D 328 40.66 47.39 -0.83
C ALA D 328 40.04 47.19 0.54
N ASN D 329 40.86 47.50 1.54
CA ASN D 329 40.40 47.62 2.92
C ASN D 329 39.64 48.97 2.83
N ILE D 330 38.45 49.02 3.39
CA ILE D 330 37.60 50.20 3.21
C ILE D 330 38.22 51.43 3.86
N ALA D 331 38.79 51.29 5.06
CA ALA D 331 39.43 52.42 5.73
C ALA D 331 40.63 52.93 4.92
N ASP D 332 41.49 52.02 4.47
CA ASP D 332 42.58 52.40 3.59
C ASP D 332 42.07 53.11 2.34
N TRP D 333 40.99 52.59 1.75
CA TRP D 333 40.46 53.17 0.52
C TRP D 333 39.94 54.58 0.76
N LEU D 334 39.33 54.83 1.92
CA LEU D 334 38.86 56.17 2.26
C LEU D 334 40.03 57.14 2.47
N GLU D 335 41.14 56.67 3.04
CA GLU D 335 42.31 57.55 3.15
C GLU D 335 42.92 57.84 1.78
N LEU D 336 42.89 56.85 0.88
CA LEU D 336 43.41 57.06 -0.46
C LEU D 336 42.50 57.94 -1.30
N HIS D 337 41.20 57.99 -0.96
CA HIS D 337 40.22 58.81 -1.68
C HIS D 337 39.45 59.67 -0.69
N PRO D 338 40.10 60.69 -0.13
CA PRO D 338 39.46 61.47 0.93
C PRO D 338 38.33 62.31 0.39
N ALA D 339 37.45 62.72 1.32
CA ALA D 339 36.34 63.57 0.97
C ALA D 339 36.77 65.03 0.95
N GLU D 340 36.00 65.83 0.22
CA GLU D 340 36.14 67.28 0.19
C GLU D 340 34.83 67.88 0.70
N LYS D 341 34.94 68.89 1.57
CA LYS D 341 33.76 69.59 2.09
C LYS D 341 32.93 70.19 0.97
N ARG D 342 31.69 69.72 0.82
CA ARG D 342 30.81 70.24 -0.20
C ARG D 342 29.39 70.33 0.36
N GLN D 343 28.60 71.19 -0.28
CA GLN D 343 27.22 71.41 0.15
C GLN D 343 26.39 70.17 -0.12
N PRO D 344 25.58 69.70 0.84
CA PRO D 344 24.66 68.60 0.55
C PRO D 344 23.69 69.00 -0.54
N TRP D 345 23.40 68.06 -1.43
CA TRP D 345 22.50 68.33 -2.55
C TRP D 345 21.11 67.75 -2.39
N CYS D 346 20.90 66.82 -1.46
CA CYS D 346 19.56 66.26 -1.24
C CYS D 346 18.75 67.13 -0.31
N VAL D 347 17.49 67.35 -0.69
CA VAL D 347 16.56 68.18 0.08
C VAL D 347 15.33 67.39 0.54
N GLU D 348 14.71 66.68 -0.39
CA GLU D 348 13.53 65.87 -0.09
C GLU D 348 13.71 64.63 0.80
N ILE D 349 14.83 63.93 0.64
CA ILE D 349 15.08 62.64 1.28
C ILE D 349 15.27 62.78 2.78
N PRO D 350 16.00 63.79 3.29
CA PRO D 350 16.05 63.95 4.76
C PRO D 350 14.67 64.11 5.37
N ARG D 351 13.80 64.89 4.72
CA ARG D 351 12.44 65.05 5.21
C ARG D 351 11.69 63.71 5.21
N LEU D 352 11.82 62.96 4.11
CA LEU D 352 11.16 61.66 4.00
C LEU D 352 11.66 60.68 5.06
N ALA D 353 12.96 60.69 5.35
CA ALA D 353 13.49 59.78 6.35
C ALA D 353 13.01 60.15 7.74
N GLU D 354 12.95 61.45 8.06
CA GLU D 354 12.38 61.82 9.34
C GLU D 354 10.93 61.37 9.45
N GLN D 355 10.12 61.58 8.39
CA GLN D 355 8.71 61.18 8.46
C GLN D 355 8.53 59.66 8.54
N ALA D 356 9.39 58.90 7.85
CA ALA D 356 9.32 57.44 7.93
C ALA D 356 9.62 56.96 9.34
N MET D 357 10.71 57.47 9.92
CA MET D 357 11.03 57.15 11.31
C MET D 357 9.89 57.54 12.25
N GLN D 358 9.28 58.71 12.02
CA GLN D 358 8.13 59.11 12.83
C GLN D 358 7.01 58.07 12.73
N ALA D 359 6.78 57.58 11.51
CA ALA D 359 5.74 56.58 11.29
C ALA D 359 6.02 55.31 12.07
N VAL D 360 7.28 54.92 12.13
CA VAL D 360 7.60 53.73 12.89
C VAL D 360 7.44 53.97 14.38
N ILE D 361 7.90 55.13 14.86
CA ILE D 361 7.82 55.45 16.29
C ILE D 361 6.37 55.47 16.76
N ALA D 362 5.46 55.95 15.91
CA ALA D 362 4.05 55.99 16.29
C ALA D 362 3.50 54.61 16.61
N ARG D 363 4.15 53.55 16.15
CA ARG D 363 3.67 52.18 16.33
C ARG D 363 4.58 51.39 17.25
N ARG D 364 5.33 52.05 18.12
CA ARG D 364 6.33 51.36 18.92
C ARG D 364 5.73 50.55 20.08
N ASP D 365 4.43 50.72 20.40
CA ASP D 365 3.93 50.27 21.70
C ASP D 365 3.55 48.79 21.74
N ALA D 366 3.00 48.26 20.64
CA ALA D 366 2.55 46.88 20.64
C ALA D 366 3.71 45.90 20.90
N PHE D 367 3.41 44.81 21.60
CA PHE D 367 4.40 43.82 22.01
C PHE D 367 4.59 42.78 20.89
N GLY D 368 5.19 43.25 19.80
CA GLY D 368 5.41 42.42 18.63
C GLY D 368 6.85 42.49 18.16
N GLU D 369 7.15 41.65 17.14
CA GLU D 369 8.52 41.51 16.65
C GLU D 369 8.98 42.72 15.84
N ALA D 370 8.07 43.36 15.10
CA ALA D 370 8.43 44.61 14.45
C ALA D 370 8.83 45.66 15.47
N GLN D 371 8.08 45.73 16.58
CA GLN D 371 8.41 46.68 17.63
C GLN D 371 9.71 46.32 18.33
N LEU D 372 9.98 45.03 18.54
CA LEU D 372 11.26 44.64 19.12
C LEU D 372 12.42 45.08 18.23
N ALA D 373 12.30 44.83 16.92
CA ALA D 373 13.33 45.27 15.99
C ALA D 373 13.50 46.79 16.05
N HIS D 374 12.39 47.54 16.03
CA HIS D 374 12.47 49.00 16.10
C HIS D 374 13.14 49.48 17.39
N ARG D 375 12.90 48.80 18.51
CA ARG D 375 13.42 49.27 19.79
C ARG D 375 14.74 48.62 20.17
N ILE D 376 15.32 47.78 19.32
CA ILE D 376 16.46 46.96 19.74
C ILE D 376 17.67 47.82 20.13
N CYS D 377 17.79 49.02 19.56
CA CYS D 377 18.94 49.88 19.89
C CYS D 377 18.94 50.29 21.36
N ASP D 378 17.77 50.35 21.99
CA ASP D 378 17.69 50.66 23.42
C ASP D 378 18.08 49.50 24.30
N TYR D 379 18.34 48.31 23.74
CA TYR D 379 18.67 47.12 24.53
C TYR D 379 20.05 46.56 24.25
N LEU D 380 20.85 47.23 23.43
CA LEU D 380 22.18 46.74 23.12
C LEU D 380 23.04 46.76 24.38
N PRO D 381 23.76 45.68 24.69
CA PRO D 381 24.61 45.70 25.88
C PRO D 381 25.77 46.69 25.71
N GLU D 382 26.10 47.38 26.81
CA GLU D 382 27.20 48.34 26.78
C GLU D 382 28.51 47.64 26.47
N GLN D 383 29.27 48.19 25.51
CA GLN D 383 30.52 47.60 25.05
C GLN D 383 30.31 46.18 24.53
N GLY D 384 29.11 45.88 24.01
CA GLY D 384 28.78 44.56 23.55
C GLY D 384 28.79 44.44 22.05
N GLN D 385 28.12 43.42 21.55
CA GLN D 385 28.02 43.20 20.11
C GLN D 385 26.67 42.53 19.82
N LEU D 386 26.17 42.77 18.62
CA LEU D 386 24.89 42.23 18.18
C LEU D 386 25.13 41.19 17.10
N PHE D 387 24.53 40.02 17.27
CA PHE D 387 24.42 39.02 16.21
C PHE D 387 22.95 38.90 15.80
N VAL D 388 22.68 39.18 14.53
CA VAL D 388 21.32 39.17 13.99
C VAL D 388 21.15 37.95 13.10
N GLY D 389 20.09 37.18 13.35
CA GLY D 389 19.79 36.01 12.56
C GLY D 389 19.23 36.45 11.22
N ASN D 390 18.79 35.47 10.43
CA ASN D 390 18.27 35.69 9.08
C ASN D 390 16.73 35.73 9.07
N SER D 391 16.15 35.81 7.88
CA SER D 391 14.69 35.96 7.68
C SER D 391 14.25 37.29 8.26
N LEU D 392 13.16 37.34 9.04
CA LEU D 392 12.52 38.63 9.32
C LEU D 392 13.35 39.50 10.26
N VAL D 393 14.12 38.95 11.20
CA VAL D 393 14.73 39.82 12.20
C VAL D 393 15.66 40.84 11.56
N VAL D 394 16.52 40.41 10.63
CA VAL D 394 17.48 41.30 9.99
C VAL D 394 16.76 42.31 9.10
N ALA D 395 15.67 41.90 8.44
CA ALA D 395 14.91 42.82 7.60
C ALA D 395 14.18 43.86 8.43
N LEU D 396 13.58 43.45 9.56
CA LEU D 396 12.86 44.39 10.41
C LEU D 396 13.80 45.35 11.12
N ILE D 397 14.93 44.86 11.63
CA ILE D 397 15.91 45.77 12.21
C ILE D 397 16.41 46.75 11.16
N ASP D 398 16.69 46.26 9.95
CA ASP D 398 17.17 47.15 8.89
C ASP D 398 16.13 48.21 8.53
N ALA D 399 14.87 47.81 8.47
CA ALA D 399 13.82 48.69 7.98
C ALA D 399 13.32 49.63 9.07
N LEU D 400 13.34 49.21 10.33
CA LEU D 400 12.58 49.87 11.38
C LEU D 400 13.42 50.48 12.48
N SER D 401 14.71 50.19 12.57
CA SER D 401 15.53 50.63 13.69
C SER D 401 16.69 51.50 13.19
N GLN D 402 17.21 52.30 14.12
CA GLN D 402 18.39 53.13 13.87
C GLN D 402 19.44 52.73 14.89
N LEU D 403 20.41 51.94 14.45
CA LEU D 403 21.47 51.41 15.28
C LEU D 403 22.62 52.43 15.40
N PRO D 404 23.24 52.53 16.58
CA PRO D 404 24.29 53.53 16.75
C PRO D 404 25.55 53.22 15.95
N ALA D 405 26.21 54.29 15.52
CA ALA D 405 27.45 54.16 14.77
C ALA D 405 28.51 53.44 15.60
N GLY D 406 29.27 52.57 14.93
CA GLY D 406 30.38 51.93 15.58
C GLY D 406 30.04 50.80 16.53
N TYR D 407 28.77 50.47 16.71
CA TYR D 407 28.40 49.33 17.53
C TYR D 407 28.48 48.05 16.71
N PRO D 408 29.28 47.06 17.11
CA PRO D 408 29.55 45.91 16.22
C PRO D 408 28.31 45.05 15.99
N VAL D 409 28.01 44.81 14.71
CA VAL D 409 26.96 43.91 14.28
C VAL D 409 27.61 42.78 13.50
N TYR D 410 27.22 41.55 13.78
CA TYR D 410 27.70 40.39 13.06
C TYR D 410 26.51 39.60 12.55
N SER D 411 26.73 38.85 11.47
CA SER D 411 25.65 38.12 10.82
C SER D 411 26.24 37.05 9.91
N ASN D 412 25.36 36.19 9.40
CA ASN D 412 25.70 35.22 8.37
C ASN D 412 24.85 35.60 7.16
N ARG D 413 25.27 36.63 6.44
CA ARG D 413 24.51 37.17 5.32
C ARG D 413 25.15 36.88 3.98
N GLY D 414 26.09 35.92 3.91
CA GLY D 414 26.57 35.47 2.62
C GLY D 414 25.50 34.72 1.86
N ALA D 415 25.28 33.46 2.26
CA ALA D 415 24.18 32.69 1.73
C ALA D 415 22.92 32.83 2.58
N SER D 416 23.05 33.49 3.74
CA SER D 416 21.90 33.80 4.60
C SER D 416 21.17 32.53 5.04
N GLY D 417 21.93 31.47 5.28
CA GLY D 417 21.34 30.24 5.77
C GLY D 417 20.89 30.38 7.21
N ILE D 418 19.82 29.67 7.55
CA ILE D 418 19.33 29.60 8.92
C ILE D 418 19.85 28.35 9.64
N ASP D 419 20.92 27.74 9.12
CA ASP D 419 21.35 26.44 9.61
C ASP D 419 22.50 26.48 10.63
N GLY D 420 23.12 27.62 10.88
CA GLY D 420 24.20 27.63 11.86
C GLY D 420 24.27 28.85 12.76
N LEU D 421 23.11 29.44 13.10
CA LEU D 421 23.15 30.76 13.72
C LEU D 421 23.52 30.68 15.20
N LEU D 422 23.08 29.64 15.90
CA LEU D 422 23.40 29.54 17.32
C LEU D 422 24.89 29.26 17.53
N SER D 423 25.43 28.28 16.81
CA SER D 423 26.86 27.97 16.96
C SER D 423 27.74 29.12 16.45
N THR D 424 27.32 29.79 15.36
CA THR D 424 28.05 30.96 14.91
C THR D 424 28.08 32.03 16.00
N ALA D 425 26.93 32.28 16.62
CA ALA D 425 26.84 33.25 17.71
C ALA D 425 27.77 32.88 18.85
N ALA D 426 27.88 31.59 19.14
CA ALA D 426 28.81 31.16 20.18
C ALA D 426 30.25 31.52 19.80
N GLY D 427 30.61 31.30 18.53
CA GLY D 427 31.97 31.66 18.11
C GLY D 427 32.21 33.15 18.16
N VAL D 428 31.21 33.93 17.78
CA VAL D 428 31.30 35.39 17.85
C VAL D 428 31.60 35.83 19.29
N GLN D 429 30.86 35.25 20.24
CA GLN D 429 31.05 35.60 21.65
C GLN D 429 32.43 35.18 22.13
N ARG D 430 32.82 33.93 21.88
CA ARG D 430 34.08 33.42 22.41
C ARG D 430 35.26 34.16 21.82
N ALA D 431 35.15 34.58 20.56
CA ALA D 431 36.24 35.32 19.91
C ALA D 431 36.40 36.70 20.52
N SER D 432 35.31 37.43 20.74
CA SER D 432 35.52 38.79 21.23
C SER D 432 35.54 38.90 22.75
N GLY D 433 34.97 37.93 23.47
CA GLY D 433 34.86 38.04 24.90
C GLY D 433 33.87 39.09 25.39
N LYS D 434 33.05 39.66 24.49
CA LYS D 434 32.11 40.71 24.81
C LYS D 434 30.74 40.14 25.16
N PRO D 435 29.99 40.85 25.99
CA PRO D 435 28.57 40.54 26.14
C PRO D 435 27.86 40.66 24.79
N THR D 436 26.99 39.69 24.51
CA THR D 436 26.46 39.54 23.17
C THR D 436 24.95 39.44 23.20
N LEU D 437 24.30 40.15 22.30
CA LEU D 437 22.88 39.97 22.06
C LEU D 437 22.70 39.29 20.71
N ALA D 438 22.09 38.11 20.70
CA ALA D 438 21.84 37.38 19.47
C ALA D 438 20.34 37.19 19.33
N ILE D 439 19.83 37.45 18.12
CA ILE D 439 18.38 37.42 17.88
C ILE D 439 18.11 36.54 16.67
N VAL D 440 17.27 35.52 16.85
CA VAL D 440 16.95 34.58 15.79
C VAL D 440 15.48 34.22 15.89
N GLY D 441 14.96 33.64 14.81
CA GLY D 441 13.61 33.12 14.77
C GLY D 441 13.51 31.71 15.28
N ASP D 442 12.27 31.21 15.33
CA ASP D 442 12.01 29.89 15.93
C ASP D 442 12.54 28.75 15.05
N LEU D 443 12.31 28.80 13.74
CA LEU D 443 12.86 27.73 12.89
C LEU D 443 14.38 27.76 12.90
N SER D 444 14.96 28.96 12.94
CA SER D 444 16.42 29.07 13.06
C SER D 444 16.91 28.42 14.35
N ALA D 445 16.22 28.68 15.46
CA ALA D 445 16.64 28.09 16.72
C ALA D 445 16.48 26.58 16.68
N LEU D 446 15.40 26.06 16.10
CA LEU D 446 15.23 24.61 16.00
C LEU D 446 16.32 23.98 15.14
N TYR D 447 16.67 24.64 14.04
CA TYR D 447 17.65 24.10 13.09
C TYR D 447 18.99 23.80 13.77
N ASP D 448 19.49 24.73 14.56
CA ASP D 448 20.79 24.60 15.22
C ASP D 448 20.61 24.40 16.72
N LEU D 449 19.57 23.66 17.09
CA LEU D 449 19.18 23.58 18.49
C LEU D 449 20.27 22.97 19.36
N ASN D 450 20.94 21.91 18.89
CA ASN D 450 21.94 21.28 19.74
C ASN D 450 23.15 22.18 20.01
N ALA D 451 23.26 23.31 19.28
CA ALA D 451 24.27 24.31 19.57
C ALA D 451 24.04 24.99 20.92
N LEU D 452 22.87 24.81 21.53
CA LEU D 452 22.71 25.26 22.91
C LEU D 452 23.78 24.65 23.78
N ALA D 453 24.25 23.44 23.43
CA ALA D 453 25.37 22.87 24.18
C ALA D 453 26.57 23.81 24.20
N LEU D 454 26.92 24.35 23.03
CA LEU D 454 28.03 25.28 22.95
C LEU D 454 27.77 26.51 23.80
N LEU D 455 26.52 26.93 23.88
CA LEU D 455 26.21 28.16 24.63
C LEU D 455 26.25 27.94 26.13
N ARG D 456 26.58 26.73 26.59
CA ARG D 456 26.85 26.57 28.02
C ARG D 456 28.21 27.11 28.42
N GLN D 457 29.04 27.50 27.45
CA GLN D 457 30.37 28.06 27.70
C GLN D 457 30.51 29.39 26.98
N VAL D 458 30.22 30.48 27.69
CA VAL D 458 30.49 31.82 27.22
C VAL D 458 31.32 32.56 28.27
N SER D 459 32.17 33.46 27.81
CA SER D 459 33.05 34.21 28.71
C SER D 459 32.45 35.51 29.20
N ALA D 460 31.28 35.88 28.68
CA ALA D 460 30.53 37.08 29.02
C ALA D 460 29.06 36.79 28.76
N PRO D 461 28.15 37.56 29.35
CA PRO D 461 26.72 37.28 29.14
C PRO D 461 26.33 37.30 27.66
N LEU D 462 25.56 36.30 27.26
CA LEU D 462 24.95 36.25 25.93
C LEU D 462 23.45 36.09 26.12
N VAL D 463 22.69 37.03 25.58
CA VAL D 463 21.24 36.93 25.54
C VAL D 463 20.85 36.39 24.18
N LEU D 464 20.12 35.29 24.16
CA LEU D 464 19.61 34.70 22.92
C LEU D 464 18.11 34.95 22.91
N ILE D 465 17.68 35.90 22.10
CA ILE D 465 16.27 36.15 21.89
C ILE D 465 15.79 35.23 20.78
N VAL D 466 14.78 34.42 21.08
CA VAL D 466 14.12 33.58 20.09
C VAL D 466 12.75 34.17 19.83
N VAL D 467 12.58 34.81 18.67
CA VAL D 467 11.27 35.31 18.27
C VAL D 467 10.50 34.12 17.73
N ASN D 468 9.48 33.71 18.45
CA ASN D 468 8.69 32.53 18.09
C ASN D 468 7.36 33.04 17.57
N ASN D 469 7.26 33.11 16.24
CA ASN D 469 6.00 33.44 15.55
C ASN D 469 5.39 32.21 14.90
N ASN D 470 5.84 31.02 15.32
CA ASN D 470 5.30 29.73 14.88
C ASN D 470 5.40 29.56 13.36
N GLY D 471 6.64 29.50 12.89
CA GLY D 471 6.93 29.21 11.51
C GLY D 471 7.87 30.24 10.92
N GLY D 472 8.10 30.06 9.61
CA GLY D 472 8.89 31.01 8.86
C GLY D 472 8.00 32.09 8.30
N GLN D 473 7.72 33.12 9.09
CA GLN D 473 6.73 34.10 8.70
C GLN D 473 7.26 35.07 7.65
N ILE D 474 8.53 34.96 7.23
CA ILE D 474 8.94 35.69 6.04
C ILE D 474 8.06 35.30 4.86
N PHE D 475 7.54 34.06 4.85
CA PHE D 475 6.64 33.60 3.79
C PHE D 475 5.20 34.06 3.98
N SER D 476 4.91 34.76 5.08
CA SER D 476 3.70 35.58 5.12
C SER D 476 3.94 36.98 4.58
N LEU D 477 5.21 37.43 4.51
CA LEU D 477 5.55 38.70 3.89
C LEU D 477 5.63 38.60 2.37
N LEU D 478 6.25 37.54 1.85
CA LEU D 478 6.29 37.30 0.42
C LEU D 478 4.91 36.86 -0.06
N PRO D 479 4.58 37.11 -1.30
CA PRO D 479 3.24 36.78 -1.80
C PRO D 479 3.10 35.30 -2.18
N THR D 480 3.38 34.42 -1.23
CA THR D 480 3.19 32.99 -1.44
C THR D 480 1.70 32.66 -1.56
N PRO D 481 1.34 31.57 -2.25
CA PRO D 481 -0.09 31.24 -2.40
C PRO D 481 -0.68 30.82 -1.07
N GLN D 482 -1.89 31.30 -0.80
CA GLN D 482 -2.48 31.13 0.52
C GLN D 482 -2.77 29.67 0.84
N SER D 483 -3.20 28.87 -0.14
CA SER D 483 -3.69 27.54 0.17
C SER D 483 -2.56 26.56 0.48
N GLU D 484 -1.37 26.76 -0.06
CA GLU D 484 -0.23 25.92 0.28
C GLU D 484 0.68 26.54 1.33
N ARG D 485 0.38 27.77 1.75
CA ARG D 485 1.33 28.55 2.55
C ARG D 485 1.67 27.85 3.86
N GLU D 486 0.66 27.42 4.62
CA GLU D 486 0.94 26.83 5.92
C GLU D 486 1.79 25.57 5.81
N ARG D 487 1.37 24.62 4.98
CA ARG D 487 2.01 23.30 4.98
C ARG D 487 3.38 23.36 4.30
N PHE D 488 3.51 24.14 3.23
CA PHE D 488 4.71 24.03 2.43
C PHE D 488 5.66 25.21 2.57
N TYR D 489 5.27 26.28 3.28
CA TYR D 489 6.14 27.44 3.45
C TYR D 489 6.37 27.74 4.92
N LEU D 490 5.31 28.14 5.64
CA LEU D 490 5.46 28.55 7.02
C LEU D 490 5.99 27.41 7.88
N MET D 491 5.46 26.20 7.68
CA MET D 491 5.81 25.00 8.43
C MET D 491 5.90 25.29 9.93
N PRO D 492 4.79 25.65 10.58
CA PRO D 492 4.80 25.82 12.03
C PRO D 492 5.13 24.52 12.73
N GLN D 493 5.97 24.60 13.76
CA GLN D 493 6.37 23.43 14.53
C GLN D 493 5.71 23.33 15.89
N ASN D 494 5.03 24.40 16.34
CA ASN D 494 4.25 24.40 17.58
C ASN D 494 5.05 23.88 18.78
N VAL D 495 6.13 24.60 19.05
CA VAL D 495 6.97 24.28 20.18
C VAL D 495 7.22 25.57 20.95
N HIS D 496 7.76 25.40 22.14
CA HIS D 496 8.40 26.46 22.90
C HIS D 496 9.81 26.00 23.23
N PHE D 497 10.62 26.87 23.82
CA PHE D 497 12.04 26.56 24.03
C PHE D 497 12.43 26.49 25.51
N GLU D 498 11.44 26.39 26.42
CA GLU D 498 11.76 26.25 27.84
C GLU D 498 12.47 24.92 28.13
N HIS D 499 12.04 23.84 27.50
CA HIS D 499 12.68 22.56 27.75
C HIS D 499 14.03 22.45 27.04
N ALA D 500 14.19 23.15 25.93
CA ALA D 500 15.51 23.22 25.33
C ALA D 500 16.50 23.90 26.28
N ALA D 501 16.12 25.05 26.82
CA ALA D 501 16.97 25.75 27.77
C ALA D 501 17.23 24.90 29.01
N ALA D 502 16.18 24.26 29.52
CA ALA D 502 16.31 23.43 30.71
C ALA D 502 17.26 22.26 30.46
N MET D 503 17.22 21.68 29.24
CA MET D 503 18.06 20.53 28.91
C MET D 503 19.55 20.86 29.02
N PHE D 504 19.94 22.06 28.61
CA PHE D 504 21.32 22.51 28.68
C PHE D 504 21.56 23.47 29.85
N GLU D 505 20.63 23.48 30.81
CA GLU D 505 20.83 24.20 32.08
C GLU D 505 21.07 25.69 31.86
N LEU D 506 20.29 26.28 30.97
CA LEU D 506 20.38 27.71 30.69
C LEU D 506 19.16 28.39 31.28
N LYS D 507 19.38 29.55 31.89
CA LYS D 507 18.27 30.34 32.37
C LYS D 507 17.34 30.67 31.21
N TYR D 508 16.04 30.74 31.51
CA TYR D 508 14.99 30.91 30.52
C TYR D 508 13.94 31.91 31.01
N HIS D 509 13.52 32.81 30.09
CA HIS D 509 12.44 33.77 30.33
C HIS D 509 11.46 33.78 29.17
N ARG D 510 10.17 33.92 29.47
CA ARG D 510 9.15 34.11 28.44
C ARG D 510 8.35 35.35 28.78
N PRO D 511 8.88 36.53 28.50
CA PRO D 511 8.19 37.76 28.89
C PRO D 511 6.90 37.95 28.11
N GLN D 512 5.89 38.48 28.80
CA GLN D 512 4.58 38.75 28.21
C GLN D 512 4.36 40.23 27.93
N ASN D 513 5.25 41.10 28.38
CA ASN D 513 5.15 42.53 28.11
C ASN D 513 6.56 43.13 28.17
N TRP D 514 6.63 44.43 27.85
CA TRP D 514 7.93 45.09 27.81
C TRP D 514 8.59 45.13 29.19
N GLN D 515 7.80 45.33 30.24
CA GLN D 515 8.36 45.39 31.59
C GLN D 515 9.07 44.08 31.93
N GLU D 516 8.43 42.95 31.61
CA GLU D 516 9.07 41.68 31.90
C GLU D 516 10.26 41.43 31.00
N LEU D 517 10.22 41.96 29.77
CA LEU D 517 11.40 41.83 28.90
C LEU D 517 12.58 42.60 29.46
N GLU D 518 12.36 43.83 29.92
CA GLU D 518 13.46 44.60 30.50
C GLU D 518 13.97 43.96 31.79
N THR D 519 13.06 43.37 32.58
CA THR D 519 13.48 42.59 33.74
C THR D 519 14.39 41.44 33.33
N ALA D 520 14.00 40.71 32.29
CA ALA D 520 14.81 39.60 31.81
C ALA D 520 16.20 40.07 31.36
N PHE D 521 16.26 41.17 30.60
CA PHE D 521 17.55 41.70 30.17
C PHE D 521 18.41 42.06 31.37
N ALA D 522 17.85 42.83 32.30
CA ALA D 522 18.60 43.29 33.46
C ALA D 522 19.18 42.13 34.25
N ASP D 523 18.40 41.08 34.49
CA ASP D 523 18.93 39.92 35.17
C ASP D 523 20.01 39.25 34.33
N ALA D 524 19.84 39.26 33.01
CA ALA D 524 20.69 38.48 32.12
C ALA D 524 22.10 39.05 32.02
N TRP D 525 22.24 40.37 32.05
CA TRP D 525 23.58 40.94 31.86
C TRP D 525 24.49 40.78 33.08
N ARG D 526 24.02 40.14 34.15
CA ARG D 526 24.78 40.08 35.40
C ARG D 526 25.74 38.89 35.50
N THR D 527 25.56 37.84 34.70
CA THR D 527 26.40 36.64 34.78
C THR D 527 26.97 36.27 33.42
N PRO D 528 28.23 35.63 33.39
CA PRO D 528 28.82 35.15 32.13
C PRO D 528 28.21 33.83 31.66
N THR D 529 26.92 33.88 31.34
CA THR D 529 26.20 32.71 30.87
C THR D 529 25.25 33.15 29.77
N THR D 530 24.69 32.16 29.09
CA THR D 530 23.68 32.40 28.08
C THR D 530 22.30 32.35 28.73
N THR D 531 21.49 33.37 28.48
CA THR D 531 20.08 33.41 28.89
C THR D 531 19.21 33.35 27.65
N VAL D 532 18.22 32.46 27.66
CA VAL D 532 17.28 32.33 26.56
C VAL D 532 16.02 33.14 26.88
N ILE D 533 15.70 34.08 26.02
CA ILE D 533 14.50 34.88 26.16
C ILE D 533 13.62 34.54 24.97
N GLU D 534 12.50 33.87 25.22
CA GLU D 534 11.60 33.52 24.13
C GLU D 534 10.51 34.58 24.02
N MET D 535 10.42 35.20 22.86
CA MET D 535 9.37 36.18 22.62
C MET D 535 8.32 35.53 21.74
N VAL D 536 7.21 35.13 22.33
CA VAL D 536 6.10 34.54 21.62
C VAL D 536 5.20 35.65 21.10
N VAL D 537 5.00 35.69 19.78
CA VAL D 537 4.24 36.74 19.11
C VAL D 537 3.25 36.10 18.15
N ASN D 538 2.23 36.87 17.78
CA ASN D 538 1.23 36.38 16.84
C ASN D 538 1.81 36.32 15.44
N ASP D 539 1.50 35.21 14.76
CA ASP D 539 2.25 34.80 13.57
C ASP D 539 2.54 35.95 12.60
N THR D 540 1.50 36.58 12.06
CA THR D 540 1.66 37.46 10.91
C THR D 540 1.69 38.95 11.28
N ASP D 541 1.69 39.29 12.57
CA ASP D 541 1.63 40.69 12.99
C ASP D 541 2.86 41.48 12.54
N GLY D 542 4.05 40.86 12.62
CA GLY D 542 5.25 41.57 12.18
C GLY D 542 5.26 41.84 10.69
N ALA D 543 4.97 40.80 9.89
CA ALA D 543 4.92 40.97 8.44
C ALA D 543 3.91 42.03 8.04
N GLN D 544 2.69 41.93 8.56
CA GLN D 544 1.66 42.90 8.19
C GLN D 544 2.03 44.30 8.65
N THR D 545 2.64 44.41 9.84
CA THR D 545 3.09 45.72 10.29
C THR D 545 4.08 46.32 9.30
N LEU D 546 5.01 45.50 8.81
CA LEU D 546 5.97 45.99 7.82
C LEU D 546 5.24 46.42 6.55
N GLN D 547 4.28 45.62 6.08
CA GLN D 547 3.58 45.97 4.85
C GLN D 547 2.83 47.29 5.00
N GLN D 548 2.19 47.50 6.15
CA GLN D 548 1.44 48.71 6.41
C GLN D 548 2.37 49.93 6.49
N LEU D 549 3.50 49.80 7.19
CA LEU D 549 4.43 50.92 7.25
C LEU D 549 4.99 51.25 5.87
N LEU D 550 5.26 50.22 5.06
CA LEU D 550 5.73 50.42 3.69
C LEU D 550 4.73 51.24 2.88
N ALA D 551 3.46 50.82 2.92
CA ALA D 551 2.43 51.53 2.17
C ALA D 551 2.29 52.97 2.66
N GLN D 552 2.24 53.16 3.98
CA GLN D 552 1.98 54.47 4.59
C GLN D 552 3.08 55.43 4.23
N VAL D 553 4.34 54.99 4.37
CA VAL D 553 5.45 55.88 4.03
C VAL D 553 5.47 56.10 2.53
N SER D 554 5.02 55.11 1.75
CA SER D 554 4.97 55.27 0.29
C SER D 554 3.96 56.33 -0.14
N HIS D 555 2.95 56.64 0.67
CA HIS D 555 1.99 57.67 0.30
C HIS D 555 2.33 59.04 0.87
N LEU D 556 3.49 59.22 1.50
CA LEU D 556 3.84 60.52 2.05
C LEU D 556 4.15 61.53 0.94
N MET E 1 67.11 -0.40 -1.01
CA MET E 1 65.82 -0.19 -1.68
C MET E 1 65.99 0.74 -2.89
N SER E 2 65.97 0.16 -4.10
CA SER E 2 66.14 0.89 -5.34
C SER E 2 64.80 1.44 -5.83
N VAL E 3 64.69 2.77 -5.88
CA VAL E 3 63.47 3.40 -6.36
C VAL E 3 63.23 3.05 -7.82
N SER E 4 64.29 3.01 -8.62
CA SER E 4 64.15 2.66 -10.04
C SER E 4 63.56 1.28 -10.21
N ALA E 5 64.12 0.31 -9.48
CA ALA E 5 63.66 -1.06 -9.59
C ALA E 5 62.21 -1.19 -9.19
N PHE E 6 61.83 -0.58 -8.05
CA PHE E 6 60.45 -0.72 -7.59
C PHE E 6 59.48 -0.01 -8.52
N ASN E 7 59.87 1.16 -9.04
CA ASN E 7 59.08 1.81 -10.08
C ASN E 7 58.76 0.82 -11.18
N ARG E 8 59.76 0.05 -11.60
CA ARG E 8 59.54 -0.89 -12.69
C ARG E 8 58.70 -2.10 -12.28
N ARG E 9 58.75 -2.52 -11.01
CA ARG E 9 57.88 -3.62 -10.61
C ARG E 9 56.42 -3.19 -10.50
N TRP E 10 56.19 -2.01 -9.92
CA TRP E 10 54.87 -1.39 -9.90
C TRP E 10 54.28 -1.30 -11.31
N ALA E 11 55.06 -0.70 -12.23
CA ALA E 11 54.61 -0.62 -13.61
C ALA E 11 54.33 -2.01 -14.19
N ALA E 12 55.21 -2.97 -13.93
CA ALA E 12 55.05 -4.32 -14.46
C ALA E 12 53.73 -4.94 -14.01
N VAL E 13 53.31 -4.67 -12.77
CA VAL E 13 52.00 -5.13 -12.33
C VAL E 13 50.89 -4.48 -13.16
N ILE E 14 51.03 -3.18 -13.45
CA ILE E 14 50.00 -2.51 -14.24
C ILE E 14 49.88 -3.16 -15.62
N LEU E 15 51.01 -3.31 -16.32
CA LEU E 15 50.96 -3.82 -17.69
C LEU E 15 50.48 -5.27 -17.71
N GLU E 16 51.02 -6.10 -16.82
CA GLU E 16 50.59 -7.50 -16.78
C GLU E 16 49.10 -7.61 -16.50
N ALA E 17 48.59 -6.76 -15.61
CA ALA E 17 47.15 -6.72 -15.37
C ALA E 17 46.39 -6.41 -16.65
N LEU E 18 46.90 -5.46 -17.44
CA LEU E 18 46.20 -5.12 -18.67
C LEU E 18 46.10 -6.31 -19.59
N THR E 19 47.14 -7.17 -19.64
CA THR E 19 47.05 -8.32 -20.53
C THR E 19 45.91 -9.28 -20.16
N ARG E 20 45.42 -9.25 -18.92
CA ARG E 20 44.34 -10.16 -18.55
C ARG E 20 42.98 -9.67 -19.03
N HIS E 21 42.92 -8.49 -19.65
CA HIS E 21 41.67 -7.95 -20.15
C HIS E 21 41.68 -7.78 -21.66
N GLY E 22 42.58 -8.48 -22.36
CA GLY E 22 42.61 -8.47 -23.80
C GLY E 22 43.46 -7.38 -24.42
N VAL E 23 44.22 -6.64 -23.62
CA VAL E 23 45.07 -5.61 -24.18
C VAL E 23 46.24 -6.29 -24.87
N ARG E 24 46.37 -6.08 -26.17
CA ARG E 24 47.44 -6.60 -27.00
C ARG E 24 48.23 -5.50 -27.67
N HIS E 25 47.56 -4.57 -28.36
CA HIS E 25 48.24 -3.42 -28.92
C HIS E 25 48.57 -2.41 -27.84
N ILE E 26 49.78 -1.88 -27.87
CA ILE E 26 50.15 -0.78 -27.01
C ILE E 26 50.89 0.26 -27.83
N CYS E 27 50.46 1.52 -27.72
CA CYS E 27 51.03 2.64 -28.44
C CYS E 27 51.85 3.50 -27.47
N ILE E 28 53.09 3.78 -27.84
CA ILE E 28 54.09 4.37 -26.96
C ILE E 28 54.70 5.58 -27.67
N ALA E 29 54.71 6.71 -26.98
CA ALA E 29 55.43 7.91 -27.41
C ALA E 29 56.67 8.06 -26.54
N PRO E 30 57.70 8.75 -27.03
CA PRO E 30 58.96 8.78 -26.27
C PRO E 30 58.92 9.77 -25.14
N GLY E 31 59.68 9.45 -24.10
CA GLY E 31 59.80 10.32 -22.94
C GLY E 31 60.69 9.70 -21.89
N SER E 32 61.00 10.49 -20.89
CA SER E 32 61.85 10.00 -19.80
C SER E 32 61.02 9.56 -18.61
N ARG E 33 60.09 10.39 -18.15
CA ARG E 33 59.26 10.05 -17.00
C ARG E 33 58.46 8.78 -17.22
N SER E 34 58.20 8.39 -18.47
CA SER E 34 57.43 7.18 -18.77
C SER E 34 58.26 5.90 -18.73
N THR E 35 59.56 5.99 -18.41
CA THR E 35 60.45 4.84 -18.40
C THR E 35 59.90 3.60 -17.69
N PRO E 36 59.32 3.68 -16.49
CA PRO E 36 58.79 2.43 -15.89
C PRO E 36 57.73 1.77 -16.76
N LEU E 37 56.78 2.54 -17.27
CA LEU E 37 55.74 1.98 -18.13
C LEU E 37 56.34 1.43 -19.43
N THR E 38 57.16 2.24 -20.09
CA THR E 38 57.70 1.86 -21.39
C THR E 38 58.60 0.62 -21.31
N LEU E 39 59.44 0.54 -20.29
CA LEU E 39 60.28 -0.64 -20.13
C LEU E 39 59.47 -1.87 -19.73
N ALA E 40 58.48 -1.69 -18.84
CA ALA E 40 57.59 -2.81 -18.49
C ALA E 40 56.86 -3.33 -19.71
N ALA E 41 56.44 -2.42 -20.60
CA ALA E 41 55.75 -2.83 -21.81
C ALA E 41 56.71 -3.50 -22.80
N ALA E 42 57.93 -2.99 -22.90
CA ALA E 42 58.91 -3.55 -23.84
C ALA E 42 59.31 -4.96 -23.47
N GLU E 43 59.32 -5.29 -22.18
CA GLU E 43 59.68 -6.63 -21.74
C GLU E 43 58.53 -7.64 -21.80
N ASN E 44 57.29 -7.20 -22.00
CA ASN E 44 56.14 -8.09 -21.94
C ASN E 44 55.82 -8.61 -23.34
N SER E 45 55.91 -9.93 -23.52
CA SER E 45 55.74 -10.52 -24.85
C SER E 45 54.29 -10.60 -25.32
N ALA E 46 53.32 -10.17 -24.52
CA ALA E 46 51.93 -10.19 -24.99
C ALA E 46 51.61 -9.05 -25.94
N PHE E 47 52.46 -8.03 -26.01
CA PHE E 47 52.09 -6.79 -26.67
C PHE E 47 52.64 -6.69 -28.08
N ILE E 48 51.87 -6.04 -28.94
CA ILE E 48 52.37 -5.49 -30.20
C ILE E 48 52.63 -4.01 -29.94
N HIS E 49 53.87 -3.59 -30.12
CA HIS E 49 54.27 -2.23 -29.79
C HIS E 49 54.25 -1.36 -31.03
N HIS E 50 53.52 -0.26 -30.95
CA HIS E 50 53.52 0.80 -31.97
C HIS E 50 54.11 2.04 -31.33
N THR E 51 54.89 2.79 -32.09
CA THR E 51 55.51 4.00 -31.60
C THR E 51 55.18 5.15 -32.53
N HIS E 52 55.21 6.36 -31.99
CA HIS E 52 54.98 7.55 -32.80
C HIS E 52 55.48 8.76 -32.00
N PHE E 53 55.87 9.80 -32.73
CA PHE E 53 56.39 10.99 -32.06
C PHE E 53 55.30 12.00 -31.73
N ASP E 54 54.13 11.94 -32.37
CA ASP E 54 53.05 12.91 -32.12
C ASP E 54 51.99 12.24 -31.26
N GLU E 55 51.82 12.72 -30.02
CA GLU E 55 50.92 12.08 -29.07
C GLU E 55 49.45 12.20 -29.49
N ARG E 56 49.10 13.25 -30.23
CA ARG E 56 47.75 13.34 -30.79
C ARG E 56 47.52 12.25 -31.82
N GLY E 57 48.47 12.11 -32.76
CA GLY E 57 48.42 11.02 -33.71
C GLY E 57 48.54 9.67 -33.02
N LEU E 58 49.29 9.61 -31.92
CA LEU E 58 49.39 8.35 -31.19
C LEU E 58 48.02 7.97 -30.63
N GLY E 59 47.31 8.94 -30.05
CA GLY E 59 45.96 8.67 -29.59
C GLY E 59 45.06 8.18 -30.71
N HIS E 60 45.15 8.80 -31.90
CA HIS E 60 44.27 8.35 -32.97
C HIS E 60 44.70 6.99 -33.54
N LEU E 61 45.99 6.67 -33.48
CA LEU E 61 46.45 5.34 -33.90
C LEU E 61 45.86 4.26 -33.00
N ALA E 62 45.92 4.49 -31.69
CA ALA E 62 45.26 3.60 -30.75
C ALA E 62 43.76 3.55 -31.02
N LEU E 63 43.18 4.68 -31.40
CA LEU E 63 41.76 4.71 -31.70
C LEU E 63 41.43 3.78 -32.87
N GLY E 64 42.22 3.84 -33.94
CA GLY E 64 41.96 2.95 -35.07
C GLY E 64 42.15 1.48 -34.72
N LEU E 65 43.23 1.19 -33.99
CA LEU E 65 43.53 -0.18 -33.54
C LEU E 65 42.36 -0.75 -32.73
N ALA E 66 41.85 0.03 -31.76
CA ALA E 66 40.70 -0.41 -30.97
C ALA E 66 39.46 -0.54 -31.83
N LYS E 67 39.30 0.38 -32.78
CA LYS E 67 38.14 0.39 -33.65
C LYS E 67 38.02 -0.95 -34.37
N VAL E 68 39.14 -1.46 -34.90
CA VAL E 68 39.10 -2.69 -35.66
C VAL E 68 39.17 -3.93 -34.77
N SER E 69 40.06 -3.92 -33.78
CA SER E 69 40.34 -5.13 -33.00
C SER E 69 39.24 -5.47 -31.99
N LYS E 70 38.35 -4.52 -31.68
CA LYS E 70 37.24 -4.73 -30.74
C LYS E 70 37.74 -5.05 -29.33
N GLN E 71 38.92 -4.57 -28.99
CA GLN E 71 39.56 -4.87 -27.71
C GLN E 71 40.14 -3.58 -27.17
N PRO E 72 40.42 -3.53 -25.87
CA PRO E 72 41.06 -2.33 -25.32
C PRO E 72 42.50 -2.21 -25.82
N VAL E 73 42.90 -0.98 -26.13
CA VAL E 73 44.22 -0.66 -26.67
C VAL E 73 44.88 0.31 -25.71
N ALA E 74 46.12 0.03 -25.35
CA ALA E 74 46.86 0.83 -24.37
C ALA E 74 47.72 1.88 -25.06
N VAL E 75 47.95 2.99 -24.34
CA VAL E 75 48.76 4.12 -24.74
C VAL E 75 49.69 4.48 -23.60
N ILE E 76 50.95 4.75 -23.91
CA ILE E 76 51.90 5.21 -22.89
C ILE E 76 52.44 6.55 -23.35
N VAL E 77 52.33 7.57 -22.48
CA VAL E 77 52.93 8.86 -22.79
C VAL E 77 53.66 9.38 -21.55
N THR E 78 54.63 10.25 -21.79
CA THR E 78 55.33 10.91 -20.69
C THR E 78 54.49 12.08 -20.19
N SER E 79 54.97 12.75 -19.15
CA SER E 79 54.19 13.81 -18.50
C SER E 79 54.22 15.12 -19.30
N GLY E 80 53.22 15.96 -19.06
CA GLY E 80 53.18 17.27 -19.69
C GLY E 80 52.14 17.41 -20.78
N THR E 81 52.41 18.26 -21.77
CA THR E 81 51.48 18.43 -22.89
C THR E 81 51.32 17.16 -23.72
N ALA E 82 52.27 16.23 -23.61
CA ALA E 82 52.07 14.92 -24.22
C ALA E 82 50.75 14.31 -23.77
N VAL E 83 50.42 14.44 -22.49
CA VAL E 83 49.15 13.92 -22.00
C VAL E 83 48.00 14.66 -22.66
N ALA E 84 48.10 15.99 -22.75
CA ALA E 84 47.01 16.78 -23.30
C ALA E 84 46.73 16.43 -24.75
N ASN E 85 47.74 16.03 -25.51
CA ASN E 85 47.51 15.67 -26.92
C ASN E 85 46.67 14.41 -27.08
N LEU E 86 46.43 13.65 -26.01
CA LEU E 86 45.55 12.48 -26.07
C LEU E 86 44.08 12.85 -26.04
N TYR E 87 43.73 14.11 -25.81
CA TYR E 87 42.35 14.50 -25.60
C TYR E 87 41.37 14.24 -26.72
N PRO E 88 41.71 14.54 -27.95
CA PRO E 88 40.75 14.26 -29.03
C PRO E 88 40.40 12.79 -29.16
N ALA E 89 41.40 11.90 -29.23
CA ALA E 89 41.08 10.48 -29.38
C ALA E 89 40.27 9.97 -28.20
N LEU E 90 40.58 10.46 -27.00
CA LEU E 90 39.82 10.04 -25.82
C LEU E 90 38.36 10.47 -25.91
N ILE E 91 38.11 11.69 -26.41
CA ILE E 91 36.74 12.19 -26.54
C ILE E 91 35.99 11.39 -27.58
N GLU E 92 36.63 11.14 -28.72
CA GLU E 92 36.00 10.36 -29.77
C GLU E 92 35.66 8.96 -29.29
N ALA E 93 36.58 8.34 -28.51
CA ALA E 93 36.29 7.03 -27.93
C ALA E 93 35.17 7.12 -26.91
N GLY E 94 35.10 8.23 -26.17
CA GLY E 94 33.99 8.43 -25.27
C GLY E 94 32.67 8.51 -26.00
N LEU E 95 32.69 8.92 -27.27
CA LEU E 95 31.45 8.97 -28.03
C LEU E 95 31.13 7.66 -28.77
N THR E 96 32.12 6.98 -29.35
CA THR E 96 31.82 5.80 -30.17
C THR E 96 32.17 4.47 -29.51
N GLY E 97 32.83 4.47 -28.36
CA GLY E 97 32.97 3.29 -27.55
C GLY E 97 34.32 2.60 -27.55
N GLU E 98 35.29 3.07 -28.37
CA GLU E 98 36.62 2.45 -28.35
C GLU E 98 37.20 2.50 -26.94
N LYS E 99 37.83 1.41 -26.54
CA LYS E 99 38.43 1.29 -25.21
C LYS E 99 39.91 1.64 -25.31
N LEU E 100 40.24 2.87 -24.94
CA LEU E 100 41.62 3.35 -24.92
C LEU E 100 42.06 3.41 -23.46
N ILE E 101 43.13 2.70 -23.12
CA ILE E 101 43.68 2.70 -21.78
C ILE E 101 44.89 3.62 -21.78
N LEU E 102 44.74 4.82 -21.20
CA LEU E 102 45.75 5.86 -21.27
C LEU E 102 46.60 5.80 -20.00
N LEU E 103 47.83 5.31 -20.14
CA LEU E 103 48.84 5.28 -19.09
C LEU E 103 49.73 6.50 -19.27
N THR E 104 49.44 7.54 -18.46
CA THR E 104 50.07 8.84 -18.57
C THR E 104 51.01 8.98 -17.39
N ALA E 105 52.31 8.92 -17.68
CA ALA E 105 53.30 9.12 -16.64
C ALA E 105 53.17 10.51 -16.06
N ASP E 106 53.50 10.64 -14.78
CA ASP E 106 53.39 11.90 -14.05
C ASP E 106 54.62 12.05 -13.15
N ARG E 107 54.92 13.30 -12.82
CA ARG E 107 55.83 13.60 -11.73
C ARG E 107 55.19 13.14 -10.42
N PRO E 108 56.00 12.84 -9.40
CA PRO E 108 55.42 12.52 -8.09
C PRO E 108 54.77 13.74 -7.49
N PRO E 109 53.93 13.59 -6.46
CA PRO E 109 53.23 14.76 -5.91
C PRO E 109 54.14 15.88 -5.41
N GLU E 110 55.35 15.56 -4.94
CA GLU E 110 56.23 16.61 -4.42
C GLU E 110 56.81 17.51 -5.51
N LEU E 111 56.56 17.25 -6.80
CA LEU E 111 57.07 18.11 -7.86
C LEU E 111 55.95 18.79 -8.64
N ILE E 112 54.73 18.85 -8.08
CA ILE E 112 53.59 19.52 -8.73
C ILE E 112 53.42 20.91 -8.12
N ASP E 113 53.03 21.89 -8.95
CA ASP E 113 52.83 23.28 -8.51
C ASP E 113 54.03 23.87 -7.78
N CYS E 114 55.22 23.63 -8.32
CA CYS E 114 56.40 24.28 -7.75
C CYS E 114 57.37 24.73 -8.85
N GLY E 115 56.90 24.89 -10.08
CA GLY E 115 57.78 25.35 -11.13
C GLY E 115 58.73 24.32 -11.67
N ALA E 116 58.50 23.03 -11.40
CA ALA E 116 59.33 21.97 -11.92
C ALA E 116 59.10 21.82 -13.43
N ASN E 117 60.15 21.42 -14.13
CA ASN E 117 60.08 21.31 -15.58
C ASN E 117 59.19 20.14 -15.99
N GLN E 118 58.32 20.36 -16.98
CA GLN E 118 57.50 19.32 -17.58
C GLN E 118 56.51 18.72 -16.56
N ALA E 119 56.10 19.50 -15.57
CA ALA E 119 55.22 19.04 -14.50
C ALA E 119 53.94 19.87 -14.52
N ILE E 120 52.80 19.20 -14.67
CA ILE E 120 51.50 19.82 -14.76
C ILE E 120 50.53 19.01 -13.90
N ARG E 121 49.35 19.58 -13.64
CA ARG E 121 48.30 18.91 -12.88
C ARG E 121 47.52 17.98 -13.81
N GLN E 122 47.76 16.68 -13.65
CA GLN E 122 47.24 15.67 -14.56
C GLN E 122 45.99 14.96 -14.05
N PRO E 123 45.83 14.71 -12.74
CA PRO E 123 44.56 14.10 -12.30
C PRO E 123 43.36 14.97 -12.64
N GLY E 124 42.38 14.34 -13.29
CA GLY E 124 41.16 15.03 -13.67
C GLY E 124 41.25 15.95 -14.87
N MET E 125 42.38 15.97 -15.58
CA MET E 125 42.54 16.92 -16.68
C MET E 125 41.69 16.56 -17.90
N PHE E 126 41.19 15.35 -18.00
CA PHE E 126 40.27 15.00 -19.07
C PHE E 126 38.82 15.09 -18.62
N ALA E 127 38.59 15.64 -17.42
CA ALA E 127 37.25 15.95 -16.88
C ALA E 127 36.39 14.69 -16.93
N SER E 128 35.17 14.75 -17.45
CA SER E 128 34.23 13.64 -17.46
C SER E 128 34.31 12.77 -18.70
N HIS E 129 35.27 13.00 -19.58
CA HIS E 129 35.31 12.28 -20.85
C HIS E 129 35.82 10.84 -20.75
N PRO E 130 36.75 10.49 -19.84
CA PRO E 130 37.02 9.06 -19.62
C PRO E 130 35.83 8.40 -18.97
N THR E 131 35.60 7.14 -19.31
CA THR E 131 34.60 6.35 -18.59
C THR E 131 35.04 6.12 -17.14
N HIS E 132 36.32 5.78 -16.91
CA HIS E 132 36.91 5.62 -15.59
C HIS E 132 38.18 6.46 -15.54
N SER E 133 38.46 7.05 -14.39
CA SER E 133 39.69 7.77 -14.14
C SER E 133 40.35 7.20 -12.89
N ILE E 134 41.62 6.85 -13.00
CA ILE E 134 42.41 6.34 -11.90
C ILE E 134 43.62 7.25 -11.75
N SER E 135 43.74 7.88 -10.60
CA SER E 135 44.93 8.67 -10.24
C SER E 135 45.72 7.85 -9.23
N LEU E 136 46.70 7.10 -9.74
CA LEU E 136 47.44 6.20 -8.89
C LEU E 136 48.24 6.99 -7.85
N PRO E 137 48.47 6.41 -6.68
CA PRO E 137 49.28 7.10 -5.67
C PRO E 137 50.76 6.96 -5.98
N ARG E 138 51.54 7.73 -5.23
CA ARG E 138 52.99 7.64 -5.29
C ARG E 138 53.42 6.20 -4.97
N PRO E 139 54.21 5.56 -5.83
CA PRO E 139 54.53 4.14 -5.60
C PRO E 139 55.22 3.94 -4.26
N THR E 140 54.78 2.90 -3.53
CA THR E 140 55.37 2.49 -2.26
C THR E 140 55.04 1.02 -2.06
N GLN E 141 55.96 0.32 -1.38
CA GLN E 141 55.71 -1.06 -0.98
C GLN E 141 54.70 -1.17 0.16
N ASP E 142 54.36 -0.07 0.81
CA ASP E 142 53.34 -0.11 1.86
C ASP E 142 51.93 -0.26 1.32
N ILE E 143 51.74 -0.16 0.01
CA ILE E 143 50.47 -0.44 -0.62
C ILE E 143 50.59 -1.81 -1.29
N PRO E 144 49.73 -2.78 -0.99
CA PRO E 144 49.93 -4.13 -1.51
C PRO E 144 49.69 -4.21 -3.00
N ALA E 145 50.44 -5.12 -3.65
CA ALA E 145 50.29 -5.32 -5.08
C ALA E 145 48.88 -5.75 -5.44
N ARG E 146 48.21 -6.52 -4.58
CA ARG E 146 46.84 -6.90 -4.83
C ARG E 146 45.88 -5.70 -4.84
N TRP E 147 46.21 -4.60 -4.16
CA TRP E 147 45.41 -3.39 -4.33
C TRP E 147 45.55 -2.84 -5.74
N LEU E 148 46.80 -2.71 -6.22
CA LEU E 148 47.04 -2.14 -7.55
C LEU E 148 46.37 -2.98 -8.64
N VAL E 149 46.60 -4.30 -8.61
CA VAL E 149 45.98 -5.15 -9.61
C VAL E 149 44.46 -5.14 -9.46
N SER E 150 43.94 -5.07 -8.21
CA SER E 150 42.49 -5.01 -8.07
C SER E 150 41.91 -3.72 -8.64
N THR E 151 42.60 -2.60 -8.46
CA THR E 151 42.11 -1.33 -8.97
C THR E 151 42.03 -1.34 -10.49
N ILE E 152 43.09 -1.87 -11.13
CA ILE E 152 43.09 -1.99 -12.59
C ILE E 152 42.01 -2.94 -13.07
N ASP E 153 41.87 -4.08 -12.37
CA ASP E 153 40.88 -5.07 -12.75
C ASP E 153 39.48 -4.54 -12.62
N HIS E 154 39.24 -3.71 -11.61
CA HIS E 154 37.93 -3.04 -11.52
C HIS E 154 37.70 -2.12 -12.70
N ALA E 155 38.72 -1.32 -13.06
CA ALA E 155 38.53 -0.38 -14.16
C ALA E 155 38.25 -1.11 -15.47
N LEU E 156 39.00 -2.16 -15.78
CA LEU E 156 38.83 -2.82 -17.06
C LEU E 156 37.62 -3.73 -17.06
N GLY E 157 37.34 -4.38 -15.92
CA GLY E 157 36.24 -5.32 -15.90
C GLY E 157 34.89 -4.64 -16.04
N THR E 158 34.72 -3.46 -15.44
CA THR E 158 33.43 -2.75 -15.51
C THR E 158 33.37 -1.77 -16.68
N LEU E 159 34.36 -1.78 -17.57
CA LEU E 159 34.42 -0.83 -18.68
C LEU E 159 33.50 -1.31 -19.80
N HIS E 160 32.31 -0.70 -19.90
CA HIS E 160 31.38 -1.01 -20.98
C HIS E 160 31.87 -0.48 -22.33
N ALA E 161 32.48 0.70 -22.32
CA ALA E 161 32.91 1.43 -23.51
C ALA E 161 33.70 2.67 -23.08
N GLY E 162 34.50 3.20 -24.01
CA GLY E 162 35.19 4.44 -23.76
C GLY E 162 36.55 4.27 -23.11
N GLY E 163 37.17 5.41 -22.82
CA GLY E 163 38.53 5.43 -22.37
C GLY E 163 38.68 5.31 -20.86
N VAL E 164 39.87 4.91 -20.44
CA VAL E 164 40.25 4.86 -19.03
C VAL E 164 41.52 5.68 -18.88
N HIS E 165 41.48 6.68 -18.01
CA HIS E 165 42.65 7.50 -17.71
C HIS E 165 43.34 6.94 -16.47
N ILE E 166 44.58 6.48 -16.62
CA ILE E 166 45.36 5.98 -15.51
C ILE E 166 46.60 6.87 -15.37
N ASN E 167 46.57 7.78 -14.40
CA ASN E 167 47.71 8.66 -14.14
C ASN E 167 48.68 7.92 -13.22
N CYS E 168 49.95 7.85 -13.64
CA CYS E 168 50.95 6.96 -13.03
C CYS E 168 52.14 7.80 -12.58
N PRO E 169 52.12 8.33 -11.36
CA PRO E 169 53.27 9.12 -10.88
C PRO E 169 54.47 8.25 -10.55
N PHE E 170 55.66 8.75 -10.89
CA PHE E 170 56.90 8.05 -10.60
C PHE E 170 57.92 9.07 -10.13
N ALA E 171 58.60 8.77 -9.02
CA ALA E 171 59.67 9.61 -8.51
C ALA E 171 61.00 9.13 -9.06
N GLU E 172 61.91 10.06 -9.23
CA GLU E 172 63.27 9.72 -9.63
C GLU E 172 63.98 9.03 -8.45
N PRO E 173 65.01 8.22 -8.74
CA PRO E 173 65.58 7.88 -10.05
C PRO E 173 64.74 6.95 -10.93
N LEU E 174 64.78 7.22 -12.22
CA LEU E 174 64.10 6.38 -13.20
C LEU E 174 65.02 5.32 -13.77
N TYR E 175 66.33 5.49 -13.69
CA TYR E 175 67.28 4.57 -14.30
C TYR E 175 68.19 3.94 -13.25
N GLY E 176 68.76 2.81 -13.61
CA GLY E 176 69.60 2.03 -12.73
C GLY E 176 69.35 0.56 -12.97
N GLU E 177 70.30 -0.26 -12.50
CA GLU E 177 70.15 -1.70 -12.68
C GLU E 177 68.98 -2.20 -11.83
N MET E 178 68.26 -3.17 -12.37
CA MET E 178 67.22 -3.84 -11.60
C MET E 178 67.86 -4.71 -10.52
N ASP E 179 67.46 -4.50 -9.26
CA ASP E 179 67.79 -5.44 -8.20
C ASP E 179 66.51 -6.10 -7.69
N ASP E 180 66.56 -6.68 -6.50
CA ASP E 180 65.43 -7.44 -5.99
C ASP E 180 64.41 -6.59 -5.26
N THR E 181 64.55 -5.27 -5.32
CA THR E 181 63.59 -4.40 -4.66
C THR E 181 62.21 -4.62 -5.23
N GLY E 182 61.25 -4.96 -4.37
CA GLY E 182 59.90 -5.17 -4.83
C GLY E 182 59.60 -6.55 -5.36
N LEU E 183 60.58 -7.44 -5.33
CA LEU E 183 60.35 -8.80 -5.85
C LEU E 183 59.38 -9.54 -4.96
N SER E 184 59.60 -9.54 -3.65
CA SER E 184 58.70 -10.21 -2.73
C SER E 184 57.32 -9.55 -2.76
N TRP E 185 57.30 -8.22 -2.84
CA TRP E 185 56.05 -7.48 -3.01
C TRP E 185 55.27 -8.01 -4.22
N GLN E 186 55.95 -8.21 -5.35
CA GLN E 186 55.31 -8.81 -6.53
C GLN E 186 54.85 -10.23 -6.27
N GLN E 187 55.68 -11.01 -5.57
CA GLN E 187 55.42 -12.43 -5.30
C GLN E 187 54.30 -12.65 -4.32
N ARG E 188 53.83 -11.60 -3.64
CA ARG E 188 52.61 -11.73 -2.85
C ARG E 188 51.41 -12.08 -3.71
N LEU E 189 51.48 -11.89 -5.03
CA LEU E 189 50.38 -12.29 -5.90
C LEU E 189 50.43 -13.78 -6.28
N GLY E 190 51.49 -14.51 -5.93
CA GLY E 190 51.47 -15.96 -6.13
C GLY E 190 51.47 -16.37 -7.60
N ASP E 191 50.74 -17.44 -7.92
CA ASP E 191 50.77 -17.88 -9.31
C ASP E 191 49.80 -17.11 -10.20
N TRP E 192 49.24 -15.98 -9.72
CA TRP E 192 48.54 -15.09 -10.64
C TRP E 192 49.44 -14.70 -11.79
N TRP E 193 50.74 -14.64 -11.56
CA TRP E 193 51.70 -14.28 -12.60
C TRP E 193 51.73 -15.27 -13.75
N GLN E 194 51.38 -16.53 -13.50
CA GLN E 194 51.33 -17.56 -14.53
C GLN E 194 49.91 -17.84 -15.00
N ASP E 195 48.94 -17.05 -14.54
CA ASP E 195 47.55 -17.30 -14.86
C ASP E 195 47.17 -16.47 -16.08
N ASP E 196 45.96 -16.72 -16.60
CA ASP E 196 45.47 -15.99 -17.75
C ASP E 196 44.21 -15.18 -17.45
N LYS E 197 43.82 -15.08 -16.18
CA LYS E 197 42.62 -14.38 -15.74
C LYS E 197 42.96 -13.13 -14.92
N PRO E 198 41.99 -12.22 -14.74
CA PRO E 198 42.21 -11.11 -13.82
C PRO E 198 42.38 -11.62 -12.40
N TRP E 199 43.07 -10.84 -11.58
CA TRP E 199 43.13 -11.11 -10.15
C TRP E 199 41.75 -11.00 -9.54
N LEU E 200 41.01 -9.94 -9.89
CA LEU E 200 39.64 -9.76 -9.47
C LEU E 200 38.74 -9.76 -10.69
N ARG E 201 37.82 -10.70 -10.76
CA ARG E 201 36.87 -10.78 -11.86
C ARG E 201 35.61 -10.03 -11.43
N GLU E 202 35.41 -8.87 -12.04
CA GLU E 202 34.23 -8.04 -11.82
C GLU E 202 33.81 -7.58 -13.21
N ALA E 203 32.84 -8.26 -13.81
CA ALA E 203 32.45 -7.98 -15.20
C ALA E 203 30.94 -8.03 -15.34
N PRO E 204 30.21 -7.19 -14.64
CA PRO E 204 28.75 -7.18 -14.83
C PRO E 204 28.42 -6.70 -16.24
N ARG E 205 27.36 -7.27 -16.81
CA ARG E 205 26.89 -6.95 -18.15
C ARG E 205 25.76 -5.92 -18.06
N LEU E 206 25.78 -4.95 -18.98
CA LEU E 206 24.74 -3.93 -19.05
C LEU E 206 23.93 -4.13 -20.32
N GLU E 207 22.63 -4.42 -20.16
CA GLU E 207 21.83 -4.79 -21.31
C GLU E 207 20.34 -4.63 -21.01
N SER E 208 19.60 -4.11 -21.99
CA SER E 208 18.16 -3.94 -21.86
C SER E 208 17.42 -5.27 -21.96
N GLU E 209 16.26 -5.34 -21.29
CA GLU E 209 15.45 -6.54 -21.28
C GLU E 209 14.70 -6.71 -22.59
N LYS E 210 14.19 -7.92 -22.80
CA LYS E 210 13.34 -8.20 -23.95
C LYS E 210 12.09 -7.34 -23.88
N GLN E 211 11.69 -6.81 -25.04
CA GLN E 211 10.51 -5.95 -25.14
C GLN E 211 9.30 -6.85 -25.35
N ARG E 212 8.54 -7.08 -24.29
CA ARG E 212 7.54 -8.15 -24.31
C ARG E 212 6.33 -7.81 -25.15
N ASP E 213 6.24 -6.60 -25.71
CA ASP E 213 5.20 -6.23 -26.64
C ASP E 213 5.71 -6.20 -28.09
N TRP E 214 6.85 -6.82 -28.36
CA TRP E 214 7.41 -6.78 -29.71
C TRP E 214 6.50 -7.47 -30.73
N PHE E 215 5.78 -8.52 -30.33
CA PHE E 215 4.90 -9.17 -31.32
C PHE E 215 3.76 -8.27 -31.77
N PHE E 216 3.39 -7.28 -30.97
CA PHE E 216 2.45 -6.28 -31.45
C PHE E 216 3.13 -5.32 -32.42
N TRP E 217 4.29 -4.79 -32.05
CA TRP E 217 4.87 -3.72 -32.86
C TRP E 217 5.41 -4.23 -34.19
N ARG E 218 5.85 -5.49 -34.25
CA ARG E 218 6.39 -6.00 -35.52
C ARG E 218 5.33 -6.15 -36.60
N GLN E 219 4.05 -6.20 -36.23
CA GLN E 219 2.98 -6.26 -37.22
C GLN E 219 2.52 -4.88 -37.68
N LYS E 220 3.00 -3.79 -37.07
CA LYS E 220 2.59 -2.45 -37.46
C LYS E 220 3.44 -1.93 -38.62
N ARG E 221 3.04 -0.79 -39.17
CA ARG E 221 3.78 -0.17 -40.27
C ARG E 221 5.02 0.46 -39.67
N GLY E 222 6.18 -0.19 -39.84
CA GLY E 222 7.41 0.35 -39.30
C GLY E 222 8.42 0.82 -40.33
N VAL E 223 9.40 1.59 -39.88
CA VAL E 223 10.54 1.99 -40.68
C VAL E 223 11.78 1.53 -39.95
N VAL E 224 12.75 0.99 -40.67
CA VAL E 224 14.02 0.60 -40.09
C VAL E 224 15.08 1.60 -40.58
N VAL E 225 15.78 2.22 -39.64
CA VAL E 225 16.92 3.08 -39.91
C VAL E 225 18.16 2.40 -39.38
N ALA E 226 19.18 2.27 -40.21
CA ALA E 226 20.42 1.61 -39.81
C ALA E 226 21.55 2.64 -39.76
N GLY E 227 22.09 2.87 -38.58
CA GLY E 227 23.25 3.73 -38.39
C GLY E 227 24.54 2.94 -38.35
N ARG E 228 25.49 3.44 -37.56
CA ARG E 228 26.80 2.79 -37.48
C ARG E 228 26.66 1.46 -36.73
N MET E 229 27.24 0.40 -37.30
CA MET E 229 27.21 -0.93 -36.70
C MET E 229 28.29 -1.74 -37.40
N SER E 230 28.45 -3.00 -36.98
CA SER E 230 29.43 -3.85 -37.64
C SER E 230 28.88 -4.36 -38.98
N ALA E 231 29.80 -4.90 -39.81
CA ALA E 231 29.44 -5.36 -41.15
C ALA E 231 28.50 -6.57 -41.11
N GLU E 232 28.75 -7.50 -40.19
CA GLU E 232 27.86 -8.64 -40.01
C GLU E 232 26.50 -8.22 -39.48
N GLU E 233 26.50 -7.31 -38.50
CA GLU E 233 25.25 -6.71 -38.03
C GLU E 233 24.50 -6.05 -39.17
N GLY E 234 25.24 -5.43 -40.10
CA GLY E 234 24.60 -4.80 -41.25
C GLY E 234 23.84 -5.78 -42.12
N LYS E 235 24.47 -6.92 -42.45
CA LYS E 235 23.74 -7.94 -43.21
C LYS E 235 22.53 -8.46 -42.43
N LYS E 236 22.67 -8.69 -41.13
CA LYS E 236 21.55 -9.19 -40.35
C LYS E 236 20.39 -8.19 -40.27
N VAL E 237 20.69 -6.90 -40.11
CA VAL E 237 19.65 -5.88 -40.11
C VAL E 237 18.98 -5.79 -41.48
N ALA E 238 19.77 -5.91 -42.55
CA ALA E 238 19.16 -5.88 -43.89
C ALA E 238 18.14 -7.02 -44.04
N LEU E 239 18.52 -8.23 -43.61
CA LEU E 239 17.60 -9.36 -43.69
C LEU E 239 16.38 -9.19 -42.80
N TRP E 240 16.58 -8.69 -41.58
CA TRP E 240 15.48 -8.51 -40.63
C TRP E 240 14.44 -7.53 -41.16
N ALA E 241 14.89 -6.37 -41.65
CA ALA E 241 13.99 -5.38 -42.21
C ALA E 241 13.30 -5.92 -43.47
N GLN E 242 14.03 -6.65 -44.30
CA GLN E 242 13.40 -7.20 -45.50
C GLN E 242 12.26 -8.15 -45.13
N THR E 243 12.48 -8.99 -44.11
CA THR E 243 11.45 -9.89 -43.64
C THR E 243 10.25 -9.13 -43.09
N LEU E 244 10.51 -8.07 -42.32
CA LEU E 244 9.38 -7.29 -41.79
C LEU E 244 8.60 -6.55 -42.85
N GLY E 245 9.16 -6.35 -44.05
CA GLY E 245 8.53 -5.53 -45.05
C GLY E 245 8.59 -4.04 -44.79
N TRP E 246 9.48 -3.61 -43.95
CA TRP E 246 9.65 -2.20 -43.60
C TRP E 246 10.74 -1.57 -44.45
N PRO E 247 10.56 -0.32 -44.88
CA PRO E 247 11.62 0.34 -45.62
C PRO E 247 12.85 0.51 -44.73
N LEU E 248 14.03 0.24 -45.31
CA LEU E 248 15.32 0.33 -44.63
C LEU E 248 16.07 1.56 -45.16
N ILE E 249 16.27 2.55 -44.30
CA ILE E 249 17.11 3.69 -44.60
C ILE E 249 18.49 3.38 -44.06
N GLY E 250 19.44 3.13 -44.96
CA GLY E 250 20.75 2.63 -44.61
C GLY E 250 21.81 3.70 -44.79
N ASP E 251 22.53 3.95 -43.71
CA ASP E 251 23.63 4.90 -43.67
C ASP E 251 24.87 4.28 -44.31
N VAL E 252 25.78 5.17 -44.73
CA VAL E 252 27.06 4.75 -45.30
C VAL E 252 27.84 3.90 -44.30
N LEU E 253 27.60 4.10 -43.01
CA LEU E 253 28.31 3.37 -41.97
C LEU E 253 27.64 2.05 -41.61
N SER E 254 26.50 1.73 -42.20
CA SER E 254 25.70 0.59 -41.77
C SER E 254 26.10 -0.73 -42.41
N GLN E 255 26.68 -0.71 -43.61
CA GLN E 255 27.02 -1.93 -44.32
C GLN E 255 25.78 -2.83 -44.50
N THR E 256 24.64 -2.20 -44.75
CA THR E 256 23.42 -2.94 -45.02
C THR E 256 23.27 -3.31 -46.48
N GLY E 257 24.08 -2.75 -47.36
CA GLY E 257 23.83 -2.83 -48.78
C GLY E 257 22.95 -1.71 -49.29
N GLN E 258 22.43 -0.86 -48.40
CA GLN E 258 21.58 0.28 -48.74
C GLN E 258 20.58 -0.07 -49.83
N PRO E 259 19.61 -0.94 -49.54
CA PRO E 259 18.63 -1.35 -50.57
C PRO E 259 17.76 -0.20 -51.08
N LEU E 260 17.65 0.90 -50.33
CA LEU E 260 17.00 2.13 -50.80
C LEU E 260 18.04 3.25 -50.88
N PRO E 261 18.95 3.18 -51.85
CA PRO E 261 20.09 4.10 -51.84
C PRO E 261 19.67 5.53 -52.17
N CYS E 262 20.61 6.44 -51.94
CA CYS E 262 20.43 7.88 -52.16
C CYS E 262 19.33 8.47 -51.28
N ALA E 263 19.20 7.95 -50.05
CA ALA E 263 18.20 8.48 -49.15
C ALA E 263 18.38 9.97 -48.90
N ASP E 264 19.63 10.45 -48.86
CA ASP E 264 19.82 11.88 -48.68
C ASP E 264 19.18 12.68 -49.80
N LEU E 265 18.95 12.06 -50.96
CA LEU E 265 18.26 12.73 -52.07
C LEU E 265 16.74 12.50 -52.04
N TRP E 266 16.28 11.25 -51.97
CA TRP E 266 14.85 11.01 -52.10
C TRP E 266 14.08 11.36 -50.84
N LEU E 267 14.76 11.46 -49.70
CA LEU E 267 14.12 12.00 -48.51
C LEU E 267 13.75 13.46 -48.70
N GLY E 268 14.32 14.14 -49.69
CA GLY E 268 13.93 15.49 -50.02
C GLY E 268 12.70 15.61 -50.86
N ASN E 269 12.09 14.50 -51.27
CA ASN E 269 10.88 14.51 -52.09
C ASN E 269 9.64 14.38 -51.21
N ALA E 270 8.65 15.25 -51.46
CA ALA E 270 7.47 15.30 -50.61
C ALA E 270 6.67 14.00 -50.63
N LYS E 271 6.70 13.26 -51.74
CA LYS E 271 5.97 11.98 -51.78
C LYS E 271 6.57 10.98 -50.79
N ALA E 272 7.89 10.99 -50.62
CA ALA E 272 8.56 10.07 -49.71
C ALA E 272 8.20 10.36 -48.27
N THR E 273 8.38 11.63 -47.83
CA THR E 273 8.07 11.97 -46.45
C THR E 273 6.57 11.81 -46.18
N SER E 274 5.73 12.07 -47.19
CA SER E 274 4.31 11.79 -47.04
C SER E 274 4.06 10.29 -46.83
N GLU E 275 4.79 9.44 -47.55
CA GLU E 275 4.61 8.00 -47.31
C GLU E 275 5.10 7.59 -45.93
N LEU E 276 6.21 8.17 -45.48
CA LEU E 276 6.79 7.85 -44.17
C LEU E 276 5.97 8.42 -43.01
N GLN E 277 5.07 9.39 -43.27
CA GLN E 277 4.17 9.82 -42.22
C GLN E 277 3.26 8.69 -41.74
N GLN E 278 2.98 7.70 -42.59
CA GLN E 278 2.15 6.57 -42.19
C GLN E 278 2.83 5.61 -41.23
N ALA E 279 4.15 5.72 -41.03
CA ALA E 279 4.85 4.84 -40.11
C ALA E 279 4.41 5.07 -38.67
N GLN E 280 4.01 4.00 -37.98
CA GLN E 280 3.63 4.09 -36.58
C GLN E 280 4.78 3.80 -35.61
N ILE E 281 5.84 3.12 -36.06
CA ILE E 281 7.02 2.89 -35.24
C ILE E 281 8.25 3.03 -36.12
N VAL E 282 9.33 3.57 -35.55
CA VAL E 282 10.62 3.60 -36.23
C VAL E 282 11.59 2.84 -35.34
N VAL E 283 12.25 1.83 -35.89
CA VAL E 283 13.26 1.10 -35.15
C VAL E 283 14.62 1.43 -35.75
N GLN E 284 15.42 2.17 -35.02
CA GLN E 284 16.77 2.52 -35.44
C GLN E 284 17.77 1.63 -34.72
N LEU E 285 18.70 1.05 -35.48
CA LEU E 285 19.80 0.26 -34.95
C LEU E 285 21.11 0.96 -35.31
N GLY E 286 21.97 1.17 -34.32
CA GLY E 286 23.12 2.01 -34.54
C GLY E 286 22.75 3.47 -34.43
N SER E 287 23.75 4.34 -34.56
CA SER E 287 23.54 5.78 -34.36
C SER E 287 24.57 6.55 -35.18
N SER E 288 24.75 7.84 -34.85
CA SER E 288 25.61 8.75 -35.61
C SER E 288 25.20 8.80 -37.07
N LEU E 289 23.92 9.03 -37.32
CA LEU E 289 23.42 9.11 -38.69
C LEU E 289 24.14 10.22 -39.45
N THR E 290 24.45 9.96 -40.72
CA THR E 290 25.32 10.84 -41.48
C THR E 290 24.58 11.98 -42.19
N GLY E 291 23.56 11.64 -42.97
CA GLY E 291 23.02 12.57 -43.94
C GLY E 291 22.11 13.63 -43.34
N LYS E 292 22.20 14.83 -43.91
CA LYS E 292 21.43 15.98 -43.45
C LYS E 292 19.93 15.79 -43.69
N ARG E 293 19.53 15.22 -44.84
CA ARG E 293 18.10 15.01 -45.09
C ARG E 293 17.54 13.95 -44.17
N LEU E 294 18.34 12.92 -43.88
CA LEU E 294 17.89 11.91 -42.93
C LEU E 294 17.74 12.48 -41.54
N LEU E 295 18.67 13.33 -41.10
CA LEU E 295 18.55 13.97 -39.79
C LEU E 295 17.34 14.90 -39.75
N GLN E 296 17.06 15.60 -40.87
CA GLN E 296 15.87 16.45 -40.89
C GLN E 296 14.59 15.63 -40.82
N TRP E 297 14.55 14.49 -41.51
CA TRP E 297 13.37 13.63 -41.39
C TRP E 297 13.24 13.07 -39.98
N GLN E 298 14.33 12.58 -39.38
CA GLN E 298 14.26 12.10 -38.01
C GLN E 298 13.72 13.18 -37.09
N ALA E 299 14.20 14.41 -37.24
CA ALA E 299 13.71 15.53 -36.42
C ALA E 299 12.23 15.83 -36.65
N SER E 300 11.73 15.60 -37.86
CA SER E 300 10.35 15.96 -38.19
C SER E 300 9.34 14.83 -37.95
N CYS E 301 9.77 13.60 -37.99
CA CYS E 301 8.87 12.51 -37.87
C CYS E 301 8.18 12.36 -36.53
N GLU E 302 6.93 11.90 -36.59
CA GLU E 302 6.18 11.74 -35.37
C GLU E 302 5.50 10.38 -35.28
N PRO E 303 6.29 9.32 -35.22
CA PRO E 303 5.72 8.02 -35.02
C PRO E 303 5.27 7.84 -33.61
N GLU E 304 4.37 6.93 -33.46
CA GLU E 304 3.88 6.62 -32.13
C GLU E 304 5.04 6.26 -31.20
N GLU E 305 6.00 5.49 -31.71
CA GLU E 305 7.15 5.14 -30.91
C GLU E 305 8.41 5.20 -31.75
N TYR E 306 9.50 5.64 -31.12
CA TYR E 306 10.82 5.69 -31.77
C TYR E 306 11.79 4.93 -30.88
N TRP E 307 12.38 3.85 -31.43
CA TRP E 307 13.34 3.01 -30.71
C TRP E 307 14.75 3.18 -31.25
N ILE E 308 15.74 3.24 -30.36
CA ILE E 308 17.15 3.21 -30.79
C ILE E 308 17.84 2.03 -30.10
N VAL E 309 18.30 1.07 -30.90
CA VAL E 309 19.04 -0.10 -30.42
C VAL E 309 20.52 0.10 -30.68
N ASP E 310 21.34 -0.04 -29.63
CA ASP E 310 22.78 0.10 -29.87
C ASP E 310 23.51 -0.45 -28.65
N ASP E 311 24.79 -0.74 -28.83
CA ASP E 311 25.62 -1.17 -27.70
C ASP E 311 26.26 -0.01 -26.96
N ILE E 312 25.93 1.24 -27.33
CA ILE E 312 26.30 2.48 -26.65
C ILE E 312 25.23 2.83 -25.62
N GLU E 313 25.65 3.44 -24.51
CA GLU E 313 24.79 3.94 -23.46
C GLU E 313 24.35 5.38 -23.75
N GLY E 314 23.31 5.80 -23.05
CA GLY E 314 22.84 7.17 -23.09
C GLY E 314 21.89 7.43 -24.25
N ARG E 315 21.31 8.62 -24.22
CA ARG E 315 20.40 9.02 -25.30
C ARG E 315 21.14 9.16 -26.62
N LEU E 316 20.53 8.67 -27.68
CA LEU E 316 21.09 8.71 -29.01
C LEU E 316 20.16 9.38 -30.00
N ASP E 317 19.03 9.90 -29.54
CA ASP E 317 18.06 10.53 -30.42
C ASP E 317 18.17 12.04 -30.28
N PRO E 318 18.77 12.75 -31.24
CA PRO E 318 18.90 14.20 -31.11
C PRO E 318 17.58 14.95 -31.20
N ALA E 319 16.48 14.28 -31.52
CA ALA E 319 15.17 14.93 -31.55
C ALA E 319 14.31 14.57 -30.34
N HIS E 320 14.78 13.68 -29.46
CA HIS E 320 14.15 13.44 -28.17
C HIS E 320 12.72 12.91 -28.34
N HIS E 321 12.57 11.96 -29.25
CA HIS E 321 11.25 11.39 -29.47
C HIS E 321 10.76 10.64 -28.24
N ARG E 322 9.45 10.57 -28.12
CA ARG E 322 8.82 9.59 -27.26
C ARG E 322 9.17 8.19 -27.76
N GLY E 323 9.71 7.37 -26.88
CA GLY E 323 10.09 6.04 -27.28
C GLY E 323 11.01 5.28 -26.36
N ARG E 324 11.96 4.57 -26.94
CA ARG E 324 12.79 3.66 -26.19
C ARG E 324 14.24 3.81 -26.65
N ARG E 325 15.13 3.60 -25.68
CA ARG E 325 16.58 3.60 -25.85
C ARG E 325 17.04 2.25 -25.28
N LEU E 326 17.40 1.33 -26.17
CA LEU E 326 17.65 -0.07 -25.83
C LEU E 326 19.12 -0.39 -26.01
N ILE E 327 19.77 -0.80 -24.94
CA ILE E 327 21.20 -1.08 -24.92
C ILE E 327 21.37 -2.58 -25.12
N ALA E 328 22.03 -2.97 -26.21
CA ALA E 328 22.19 -4.39 -26.54
C ALA E 328 23.21 -4.51 -27.67
N ASN E 329 23.82 -5.68 -27.73
CA ASN E 329 24.46 -6.11 -28.95
C ASN E 329 23.39 -6.29 -30.04
N ILE E 330 23.60 -5.68 -31.21
CA ILE E 330 22.53 -5.60 -32.20
C ILE E 330 22.12 -6.99 -32.67
N ALA E 331 23.10 -7.88 -32.90
CA ALA E 331 22.78 -9.25 -33.30
C ALA E 331 21.97 -9.97 -32.21
N ASP E 332 22.40 -9.85 -30.94
CA ASP E 332 21.58 -10.40 -29.86
C ASP E 332 20.18 -9.81 -29.87
N TRP E 333 20.07 -8.50 -30.12
CA TRP E 333 18.76 -7.87 -30.05
C TRP E 333 17.85 -8.40 -31.15
N LEU E 334 18.41 -8.64 -32.33
CA LEU E 334 17.66 -9.22 -33.42
C LEU E 334 17.24 -10.66 -33.11
N GLU E 335 18.09 -11.41 -32.42
CA GLU E 335 17.66 -12.75 -32.02
C GLU E 335 16.53 -12.71 -30.98
N LEU E 336 16.57 -11.72 -30.07
CA LEU E 336 15.50 -11.57 -29.08
C LEU E 336 14.23 -11.00 -29.68
N HIS E 337 14.33 -10.23 -30.76
CA HIS E 337 13.15 -9.60 -31.35
C HIS E 337 13.08 -9.96 -32.83
N PRO E 338 12.75 -11.22 -33.12
CA PRO E 338 12.85 -11.71 -34.50
C PRO E 338 11.75 -11.13 -35.37
N ALA E 339 12.01 -11.14 -36.67
CA ALA E 339 11.02 -10.70 -37.62
C ALA E 339 10.09 -11.86 -37.96
N GLU E 340 8.94 -11.52 -38.52
CA GLU E 340 8.01 -12.50 -39.08
C GLU E 340 7.59 -12.01 -40.45
N LYS E 341 7.61 -12.91 -41.43
CA LYS E 341 7.39 -12.52 -42.81
C LYS E 341 6.05 -11.78 -42.97
N ARG E 342 6.12 -10.55 -43.46
CA ARG E 342 4.94 -9.77 -43.77
C ARG E 342 5.19 -8.98 -45.04
N GLN E 343 4.11 -8.69 -45.78
CA GLN E 343 4.26 -8.01 -47.05
C GLN E 343 4.75 -6.59 -46.84
N PRO E 344 5.49 -6.04 -47.80
CA PRO E 344 5.93 -4.65 -47.71
C PRO E 344 4.78 -3.66 -47.88
N TRP E 345 4.85 -2.55 -47.14
CA TRP E 345 3.80 -1.55 -47.20
C TRP E 345 4.17 -0.30 -47.98
N CYS E 346 5.44 -0.07 -48.29
CA CYS E 346 5.80 1.13 -49.05
C CYS E 346 5.60 0.91 -50.53
N VAL E 347 5.02 1.92 -51.19
CA VAL E 347 4.74 1.83 -52.61
C VAL E 347 5.50 2.87 -53.41
N GLU E 348 5.59 4.11 -52.91
CA GLU E 348 6.25 5.19 -53.63
C GLU E 348 7.76 5.24 -53.41
N ILE E 349 8.25 4.90 -52.22
CA ILE E 349 9.66 5.15 -51.90
C ILE E 349 10.62 4.26 -52.70
N PRO E 350 10.38 2.95 -52.90
CA PRO E 350 11.35 2.18 -53.70
C PRO E 350 11.55 2.75 -55.09
N ARG E 351 10.46 3.14 -55.75
CA ARG E 351 10.58 3.78 -57.06
C ARG E 351 11.36 5.09 -56.97
N LEU E 352 11.09 5.90 -55.94
CA LEU E 352 11.81 7.16 -55.80
C LEU E 352 13.31 6.93 -55.61
N ALA E 353 13.70 5.90 -54.84
CA ALA E 353 15.12 5.63 -54.64
C ALA E 353 15.78 5.16 -55.93
N GLU E 354 15.13 4.28 -56.69
CA GLU E 354 15.70 3.87 -57.98
C GLU E 354 15.85 5.08 -58.90
N GLN E 355 14.82 5.93 -58.98
CA GLN E 355 14.89 7.10 -59.86
C GLN E 355 16.01 8.04 -59.41
N ALA E 356 16.21 8.15 -58.09
CA ALA E 356 17.28 9.00 -57.58
C ALA E 356 18.65 8.45 -57.97
N MET E 357 18.86 7.15 -57.77
CA MET E 357 20.11 6.54 -58.19
C MET E 357 20.35 6.75 -59.67
N GLN E 358 19.30 6.61 -60.50
CA GLN E 358 19.45 6.90 -61.93
C GLN E 358 19.88 8.34 -62.17
N ALA E 359 19.33 9.27 -61.40
CA ALA E 359 19.75 10.67 -61.56
C ALA E 359 21.23 10.84 -61.26
N VAL E 360 21.74 10.10 -60.26
CA VAL E 360 23.18 10.20 -60.00
C VAL E 360 23.97 9.54 -61.12
N ILE E 361 23.49 8.40 -61.62
CA ILE E 361 24.19 7.69 -62.69
C ILE E 361 24.31 8.59 -63.92
N ALA E 362 23.28 9.40 -64.19
CA ALA E 362 23.33 10.32 -65.33
C ALA E 362 24.49 11.31 -65.26
N ARG E 363 25.04 11.55 -64.06
CA ARG E 363 26.10 12.53 -63.88
C ARG E 363 27.43 11.89 -63.49
N ARG E 364 27.65 10.62 -63.83
CA ARG E 364 28.83 9.90 -63.37
C ARG E 364 30.11 10.24 -64.14
N ASP E 365 30.02 10.96 -65.26
CA ASP E 365 31.14 11.03 -66.20
C ASP E 365 32.18 12.07 -65.79
N ALA E 366 31.76 13.20 -65.24
CA ALA E 366 32.70 14.26 -64.89
C ALA E 366 33.70 13.78 -63.85
N PHE E 367 34.96 14.22 -64.00
CA PHE E 367 36.04 13.77 -63.13
C PHE E 367 36.07 14.67 -61.89
N GLY E 368 35.05 14.51 -61.03
CA GLY E 368 34.90 15.33 -59.85
C GLY E 368 34.68 14.50 -58.60
N GLU E 369 34.65 15.20 -57.46
CA GLU E 369 34.62 14.47 -56.19
C GLU E 369 33.26 13.81 -55.97
N ALA E 370 32.18 14.44 -56.47
CA ALA E 370 30.88 13.79 -56.38
C ALA E 370 30.88 12.48 -57.15
N GLN E 371 31.41 12.50 -58.37
CA GLN E 371 31.45 11.26 -59.13
C GLN E 371 32.36 10.24 -58.48
N LEU E 372 33.49 10.68 -57.92
CA LEU E 372 34.36 9.73 -57.24
C LEU E 372 33.62 9.03 -56.11
N ALA E 373 32.90 9.79 -55.29
CA ALA E 373 32.10 9.23 -54.22
C ALA E 373 31.04 8.28 -54.76
N HIS E 374 30.36 8.69 -55.82
CA HIS E 374 29.32 7.85 -56.40
C HIS E 374 29.88 6.53 -56.92
N ARG E 375 31.09 6.54 -57.48
CA ARG E 375 31.67 5.39 -58.15
C ARG E 375 32.61 4.59 -57.26
N ILE E 376 32.69 4.95 -55.98
CA ILE E 376 33.74 4.44 -55.09
C ILE E 376 33.71 2.91 -55.00
N CYS E 377 32.55 2.28 -55.26
CA CYS E 377 32.53 0.82 -55.18
C CYS E 377 33.46 0.16 -56.19
N ASP E 378 33.74 0.80 -57.32
CA ASP E 378 34.65 0.19 -58.28
C ASP E 378 36.10 0.17 -57.78
N TYR E 379 36.39 0.81 -56.65
CA TYR E 379 37.76 0.91 -56.16
C TYR E 379 38.00 0.24 -54.82
N LEU E 380 36.98 -0.35 -54.18
CA LEU E 380 37.22 -1.05 -52.91
C LEU E 380 38.06 -2.29 -53.15
N PRO E 381 39.12 -2.49 -52.39
CA PRO E 381 39.91 -3.71 -52.53
C PRO E 381 39.13 -4.93 -52.06
N GLU E 382 39.34 -6.05 -52.76
CA GLU E 382 38.68 -7.29 -52.37
C GLU E 382 39.13 -7.73 -50.98
N GLN E 383 38.17 -8.16 -50.16
CA GLN E 383 38.46 -8.59 -48.80
C GLN E 383 39.20 -7.50 -48.04
N GLY E 384 38.79 -6.25 -48.29
CA GLY E 384 39.46 -5.13 -47.67
C GLY E 384 38.50 -4.30 -46.85
N GLN E 385 38.87 -3.06 -46.59
CA GLN E 385 38.08 -2.18 -45.76
C GLN E 385 38.21 -0.76 -46.26
N LEU E 386 37.18 0.03 -45.97
CA LEU E 386 37.12 1.44 -46.33
C LEU E 386 37.20 2.27 -45.07
N PHE E 387 38.11 3.24 -45.03
CA PHE E 387 38.09 4.28 -44.02
C PHE E 387 37.71 5.57 -44.71
N VAL E 388 36.57 6.13 -44.32
CA VAL E 388 36.05 7.34 -44.94
C VAL E 388 36.25 8.49 -43.98
N GLY E 389 36.83 9.58 -44.47
CA GLY E 389 37.09 10.76 -43.69
C GLY E 389 35.84 11.58 -43.44
N ASN E 390 36.04 12.76 -42.86
CA ASN E 390 34.93 13.64 -42.52
C ASN E 390 34.78 14.75 -43.57
N SER E 391 33.88 15.70 -43.30
CA SER E 391 33.47 16.81 -44.20
C SER E 391 32.78 16.21 -45.42
N LEU E 392 33.12 16.61 -46.65
CA LEU E 392 32.28 16.29 -47.80
C LEU E 392 32.34 14.82 -48.19
N VAL E 393 33.47 14.14 -47.98
CA VAL E 393 33.62 12.80 -48.58
C VAL E 393 32.55 11.84 -48.06
N VAL E 394 32.34 11.80 -46.73
CA VAL E 394 31.35 10.88 -46.17
C VAL E 394 29.92 11.28 -46.58
N ALA E 395 29.64 12.58 -46.71
CA ALA E 395 28.31 13.02 -47.16
C ALA E 395 28.05 12.67 -48.62
N LEU E 396 29.07 12.84 -49.47
CA LEU E 396 28.90 12.52 -50.89
C LEU E 396 28.79 11.03 -51.11
N ILE E 397 29.60 10.24 -50.42
CA ILE E 397 29.44 8.79 -50.50
C ILE E 397 28.08 8.38 -49.95
N ASP E 398 27.66 8.99 -48.84
CA ASP E 398 26.37 8.63 -48.24
C ASP E 398 25.22 8.95 -49.19
N ALA E 399 25.28 10.08 -49.87
CA ALA E 399 24.16 10.52 -50.69
C ALA E 399 24.18 9.88 -52.06
N LEU E 400 25.36 9.54 -52.58
CA LEU E 400 25.51 9.21 -53.99
C LEU E 400 25.95 7.78 -54.27
N SER E 401 26.37 7.01 -53.26
CA SER E 401 26.91 5.68 -53.50
C SER E 401 26.06 4.63 -52.80
N GLN E 402 26.15 3.39 -53.31
CA GLN E 402 25.49 2.22 -52.71
C GLN E 402 26.58 1.19 -52.36
N LEU E 403 26.98 1.17 -51.11
CA LEU E 403 28.07 0.30 -50.71
C LEU E 403 27.58 -1.13 -50.51
N PRO E 404 28.40 -2.12 -50.84
CA PRO E 404 27.92 -3.51 -50.74
C PRO E 404 27.68 -3.90 -49.29
N ALA E 405 26.67 -4.73 -49.10
CA ALA E 405 26.36 -5.22 -47.76
C ALA E 405 27.55 -5.99 -47.21
N GLY E 406 27.86 -5.75 -45.95
CA GLY E 406 28.92 -6.48 -45.29
C GLY E 406 30.33 -6.05 -45.61
N TYR E 407 30.53 -5.04 -46.47
CA TYR E 407 31.89 -4.55 -46.72
C TYR E 407 32.26 -3.55 -45.63
N PRO E 408 33.34 -3.78 -44.89
CA PRO E 408 33.61 -3.00 -43.68
C PRO E 408 33.92 -1.54 -43.99
N VAL E 409 33.21 -0.65 -43.28
CA VAL E 409 33.45 0.79 -43.33
C VAL E 409 33.79 1.25 -41.92
N TYR E 410 34.84 2.06 -41.80
CA TYR E 410 35.31 2.65 -40.56
C TYR E 410 35.40 4.16 -40.73
N SER E 411 35.27 4.88 -39.60
CA SER E 411 35.11 6.32 -39.60
C SER E 411 35.37 6.87 -38.20
N ASN E 412 35.45 8.20 -38.11
CA ASN E 412 35.49 8.94 -36.85
C ASN E 412 34.29 9.88 -36.85
N ARG E 413 33.11 9.33 -36.56
CA ARG E 413 31.87 10.09 -36.64
C ARG E 413 31.24 10.33 -35.27
N GLY E 414 32.01 10.18 -34.19
CA GLY E 414 31.55 10.60 -32.88
C GLY E 414 31.51 12.12 -32.83
N ALA E 415 32.69 12.74 -32.71
CA ALA E 415 32.82 14.18 -32.79
C ALA E 415 33.10 14.66 -34.21
N SER E 416 33.42 13.76 -35.14
CA SER E 416 33.62 14.06 -36.56
C SER E 416 34.75 15.06 -36.79
N GLY E 417 35.82 14.91 -36.01
CA GLY E 417 36.99 15.75 -36.17
C GLY E 417 37.82 15.40 -37.38
N ILE E 418 38.44 16.42 -37.95
CA ILE E 418 39.38 16.25 -39.04
C ILE E 418 40.82 16.25 -38.53
N ASP E 419 41.02 16.00 -37.24
CA ASP E 419 42.35 16.15 -36.67
C ASP E 419 43.14 14.84 -36.53
N GLY E 420 42.52 13.69 -36.77
CA GLY E 420 43.25 12.45 -36.64
C GLY E 420 42.93 11.39 -37.67
N LEU E 421 42.66 11.78 -38.91
CA LEU E 421 42.12 10.82 -39.86
C LEU E 421 43.20 9.88 -40.42
N LEU E 422 44.40 10.42 -40.68
CA LEU E 422 45.49 9.61 -41.24
C LEU E 422 45.99 8.59 -40.24
N SER E 423 46.27 9.03 -39.01
CA SER E 423 46.74 8.12 -37.98
C SER E 423 45.68 7.09 -37.63
N THR E 424 44.41 7.50 -37.56
CA THR E 424 43.34 6.52 -37.33
C THR E 424 43.32 5.47 -38.45
N ALA E 425 43.40 5.91 -39.70
CA ALA E 425 43.41 4.97 -40.82
C ALA E 425 44.59 4.00 -40.70
N ALA E 426 45.74 4.51 -40.25
CA ALA E 426 46.91 3.66 -40.02
C ALA E 426 46.62 2.58 -38.98
N GLY E 427 45.95 2.95 -37.89
CA GLY E 427 45.58 1.93 -36.90
C GLY E 427 44.56 0.93 -37.43
N VAL E 428 43.59 1.43 -38.20
CA VAL E 428 42.60 0.55 -38.83
C VAL E 428 43.30 -0.49 -39.69
N GLN E 429 44.29 -0.06 -40.47
CA GLN E 429 45.02 -0.97 -41.34
C GLN E 429 45.82 -1.98 -40.52
N ARG E 430 46.60 -1.50 -39.56
CA ARG E 430 47.48 -2.39 -38.82
C ARG E 430 46.72 -3.41 -37.99
N ALA E 431 45.55 -3.03 -37.46
CA ALA E 431 44.83 -3.97 -36.61
C ALA E 431 44.32 -5.17 -37.41
N SER E 432 43.78 -4.94 -38.61
CA SER E 432 43.19 -6.05 -39.34
C SER E 432 44.17 -6.75 -40.28
N GLY E 433 45.23 -6.07 -40.69
CA GLY E 433 46.09 -6.58 -41.74
C GLY E 433 45.45 -6.58 -43.13
N LYS E 434 44.31 -5.89 -43.32
CA LYS E 434 43.60 -5.94 -44.59
C LYS E 434 44.05 -4.82 -45.53
N PRO E 435 43.97 -5.02 -46.84
CA PRO E 435 44.11 -3.89 -47.77
C PRO E 435 43.04 -2.85 -47.49
N THR E 436 43.44 -1.58 -47.51
CA THR E 436 42.57 -0.50 -47.03
C THR E 436 42.50 0.61 -48.06
N LEU E 437 41.29 1.13 -48.27
CA LEU E 437 41.10 2.39 -48.99
C LEU E 437 40.65 3.45 -48.00
N ALA E 438 41.44 4.50 -47.88
CA ALA E 438 41.16 5.64 -47.00
C ALA E 438 41.02 6.88 -47.87
N ILE E 439 39.97 7.67 -47.62
CA ILE E 439 39.62 8.83 -48.43
C ILE E 439 39.39 10.02 -47.51
N VAL E 440 40.17 11.10 -47.70
CA VAL E 440 40.08 12.29 -46.85
C VAL E 440 40.22 13.54 -47.70
N GLY E 441 39.83 14.71 -47.10
CA GLY E 441 39.98 15.98 -47.75
C GLY E 441 41.36 16.62 -47.54
N ASP E 442 41.58 17.72 -48.27
CA ASP E 442 42.91 18.35 -48.28
C ASP E 442 43.25 18.95 -46.92
N LEU E 443 42.32 19.68 -46.30
CA LEU E 443 42.57 20.20 -44.96
C LEU E 443 42.76 19.08 -43.95
N SER E 444 42.00 17.99 -44.08
CA SER E 444 42.19 16.83 -43.20
C SER E 444 43.59 16.23 -43.36
N ALA E 445 44.07 16.10 -44.61
CA ALA E 445 45.40 15.57 -44.85
C ALA E 445 46.48 16.50 -44.30
N LEU E 446 46.29 17.81 -44.44
CA LEU E 446 47.25 18.76 -43.86
C LEU E 446 47.24 18.67 -42.34
N TYR E 447 46.06 18.59 -41.74
CA TYR E 447 45.94 18.55 -40.28
C TYR E 447 46.73 17.40 -39.69
N ASP E 448 46.65 16.21 -40.28
CA ASP E 448 47.31 15.02 -39.76
C ASP E 448 48.49 14.63 -40.64
N LEU E 449 49.21 15.63 -41.16
CA LEU E 449 50.22 15.41 -42.19
C LEU E 449 51.34 14.48 -41.72
N ASN E 450 51.85 14.69 -40.51
CA ASN E 450 52.99 13.88 -40.09
C ASN E 450 52.60 12.43 -39.85
N ALA E 451 51.31 12.11 -39.85
CA ALA E 451 50.91 10.70 -39.78
C ALA E 451 51.33 9.93 -41.01
N LEU E 452 51.73 10.60 -42.09
CA LEU E 452 52.34 9.87 -43.21
C LEU E 452 53.52 9.03 -42.76
N ALA E 453 54.24 9.49 -41.72
CA ALA E 453 55.31 8.68 -41.12
C ALA E 453 54.78 7.31 -40.67
N LEU E 454 53.62 7.29 -40.00
CA LEU E 454 53.02 6.02 -39.63
C LEU E 454 52.66 5.17 -40.86
N LEU E 455 52.24 5.80 -41.96
CA LEU E 455 51.79 5.04 -43.12
C LEU E 455 52.96 4.47 -43.94
N ARG E 456 54.20 4.72 -43.52
CA ARG E 456 55.31 3.97 -44.08
C ARG E 456 55.33 2.54 -43.59
N GLN E 457 54.48 2.17 -42.61
CA GLN E 457 54.48 0.81 -42.08
C GLN E 457 53.06 0.23 -42.16
N VAL E 458 52.75 -0.43 -43.28
CA VAL E 458 51.49 -1.15 -43.39
C VAL E 458 51.77 -2.60 -43.76
N SER E 459 50.89 -3.47 -43.30
CA SER E 459 51.01 -4.90 -43.55
C SER E 459 50.28 -5.32 -44.83
N ALA E 460 49.56 -4.41 -45.45
CA ALA E 460 48.85 -4.65 -46.71
C ALA E 460 48.71 -3.32 -47.43
N PRO E 461 48.48 -3.32 -48.74
CA PRO E 461 48.38 -2.05 -49.47
C PRO E 461 47.31 -1.14 -48.90
N LEU E 462 47.69 0.13 -48.72
CA LEU E 462 46.76 1.16 -48.30
C LEU E 462 46.79 2.28 -49.33
N VAL E 463 45.62 2.58 -49.90
CA VAL E 463 45.47 3.73 -50.80
C VAL E 463 44.92 4.88 -49.98
N LEU E 464 45.63 6.00 -50.00
CA LEU E 464 45.16 7.23 -49.38
C LEU E 464 44.78 8.16 -50.51
N ILE E 465 43.49 8.32 -50.74
CA ILE E 465 42.97 9.30 -51.67
C ILE E 465 42.81 10.62 -50.91
N VAL E 466 43.48 11.66 -51.39
CA VAL E 466 43.33 13.02 -50.90
C VAL E 466 42.57 13.80 -51.95
N VAL E 467 41.32 14.15 -51.63
CA VAL E 467 40.50 14.99 -52.49
C VAL E 467 40.89 16.44 -52.21
N ASN E 468 41.51 17.09 -53.18
CA ASN E 468 42.03 18.44 -53.01
C ASN E 468 41.13 19.40 -53.78
N ASN E 469 40.19 20.03 -53.08
CA ASN E 469 39.38 21.10 -53.63
C ASN E 469 39.79 22.47 -53.06
N ASN E 470 41.00 22.55 -52.51
CA ASN E 470 41.59 23.81 -52.05
C ASN E 470 40.72 24.47 -50.99
N GLY E 471 40.56 23.77 -49.87
CA GLY E 471 39.87 24.31 -48.71
C GLY E 471 38.78 23.40 -48.20
N GLY E 472 38.08 23.90 -47.19
CA GLY E 472 36.97 23.15 -46.63
C GLY E 472 35.69 23.46 -47.35
N GLN E 473 35.44 22.78 -48.47
CA GLN E 473 34.33 23.16 -49.35
C GLN E 473 32.96 22.74 -48.82
N ILE E 474 32.90 22.07 -47.67
CA ILE E 474 31.61 21.95 -46.99
C ILE E 474 31.05 23.33 -46.67
N PHE E 475 31.93 24.32 -46.45
CA PHE E 475 31.44 25.67 -46.20
C PHE E 475 31.03 26.37 -47.49
N SER E 476 31.24 25.76 -48.66
CA SER E 476 30.58 26.18 -49.89
C SER E 476 29.20 25.53 -50.04
N LEU E 477 28.98 24.38 -49.38
CA LEU E 477 27.67 23.74 -49.39
C LEU E 477 26.74 24.39 -48.37
N LEU E 478 27.26 24.78 -47.21
CA LEU E 478 26.46 25.49 -46.20
C LEU E 478 26.20 26.93 -46.66
N PRO E 479 25.13 27.58 -46.17
CA PRO E 479 24.86 28.96 -46.63
C PRO E 479 25.69 30.00 -45.88
N THR E 480 27.01 29.84 -45.92
CA THR E 480 27.92 30.80 -45.31
C THR E 480 27.95 32.10 -46.12
N PRO E 481 28.24 33.22 -45.48
CA PRO E 481 28.21 34.50 -46.21
C PRO E 481 29.32 34.55 -47.24
N GLN E 482 28.98 35.08 -48.43
CA GLN E 482 29.91 35.01 -49.55
C GLN E 482 31.18 35.82 -49.29
N SER E 483 31.05 36.98 -48.65
CA SER E 483 32.18 37.90 -48.52
C SER E 483 33.21 37.44 -47.48
N GLU E 484 32.81 36.68 -46.46
CA GLU E 484 33.76 36.15 -45.46
C GLU E 484 34.13 34.70 -45.72
N ARG E 485 33.54 34.05 -46.73
CA ARG E 485 33.63 32.61 -46.88
C ARG E 485 35.08 32.15 -47.05
N GLU E 486 35.79 32.69 -48.05
CA GLU E 486 37.10 32.14 -48.37
C GLU E 486 38.09 32.36 -47.22
N ARG E 487 38.21 33.59 -46.72
CA ARG E 487 39.19 33.83 -45.67
C ARG E 487 38.82 33.12 -44.37
N PHE E 488 37.54 33.13 -43.98
CA PHE E 488 37.14 32.69 -42.64
C PHE E 488 36.49 31.32 -42.58
N TYR E 489 36.16 30.71 -43.72
CA TYR E 489 35.59 29.36 -43.74
C TYR E 489 36.42 28.43 -44.61
N LEU E 490 36.49 28.67 -45.92
CA LEU E 490 37.16 27.72 -46.81
C LEU E 490 38.64 27.58 -46.46
N MET E 491 39.30 28.70 -46.20
CA MET E 491 40.73 28.73 -45.90
C MET E 491 41.54 27.85 -46.85
N PRO E 492 41.55 28.17 -48.15
CA PRO E 492 42.41 27.42 -49.08
C PRO E 492 43.85 27.57 -48.66
N GLN E 493 44.59 26.47 -48.72
CA GLN E 493 46.00 26.49 -48.37
C GLN E 493 46.91 26.45 -49.57
N ASN E 494 46.37 26.23 -50.78
CA ASN E 494 47.14 26.28 -52.02
C ASN E 494 48.41 25.42 -51.93
N VAL E 495 48.20 24.12 -51.74
CA VAL E 495 49.28 23.15 -51.67
C VAL E 495 48.96 21.96 -52.55
N HIS E 496 49.97 21.13 -52.79
CA HIS E 496 49.81 19.77 -53.27
C HIS E 496 50.53 18.83 -52.30
N PHE E 497 50.39 17.53 -52.53
CA PHE E 497 50.90 16.52 -51.61
C PHE E 497 51.97 15.63 -52.23
N GLU E 498 52.45 15.99 -53.43
CA GLU E 498 53.54 15.24 -54.06
C GLU E 498 54.79 15.27 -53.19
N HIS E 499 55.14 16.44 -52.68
CA HIS E 499 56.34 16.56 -51.88
C HIS E 499 56.17 15.92 -50.52
N ALA E 500 54.95 15.94 -49.98
CA ALA E 500 54.66 15.22 -48.74
C ALA E 500 54.85 13.72 -48.93
N ALA E 501 54.33 13.17 -50.03
CA ALA E 501 54.54 11.76 -50.32
C ALA E 501 56.02 11.45 -50.49
N ALA E 502 56.75 12.30 -51.22
CA ALA E 502 58.18 12.07 -51.44
C ALA E 502 58.96 12.09 -50.13
N MET E 503 58.58 12.96 -49.19
CA MET E 503 59.29 13.08 -47.91
C MET E 503 59.28 11.77 -47.15
N PHE E 504 58.15 11.07 -47.17
CA PHE E 504 58.04 9.80 -46.47
C PHE E 504 58.17 8.61 -47.42
N GLU E 505 58.69 8.83 -48.62
CA GLU E 505 59.02 7.73 -49.53
C GLU E 505 57.80 6.90 -49.85
N LEU E 506 56.71 7.57 -50.15
CA LEU E 506 55.48 6.92 -50.57
C LEU E 506 55.24 7.17 -52.05
N LYS E 507 54.79 6.11 -52.75
CA LYS E 507 54.38 6.26 -54.14
C LYS E 507 53.29 7.31 -54.25
N TYR E 508 53.30 8.08 -55.34
CA TYR E 508 52.39 9.20 -55.49
C TYR E 508 51.83 9.26 -56.89
N HIS E 509 50.52 9.50 -57.00
CA HIS E 509 49.86 9.69 -58.29
C HIS E 509 48.95 10.91 -58.20
N ARG E 510 48.88 11.65 -59.32
CA ARG E 510 47.91 12.75 -59.49
C ARG E 510 47.15 12.48 -60.78
N PRO E 511 46.19 11.56 -60.74
CA PRO E 511 45.50 11.18 -61.98
C PRO E 511 44.65 12.31 -62.51
N GLN E 512 44.61 12.41 -63.85
CA GLN E 512 43.86 13.45 -64.52
C GLN E 512 42.55 12.93 -65.09
N ASN E 513 42.34 11.62 -65.10
CA ASN E 513 41.13 11.05 -65.66
C ASN E 513 40.89 9.69 -65.01
N TRP E 514 39.73 9.08 -65.37
CA TRP E 514 39.36 7.81 -64.78
C TRP E 514 40.37 6.70 -65.12
N GLN E 515 40.89 6.71 -66.35
CA GLN E 515 41.88 5.68 -66.74
C GLN E 515 43.13 5.80 -65.89
N GLU E 516 43.62 7.02 -65.68
CA GLU E 516 44.82 7.17 -64.85
C GLU E 516 44.52 6.83 -63.41
N LEU E 517 43.29 7.05 -62.96
CA LEU E 517 42.93 6.65 -61.60
C LEU E 517 42.99 5.13 -61.46
N GLU E 518 42.42 4.42 -62.42
CA GLU E 518 42.47 2.95 -62.40
C GLU E 518 43.89 2.44 -62.48
N THR E 519 44.73 3.07 -63.31
CA THR E 519 46.14 2.71 -63.34
C THR E 519 46.81 2.90 -61.98
N ALA E 520 46.51 4.01 -61.31
CA ALA E 520 47.09 4.26 -59.99
C ALA E 520 46.69 3.18 -59.00
N PHE E 521 45.39 2.82 -58.98
CA PHE E 521 44.94 1.75 -58.08
C PHE E 521 45.62 0.43 -58.38
N ALA E 522 45.63 0.04 -59.66
CA ALA E 522 46.25 -1.22 -60.05
C ALA E 522 47.70 -1.28 -59.58
N ASP E 523 48.43 -0.17 -59.72
CA ASP E 523 49.80 -0.12 -59.20
C ASP E 523 49.82 -0.25 -57.68
N ALA E 524 48.87 0.40 -57.01
CA ALA E 524 48.91 0.50 -55.57
C ALA E 524 48.64 -0.84 -54.89
N TRP E 525 47.79 -1.67 -55.47
CA TRP E 525 47.45 -2.91 -54.78
C TRP E 525 48.55 -3.97 -54.86
N ARG E 526 49.69 -3.68 -55.49
CA ARG E 526 50.70 -4.70 -55.75
C ARG E 526 51.66 -4.90 -54.59
N THR E 527 51.81 -3.94 -53.72
CA THR E 527 52.76 -4.08 -52.61
C THR E 527 52.09 -3.64 -51.32
N PRO E 528 52.54 -4.19 -50.18
CA PRO E 528 52.01 -3.73 -48.88
C PRO E 528 52.59 -2.37 -48.50
N THR E 529 52.22 -1.34 -49.26
CA THR E 529 52.72 0.00 -49.01
C THR E 529 51.57 1.00 -49.12
N THR E 530 51.83 2.21 -48.66
CA THR E 530 50.85 3.27 -48.79
C THR E 530 51.12 4.05 -50.07
N THR E 531 50.11 4.17 -50.92
CA THR E 531 50.16 5.01 -52.12
C THR E 531 49.19 6.17 -51.95
N VAL E 532 49.67 7.38 -52.20
CA VAL E 532 48.86 8.59 -52.09
C VAL E 532 48.40 8.99 -53.48
N ILE E 533 47.09 9.12 -53.64
CA ILE E 533 46.47 9.53 -54.89
C ILE E 533 45.80 10.86 -54.64
N GLU E 534 46.35 11.92 -55.23
CA GLU E 534 45.78 13.24 -55.05
C GLU E 534 44.83 13.52 -56.20
N MET E 535 43.56 13.75 -55.87
CA MET E 535 42.58 14.08 -56.88
C MET E 535 42.30 15.57 -56.76
N VAL E 536 42.84 16.34 -57.71
CA VAL E 536 42.64 17.79 -57.76
C VAL E 536 41.33 18.05 -58.49
N VAL E 537 40.40 18.75 -57.83
CA VAL E 537 39.09 19.05 -58.42
C VAL E 537 38.79 20.52 -58.22
N ASN E 538 37.89 21.04 -59.06
CA ASN E 538 37.50 22.44 -58.96
C ASN E 538 36.71 22.64 -57.68
N ASP E 539 37.01 23.72 -56.96
CA ASP E 539 36.59 23.90 -55.58
C ASP E 539 35.15 23.47 -55.31
N THR E 540 34.19 24.14 -55.93
CA THR E 540 32.78 24.02 -55.53
C THR E 540 31.97 23.04 -56.38
N ASP E 541 32.60 22.28 -57.27
CA ASP E 541 31.82 21.43 -58.18
C ASP E 541 31.07 20.33 -57.42
N GLY E 542 31.68 19.75 -56.39
CA GLY E 542 31.03 18.69 -55.63
C GLY E 542 29.85 19.17 -54.81
N ALA E 543 30.03 20.26 -54.07
CA ALA E 543 28.91 20.84 -53.32
C ALA E 543 27.78 21.18 -54.27
N GLN E 544 28.09 21.87 -55.37
CA GLN E 544 27.06 22.27 -56.31
C GLN E 544 26.39 21.06 -56.96
N THR E 545 27.16 20.03 -57.31
CA THR E 545 26.56 18.84 -57.88
C THR E 545 25.56 18.22 -56.93
N LEU E 546 25.91 18.16 -55.64
CA LEU E 546 24.99 17.64 -54.63
C LEU E 546 23.72 18.50 -54.55
N GLN E 547 23.88 19.81 -54.53
CA GLN E 547 22.72 20.70 -54.44
C GLN E 547 21.77 20.50 -55.62
N GLN E 548 22.33 20.41 -56.83
CA GLN E 548 21.52 20.23 -58.03
C GLN E 548 20.79 18.88 -58.02
N LEU E 549 21.48 17.82 -57.60
CA LEU E 549 20.83 16.52 -57.50
C LEU E 549 19.71 16.54 -56.46
N LEU E 550 19.93 17.22 -55.33
CA LEU E 550 18.86 17.34 -54.34
C LEU E 550 17.63 18.00 -54.95
N ALA E 551 17.83 19.10 -55.67
CA ALA E 551 16.69 19.75 -56.30
C ALA E 551 16.01 18.81 -57.30
N GLN E 552 16.80 18.15 -58.16
CA GLN E 552 16.21 17.33 -59.19
C GLN E 552 15.43 16.17 -58.59
N VAL E 553 15.99 15.52 -57.56
CA VAL E 553 15.27 14.42 -56.95
C VAL E 553 14.05 14.93 -56.20
N SER E 554 14.14 16.14 -55.64
CA SER E 554 12.98 16.67 -54.94
C SER E 554 11.81 16.95 -55.88
N HIS E 555 12.07 17.18 -57.16
CA HIS E 555 10.97 17.44 -58.10
C HIS E 555 10.45 16.21 -58.82
N LEU E 556 10.89 15.01 -58.44
CA LEU E 556 10.42 13.79 -59.07
C LEU E 556 8.98 13.46 -58.68
N MET F 1 12.01 37.86 -34.60
CA MET F 1 12.82 37.23 -33.54
C MET F 1 13.80 36.24 -34.16
N SER F 2 14.79 36.77 -34.87
CA SER F 2 15.74 35.95 -35.61
C SER F 2 16.82 35.40 -34.68
N VAL F 3 16.89 34.08 -34.55
CA VAL F 3 17.90 33.46 -33.70
C VAL F 3 19.29 33.73 -34.24
N SER F 4 19.44 33.67 -35.56
CA SER F 4 20.75 33.87 -36.18
C SER F 4 21.28 35.27 -35.91
N ALA F 5 20.42 36.27 -36.10
CA ALA F 5 20.80 37.65 -35.85
C ALA F 5 21.16 37.86 -34.39
N PHE F 6 20.33 37.34 -33.48
CA PHE F 6 20.61 37.57 -32.06
C PHE F 6 21.90 36.86 -31.62
N ASN F 7 22.16 35.64 -32.12
CA ASN F 7 23.44 34.99 -31.89
C ASN F 7 24.57 35.94 -32.22
N ARG F 8 24.45 36.64 -33.37
CA ARG F 8 25.51 37.56 -33.76
C ARG F 8 25.55 38.80 -32.88
N ARG F 9 24.43 39.22 -32.31
CA ARG F 9 24.45 40.36 -31.39
C ARG F 9 25.14 40.02 -30.07
N TRP F 10 24.79 38.86 -29.51
CA TRP F 10 25.44 38.32 -28.32
C TRP F 10 26.95 38.18 -28.52
N ALA F 11 27.33 37.53 -29.63
CA ALA F 11 28.73 37.37 -29.96
C ALA F 11 29.42 38.71 -30.10
N ALA F 12 28.77 39.66 -30.76
CA ALA F 12 29.38 40.97 -30.98
C ALA F 12 29.67 41.66 -29.64
N VAL F 13 28.77 41.53 -28.67
CA VAL F 13 29.07 42.07 -27.36
C VAL F 13 30.31 41.42 -26.79
N ILE F 14 30.44 40.10 -26.96
CA ILE F 14 31.61 39.40 -26.41
C ILE F 14 32.89 39.98 -27.02
N LEU F 15 32.94 40.08 -28.34
CA LEU F 15 34.17 40.50 -29.00
C LEU F 15 34.52 41.95 -28.68
N GLU F 16 33.56 42.88 -28.76
CA GLU F 16 33.84 44.27 -28.45
C GLU F 16 34.34 44.43 -27.02
N ALA F 17 33.72 43.67 -26.11
CA ALA F 17 34.19 43.66 -24.72
C ALA F 17 35.65 43.26 -24.66
N LEU F 18 36.04 42.25 -25.45
CA LEU F 18 37.45 41.89 -25.47
C LEU F 18 38.32 43.05 -25.97
N THR F 19 37.83 43.82 -26.95
CA THR F 19 38.66 44.94 -27.42
C THR F 19 38.89 45.96 -26.31
N ARG F 20 38.02 45.99 -25.30
CA ARG F 20 38.29 46.97 -24.25
C ARG F 20 39.40 46.55 -23.29
N HIS F 21 39.99 45.37 -23.47
CA HIS F 21 41.06 44.86 -22.59
C HIS F 21 42.37 44.63 -23.35
N GLY F 22 42.57 45.30 -24.47
CA GLY F 22 43.84 45.21 -25.15
C GLY F 22 43.95 44.05 -26.12
N VAL F 23 42.86 43.33 -26.38
CA VAL F 23 42.89 42.25 -27.35
C VAL F 23 42.94 42.84 -28.75
N ARG F 24 44.04 42.62 -29.45
CA ARG F 24 44.19 43.01 -30.84
C ARG F 24 44.28 41.81 -31.76
N HIS F 25 45.14 40.84 -31.43
CA HIS F 25 45.27 39.62 -32.22
C HIS F 25 44.15 38.64 -31.90
N ILE F 26 43.58 38.04 -32.94
CA ILE F 26 42.62 36.96 -32.75
C ILE F 26 42.96 35.85 -33.75
N CYS F 27 43.03 34.62 -33.25
CA CYS F 27 43.34 33.46 -34.09
C CYS F 27 42.08 32.62 -34.27
N ILE F 28 41.73 32.35 -35.52
CA ILE F 28 40.42 31.79 -35.87
C ILE F 28 40.66 30.53 -36.69
N ALA F 29 40.05 29.42 -36.28
CA ALA F 29 40.02 28.23 -37.11
C ALA F 29 38.65 28.05 -37.74
N PRO F 30 38.52 27.28 -38.82
CA PRO F 30 37.24 27.22 -39.53
C PRO F 30 36.22 26.34 -38.82
N GLY F 31 34.96 26.68 -39.03
CA GLY F 31 33.89 25.91 -38.44
C GLY F 31 32.56 26.55 -38.76
N SER F 32 31.49 25.80 -38.46
CA SER F 32 30.15 26.33 -38.64
C SER F 32 29.56 26.83 -37.33
N ARG F 33 29.65 26.03 -36.26
CA ARG F 33 29.07 26.43 -34.97
C ARG F 33 29.65 27.74 -34.45
N SER F 34 30.88 28.05 -34.83
CA SER F 34 31.54 29.29 -34.42
C SER F 34 31.14 30.49 -35.26
N THR F 35 30.24 30.32 -36.24
CA THR F 35 29.82 31.43 -37.11
C THR F 35 29.49 32.71 -36.36
N PRO F 36 28.72 32.69 -35.27
CA PRO F 36 28.48 33.97 -34.57
C PRO F 36 29.76 34.66 -34.10
N LEU F 37 30.70 33.92 -33.50
CA LEU F 37 31.94 34.54 -33.06
C LEU F 37 32.79 35.00 -34.25
N THR F 38 32.99 34.12 -35.22
CA THR F 38 33.89 34.43 -36.33
C THR F 38 33.40 35.63 -37.13
N LEU F 39 32.10 35.68 -37.43
CA LEU F 39 31.59 36.82 -38.18
C LEU F 39 31.69 38.10 -37.35
N ALA F 40 31.42 38.02 -36.04
CA ALA F 40 31.59 39.21 -35.22
C ALA F 40 33.02 39.69 -35.28
N ALA F 41 33.97 38.75 -35.23
CA ALA F 41 35.36 39.16 -35.28
C ALA F 41 35.69 39.72 -36.65
N ALA F 42 35.10 39.12 -37.70
CA ALA F 42 35.38 39.62 -39.03
C ALA F 42 34.83 41.01 -39.22
N GLU F 43 33.74 41.34 -38.52
CA GLU F 43 33.18 42.67 -38.70
C GLU F 43 33.84 43.75 -37.86
N ASN F 44 34.65 43.38 -36.87
CA ASN F 44 35.23 44.34 -35.96
C ASN F 44 36.61 44.77 -36.46
N SER F 45 36.77 46.05 -36.79
CA SER F 45 38.02 46.54 -37.39
C SER F 45 39.14 46.73 -36.37
N ALA F 46 38.88 46.47 -35.10
CA ALA F 46 39.92 46.56 -34.09
C ALA F 46 40.88 45.39 -34.13
N PHE F 47 40.52 44.30 -34.80
CA PHE F 47 41.26 43.06 -34.67
C PHE F 47 42.25 42.86 -35.80
N ILE F 48 43.36 42.19 -35.46
CA ILE F 48 44.25 41.58 -36.44
C ILE F 48 43.90 40.10 -36.48
N HIS F 49 43.46 39.62 -37.65
CA HIS F 49 42.95 38.26 -37.78
C HIS F 49 44.03 37.34 -38.33
N HIS F 50 44.26 36.21 -37.63
CA HIS F 50 45.10 35.13 -38.10
C HIS F 50 44.25 33.88 -38.26
N THR F 51 44.53 33.08 -39.31
CA THR F 51 43.79 31.87 -39.56
C THR F 51 44.71 30.67 -39.65
N HIS F 52 44.17 29.50 -39.34
CA HIS F 52 44.94 28.26 -39.43
C HIS F 52 43.98 27.09 -39.36
N PHE F 53 44.36 25.97 -40.01
CA PHE F 53 43.50 24.80 -40.05
C PHE F 53 43.77 23.81 -38.92
N ASP F 54 44.93 23.87 -38.26
CA ASP F 54 45.24 22.98 -37.14
C ASP F 54 45.05 23.77 -35.85
N GLU F 55 44.05 23.37 -35.04
CA GLU F 55 43.69 24.11 -33.84
C GLU F 55 44.77 24.01 -32.75
N ARG F 56 45.55 22.93 -32.74
CA ARG F 56 46.67 22.89 -31.81
C ARG F 56 47.71 23.90 -32.20
N GLY F 57 48.06 23.94 -33.49
CA GLY F 57 48.95 24.98 -33.99
C GLY F 57 48.35 26.36 -33.85
N LEU F 58 47.03 26.48 -33.95
CA LEU F 58 46.37 27.76 -33.73
C LEU F 58 46.57 28.24 -32.29
N GLY F 59 46.39 27.34 -31.33
CA GLY F 59 46.67 27.70 -29.95
C GLY F 59 48.11 28.14 -29.74
N HIS F 60 49.06 27.42 -30.34
CA HIS F 60 50.46 27.80 -30.16
C HIS F 60 50.82 29.09 -30.90
N LEU F 61 50.14 29.38 -32.01
CA LEU F 61 50.30 30.65 -32.70
C LEU F 61 49.85 31.80 -31.81
N ALA F 62 48.67 31.64 -31.18
CA ALA F 62 48.20 32.63 -30.22
C ALA F 62 49.16 32.77 -29.06
N LEU F 63 49.75 31.66 -28.63
CA LEU F 63 50.75 31.68 -27.55
C LEU F 63 51.97 32.50 -27.95
N GLY F 64 52.48 32.34 -29.17
CA GLY F 64 53.63 33.13 -29.59
C GLY F 64 53.29 34.60 -29.69
N LEU F 65 52.13 34.91 -30.29
CA LEU F 65 51.67 36.29 -30.35
C LEU F 65 51.58 36.91 -28.96
N ALA F 66 50.97 36.19 -28.00
CA ALA F 66 50.86 36.72 -26.64
C ALA F 66 52.23 36.84 -25.99
N LYS F 67 53.09 35.85 -26.23
CA LYS F 67 54.44 35.84 -25.66
C LYS F 67 55.20 37.11 -26.03
N VAL F 68 55.16 37.52 -27.29
CA VAL F 68 55.94 38.69 -27.70
C VAL F 68 55.19 39.99 -27.47
N SER F 69 53.90 40.05 -27.80
CA SER F 69 53.17 41.31 -27.72
C SER F 69 52.83 41.72 -26.29
N LYS F 70 52.88 40.78 -25.33
CA LYS F 70 52.50 41.03 -23.95
C LYS F 70 51.04 41.45 -23.81
N GLN F 71 50.26 41.24 -24.83
CA GLN F 71 48.83 41.50 -24.97
C GLN F 71 48.05 40.20 -24.74
N PRO F 72 46.83 40.27 -24.23
CA PRO F 72 45.95 39.10 -24.34
C PRO F 72 45.62 38.87 -25.80
N VAL F 73 45.60 37.60 -26.20
CA VAL F 73 45.32 37.19 -27.58
C VAL F 73 44.12 36.24 -27.56
N ALA F 74 43.15 36.50 -28.43
CA ALA F 74 41.92 35.73 -28.47
C ALA F 74 41.99 34.65 -29.53
N VAL F 75 41.25 33.57 -29.29
CA VAL F 75 41.19 32.41 -30.17
C VAL F 75 39.72 32.06 -30.35
N ILE F 76 39.32 31.73 -31.57
CA ILE F 76 37.98 31.27 -31.87
C ILE F 76 38.07 29.88 -32.47
N VAL F 77 37.36 28.91 -31.89
CA VAL F 77 37.29 27.58 -32.50
C VAL F 77 35.85 27.11 -32.46
N THR F 78 35.55 26.15 -33.35
CA THR F 78 34.25 25.51 -33.41
C THR F 78 34.17 24.40 -32.36
N SER F 79 32.99 23.77 -32.26
CA SER F 79 32.76 22.78 -31.22
C SER F 79 33.42 21.46 -31.58
N GLY F 80 33.69 20.66 -30.54
CA GLY F 80 34.20 19.32 -30.72
C GLY F 80 35.65 19.15 -30.36
N THR F 81 36.32 18.22 -31.03
CA THR F 81 37.74 18.03 -30.76
C THR F 81 38.56 19.26 -31.10
N ALA F 82 38.03 20.15 -31.94
CA ALA F 82 38.70 21.42 -32.18
C ALA F 82 38.98 22.14 -30.86
N VAL F 83 38.05 22.10 -29.91
CA VAL F 83 38.31 22.71 -28.61
C VAL F 83 39.42 21.97 -27.88
N ALA F 84 39.38 20.63 -27.88
CA ALA F 84 40.38 19.84 -27.15
C ALA F 84 41.79 20.11 -27.67
N ASN F 85 41.92 20.44 -28.95
CA ASN F 85 43.23 20.71 -29.53
C ASN F 85 43.88 21.98 -28.97
N LEU F 86 43.15 22.80 -28.21
CA LEU F 86 43.72 23.96 -27.57
C LEU F 86 44.42 23.64 -26.26
N TYR F 87 44.28 22.41 -25.75
CA TYR F 87 44.80 22.09 -24.42
C TYR F 87 46.29 22.34 -24.29
N PRO F 88 47.15 21.92 -25.23
CA PRO F 88 48.60 22.13 -25.02
C PRO F 88 48.97 23.60 -24.82
N ALA F 89 48.54 24.48 -25.71
CA ALA F 89 48.88 25.90 -25.56
C ALA F 89 48.27 26.49 -24.29
N LEU F 90 47.07 26.05 -23.91
CA LEU F 90 46.43 26.53 -22.68
C LEU F 90 47.24 26.14 -21.43
N ILE F 91 47.74 24.90 -21.40
CA ILE F 91 48.58 24.46 -20.28
C ILE F 91 49.87 25.27 -20.24
N GLU F 92 50.51 25.45 -21.39
CA GLU F 92 51.73 26.24 -21.44
C GLU F 92 51.48 27.67 -20.99
N ALA F 93 50.37 28.26 -21.44
CA ALA F 93 50.03 29.62 -21.02
C ALA F 93 49.77 29.68 -19.52
N GLY F 94 49.15 28.63 -18.96
CA GLY F 94 48.94 28.57 -17.52
C GLY F 94 50.23 28.50 -16.72
N LEU F 95 51.29 27.95 -17.32
CA LEU F 95 52.55 27.89 -16.59
C LEU F 95 53.40 29.14 -16.78
N THR F 96 53.41 29.72 -18.00
CA THR F 96 54.31 30.83 -18.26
C THR F 96 53.63 32.18 -18.32
N GLY F 97 52.29 32.22 -18.28
CA GLY F 97 51.59 33.45 -18.03
C GLY F 97 50.93 34.12 -19.22
N GLU F 98 51.11 33.58 -20.43
CA GLU F 98 50.43 34.17 -21.58
C GLU F 98 48.93 34.19 -21.34
N LYS F 99 48.29 35.29 -21.75
CA LYS F 99 46.85 35.50 -21.59
C LYS F 99 46.17 35.09 -22.89
N LEU F 100 45.66 33.87 -22.94
CA LEU F 100 44.92 33.36 -24.09
C LEU F 100 43.44 33.35 -23.74
N ILE F 101 42.62 34.04 -24.54
CA ILE F 101 41.18 34.07 -24.32
C ILE F 101 40.56 33.12 -25.34
N LEU F 102 40.10 31.96 -24.89
CA LEU F 102 39.62 30.90 -25.77
C LEU F 102 38.10 30.98 -25.86
N LEU F 103 37.61 31.40 -27.03
CA LEU F 103 36.19 31.45 -27.38
C LEU F 103 35.86 30.16 -28.10
N THR F 104 35.24 29.24 -27.39
CA THR F 104 35.02 27.89 -27.87
C THR F 104 33.54 27.75 -28.14
N ALA F 105 33.18 27.69 -29.42
CA ALA F 105 31.79 27.50 -29.81
C ALA F 105 31.28 26.18 -29.24
N ASP F 106 29.98 26.14 -28.92
CA ASP F 106 29.38 24.93 -28.38
C ASP F 106 27.99 24.75 -28.96
N ARG F 107 27.53 23.50 -28.96
CA ARG F 107 26.11 23.24 -29.18
C ARG F 107 25.32 23.78 -28.00
N PRO F 108 24.04 24.09 -28.20
CA PRO F 108 23.19 24.51 -27.07
C PRO F 108 22.92 23.34 -26.14
N PRO F 109 22.45 23.58 -24.92
CA PRO F 109 22.32 22.46 -23.96
C PRO F 109 21.47 21.31 -24.46
N GLU F 110 20.46 21.58 -25.30
CA GLU F 110 19.54 20.56 -25.79
C GLU F 110 20.17 19.61 -26.82
N LEU F 111 21.43 19.82 -27.23
CA LEU F 111 22.07 18.90 -28.17
C LEU F 111 23.25 18.19 -27.57
N ILE F 112 23.35 18.19 -26.24
CA ILE F 112 24.45 17.53 -25.53
C ILE F 112 24.00 16.24 -24.89
N ASP F 113 24.91 15.24 -24.91
CA ASP F 113 24.67 13.87 -24.41
C ASP F 113 23.38 13.27 -24.95
N CYS F 114 23.16 13.45 -26.26
CA CYS F 114 22.04 12.85 -26.95
C CYS F 114 22.43 12.35 -28.34
N GLY F 115 23.72 12.12 -28.60
CA GLY F 115 24.15 11.56 -29.86
C GLY F 115 24.20 12.52 -31.03
N ALA F 116 24.15 13.82 -30.79
CA ALA F 116 24.23 14.81 -31.86
C ALA F 116 25.65 14.89 -32.41
N ASN F 117 25.74 15.16 -33.70
CA ASN F 117 27.04 15.14 -34.37
C ASN F 117 27.88 16.34 -33.91
N GLN F 118 29.15 16.08 -33.63
CA GLN F 118 30.14 17.10 -33.26
C GLN F 118 29.76 17.83 -31.96
N ALA F 119 29.08 17.15 -31.03
CA ALA F 119 28.65 17.74 -29.77
C ALA F 119 29.26 16.97 -28.61
N ILE F 120 30.00 17.69 -27.75
CA ILE F 120 30.64 17.09 -26.60
C ILE F 120 30.38 17.98 -25.39
N ARG F 121 30.74 17.45 -24.21
CA ARG F 121 30.63 18.19 -22.95
C ARG F 121 31.83 19.14 -22.84
N GLN F 122 31.58 20.44 -23.04
CA GLN F 122 32.69 21.40 -23.12
C GLN F 122 32.95 22.20 -21.85
N PRO F 123 31.94 22.58 -21.06
CA PRO F 123 32.23 23.27 -19.79
C PRO F 123 33.13 22.43 -18.89
N GLY F 124 34.19 23.04 -18.39
CA GLY F 124 35.07 22.30 -17.50
C GLY F 124 35.99 21.31 -18.16
N MET F 125 36.04 21.27 -19.48
CA MET F 125 36.88 20.25 -20.12
C MET F 125 38.36 20.56 -19.98
N PHE F 126 38.73 21.79 -19.63
CA PHE F 126 40.13 22.09 -19.37
C PHE F 126 40.49 22.01 -17.89
N ALA F 127 39.60 21.46 -17.06
CA ALA F 127 39.89 21.17 -15.64
C ALA F 127 40.39 22.45 -14.95
N SER F 128 41.49 22.40 -14.21
CA SER F 128 42.00 23.53 -13.42
C SER F 128 43.01 24.38 -14.15
N HIS F 129 43.25 24.11 -15.42
CA HIS F 129 44.31 24.77 -16.16
C HIS F 129 44.02 26.19 -16.62
N PRO F 130 42.79 26.56 -16.96
CA PRO F 130 42.53 27.99 -17.19
C PRO F 130 42.60 28.72 -15.87
N THR F 131 43.05 29.97 -15.93
CA THR F 131 42.96 30.84 -14.76
C THR F 131 41.50 31.13 -14.44
N HIS F 132 40.68 31.40 -15.46
CA HIS F 132 39.25 31.63 -15.30
C HIS F 132 38.48 30.82 -16.33
N SER F 133 37.34 30.26 -15.91
CA SER F 133 36.44 29.55 -16.80
C SER F 133 35.06 30.18 -16.72
N ILE F 134 34.50 30.48 -17.88
CA ILE F 134 33.15 31.01 -18.03
C ILE F 134 32.38 30.07 -18.93
N SER F 135 31.32 29.48 -18.42
CA SER F 135 30.41 28.66 -19.21
C SER F 135 29.18 29.50 -19.46
N LEU F 136 29.17 30.19 -20.59
CA LEU F 136 28.08 31.09 -20.92
C LEU F 136 26.78 30.33 -21.08
N PRO F 137 25.65 30.95 -20.74
CA PRO F 137 24.36 30.29 -20.90
C PRO F 137 23.89 30.33 -22.34
N ARG F 138 22.83 29.58 -22.60
CA ARG F 138 22.17 29.62 -23.90
C ARG F 138 21.74 31.06 -24.17
N PRO F 139 22.12 31.65 -25.30
CA PRO F 139 21.80 33.07 -25.54
C PRO F 139 20.30 33.33 -25.47
N THR F 140 19.93 34.42 -24.81
CA THR F 140 18.55 34.85 -24.74
C THR F 140 18.52 36.34 -24.41
N GLN F 141 17.49 37.04 -24.90
CA GLN F 141 17.31 38.44 -24.53
C GLN F 141 16.85 38.63 -23.09
N ASP F 142 16.40 37.58 -22.42
CA ASP F 142 16.02 37.70 -21.03
C ASP F 142 17.21 37.88 -20.10
N ILE F 143 18.43 37.68 -20.58
CA ILE F 143 19.62 38.03 -19.83
C ILE F 143 20.18 39.32 -20.41
N PRO F 144 20.32 40.37 -19.62
CA PRO F 144 20.73 41.67 -20.19
C PRO F 144 22.17 41.67 -20.68
N ALA F 145 22.43 42.53 -21.67
CA ALA F 145 23.77 42.65 -22.22
C ALA F 145 24.78 43.09 -21.17
N ARG F 146 24.33 43.84 -20.16
CA ARG F 146 25.28 44.30 -19.14
C ARG F 146 25.76 43.16 -18.26
N TRP F 147 24.96 42.11 -18.08
CA TRP F 147 25.49 40.92 -17.40
C TRP F 147 26.61 40.28 -18.21
N LEU F 148 26.37 40.11 -19.52
CA LEU F 148 27.34 39.47 -20.42
C LEU F 148 28.66 40.24 -20.45
N VAL F 149 28.59 41.55 -20.70
CA VAL F 149 29.80 42.34 -20.71
C VAL F 149 30.43 42.38 -19.32
N SER F 150 29.62 42.38 -18.26
CA SER F 150 30.19 42.38 -16.91
C SER F 150 30.95 41.09 -16.61
N THR F 151 30.45 39.97 -17.11
CA THR F 151 31.11 38.70 -16.91
C THR F 151 32.45 38.67 -17.64
N ILE F 152 32.45 39.11 -18.90
CA ILE F 152 33.72 39.14 -19.64
C ILE F 152 34.70 40.09 -18.96
N ASP F 153 34.21 41.26 -18.55
CA ASP F 153 35.05 42.27 -17.91
C ASP F 153 35.62 41.76 -16.60
N HIS F 154 34.85 40.98 -15.84
CA HIS F 154 35.41 40.41 -14.63
C HIS F 154 36.55 39.45 -14.98
N ALA F 155 36.35 38.58 -15.96
CA ALA F 155 37.40 37.62 -16.26
C ALA F 155 38.67 38.31 -16.75
N LEU F 156 38.52 39.27 -17.64
CA LEU F 156 39.70 39.86 -18.23
C LEU F 156 40.40 40.80 -17.26
N GLY F 157 39.62 41.53 -16.46
CA GLY F 157 40.20 42.51 -15.57
C GLY F 157 41.00 41.88 -14.43
N THR F 158 40.54 40.76 -13.89
CA THR F 158 41.23 40.11 -12.79
C THR F 158 42.27 39.08 -13.26
N LEU F 159 42.56 39.02 -14.57
CA LEU F 159 43.49 38.04 -15.15
C LEU F 159 44.92 38.52 -14.94
N HIS F 160 45.58 37.97 -13.92
CA HIS F 160 47.00 38.30 -13.68
C HIS F 160 47.88 37.67 -14.75
N ALA F 161 47.53 36.47 -15.20
CA ALA F 161 48.31 35.66 -16.12
C ALA F 161 47.46 34.44 -16.47
N GLY F 162 47.78 33.82 -17.61
CA GLY F 162 47.16 32.58 -17.98
C GLY F 162 45.92 32.73 -18.85
N GLY F 163 45.33 31.57 -19.16
CA GLY F 163 44.25 31.50 -20.12
C GLY F 163 42.87 31.67 -19.52
N VAL F 164 41.93 32.04 -20.38
CA VAL F 164 40.52 32.14 -20.01
C VAL F 164 39.75 31.26 -20.98
N HIS F 165 38.97 30.33 -20.44
CA HIS F 165 38.09 29.50 -21.25
C HIS F 165 36.70 30.11 -21.22
N ILE F 166 36.21 30.53 -22.38
CA ILE F 166 34.87 31.07 -22.52
C ILE F 166 34.10 30.14 -23.46
N ASN F 167 33.26 29.29 -22.89
CA ASN F 167 32.45 28.39 -23.70
C ASN F 167 31.18 29.12 -24.13
N CYS F 168 30.91 29.10 -25.45
CA CYS F 168 29.87 29.93 -26.06
C CYS F 168 28.90 29.03 -26.82
N PRO F 169 27.85 28.54 -26.17
CA PRO F 169 26.84 27.76 -26.91
C PRO F 169 26.00 28.65 -27.82
N PHE F 170 25.70 28.14 -29.02
CA PHE F 170 24.85 28.84 -30.00
C PHE F 170 23.91 27.84 -30.64
N ALA F 171 22.61 28.16 -30.63
CA ALA F 171 21.60 27.30 -31.24
C ALA F 171 21.34 27.73 -32.69
N GLU F 172 21.08 26.75 -33.53
CA GLU F 172 20.73 27.03 -34.92
C GLU F 172 19.33 27.61 -34.98
N PRO F 173 19.00 28.39 -36.02
CA PRO F 173 19.80 28.72 -37.21
C PRO F 173 21.00 29.63 -36.94
N LEU F 174 22.10 29.36 -37.64
CA LEU F 174 23.31 30.17 -37.54
C LEU F 174 23.44 31.19 -38.66
N TYR F 175 22.73 30.99 -39.77
CA TYR F 175 22.88 31.81 -40.96
C TYR F 175 21.58 32.55 -41.26
N GLY F 176 21.71 33.61 -42.04
CA GLY F 176 20.58 34.44 -42.40
C GLY F 176 21.00 35.90 -42.35
N GLU F 177 20.19 36.74 -43.00
CA GLU F 177 20.44 38.17 -42.98
C GLU F 177 20.19 38.75 -41.59
N MET F 178 21.00 39.73 -41.22
CA MET F 178 20.77 40.48 -39.98
C MET F 178 19.51 41.31 -40.09
N ASP F 179 18.60 41.17 -39.12
CA ASP F 179 17.52 42.13 -38.96
C ASP F 179 17.74 42.87 -37.64
N ASP F 180 16.69 43.47 -37.10
CA ASP F 180 16.84 44.29 -35.90
C ASP F 180 16.72 43.45 -34.63
N THR F 181 16.70 42.12 -34.73
CA THR F 181 16.62 41.29 -33.55
C THR F 181 17.85 41.52 -32.67
N GLY F 182 17.61 41.94 -31.43
CA GLY F 182 18.66 42.22 -30.47
C GLY F 182 19.25 43.61 -30.51
N LEU F 183 18.79 44.45 -31.43
CA LEU F 183 19.38 45.78 -31.53
C LEU F 183 19.07 46.61 -30.28
N SER F 184 17.81 46.61 -29.87
CA SER F 184 17.42 47.34 -28.68
C SER F 184 18.12 46.78 -27.43
N TRP F 185 18.20 45.44 -27.34
CA TRP F 185 18.92 44.73 -26.27
C TRP F 185 20.37 45.18 -26.17
N GLN F 186 21.06 45.25 -27.30
CA GLN F 186 22.42 45.81 -27.31
C GLN F 186 22.41 47.27 -26.91
N GLN F 187 21.42 48.04 -27.37
CA GLN F 187 21.42 49.48 -27.14
C GLN F 187 21.18 49.82 -25.69
N ARG F 188 20.77 48.85 -24.88
CA ARG F 188 20.70 49.05 -23.44
C ARG F 188 22.07 49.37 -22.84
N LEU F 189 23.19 49.13 -23.55
CA LEU F 189 24.52 49.51 -23.08
C LEU F 189 24.89 50.98 -23.37
N GLY F 190 24.02 51.73 -24.06
CA GLY F 190 24.26 53.16 -24.21
C GLY F 190 25.50 53.47 -25.02
N ASP F 191 26.22 54.52 -24.63
CA ASP F 191 27.41 54.90 -25.40
C ASP F 191 28.66 54.10 -25.04
N TRP F 192 28.54 53.02 -24.25
CA TRP F 192 29.68 52.11 -24.11
C TRP F 192 30.18 51.65 -25.48
N TRP F 193 29.29 51.56 -26.45
CA TRP F 193 29.67 51.14 -27.79
C TRP F 193 30.64 52.11 -28.43
N GLN F 194 30.63 53.37 -28.01
CA GLN F 194 31.57 54.37 -28.52
C GLN F 194 32.72 54.63 -27.56
N ASP F 195 32.80 53.87 -26.48
CA ASP F 195 33.80 54.10 -25.44
C ASP F 195 35.02 53.23 -25.72
N ASP F 196 36.08 53.47 -24.96
CA ASP F 196 37.30 52.69 -25.08
C ASP F 196 37.69 51.97 -23.79
N LYS F 197 36.82 51.97 -22.78
CA LYS F 197 37.09 51.33 -21.50
C LYS F 197 36.16 50.13 -21.31
N PRO F 198 36.45 49.24 -20.35
CA PRO F 198 35.49 48.18 -19.99
C PRO F 198 34.21 48.78 -19.44
N TRP F 199 33.14 48.00 -19.53
CA TRP F 199 31.90 48.35 -18.85
C TRP F 199 32.08 48.34 -17.35
N LEU F 200 32.70 47.30 -16.82
CA LEU F 200 33.02 47.19 -15.41
C LEU F 200 34.53 47.14 -15.31
N ARG F 201 35.10 48.11 -14.62
CA ARG F 201 36.55 48.12 -14.40
C ARG F 201 36.86 47.43 -13.08
N GLU F 202 37.45 46.24 -13.16
CA GLU F 202 37.85 45.46 -11.99
C GLU F 202 39.27 44.96 -12.24
N ALA F 203 40.28 45.64 -11.70
CA ALA F 203 41.68 45.35 -12.01
C ALA F 203 42.55 45.45 -10.76
N PRO F 204 42.30 44.62 -9.75
CA PRO F 204 43.15 44.66 -8.56
C PRO F 204 44.54 44.15 -8.88
N ARG F 205 45.53 44.80 -8.28
CA ARG F 205 46.91 44.45 -8.51
C ARG F 205 47.36 43.48 -7.43
N LEU F 206 48.09 42.43 -7.85
CA LEU F 206 48.65 41.43 -6.96
C LEU F 206 50.15 41.64 -6.92
N GLU F 207 50.68 41.98 -5.74
CA GLU F 207 52.10 42.32 -5.67
C GLU F 207 52.59 42.23 -4.23
N SER F 208 53.81 41.71 -4.07
CA SER F 208 54.45 41.61 -2.77
C SER F 208 54.94 42.98 -2.29
N GLU F 209 54.99 43.14 -0.97
CA GLU F 209 55.44 44.37 -0.32
C GLU F 209 56.97 44.48 -0.34
N LYS F 210 57.45 45.70 -0.08
CA LYS F 210 58.88 45.92 0.02
C LYS F 210 59.44 45.11 1.19
N GLN F 211 60.60 44.50 0.98
CA GLN F 211 61.27 43.70 2.02
C GLN F 211 62.12 44.64 2.85
N ARG F 212 61.71 44.86 4.09
CA ARG F 212 62.32 45.92 4.88
C ARG F 212 63.60 45.49 5.57
N ASP F 213 64.01 44.23 5.41
CA ASP F 213 65.35 43.81 5.81
C ASP F 213 66.30 43.66 4.63
N TRP F 214 65.96 44.24 3.48
CA TRP F 214 66.83 44.10 2.30
C TRP F 214 68.18 44.78 2.52
N PHE F 215 68.21 45.94 3.21
CA PHE F 215 69.51 46.58 3.47
C PHE F 215 70.39 45.72 4.38
N PHE F 216 69.79 44.82 5.15
CA PHE F 216 70.59 43.84 5.87
C PHE F 216 71.12 42.77 4.91
N TRP F 217 70.25 42.23 4.05
CA TRP F 217 70.61 41.09 3.20
C TRP F 217 71.52 41.44 2.04
N ARG F 218 71.47 42.67 1.53
CA ARG F 218 72.34 43.10 0.42
C ARG F 218 73.80 43.23 0.83
N GLN F 219 74.08 43.23 2.14
CA GLN F 219 75.44 43.24 2.68
C GLN F 219 76.03 41.86 2.90
N LYS F 220 75.20 40.81 2.79
CA LYS F 220 75.62 39.41 2.93
C LYS F 220 76.12 38.80 1.62
N ARG F 221 76.89 37.71 1.71
CA ARG F 221 77.41 37.04 0.53
C ARG F 221 76.24 36.37 -0.17
N GLY F 222 75.81 37.00 -1.27
CA GLY F 222 74.70 36.50 -2.05
C GLY F 222 75.11 35.96 -3.41
N VAL F 223 74.22 35.20 -4.01
CA VAL F 223 74.33 34.74 -5.39
C VAL F 223 73.07 35.20 -6.10
N VAL F 224 73.21 35.64 -7.35
CA VAL F 224 72.06 36.00 -8.17
C VAL F 224 71.87 34.91 -9.21
N VAL F 225 70.65 34.39 -9.29
CA VAL F 225 70.27 33.43 -10.31
C VAL F 225 69.24 34.08 -11.22
N ALA F 226 69.52 34.09 -12.52
CA ALA F 226 68.64 34.71 -13.50
C ALA F 226 68.04 33.63 -14.39
N GLY F 227 66.72 33.48 -14.33
CA GLY F 227 65.94 32.62 -15.21
C GLY F 227 65.31 33.40 -16.34
N ARG F 228 64.13 32.94 -16.78
CA ARG F 228 63.41 33.62 -17.86
C ARG F 228 62.90 34.98 -17.39
N MET F 229 63.11 35.99 -18.22
CA MET F 229 62.64 37.35 -17.96
C MET F 229 62.69 38.08 -19.30
N SER F 230 62.25 39.34 -19.31
CA SER F 230 62.33 40.12 -20.53
C SER F 230 63.78 40.61 -20.74
N ALA F 231 64.05 41.11 -21.96
CA ALA F 231 65.40 41.54 -22.33
C ALA F 231 65.87 42.72 -21.49
N GLU F 232 65.01 43.74 -21.35
CA GLU F 232 65.32 44.88 -20.48
C GLU F 232 65.62 44.41 -19.06
N GLU F 233 64.78 43.51 -18.54
CA GLU F 233 65.00 42.97 -17.21
C GLU F 233 66.34 42.27 -17.12
N GLY F 234 66.73 41.55 -18.18
CA GLY F 234 68.02 40.90 -18.17
C GLY F 234 69.16 41.88 -18.00
N LYS F 235 69.13 42.99 -18.76
CA LYS F 235 70.20 43.98 -18.59
C LYS F 235 70.21 44.57 -17.19
N LYS F 236 69.04 44.91 -16.66
CA LYS F 236 68.99 45.53 -15.32
C LYS F 236 69.48 44.57 -14.24
N VAL F 237 69.13 43.29 -14.35
CA VAL F 237 69.62 42.32 -13.37
C VAL F 237 71.13 42.19 -13.47
N ALA F 238 71.68 42.22 -14.69
CA ALA F 238 73.13 42.12 -14.82
C ALA F 238 73.84 43.27 -14.10
N LEU F 239 73.38 44.51 -14.31
CA LEU F 239 74.00 45.65 -13.65
C LEU F 239 73.83 45.56 -12.12
N TRP F 240 72.65 45.14 -11.68
CA TRP F 240 72.33 45.07 -10.25
C TRP F 240 73.24 44.07 -9.53
N ALA F 241 73.36 42.85 -10.07
CA ALA F 241 74.26 41.86 -9.49
C ALA F 241 75.70 42.33 -9.54
N GLN F 242 76.10 43.00 -10.63
CA GLN F 242 77.47 43.52 -10.69
C GLN F 242 77.73 44.52 -9.57
N THR F 243 76.79 45.44 -9.34
CA THR F 243 76.97 46.40 -8.28
C THR F 243 77.05 45.72 -6.91
N LEU F 244 76.22 44.69 -6.66
CA LEU F 244 76.37 44.00 -5.38
C LEU F 244 77.69 43.23 -5.26
N GLY F 245 78.37 42.96 -6.38
CA GLY F 245 79.53 42.10 -6.29
C GLY F 245 79.17 40.65 -6.08
N TRP F 246 77.90 40.26 -6.41
CA TRP F 246 77.49 38.88 -6.26
C TRP F 246 77.61 38.15 -7.60
N PRO F 247 78.06 36.89 -7.59
CA PRO F 247 78.13 36.15 -8.86
C PRO F 247 76.74 35.95 -9.46
N LEU F 248 76.66 36.15 -10.77
CA LEU F 248 75.43 36.04 -11.53
C LEU F 248 75.47 34.75 -12.34
N ILE F 249 74.58 33.82 -12.01
CA ILE F 249 74.37 32.62 -12.82
C ILE F 249 73.21 32.93 -13.76
N GLY F 250 73.53 33.09 -15.05
CA GLY F 250 72.56 33.56 -16.00
C GLY F 250 72.09 32.47 -16.94
N ASP F 251 70.78 32.26 -17.00
CA ASP F 251 70.20 31.25 -17.87
C ASP F 251 70.20 31.72 -19.32
N VAL F 252 70.08 30.74 -20.23
CA VAL F 252 69.93 31.06 -21.63
C VAL F 252 68.70 31.95 -21.86
N LEU F 253 67.69 31.85 -21.00
CA LEU F 253 66.48 32.66 -21.14
C LEU F 253 66.58 34.03 -20.45
N SER F 254 67.70 34.34 -19.80
CA SER F 254 67.78 35.53 -18.96
C SER F 254 68.21 36.80 -19.69
N GLN F 255 68.84 36.75 -20.85
CA GLN F 255 69.22 37.92 -21.59
C GLN F 255 70.10 38.84 -20.72
N THR F 256 70.83 38.24 -19.83
CA THR F 256 71.69 39.07 -18.98
C THR F 256 73.07 39.32 -19.61
N GLY F 257 73.41 38.63 -20.68
CA GLY F 257 74.77 38.59 -21.16
C GLY F 257 75.59 37.49 -20.56
N GLN F 258 75.06 36.78 -19.55
CA GLN F 258 75.74 35.68 -18.88
C GLN F 258 77.20 35.95 -18.57
N PRO F 259 77.52 36.86 -17.64
CA PRO F 259 78.93 37.19 -17.37
C PRO F 259 79.76 36.02 -16.88
N LEU F 260 79.16 34.99 -16.30
CA LEU F 260 79.90 33.78 -15.92
C LEU F 260 79.42 32.63 -16.79
N PRO F 261 79.80 32.60 -18.06
CA PRO F 261 79.15 31.68 -19.00
C PRO F 261 79.53 30.24 -18.72
N CYS F 262 78.81 29.34 -19.40
CA CYS F 262 79.04 27.89 -19.30
C CYS F 262 78.83 27.39 -17.88
N ALA F 263 77.85 27.98 -17.18
CA ALA F 263 77.54 27.58 -15.82
C ALA F 263 77.18 26.11 -15.72
N ASP F 264 76.51 25.57 -16.75
CA ASP F 264 76.22 24.14 -16.73
C ASP F 264 77.49 23.32 -16.72
N LEU F 265 78.61 23.91 -17.15
CA LEU F 265 79.88 23.20 -17.07
C LEU F 265 80.60 23.46 -15.74
N TRP F 266 80.80 24.73 -15.39
CA TRP F 266 81.63 24.99 -14.21
C TRP F 266 80.91 24.75 -12.90
N LEU F 267 79.58 24.72 -12.88
CA LEU F 267 78.87 24.31 -11.67
C LEU F 267 79.10 22.85 -11.32
N GLY F 268 79.61 22.05 -12.26
CA GLY F 268 79.99 20.69 -11.95
C GLY F 268 81.35 20.54 -11.31
N ASN F 269 82.10 21.63 -11.16
CA ASN F 269 83.42 21.59 -10.56
C ASN F 269 83.32 21.82 -9.05
N ALA F 270 83.96 20.95 -8.27
CA ALA F 270 83.79 20.99 -6.82
C ALA F 270 84.29 22.30 -6.21
N LYS F 271 85.28 22.94 -6.83
CA LYS F 271 85.75 24.22 -6.31
C LYS F 271 84.64 25.26 -6.40
N ALA F 272 83.85 25.21 -7.47
CA ALA F 272 82.73 26.14 -7.63
C ALA F 272 81.67 25.92 -6.56
N THR F 273 81.23 24.67 -6.37
CA THR F 273 80.20 24.44 -5.38
C THR F 273 80.71 24.75 -3.98
N SER F 274 81.99 24.45 -3.72
CA SER F 274 82.55 24.78 -2.41
C SER F 274 82.56 26.29 -2.16
N GLU F 275 82.91 27.09 -3.18
CA GLU F 275 82.86 28.53 -3.00
C GLU F 275 81.43 29.02 -2.83
N LEU F 276 80.49 28.46 -3.61
CA LEU F 276 79.09 28.88 -3.52
C LEU F 276 78.44 28.48 -2.21
N GLN F 277 78.99 27.50 -1.48
CA GLN F 277 78.46 27.18 -0.16
C GLN F 277 78.66 28.31 0.85
N GLN F 278 79.48 29.30 0.55
CA GLN F 278 79.62 30.45 1.44
C GLN F 278 78.45 31.41 1.35
N ALA F 279 77.61 31.28 0.33
CA ALA F 279 76.46 32.16 0.15
C ALA F 279 75.45 31.98 1.28
N GLN F 280 75.08 33.10 1.91
CA GLN F 280 74.05 33.13 2.96
C GLN F 280 72.68 33.46 2.42
N ILE F 281 72.59 34.04 1.24
CA ILE F 281 71.32 34.28 0.60
C ILE F 281 71.47 34.04 -0.89
N VAL F 282 70.43 33.49 -1.49
CA VAL F 282 70.33 33.38 -2.94
C VAL F 282 69.09 34.15 -3.35
N VAL F 283 69.28 35.09 -4.29
CA VAL F 283 68.17 35.83 -4.87
C VAL F 283 68.07 35.39 -6.34
N GLN F 284 67.01 34.65 -6.66
CA GLN F 284 66.72 34.22 -8.01
C GLN F 284 65.65 35.13 -8.59
N LEU F 285 65.89 35.62 -9.80
CA LEU F 285 64.89 36.41 -10.52
C LEU F 285 64.53 35.68 -11.80
N GLY F 286 63.24 35.51 -12.05
CA GLY F 286 62.78 34.63 -13.12
C GLY F 286 62.75 33.20 -12.62
N SER F 287 62.30 32.30 -13.50
CA SER F 287 62.13 30.90 -13.13
C SER F 287 62.27 30.05 -14.39
N SER F 288 61.86 28.78 -14.29
CA SER F 288 62.03 27.78 -15.35
C SER F 288 63.50 27.65 -15.75
N LEU F 289 64.36 27.45 -14.75
CA LEU F 289 65.79 27.32 -14.99
C LEU F 289 66.07 26.15 -15.93
N THR F 290 67.05 26.35 -16.82
CA THR F 290 67.28 25.42 -17.91
C THR F 290 68.20 24.26 -17.53
N GLY F 291 69.40 24.58 -17.04
CA GLY F 291 70.48 23.61 -17.01
C GLY F 291 70.39 22.58 -15.89
N LYS F 292 70.84 21.36 -16.22
CA LYS F 292 70.80 20.27 -15.24
C LYS F 292 71.73 20.55 -14.07
N ARG F 293 72.95 21.05 -14.32
CA ARG F 293 73.86 21.33 -13.22
C ARG F 293 73.35 22.48 -12.35
N LEU F 294 72.71 23.47 -12.97
CA LEU F 294 72.12 24.54 -12.19
C LEU F 294 71.02 24.00 -11.27
N LEU F 295 70.16 23.13 -11.81
CA LEU F 295 69.08 22.56 -11.00
C LEU F 295 69.62 21.70 -9.88
N GLN F 296 70.70 20.96 -10.15
CA GLN F 296 71.33 20.14 -9.12
C GLN F 296 71.93 21.01 -8.01
N TRP F 297 72.59 22.10 -8.38
CA TRP F 297 73.14 22.99 -7.37
C TRP F 297 72.04 23.66 -6.55
N GLN F 298 70.99 24.14 -7.22
CA GLN F 298 69.84 24.67 -6.48
C GLN F 298 69.27 23.64 -5.53
N ALA F 299 69.15 22.38 -5.97
CA ALA F 299 68.63 21.34 -5.11
C ALA F 299 69.52 21.09 -3.89
N SER F 300 70.84 21.21 -4.05
CA SER F 300 71.74 20.88 -2.94
C SER F 300 72.06 22.07 -2.05
N CYS F 301 71.98 23.31 -2.57
CA CYS F 301 72.43 24.47 -1.81
C CYS F 301 71.50 24.72 -0.62
N GLU F 302 72.08 25.23 0.46
CA GLU F 302 71.34 25.48 1.70
C GLU F 302 71.66 26.87 2.27
N PRO F 303 71.35 27.94 1.55
CA PRO F 303 71.52 29.27 2.13
C PRO F 303 70.54 29.45 3.27
N GLU F 304 70.83 30.46 4.08
CA GLU F 304 69.89 30.83 5.15
C GLU F 304 68.51 31.11 4.57
N GLU F 305 68.47 31.84 3.44
CA GLU F 305 67.25 32.21 2.76
C GLU F 305 67.42 32.08 1.26
N TYR F 306 66.34 31.68 0.59
CA TYR F 306 66.29 31.56 -0.86
C TYR F 306 65.10 32.36 -1.35
N TRP F 307 65.34 33.38 -2.16
CA TRP F 307 64.27 34.23 -2.66
C TRP F 307 64.07 33.99 -4.15
N ILE F 308 62.80 33.93 -4.57
CA ILE F 308 62.47 33.90 -5.99
C ILE F 308 61.55 35.07 -6.29
N VAL F 309 62.03 36.01 -7.12
CA VAL F 309 61.26 37.17 -7.58
C VAL F 309 60.78 36.91 -9.00
N ASP F 310 59.47 37.03 -9.22
CA ASP F 310 58.92 36.80 -10.54
C ASP F 310 57.49 37.37 -10.60
N ASP F 311 57.04 37.65 -11.82
CA ASP F 311 55.71 38.18 -12.02
C ASP F 311 54.67 37.08 -12.18
N ILE F 312 55.02 35.85 -11.81
CA ILE F 312 54.14 34.71 -11.78
C ILE F 312 53.85 34.32 -10.33
N GLU F 313 52.66 33.75 -10.12
CA GLU F 313 52.20 33.31 -8.83
C GLU F 313 52.70 31.91 -8.51
N GLY F 314 52.61 31.58 -7.23
CA GLY F 314 52.86 30.23 -6.78
C GLY F 314 54.32 29.93 -6.54
N ARG F 315 54.56 28.75 -5.98
CA ARG F 315 55.90 28.30 -5.71
C ARG F 315 56.65 28.04 -7.02
N LEU F 316 57.90 28.45 -7.05
CA LEU F 316 58.70 28.33 -8.24
C LEU F 316 60.02 27.62 -7.98
N ASP F 317 60.22 27.14 -6.75
CA ASP F 317 61.44 26.46 -6.34
C ASP F 317 61.15 24.96 -6.22
N PRO F 318 61.61 24.13 -7.16
CA PRO F 318 61.36 22.68 -7.05
C PRO F 318 62.15 22.01 -5.93
N ALA F 319 63.01 22.73 -5.19
CA ALA F 319 63.71 22.16 -4.04
C ALA F 319 63.15 22.62 -2.69
N HIS F 320 62.16 23.53 -2.70
CA HIS F 320 61.37 23.92 -1.52
C HIS F 320 62.20 24.51 -0.39
N HIS F 321 63.11 25.42 -0.73
CA HIS F 321 63.98 26.06 0.25
C HIS F 321 63.18 26.91 1.22
N ARG F 322 63.70 27.03 2.45
CA ARG F 322 63.25 28.05 3.38
C ARG F 322 63.55 29.42 2.81
N GLY F 323 62.55 30.29 2.77
CA GLY F 323 62.80 31.61 2.20
C GLY F 323 61.58 32.39 1.76
N ARG F 324 61.68 33.08 0.61
CA ARG F 324 60.64 34.01 0.20
C ARG F 324 60.29 33.85 -1.27
N ARG F 325 59.00 34.03 -1.56
CA ARG F 325 58.47 33.91 -2.90
C ARG F 325 57.75 35.21 -3.22
N LEU F 326 58.40 36.06 -4.02
CA LEU F 326 58.02 37.46 -4.18
C LEU F 326 57.47 37.73 -5.57
N ILE F 327 56.22 38.19 -5.61
CA ILE F 327 55.49 38.44 -6.84
C ILE F 327 55.62 39.91 -7.16
N ALA F 328 56.23 40.22 -8.30
CA ALA F 328 56.47 41.60 -8.67
C ALA F 328 56.98 41.60 -10.10
N ASN F 329 56.81 42.73 -10.77
CA ASN F 329 57.60 42.99 -11.96
C ASN F 329 59.07 43.12 -11.56
N ILE F 330 59.95 42.41 -12.27
CA ILE F 330 61.34 42.30 -11.84
C ILE F 330 62.03 43.66 -11.85
N ALA F 331 61.76 44.47 -12.88
CA ALA F 331 62.37 45.79 -12.94
C ALA F 331 61.94 46.65 -11.75
N ASP F 332 60.62 46.70 -11.49
CA ASP F 332 60.10 47.40 -10.33
C ASP F 332 60.72 46.87 -9.04
N TRP F 333 60.86 45.56 -8.94
CA TRP F 333 61.42 44.95 -7.74
C TRP F 333 62.87 45.38 -7.55
N LEU F 334 63.62 45.50 -8.64
CA LEU F 334 65.01 45.97 -8.54
C LEU F 334 65.06 47.44 -8.10
N GLU F 335 64.13 48.27 -8.57
CA GLU F 335 64.16 49.65 -8.10
C GLU F 335 63.78 49.73 -6.62
N LEU F 336 62.86 48.87 -6.19
CA LEU F 336 62.43 48.88 -4.80
C LEU F 336 63.46 48.29 -3.85
N HIS F 337 64.37 47.45 -4.35
CA HIS F 337 65.43 46.86 -3.53
C HIS F 337 66.78 47.09 -4.24
N PRO F 338 67.25 48.33 -4.25
CA PRO F 338 68.43 48.66 -5.07
C PRO F 338 69.72 48.10 -4.49
N ALA F 339 70.70 47.96 -5.37
CA ALA F 339 72.00 47.53 -4.88
C ALA F 339 72.78 48.74 -4.37
N GLU F 340 73.75 48.48 -3.51
CA GLU F 340 74.76 49.48 -3.18
C GLU F 340 76.14 48.88 -3.41
N LYS F 341 77.06 49.69 -3.94
CA LYS F 341 78.34 49.17 -4.41
C LYS F 341 79.07 48.41 -3.31
N ARG F 342 79.43 47.16 -3.61
CA ARG F 342 80.22 46.32 -2.71
C ARG F 342 81.15 45.43 -3.53
N GLN F 343 82.26 45.05 -2.92
CA GLN F 343 83.36 44.35 -3.58
C GLN F 343 82.99 42.88 -3.79
N PRO F 344 83.36 42.30 -4.96
CA PRO F 344 83.05 40.88 -5.21
C PRO F 344 83.71 39.96 -4.19
N TRP F 345 82.97 38.93 -3.77
CA TRP F 345 83.47 37.99 -2.78
C TRP F 345 83.90 36.66 -3.38
N CYS F 346 83.52 36.38 -4.63
CA CYS F 346 83.94 35.15 -5.27
C CYS F 346 85.31 35.34 -5.89
N VAL F 347 86.19 34.34 -5.72
CA VAL F 347 87.54 34.40 -6.23
C VAL F 347 87.82 33.33 -7.27
N GLU F 348 87.37 32.09 -7.03
CA GLU F 348 87.70 30.99 -7.93
C GLU F 348 86.76 30.87 -9.13
N ILE F 349 85.49 31.24 -8.95
CA ILE F 349 84.46 30.98 -9.95
C ILE F 349 84.70 31.75 -11.25
N PRO F 350 85.06 33.04 -11.22
CA PRO F 350 85.33 33.73 -12.51
C PRO F 350 86.40 33.05 -13.35
N ARG F 351 87.48 32.61 -12.71
CA ARG F 351 88.53 31.88 -13.43
C ARG F 351 87.98 30.57 -14.00
N LEU F 352 87.19 29.84 -13.20
CA LEU F 352 86.62 28.57 -13.68
C LEU F 352 85.72 28.80 -14.88
N ALA F 353 84.96 29.89 -14.89
CA ALA F 353 84.08 30.20 -16.01
C ALA F 353 84.88 30.53 -17.26
N GLU F 354 85.97 31.29 -17.10
CA GLU F 354 86.85 31.57 -18.23
C GLU F 354 87.41 30.28 -18.81
N GLN F 355 87.88 29.38 -17.94
CA GLN F 355 88.47 28.12 -18.38
C GLN F 355 87.43 27.23 -19.07
N ALA F 356 86.21 27.24 -18.58
CA ALA F 356 85.18 26.44 -19.22
C ALA F 356 84.89 26.98 -20.62
N MET F 357 84.71 28.29 -20.74
CA MET F 357 84.48 28.85 -22.05
C MET F 357 85.63 28.52 -23.01
N GLN F 358 86.87 28.65 -22.53
CA GLN F 358 88.02 28.32 -23.36
C GLN F 358 88.01 26.85 -23.76
N ALA F 359 87.61 25.98 -22.84
CA ALA F 359 87.51 24.56 -23.18
C ALA F 359 86.52 24.32 -24.30
N VAL F 360 85.41 25.07 -24.31
CA VAL F 360 84.42 24.95 -25.39
C VAL F 360 84.97 25.49 -26.70
N ILE F 361 85.67 26.63 -26.62
CA ILE F 361 86.23 27.24 -27.82
C ILE F 361 87.23 26.30 -28.49
N ALA F 362 88.00 25.55 -27.69
CA ALA F 362 88.97 24.62 -28.27
C ALA F 362 88.30 23.56 -29.14
N ARG F 363 86.99 23.33 -28.99
CA ARG F 363 86.29 22.29 -29.72
C ARG F 363 85.30 22.87 -30.72
N ARG F 364 85.50 24.12 -31.13
CA ARG F 364 84.51 24.84 -31.92
C ARG F 364 84.50 24.46 -33.39
N ASP F 365 85.48 23.70 -33.89
CA ASP F 365 85.66 23.62 -35.33
C ASP F 365 84.74 22.59 -36.00
N ALA F 366 84.49 21.47 -35.35
CA ALA F 366 83.68 20.41 -35.97
C ALA F 366 82.28 20.94 -36.32
N PHE F 367 81.75 20.45 -37.43
CA PHE F 367 80.45 20.93 -37.95
C PHE F 367 79.30 20.12 -37.32
N GLY F 368 79.07 20.38 -36.03
CA GLY F 368 78.08 19.66 -35.26
C GLY F 368 77.16 20.60 -34.48
N GLU F 369 76.17 19.98 -33.82
CA GLU F 369 75.15 20.77 -33.14
C GLU F 369 75.67 21.43 -31.87
N ALA F 370 76.60 20.78 -31.16
CA ALA F 370 77.23 21.45 -30.02
C ALA F 370 77.97 22.70 -30.48
N GLN F 371 78.72 22.58 -31.58
CA GLN F 371 79.44 23.74 -32.09
C GLN F 371 78.47 24.80 -32.60
N LEU F 372 77.38 24.38 -33.25
CA LEU F 372 76.38 25.34 -33.69
C LEU F 372 75.80 26.14 -32.52
N ALA F 373 75.45 25.45 -31.43
CA ALA F 373 74.98 26.15 -30.23
C ALA F 373 76.07 27.08 -29.69
N HIS F 374 77.32 26.59 -29.61
CA HIS F 374 78.41 27.43 -29.10
C HIS F 374 78.59 28.69 -29.94
N ARG F 375 78.44 28.57 -31.26
CA ARG F 375 78.73 29.66 -32.19
C ARG F 375 77.49 30.46 -32.56
N ILE F 376 76.37 30.20 -31.91
CA ILE F 376 75.07 30.73 -32.32
C ILE F 376 75.01 32.25 -32.32
N CYS F 377 75.84 32.93 -31.52
CA CYS F 377 75.84 34.39 -31.54
C CYS F 377 76.22 34.95 -32.90
N ASP F 378 77.01 34.20 -33.69
CA ASP F 378 77.41 34.66 -35.02
C ASP F 378 76.26 34.64 -36.02
N TYR F 379 75.10 34.13 -35.63
CA TYR F 379 73.98 34.02 -36.57
C TYR F 379 72.76 34.78 -36.11
N LEU F 380 72.82 35.45 -34.95
CA LEU F 380 71.67 36.21 -34.47
C LEU F 380 71.42 37.40 -35.38
N PRO F 381 70.21 37.57 -35.90
CA PRO F 381 69.95 38.71 -36.77
C PRO F 381 70.01 40.03 -36.01
N GLU F 382 70.51 41.06 -36.68
CA GLU F 382 70.60 42.38 -36.07
C GLU F 382 69.22 42.88 -35.71
N GLN F 383 69.07 43.32 -34.46
CA GLN F 383 67.81 43.82 -33.93
C GLN F 383 66.69 42.83 -34.18
N GLY F 384 67.05 41.54 -34.10
CA GLY F 384 66.13 40.45 -34.24
C GLY F 384 65.86 39.75 -32.91
N GLN F 385 65.41 38.51 -33.01
CA GLN F 385 65.07 37.76 -31.81
C GLN F 385 65.35 36.29 -32.07
N LEU F 386 65.62 35.57 -30.98
CA LEU F 386 65.91 34.14 -31.03
C LEU F 386 64.76 33.40 -30.37
N PHE F 387 64.22 32.40 -31.07
CA PHE F 387 63.29 31.43 -30.50
C PHE F 387 64.00 30.08 -30.46
N VAL F 388 64.17 29.55 -29.24
CA VAL F 388 64.93 28.33 -29.02
C VAL F 388 63.96 27.18 -28.74
N GLY F 389 64.15 26.06 -29.44
CA GLY F 389 63.32 24.90 -29.22
C GLY F 389 63.70 24.17 -27.95
N ASN F 390 63.04 23.04 -27.74
CA ASN F 390 63.23 22.23 -26.55
C ASN F 390 64.16 21.06 -26.84
N SER F 391 64.33 20.18 -25.87
CA SER F 391 65.28 19.05 -25.92
C SER F 391 66.70 19.62 -26.00
N LEU F 392 67.59 19.09 -26.86
CA LEU F 392 69.02 19.34 -26.73
C LEU F 392 69.43 20.76 -27.06
N VAL F 393 68.76 21.42 -28.01
CA VAL F 393 69.28 22.71 -28.48
C VAL F 393 69.33 23.72 -27.33
N VAL F 394 68.26 23.81 -26.52
CA VAL F 394 68.27 24.81 -25.45
C VAL F 394 69.32 24.48 -24.39
N ALA F 395 69.55 23.18 -24.14
CA ALA F 395 70.57 22.76 -23.19
C ALA F 395 71.98 23.08 -23.73
N LEU F 396 72.20 22.85 -25.03
CA LEU F 396 73.52 23.12 -25.59
C LEU F 396 73.80 24.62 -25.66
N ILE F 397 72.83 25.42 -26.07
CA ILE F 397 73.03 26.86 -26.05
C ILE F 397 73.29 27.35 -24.63
N ASP F 398 72.48 26.88 -23.67
CA ASP F 398 72.68 27.28 -22.28
C ASP F 398 74.08 26.91 -21.77
N ALA F 399 74.57 25.72 -22.12
CA ALA F 399 75.82 25.22 -21.54
C ALA F 399 77.06 25.72 -22.27
N LEU F 400 76.94 26.02 -23.57
CA LEU F 400 78.08 26.20 -24.43
C LEU F 400 78.18 27.57 -25.05
N SER F 401 77.14 28.40 -24.95
CA SER F 401 77.12 29.68 -25.63
C SER F 401 77.00 30.81 -24.62
N GLN F 402 77.43 32.00 -25.03
CA GLN F 402 77.28 33.20 -24.22
C GLN F 402 76.44 34.19 -25.02
N LEU F 403 75.14 34.26 -24.72
CA LEU F 403 74.24 35.11 -25.49
C LEU F 403 74.34 36.56 -25.05
N PRO F 404 74.23 37.51 -25.97
CA PRO F 404 74.44 38.92 -25.61
C PRO F 404 73.33 39.46 -24.74
N ALA F 405 73.71 40.41 -23.85
CA ALA F 405 72.75 41.07 -22.97
C ALA F 405 71.68 41.81 -23.77
N GLY F 406 70.44 41.66 -23.31
CA GLY F 406 69.35 42.35 -23.93
C GLY F 406 68.90 41.81 -25.27
N TYR F 407 69.53 40.77 -25.80
CA TYR F 407 69.07 40.21 -27.08
C TYR F 407 67.89 39.28 -26.81
N PRO F 408 66.71 39.54 -27.37
CA PRO F 408 65.50 38.83 -26.93
C PRO F 408 65.55 37.33 -27.24
N VAL F 409 65.27 36.52 -26.21
CA VAL F 409 65.13 35.07 -26.35
C VAL F 409 63.71 34.68 -25.94
N TYR F 410 63.09 33.82 -26.73
CA TYR F 410 61.77 33.29 -26.49
C TYR F 410 61.82 31.77 -26.53
N SER F 411 60.87 31.15 -25.84
CA SER F 411 60.87 29.70 -25.70
C SER F 411 59.50 29.26 -25.17
N ASN F 412 59.29 27.95 -25.18
CA ASN F 412 58.15 27.30 -24.52
C ASN F 412 58.74 26.36 -23.46
N ARG F 413 59.15 26.93 -22.34
CA ARG F 413 59.83 26.20 -21.28
C ARG F 413 58.98 26.03 -20.03
N GLY F 414 57.67 26.23 -20.11
CA GLY F 414 56.81 25.87 -18.99
C GLY F 414 56.72 24.36 -18.84
N ALA F 415 55.95 23.75 -19.74
CA ALA F 415 55.85 22.30 -19.84
C ALA F 415 56.90 21.72 -20.79
N SER F 416 57.60 22.58 -21.55
CA SER F 416 58.69 22.17 -22.44
C SER F 416 58.23 21.16 -23.48
N GLY F 417 57.01 21.35 -23.99
CA GLY F 417 56.52 20.47 -25.04
C GLY F 417 57.23 20.71 -26.36
N ILE F 418 57.39 19.62 -27.12
CA ILE F 418 57.94 19.68 -28.48
C ILE F 418 56.82 19.73 -29.52
N ASP F 419 55.59 20.03 -29.11
CA ASP F 419 54.43 19.86 -29.95
C ASP F 419 53.95 21.14 -30.64
N GLY F 420 54.51 22.30 -30.31
CA GLY F 420 54.02 23.50 -30.97
C GLY F 420 55.09 24.55 -31.28
N LEU F 421 56.31 24.11 -31.57
CA LEU F 421 57.41 25.07 -31.65
C LEU F 421 57.39 25.89 -32.93
N LEU F 422 57.00 25.29 -34.05
CA LEU F 422 56.98 26.04 -35.30
C LEU F 422 55.88 27.10 -35.31
N SER F 423 54.66 26.70 -34.96
CA SER F 423 53.57 27.67 -34.96
C SER F 423 53.80 28.76 -33.92
N THR F 424 54.35 28.39 -32.75
CA THR F 424 54.72 29.39 -31.75
C THR F 424 55.73 30.37 -32.30
N ALA F 425 56.77 29.86 -32.97
CA ALA F 425 57.78 30.72 -33.58
C ALA F 425 57.15 31.67 -34.59
N ALA F 426 56.13 31.18 -35.33
CA ALA F 426 55.37 32.03 -36.24
C ALA F 426 54.68 33.18 -35.51
N GLY F 427 54.07 32.89 -34.36
CA GLY F 427 53.45 33.95 -33.58
C GLY F 427 54.48 34.92 -33.00
N VAL F 428 55.60 34.38 -32.54
CA VAL F 428 56.69 35.21 -32.05
C VAL F 428 57.12 36.20 -33.11
N GLN F 429 57.33 35.73 -34.34
CA GLN F 429 57.67 36.58 -35.43
C GLN F 429 56.59 37.55 -35.82
N ARG F 430 55.37 37.12 -36.00
CA ARG F 430 54.31 38.03 -36.46
C ARG F 430 54.03 39.11 -35.42
N ALA F 431 54.20 38.80 -34.15
CA ALA F 431 53.90 39.76 -33.11
C ALA F 431 54.86 40.95 -33.16
N SER F 432 56.17 40.70 -33.30
CA SER F 432 57.16 41.77 -33.24
C SER F 432 57.51 42.38 -34.58
N GLY F 433 57.30 41.66 -35.68
CA GLY F 433 57.80 42.14 -36.96
C GLY F 433 59.30 42.08 -37.12
N LYS F 434 60.02 41.41 -36.20
CA LYS F 434 61.47 41.36 -36.24
C LYS F 434 61.96 40.14 -37.00
N PRO F 435 63.14 40.26 -37.62
CA PRO F 435 63.81 39.06 -38.16
C PRO F 435 64.08 38.07 -37.05
N THR F 436 63.86 36.79 -37.34
CA THR F 436 63.76 35.75 -36.33
C THR F 436 64.69 34.59 -36.65
N LEU F 437 65.43 34.12 -35.66
CA LEU F 437 66.12 32.84 -35.78
C LEU F 437 65.44 31.85 -34.84
N ALA F 438 64.93 30.75 -35.38
CA ALA F 438 64.29 29.71 -34.59
C ALA F 438 65.07 28.41 -34.77
N ILE F 439 65.33 27.69 -33.68
CA ILE F 439 66.15 26.48 -33.75
C ILE F 439 65.41 25.34 -33.05
N VAL F 440 65.18 24.25 -33.78
CA VAL F 440 64.46 23.10 -33.24
C VAL F 440 65.12 21.81 -33.69
N GLY F 441 64.77 20.72 -33.01
CA GLY F 441 65.21 19.40 -33.40
C GLY F 441 64.28 18.75 -34.43
N ASP F 442 64.70 17.58 -34.91
CA ASP F 442 63.98 16.94 -36.02
C ASP F 442 62.60 16.45 -35.59
N LEU F 443 62.51 15.80 -34.42
CA LEU F 443 61.21 15.34 -33.93
C LEU F 443 60.30 16.53 -33.63
N SER F 444 60.88 17.62 -33.12
CA SER F 444 60.10 18.83 -32.93
C SER F 444 59.55 19.34 -34.24
N ALA F 445 60.36 19.31 -35.29
CA ALA F 445 59.91 19.79 -36.59
C ALA F 445 58.84 18.88 -37.18
N LEU F 446 58.98 17.56 -37.02
CA LEU F 446 57.94 16.66 -37.51
C LEU F 446 56.63 16.87 -36.78
N TYR F 447 56.69 17.04 -35.46
CA TYR F 447 55.49 17.17 -34.64
C TYR F 447 54.60 18.29 -35.15
N ASP F 448 55.19 19.45 -35.43
CA ASP F 448 54.48 20.66 -35.82
C ASP F 448 54.71 20.96 -37.30
N LEU F 449 54.76 19.90 -38.12
CA LEU F 449 55.16 20.03 -39.52
C LEU F 449 54.23 20.96 -40.30
N ASN F 450 52.90 20.80 -40.15
CA ASN F 450 51.98 21.60 -40.96
C ASN F 450 52.00 23.08 -40.59
N ALA F 451 52.64 23.44 -39.48
CA ALA F 451 52.84 24.85 -39.17
C ALA F 451 53.74 25.54 -40.18
N LEU F 452 54.44 24.79 -41.03
CA LEU F 452 55.13 25.41 -42.16
C LEU F 452 54.17 26.23 -43.00
N ALA F 453 52.89 25.83 -43.08
CA ALA F 453 51.90 26.66 -43.74
C ALA F 453 51.88 28.06 -43.13
N LEU F 454 51.87 28.14 -41.80
CA LEU F 454 51.86 29.44 -41.12
C LEU F 454 53.07 30.26 -41.47
N LEU F 455 54.21 29.60 -41.64
CA LEU F 455 55.46 30.27 -41.93
C LEU F 455 55.58 30.69 -43.39
N ARG F 456 54.52 30.47 -44.17
CA ARG F 456 54.48 31.08 -45.50
C ARG F 456 54.17 32.57 -45.44
N GLN F 457 53.78 33.09 -44.28
CA GLN F 457 53.47 34.50 -44.05
C GLN F 457 54.24 35.03 -42.83
N VAL F 458 55.40 35.62 -43.11
CA VAL F 458 56.14 36.34 -42.08
C VAL F 458 56.35 37.78 -42.57
N SER F 459 56.44 38.70 -41.61
CA SER F 459 56.63 40.10 -41.93
C SER F 459 58.10 40.49 -42.02
N ALA F 460 58.98 39.57 -41.66
CA ALA F 460 60.42 39.74 -41.69
C ALA F 460 61.03 38.37 -41.87
N PRO F 461 62.29 38.29 -42.34
CA PRO F 461 62.90 36.96 -42.54
C PRO F 461 62.89 36.13 -41.26
N LEU F 462 62.55 34.86 -41.42
CA LEU F 462 62.65 33.88 -40.35
C LEU F 462 63.50 32.72 -40.84
N VAL F 463 64.61 32.45 -40.14
CA VAL F 463 65.43 31.29 -40.41
C VAL F 463 65.01 30.20 -39.44
N LEU F 464 64.61 29.06 -39.96
CA LEU F 464 64.27 27.91 -39.15
C LEU F 464 65.38 26.88 -39.32
N ILE F 465 66.21 26.72 -38.30
CA ILE F 465 67.19 25.66 -38.29
C ILE F 465 66.53 24.41 -37.73
N VAL F 466 66.58 23.33 -38.51
CA VAL F 466 66.15 22.02 -38.06
C VAL F 466 67.43 21.20 -37.89
N VAL F 467 67.77 20.92 -36.65
CA VAL F 467 68.89 20.04 -36.34
C VAL F 467 68.39 18.61 -36.46
N ASN F 468 68.92 17.85 -37.43
CA ASN F 468 68.50 16.48 -37.67
C ASN F 468 69.65 15.55 -37.24
N ASN F 469 69.50 14.98 -36.06
CA ASN F 469 70.39 13.92 -35.59
C ASN F 469 69.68 12.56 -35.60
N ASN F 470 68.59 12.45 -36.36
CA ASN F 470 67.85 11.21 -36.55
C ASN F 470 67.33 10.67 -35.21
N GLY F 471 66.41 11.43 -34.62
CA GLY F 471 65.72 11.02 -33.42
C GLY F 471 65.79 12.06 -32.34
N GLY F 472 65.26 11.70 -31.16
CA GLY F 472 65.36 12.54 -29.98
C GLY F 472 66.62 12.22 -29.19
N GLN F 473 67.74 12.83 -29.55
CA GLN F 473 69.00 12.38 -28.98
C GLN F 473 69.23 12.84 -27.55
N ILE F 474 68.30 13.57 -26.95
CA ILE F 474 68.36 13.78 -25.50
C ILE F 474 68.36 12.44 -24.78
N PHE F 475 67.74 11.43 -25.37
CA PHE F 475 67.73 10.12 -24.73
C PHE F 475 69.01 9.34 -24.94
N SER F 476 69.93 9.85 -25.76
CA SER F 476 71.33 9.43 -25.76
C SER F 476 72.15 10.17 -24.72
N LEU F 477 71.72 11.36 -24.30
CA LEU F 477 72.44 12.05 -23.25
C LEU F 477 72.06 11.48 -21.90
N LEU F 478 70.77 11.16 -21.70
CA LEU F 478 70.31 10.53 -20.45
C LEU F 478 70.76 9.05 -20.39
N PRO F 479 70.85 8.43 -19.20
CA PRO F 479 71.31 7.02 -19.16
C PRO F 479 70.20 6.02 -19.43
N THR F 480 69.59 6.11 -20.62
CA THR F 480 68.57 5.15 -21.02
C THR F 480 69.18 3.77 -21.27
N PRO F 481 68.40 2.69 -21.13
CA PRO F 481 68.95 1.35 -21.38
C PRO F 481 69.26 1.14 -22.86
N GLN F 482 70.39 0.48 -23.12
CA GLN F 482 70.94 0.41 -24.47
C GLN F 482 70.03 -0.39 -25.41
N SER F 483 69.42 -1.47 -24.93
CA SER F 483 68.69 -2.37 -25.82
C SER F 483 67.32 -1.83 -26.22
N GLU F 484 66.70 -0.99 -25.39
CA GLU F 484 65.41 -0.40 -25.73
C GLU F 484 65.53 1.01 -26.27
N ARG F 485 66.75 1.56 -26.30
CA ARG F 485 66.96 2.99 -26.51
C ARG F 485 66.41 3.43 -27.87
N GLU F 486 66.87 2.80 -28.94
CA GLU F 486 66.53 3.28 -30.27
C GLU F 486 65.02 3.19 -30.51
N ARG F 487 64.45 1.99 -30.38
CA ARG F 487 63.06 1.80 -30.75
C ARG F 487 62.12 2.59 -29.84
N PHE F 488 62.39 2.62 -28.53
CA PHE F 488 61.43 3.12 -27.55
C PHE F 488 61.79 4.49 -26.98
N TYR F 489 62.98 5.04 -27.29
CA TYR F 489 63.36 6.37 -26.85
C TYR F 489 63.75 7.25 -28.02
N LEU F 490 64.82 6.92 -28.74
CA LEU F 490 65.30 7.82 -29.80
C LEU F 490 64.26 7.97 -30.89
N MET F 491 63.62 6.88 -31.29
CA MET F 491 62.64 6.86 -32.37
C MET F 491 63.10 7.65 -33.61
N PRO F 492 64.19 7.21 -34.26
CA PRO F 492 64.60 7.87 -35.50
C PRO F 492 63.53 7.67 -36.57
N GLN F 493 63.25 8.74 -37.31
CA GLN F 493 62.25 8.70 -38.37
C GLN F 493 62.86 8.64 -39.76
N ASN F 494 64.18 8.84 -39.88
CA ASN F 494 64.91 8.71 -41.14
C ASN F 494 64.25 9.53 -42.25
N VAL F 495 64.20 10.84 -42.03
CA VAL F 495 63.66 11.77 -43.01
C VAL F 495 64.62 12.94 -43.16
N HIS F 496 64.41 13.71 -44.20
CA HIS F 496 64.97 15.04 -44.35
C HIS F 496 63.82 16.01 -44.59
N PHE F 497 64.13 17.30 -44.67
CA PHE F 497 63.07 18.30 -44.72
C PHE F 497 63.02 19.08 -46.04
N GLU F 498 63.74 18.62 -47.07
CA GLU F 498 63.75 19.32 -48.35
C GLU F 498 62.36 19.34 -48.98
N HIS F 499 61.68 18.20 -48.97
CA HIS F 499 60.36 18.14 -49.59
C HIS F 499 59.31 18.88 -48.78
N ALA F 500 59.48 18.93 -47.45
CA ALA F 500 58.58 19.74 -46.62
C ALA F 500 58.68 21.21 -46.97
N ALA F 501 59.91 21.72 -47.09
CA ALA F 501 60.11 23.12 -47.47
C ALA F 501 59.57 23.39 -48.87
N ALA F 502 59.88 22.50 -49.82
CA ALA F 502 59.38 22.66 -51.19
C ALA F 502 57.85 22.61 -51.23
N MET F 503 57.22 21.80 -50.36
CA MET F 503 55.76 21.69 -50.35
C MET F 503 55.10 23.01 -50.02
N PHE F 504 55.67 23.76 -49.09
CA PHE F 504 55.15 25.06 -48.71
C PHE F 504 55.93 26.18 -49.38
N GLU F 505 56.70 25.87 -50.42
CA GLU F 505 57.37 26.86 -51.27
C GLU F 505 58.29 27.75 -50.44
N LEU F 506 59.05 27.14 -49.54
CA LEU F 506 60.02 27.82 -48.70
C LEU F 506 61.40 27.48 -49.20
N LYS F 507 62.29 28.47 -49.18
CA LYS F 507 63.70 28.25 -49.50
C LYS F 507 64.29 27.18 -48.57
N TYR F 508 65.22 26.39 -49.11
CA TYR F 508 65.78 25.27 -48.37
C TYR F 508 67.28 25.16 -48.60
N HIS F 509 68.02 24.91 -47.52
CA HIS F 509 69.45 24.63 -47.57
C HIS F 509 69.77 23.44 -46.67
N ARG F 510 70.71 22.60 -47.12
CA ARG F 510 71.27 21.54 -46.30
C ARG F 510 72.78 21.76 -46.25
N PRO F 511 73.24 22.71 -45.44
CA PRO F 511 74.67 23.07 -45.45
C PRO F 511 75.56 21.94 -44.94
N GLN F 512 76.72 21.78 -45.58
CA GLN F 512 77.68 20.73 -45.26
C GLN F 512 78.88 21.24 -44.49
N ASN F 513 79.05 22.56 -44.39
CA ASN F 513 80.18 23.15 -43.68
C ASN F 513 79.78 24.55 -43.23
N TRP F 514 80.68 25.20 -42.48
CA TRP F 514 80.40 26.52 -41.93
C TRP F 514 80.22 27.56 -43.04
N GLN F 515 81.03 27.45 -44.09
CA GLN F 515 80.94 28.39 -45.20
C GLN F 515 79.56 28.32 -45.85
N GLU F 516 79.05 27.11 -46.07
CA GLU F 516 77.72 26.97 -46.66
C GLU F 516 76.64 27.44 -45.71
N LEU F 517 76.83 27.28 -44.40
CA LEU F 517 75.85 27.80 -43.43
C LEU F 517 75.79 29.32 -43.49
N GLU F 518 76.97 29.98 -43.47
CA GLU F 518 77.04 31.42 -43.64
C GLU F 518 76.37 31.87 -44.92
N THR F 519 76.61 31.16 -46.03
CA THR F 519 75.94 31.50 -47.28
C THR F 519 74.42 31.34 -47.16
N ALA F 520 73.96 30.27 -46.51
CA ALA F 520 72.52 30.08 -46.35
C ALA F 520 71.90 31.25 -45.59
N PHE F 521 72.51 31.65 -44.46
CA PHE F 521 72.01 32.79 -43.69
C PHE F 521 72.02 34.07 -44.51
N ALA F 522 73.13 34.36 -45.18
CA ALA F 522 73.21 35.56 -46.00
C ALA F 522 72.10 35.61 -47.03
N ASP F 523 71.82 34.46 -47.66
CA ASP F 523 70.70 34.38 -48.61
C ASP F 523 69.37 34.57 -47.90
N ALA F 524 69.26 34.07 -46.66
CA ALA F 524 67.98 34.03 -45.97
C ALA F 524 67.55 35.42 -45.51
N TRP F 525 68.49 36.25 -45.05
CA TRP F 525 68.10 37.52 -44.47
C TRP F 525 67.65 38.56 -45.51
N ARG F 526 67.63 38.23 -46.80
CA ARG F 526 67.40 39.25 -47.82
C ARG F 526 65.92 39.55 -48.11
N THR F 527 65.00 38.64 -47.78
CA THR F 527 63.58 38.84 -48.05
C THR F 527 62.78 38.47 -46.82
N PRO F 528 61.59 39.04 -46.67
CA PRO F 528 60.67 38.66 -45.57
C PRO F 528 59.94 37.36 -45.83
N THR F 529 60.70 36.26 -45.85
CA THR F 529 60.16 34.92 -46.04
C THR F 529 60.87 33.99 -45.07
N THR F 530 60.32 32.78 -44.93
CA THR F 530 60.91 31.74 -44.09
C THR F 530 61.86 30.86 -44.90
N THR F 531 63.07 30.70 -44.40
CA THR F 531 64.04 29.78 -45.00
C THR F 531 64.30 28.65 -44.03
N VAL F 532 64.24 27.42 -44.55
CA VAL F 532 64.53 26.23 -43.76
C VAL F 532 65.98 25.81 -44.00
N ILE F 533 66.74 25.71 -42.92
CA ILE F 533 68.12 25.23 -42.96
C ILE F 533 68.20 23.94 -42.14
N GLU F 534 68.37 22.82 -42.83
CA GLU F 534 68.49 21.52 -42.17
C GLU F 534 69.97 21.19 -41.95
N MET F 535 70.35 21.00 -40.70
CA MET F 535 71.72 20.64 -40.35
C MET F 535 71.74 19.17 -39.97
N VAL F 536 72.27 18.35 -40.87
CA VAL F 536 72.37 16.91 -40.64
C VAL F 536 73.67 16.67 -39.89
N VAL F 537 73.56 16.05 -38.71
CA VAL F 537 74.70 15.79 -37.84
C VAL F 537 74.62 14.35 -37.37
N ASN F 538 75.76 13.84 -36.91
CA ASN F 538 75.78 12.47 -36.40
C ASN F 538 75.01 12.39 -35.10
N ASP F 539 74.21 11.32 -34.96
CA ASP F 539 73.21 11.20 -33.91
C ASP F 539 73.74 11.64 -32.53
N THR F 540 74.76 10.97 -32.00
CA THR F 540 75.12 11.14 -30.60
C THR F 540 76.29 12.11 -30.39
N ASP F 541 76.75 12.78 -31.44
CA ASP F 541 77.95 13.62 -31.27
C ASP F 541 77.70 14.81 -30.34
N GLY F 542 76.52 15.43 -30.42
CA GLY F 542 76.25 16.58 -29.57
C GLY F 542 76.17 16.21 -28.10
N ALA F 543 75.40 15.15 -27.81
CA ALA F 543 75.30 14.64 -26.45
C ALA F 543 76.68 14.25 -25.92
N GLN F 544 77.45 13.51 -26.72
CA GLN F 544 78.76 13.05 -26.31
C GLN F 544 79.72 14.21 -26.06
N THR F 545 79.67 15.23 -26.93
CA THR F 545 80.51 16.42 -26.74
C THR F 545 80.16 17.13 -25.44
N LEU F 546 78.87 17.23 -25.13
CA LEU F 546 78.46 17.83 -23.87
C LEU F 546 79.01 17.02 -22.69
N GLN F 547 78.87 15.69 -22.76
CA GLN F 547 79.37 14.86 -21.66
C GLN F 547 80.87 15.04 -21.46
N GLN F 548 81.62 15.11 -22.55
CA GLN F 548 83.07 15.26 -22.47
C GLN F 548 83.46 16.61 -21.89
N LEU F 549 82.79 17.68 -22.34
CA LEU F 549 83.10 18.99 -21.78
C LEU F 549 82.71 19.07 -20.29
N LEU F 550 81.58 18.47 -19.90
CA LEU F 550 81.23 18.41 -18.49
C LEU F 550 82.32 17.72 -17.69
N ALA F 551 82.76 16.55 -18.16
CA ALA F 551 83.81 15.82 -17.45
C ALA F 551 85.09 16.65 -17.35
N GLN F 552 85.52 17.25 -18.46
CA GLN F 552 86.77 18.00 -18.46
C GLN F 552 86.70 19.19 -17.52
N VAL F 553 85.59 19.93 -17.54
CA VAL F 553 85.46 21.10 -16.68
C VAL F 553 85.35 20.70 -15.21
N SER F 554 84.81 19.53 -14.90
CA SER F 554 84.71 19.13 -13.50
C SER F 554 86.08 18.91 -12.85
N HIS F 555 87.12 18.63 -13.64
CA HIS F 555 88.46 18.35 -13.15
C HIS F 555 89.42 19.53 -13.22
N LEU F 556 88.93 20.72 -13.57
CA LEU F 556 89.79 21.89 -13.66
C LEU F 556 90.30 22.35 -12.30
N MET G 1 -34.19 -49.74 -6.96
CA MET G 1 -32.83 -50.11 -7.36
C MET G 1 -32.06 -48.95 -8.00
N SER G 2 -32.51 -48.47 -9.16
CA SER G 2 -31.79 -47.40 -9.85
C SER G 2 -32.13 -46.05 -9.22
N VAL G 3 -31.11 -45.39 -8.67
CA VAL G 3 -31.34 -44.11 -8.03
C VAL G 3 -31.78 -43.04 -9.03
N SER G 4 -31.16 -43.00 -10.22
CA SER G 4 -31.50 -41.99 -11.22
C SER G 4 -32.95 -42.12 -11.69
N ALA G 5 -33.37 -43.34 -11.98
CA ALA G 5 -34.74 -43.57 -12.43
C ALA G 5 -35.74 -43.14 -11.36
N PHE G 6 -35.49 -43.52 -10.10
CA PHE G 6 -36.45 -43.12 -9.07
C PHE G 6 -36.44 -41.61 -8.85
N ASN G 7 -35.26 -40.98 -8.89
CA ASN G 7 -35.19 -39.52 -8.88
C ASN G 7 -36.16 -38.94 -9.90
N ARG G 8 -36.18 -39.50 -11.11
CA ARG G 8 -37.09 -38.96 -12.13
C ARG G 8 -38.56 -39.31 -11.89
N ARG G 9 -38.88 -40.44 -11.25
CA ARG G 9 -40.30 -40.71 -10.95
C ARG G 9 -40.85 -39.78 -9.87
N TRP G 10 -40.03 -39.54 -8.83
CA TRP G 10 -40.32 -38.55 -7.79
C TRP G 10 -40.54 -37.16 -8.40
N ALA G 11 -39.59 -36.72 -9.24
CA ALA G 11 -39.75 -35.44 -9.93
C ALA G 11 -41.03 -35.42 -10.75
N ALA G 12 -41.30 -36.51 -11.49
CA ALA G 12 -42.47 -36.55 -12.35
C ALA G 12 -43.76 -36.40 -11.53
N VAL G 13 -43.79 -36.96 -10.32
CA VAL G 13 -44.95 -36.72 -9.44
C VAL G 13 -45.08 -35.22 -9.11
N ILE G 14 -43.95 -34.56 -8.80
CA ILE G 14 -44.00 -33.12 -8.45
C ILE G 14 -44.58 -32.29 -9.62
N LEU G 15 -44.00 -32.48 -10.82
CA LEU G 15 -44.41 -31.67 -11.98
C LEU G 15 -45.85 -31.99 -12.41
N GLU G 16 -46.20 -33.28 -12.49
CA GLU G 16 -47.57 -33.62 -12.83
C GLU G 16 -48.56 -33.02 -11.84
N ALA G 17 -48.21 -33.05 -10.56
CA ALA G 17 -49.04 -32.39 -9.55
C ALA G 17 -49.23 -30.92 -9.86
N LEU G 18 -48.16 -30.24 -10.27
CA LEU G 18 -48.30 -28.82 -10.60
C LEU G 18 -49.29 -28.59 -11.75
N THR G 19 -49.34 -29.49 -12.73
CA THR G 19 -50.28 -29.27 -13.84
C THR G 19 -51.74 -29.23 -13.39
N ARG G 20 -52.07 -29.78 -12.21
CA ARG G 20 -53.46 -29.80 -11.74
C ARG G 20 -53.88 -28.51 -11.10
N HIS G 21 -52.97 -27.55 -10.96
CA HIS G 21 -53.26 -26.28 -10.30
C HIS G 21 -53.08 -25.11 -11.26
N GLY G 22 -53.12 -25.39 -12.55
CA GLY G 22 -53.07 -24.35 -13.53
C GLY G 22 -51.70 -23.94 -13.97
N VAL G 23 -50.65 -24.67 -13.58
CA VAL G 23 -49.32 -24.33 -14.04
C VAL G 23 -49.19 -24.72 -15.51
N ARG G 24 -49.01 -23.73 -16.37
CA ARG G 24 -48.79 -23.90 -17.80
C ARG G 24 -47.36 -23.55 -18.20
N HIS G 25 -46.85 -22.44 -17.71
CA HIS G 25 -45.51 -21.99 -18.05
C HIS G 25 -44.51 -22.52 -17.03
N ILE G 26 -43.38 -23.00 -17.52
CA ILE G 26 -42.28 -23.37 -16.64
C ILE G 26 -41.00 -22.78 -17.22
N CYS G 27 -40.22 -22.11 -16.36
CA CYS G 27 -38.96 -21.48 -16.72
C CYS G 27 -37.81 -22.28 -16.14
N ILE G 28 -36.85 -22.62 -16.98
CA ILE G 28 -35.80 -23.57 -16.64
C ILE G 28 -34.44 -22.95 -16.95
N ALA G 29 -33.56 -22.94 -15.94
CA ALA G 29 -32.15 -22.57 -16.11
C ALA G 29 -31.29 -23.83 -16.11
N PRO G 30 -30.10 -23.79 -16.69
CA PRO G 30 -29.31 -25.01 -16.86
C PRO G 30 -28.60 -25.46 -15.59
N GLY G 31 -28.42 -26.77 -15.50
CA GLY G 31 -27.73 -27.33 -14.35
C GLY G 31 -27.74 -28.83 -14.45
N SER G 32 -26.96 -29.45 -13.58
CA SER G 32 -26.88 -30.91 -13.53
C SER G 32 -27.73 -31.49 -12.40
N ARG G 33 -27.64 -30.91 -11.19
CA ARG G 33 -28.41 -31.41 -10.05
C ARG G 33 -29.91 -31.33 -10.29
N SER G 34 -30.34 -30.41 -11.15
CA SER G 34 -31.75 -30.21 -11.48
C SER G 34 -32.25 -31.19 -12.52
N THR G 35 -31.39 -32.10 -12.99
CA THR G 35 -31.77 -33.06 -14.03
C THR G 35 -33.09 -33.78 -13.78
N PRO G 36 -33.40 -34.29 -12.59
CA PRO G 36 -34.71 -34.95 -12.41
C PRO G 36 -35.89 -34.04 -12.70
N LEU G 37 -35.85 -32.81 -12.17
CA LEU G 37 -36.91 -31.85 -12.41
C LEU G 37 -36.97 -31.45 -13.89
N THR G 38 -35.80 -31.14 -14.47
CA THR G 38 -35.75 -30.64 -15.84
C THR G 38 -36.18 -31.70 -16.85
N LEU G 39 -35.73 -32.95 -16.69
CA LEU G 39 -36.17 -34.00 -17.59
C LEU G 39 -37.64 -34.32 -17.39
N ALA G 40 -38.11 -34.37 -16.13
CA ALA G 40 -39.54 -34.57 -15.93
C ALA G 40 -40.35 -33.46 -16.58
N ALA G 41 -39.85 -32.23 -16.51
CA ALA G 41 -40.57 -31.11 -17.09
C ALA G 41 -40.53 -31.17 -18.61
N ALA G 42 -39.38 -31.56 -19.16
CA ALA G 42 -39.25 -31.63 -20.62
C ALA G 42 -40.16 -32.70 -21.20
N GLU G 43 -40.40 -33.79 -20.45
CA GLU G 43 -41.24 -34.86 -20.95
C GLU G 43 -42.72 -34.60 -20.77
N ASN G 44 -43.11 -33.60 -19.97
CA ASN G 44 -44.51 -33.35 -19.68
C ASN G 44 -45.04 -32.36 -20.71
N SER G 45 -45.97 -32.83 -21.54
CA SER G 45 -46.47 -32.04 -22.66
C SER G 45 -47.46 -30.97 -22.25
N ALA G 46 -47.82 -30.89 -20.97
CA ALA G 46 -48.71 -29.82 -20.54
C ALA G 46 -48.00 -28.47 -20.45
N PHE G 47 -46.68 -28.43 -20.51
CA PHE G 47 -45.95 -27.21 -20.21
C PHE G 47 -45.51 -26.45 -21.46
N ILE G 48 -45.46 -25.13 -21.32
CA ILE G 48 -44.69 -24.27 -22.19
C ILE G 48 -43.37 -23.97 -21.49
N HIS G 49 -42.26 -24.34 -22.12
CA HIS G 49 -40.93 -24.25 -21.52
C HIS G 49 -40.22 -23.00 -22.01
N HIS G 50 -39.74 -22.20 -21.07
CA HIS G 50 -38.87 -21.06 -21.35
C HIS G 50 -37.53 -21.33 -20.71
N THR G 51 -36.45 -20.93 -21.36
CA THR G 51 -35.11 -21.14 -20.86
C THR G 51 -34.39 -19.80 -20.80
N HIS G 52 -33.42 -19.70 -19.88
CA HIS G 52 -32.59 -18.51 -19.74
C HIS G 52 -31.37 -18.87 -18.90
N PHE G 53 -30.25 -18.17 -19.14
CA PHE G 53 -29.00 -18.48 -18.44
C PHE G 53 -28.82 -17.72 -17.13
N ASP G 54 -29.53 -16.61 -16.93
CA ASP G 54 -29.41 -15.81 -15.73
C ASP G 54 -30.62 -16.11 -14.85
N GLU G 55 -30.39 -16.69 -13.66
CA GLU G 55 -31.49 -17.13 -12.82
C GLU G 55 -32.26 -15.96 -12.22
N ARG G 56 -31.63 -14.81 -12.03
CA ARG G 56 -32.36 -13.63 -11.61
C ARG G 56 -33.31 -13.17 -12.72
N GLY G 57 -32.79 -13.11 -13.95
CA GLY G 57 -33.66 -12.84 -15.10
C GLY G 57 -34.70 -13.92 -15.32
N LEU G 58 -34.36 -15.17 -15.01
CA LEU G 58 -35.33 -16.25 -15.13
C LEU G 58 -36.47 -16.04 -14.15
N GLY G 59 -36.13 -15.68 -12.91
CA GLY G 59 -37.17 -15.34 -11.96
C GLY G 59 -38.04 -14.19 -12.42
N HIS G 60 -37.44 -13.16 -13.00
CA HIS G 60 -38.28 -12.03 -13.42
C HIS G 60 -39.11 -12.36 -14.65
N LEU G 61 -38.60 -13.24 -15.52
CA LEU G 61 -39.39 -13.71 -16.66
C LEU G 61 -40.62 -14.45 -16.15
N ALA G 62 -40.43 -15.37 -15.20
CA ALA G 62 -41.56 -16.06 -14.60
C ALA G 62 -42.50 -15.09 -13.90
N LEU G 63 -41.94 -14.05 -13.28
CA LEU G 63 -42.76 -13.03 -12.64
C LEU G 63 -43.65 -12.33 -13.66
N GLY G 64 -43.11 -11.97 -14.83
CA GLY G 64 -43.94 -11.32 -15.85
C GLY G 64 -45.01 -12.25 -16.41
N LEU G 65 -44.64 -13.51 -16.66
CA LEU G 65 -45.62 -14.48 -17.14
C LEU G 65 -46.78 -14.60 -16.17
N ALA G 66 -46.47 -14.76 -14.87
CA ALA G 66 -47.50 -14.88 -13.85
C ALA G 66 -48.30 -13.59 -13.71
N LYS G 67 -47.60 -12.46 -13.79
CA LYS G 67 -48.25 -11.16 -13.68
C LYS G 67 -49.36 -11.01 -14.70
N VAL G 68 -49.09 -11.38 -15.96
CA VAL G 68 -50.09 -11.17 -17.00
C VAL G 68 -51.12 -12.29 -17.00
N SER G 69 -50.67 -13.55 -16.91
CA SER G 69 -51.55 -14.72 -17.04
C SER G 69 -52.41 -14.99 -15.81
N LYS G 70 -52.07 -14.45 -14.64
CA LYS G 70 -52.84 -14.67 -13.41
C LYS G 70 -52.90 -16.15 -13.07
N GLN G 71 -51.82 -16.87 -13.32
CA GLN G 71 -51.75 -18.30 -13.04
C GLN G 71 -50.41 -18.58 -12.38
N PRO G 72 -50.31 -19.68 -11.62
CA PRO G 72 -49.00 -20.05 -11.09
C PRO G 72 -48.06 -20.43 -12.22
N VAL G 73 -46.80 -20.01 -12.06
CA VAL G 73 -45.73 -20.24 -13.02
C VAL G 73 -44.61 -20.94 -12.28
N ALA G 74 -44.10 -22.04 -12.83
CA ALA G 74 -43.06 -22.80 -12.18
C ALA G 74 -41.69 -22.38 -12.68
N VAL G 75 -40.69 -22.55 -11.82
CA VAL G 75 -39.28 -22.27 -12.12
C VAL G 75 -38.48 -23.49 -11.66
N ILE G 76 -37.52 -23.91 -12.47
CA ILE G 76 -36.61 -25.00 -12.11
C ILE G 76 -35.19 -24.45 -12.16
N VAL G 77 -34.46 -24.64 -11.07
CA VAL G 77 -33.07 -24.19 -10.99
C VAL G 77 -32.22 -25.27 -10.32
N THR G 78 -30.91 -25.24 -10.61
CA THR G 78 -29.98 -26.16 -9.97
C THR G 78 -29.55 -25.63 -8.60
N SER G 79 -28.74 -26.40 -7.88
CA SER G 79 -28.36 -26.01 -6.53
C SER G 79 -27.28 -24.93 -6.56
N GLY G 80 -27.18 -24.18 -5.45
CA GLY G 80 -26.14 -23.18 -5.28
C GLY G 80 -26.64 -21.75 -5.35
N THR G 81 -25.77 -20.84 -5.81
CA THR G 81 -26.15 -19.44 -5.97
C THR G 81 -27.25 -19.26 -7.00
N ALA G 82 -27.43 -20.25 -7.90
CA ALA G 82 -28.57 -20.22 -8.80
C ALA G 82 -29.88 -20.06 -8.04
N VAL G 83 -30.03 -20.79 -6.94
CA VAL G 83 -31.21 -20.61 -6.11
C VAL G 83 -31.28 -19.19 -5.56
N ALA G 84 -30.14 -18.66 -5.09
CA ALA G 84 -30.13 -17.33 -4.48
C ALA G 84 -30.57 -16.25 -5.47
N ASN G 85 -30.25 -16.42 -6.75
CA ASN G 85 -30.66 -15.43 -7.74
C ASN G 85 -32.17 -15.31 -7.91
N LEU G 86 -32.97 -16.25 -7.39
CA LEU G 86 -34.42 -16.13 -7.50
C LEU G 86 -35.02 -15.17 -6.47
N TYR G 87 -34.24 -14.74 -5.49
CA TYR G 87 -34.79 -13.97 -4.37
C TYR G 87 -35.50 -12.71 -4.79
N PRO G 88 -34.94 -11.86 -5.67
CA PRO G 88 -35.64 -10.60 -5.99
C PRO G 88 -37.05 -10.82 -6.54
N ALA G 89 -37.19 -11.76 -7.48
CA ALA G 89 -38.50 -12.03 -8.05
C ALA G 89 -39.45 -12.60 -7.00
N LEU G 90 -38.95 -13.47 -6.13
CA LEU G 90 -39.77 -14.02 -5.06
C LEU G 90 -40.26 -12.93 -4.10
N ILE G 91 -39.40 -11.97 -3.78
CA ILE G 91 -39.80 -10.87 -2.91
C ILE G 91 -40.87 -10.02 -3.58
N GLU G 92 -40.66 -9.64 -4.85
CA GLU G 92 -41.67 -8.85 -5.53
C GLU G 92 -42.98 -9.63 -5.61
N ALA G 93 -42.91 -10.94 -5.86
CA ALA G 93 -44.11 -11.76 -5.90
C ALA G 93 -44.79 -11.80 -4.54
N GLY G 94 -44.02 -11.80 -3.45
CA GLY G 94 -44.63 -11.72 -2.13
C GLY G 94 -45.33 -10.42 -1.87
N LEU G 95 -44.91 -9.34 -2.52
CA LEU G 95 -45.59 -8.07 -2.32
C LEU G 95 -46.78 -7.86 -3.26
N THR G 96 -46.69 -8.31 -4.51
CA THR G 96 -47.76 -8.05 -5.47
C THR G 96 -48.61 -9.26 -5.81
N GLY G 97 -48.24 -10.46 -5.37
CA GLY G 97 -49.14 -11.59 -5.41
C GLY G 97 -48.90 -12.60 -6.51
N GLU G 98 -47.92 -12.38 -7.39
CA GLU G 98 -47.65 -13.39 -8.42
C GLU G 98 -47.39 -14.74 -7.77
N LYS G 99 -47.93 -15.81 -8.35
CA LYS G 99 -47.77 -17.17 -7.81
C LYS G 99 -46.61 -17.83 -8.54
N LEU G 100 -45.43 -17.75 -7.95
CA LEU G 100 -44.23 -18.38 -8.52
C LEU G 100 -43.92 -19.62 -7.71
N ILE G 101 -43.83 -20.76 -8.38
CA ILE G 101 -43.51 -22.03 -7.76
C ILE G 101 -42.03 -22.31 -8.05
N LEU G 102 -41.18 -22.20 -7.03
CA LEU G 102 -39.73 -22.33 -7.18
C LEU G 102 -39.29 -23.76 -6.83
N LEU G 103 -38.95 -24.54 -7.84
CA LEU G 103 -38.37 -25.88 -7.72
C LEU G 103 -36.85 -25.73 -7.81
N THR G 104 -36.22 -25.72 -6.65
CA THR G 104 -34.79 -25.47 -6.52
C THR G 104 -34.15 -26.79 -6.12
N ALA G 105 -33.45 -27.42 -7.08
CA ALA G 105 -32.76 -28.67 -6.80
C ALA G 105 -31.71 -28.46 -5.72
N ASP G 106 -31.45 -29.52 -4.97
CA ASP G 106 -30.50 -29.46 -3.87
C ASP G 106 -29.66 -30.73 -3.86
N ARG G 107 -28.47 -30.62 -3.28
CA ARG G 107 -27.73 -31.81 -2.90
C ARG G 107 -28.52 -32.57 -1.83
N PRO G 108 -28.30 -33.88 -1.71
CA PRO G 108 -28.92 -34.63 -0.63
C PRO G 108 -28.34 -34.22 0.70
N PRO G 109 -28.98 -34.60 1.81
CA PRO G 109 -28.49 -34.12 3.12
C PRO G 109 -27.06 -34.54 3.44
N GLU G 110 -26.62 -35.69 2.95
CA GLU G 110 -25.29 -36.19 3.31
C GLU G 110 -24.14 -35.42 2.64
N LEU G 111 -24.40 -34.44 1.79
CA LEU G 111 -23.39 -33.64 1.13
C LEU G 111 -23.50 -32.17 1.49
N ILE G 112 -24.19 -31.87 2.59
CA ILE G 112 -24.36 -30.51 3.07
C ILE G 112 -23.36 -30.27 4.19
N ASP G 113 -22.79 -29.06 4.21
CA ASP G 113 -21.83 -28.65 5.21
C ASP G 113 -20.66 -29.63 5.36
N CYS G 114 -20.16 -30.08 4.22
CA CYS G 114 -18.99 -30.96 4.25
C CYS G 114 -17.99 -30.59 3.17
N GLY G 115 -18.05 -29.34 2.70
CA GLY G 115 -17.15 -28.83 1.69
C GLY G 115 -17.43 -29.31 0.28
N ALA G 116 -18.56 -29.95 0.04
CA ALA G 116 -18.84 -30.44 -1.30
C ALA G 116 -19.17 -29.29 -2.22
N ASN G 117 -18.75 -29.42 -3.47
CA ASN G 117 -18.86 -28.30 -4.39
C ASN G 117 -20.33 -28.06 -4.74
N GLN G 118 -20.70 -26.78 -4.80
CA GLN G 118 -22.03 -26.37 -5.22
C GLN G 118 -23.12 -26.85 -4.28
N ALA G 119 -22.77 -27.05 -3.01
CA ALA G 119 -23.71 -27.50 -2.00
C ALA G 119 -23.78 -26.46 -0.90
N ILE G 120 -24.97 -25.89 -0.69
CA ILE G 120 -25.21 -24.85 0.29
C ILE G 120 -26.45 -25.24 1.09
N ARG G 121 -26.68 -24.53 2.17
CA ARG G 121 -27.86 -24.74 3.01
C ARG G 121 -29.05 -24.02 2.39
N GLN G 122 -29.95 -24.78 1.76
CA GLN G 122 -31.04 -24.21 0.96
C GLN G 122 -32.40 -24.15 1.66
N PRO G 123 -32.81 -25.13 2.47
CA PRO G 123 -34.11 -24.99 3.13
C PRO G 123 -34.14 -23.72 3.98
N GLY G 124 -35.21 -22.93 3.80
CA GLY G 124 -35.40 -21.72 4.57
C GLY G 124 -34.57 -20.53 4.16
N MET G 125 -33.83 -20.64 3.06
CA MET G 125 -32.92 -19.55 2.70
C MET G 125 -33.66 -18.30 2.23
N PHE G 126 -34.95 -18.39 1.93
CA PHE G 126 -35.75 -17.23 1.57
C PHE G 126 -36.54 -16.69 2.76
N ALA G 127 -36.28 -17.21 3.96
CA ALA G 127 -36.86 -16.71 5.24
C ALA G 127 -38.38 -16.66 5.09
N SER G 128 -39.03 -15.55 5.44
CA SER G 128 -40.48 -15.45 5.45
C SER G 128 -41.04 -14.94 4.13
N HIS G 129 -40.21 -14.81 3.09
CA HIS G 129 -40.70 -14.24 1.83
C HIS G 129 -41.54 -15.19 0.99
N PRO G 130 -41.30 -16.50 0.96
CA PRO G 130 -42.27 -17.39 0.32
C PRO G 130 -43.56 -17.45 1.14
N THR G 131 -44.70 -17.56 0.44
CA THR G 131 -45.96 -17.82 1.14
C THR G 131 -45.96 -19.19 1.79
N HIS G 132 -45.47 -20.21 1.07
CA HIS G 132 -45.32 -21.57 1.56
C HIS G 132 -43.91 -22.04 1.28
N SER G 133 -43.35 -22.81 2.21
CA SER G 133 -42.04 -23.40 2.00
C SER G 133 -42.15 -24.90 2.21
N ILE G 134 -41.65 -25.67 1.25
CA ILE G 134 -41.61 -27.12 1.34
C ILE G 134 -40.15 -27.53 1.24
N SER G 135 -39.64 -28.16 2.29
CA SER G 135 -38.30 -28.74 2.27
C SER G 135 -38.50 -30.25 2.14
N LEU G 136 -38.50 -30.73 0.91
CA LEU G 136 -38.79 -32.12 0.65
C LEU G 136 -37.69 -33.02 1.22
N PRO G 137 -38.03 -34.22 1.64
CA PRO G 137 -37.02 -35.14 2.16
C PRO G 137 -36.24 -35.80 1.02
N ARG G 138 -35.18 -36.49 1.42
CA ARG G 138 -34.39 -37.32 0.52
C ARG G 138 -35.32 -38.32 -0.17
N PRO G 139 -35.31 -38.41 -1.49
CA PRO G 139 -36.25 -39.30 -2.18
C PRO G 139 -36.10 -40.76 -1.75
N THR G 140 -37.24 -41.40 -1.48
CA THR G 140 -37.26 -42.81 -1.11
C THR G 140 -38.64 -43.38 -1.42
N GLN G 141 -38.64 -44.67 -1.76
CA GLN G 141 -39.90 -45.39 -1.95
C GLN G 141 -40.63 -45.69 -0.63
N ASP G 142 -39.95 -45.57 0.50
CA ASP G 142 -40.62 -45.77 1.77
C ASP G 142 -41.55 -44.63 2.14
N ILE G 143 -41.52 -43.53 1.40
CA ILE G 143 -42.48 -42.44 1.56
C ILE G 143 -43.47 -42.52 0.40
N PRO G 144 -44.77 -42.69 0.66
CA PRO G 144 -45.70 -42.94 -0.44
C PRO G 144 -45.84 -41.73 -1.36
N ALA G 145 -46.07 -42.03 -2.64
CA ALA G 145 -46.27 -40.96 -3.61
C ALA G 145 -47.47 -40.07 -3.24
N ARG G 146 -48.48 -40.63 -2.56
CA ARG G 146 -49.65 -39.84 -2.16
C ARG G 146 -49.30 -38.79 -1.11
N TRP G 147 -48.22 -39.00 -0.35
CA TRP G 147 -47.72 -37.98 0.55
C TRP G 147 -47.12 -36.81 -0.23
N LEU G 148 -46.29 -37.13 -1.23
CA LEU G 148 -45.65 -36.09 -2.03
C LEU G 148 -46.68 -35.24 -2.75
N VAL G 149 -47.62 -35.88 -3.45
CA VAL G 149 -48.65 -35.12 -4.16
C VAL G 149 -49.54 -34.37 -3.18
N SER G 150 -49.80 -34.95 -2.00
CA SER G 150 -50.65 -34.22 -1.07
C SER G 150 -49.95 -32.98 -0.53
N THR G 151 -48.64 -33.06 -0.33
CA THR G 151 -47.90 -31.89 0.12
C THR G 151 -47.94 -30.80 -0.96
N ILE G 152 -47.71 -31.17 -2.22
CA ILE G 152 -47.78 -30.16 -3.28
C ILE G 152 -49.19 -29.57 -3.38
N ASP G 153 -50.21 -30.43 -3.32
CA ASP G 153 -51.60 -29.98 -3.46
C ASP G 153 -52.02 -29.09 -2.31
N HIS G 154 -51.55 -29.38 -1.09
CA HIS G 154 -51.81 -28.45 0.00
C HIS G 154 -51.18 -27.11 -0.29
N ALA G 155 -49.92 -27.11 -0.74
CA ALA G 155 -49.21 -25.84 -0.97
C ALA G 155 -49.90 -24.99 -2.04
N LEU G 156 -50.28 -25.62 -3.17
CA LEU G 156 -50.87 -24.87 -4.28
C LEU G 156 -52.35 -24.56 -4.05
N GLY G 157 -53.05 -25.46 -3.38
CA GLY G 157 -54.48 -25.26 -3.18
C GLY G 157 -54.77 -24.10 -2.25
N THR G 158 -53.95 -23.94 -1.20
CA THR G 158 -54.14 -22.86 -0.23
C THR G 158 -53.36 -21.61 -0.59
N LEU G 159 -52.78 -21.56 -1.78
CA LEU G 159 -51.96 -20.42 -2.15
C LEU G 159 -52.89 -19.27 -2.58
N HIS G 160 -53.09 -18.32 -1.67
CA HIS G 160 -53.85 -17.14 -2.04
C HIS G 160 -53.04 -16.23 -2.97
N ALA G 161 -51.74 -16.13 -2.73
CA ALA G 161 -50.87 -15.21 -3.45
C ALA G 161 -49.43 -15.50 -3.04
N GLY G 162 -48.49 -15.10 -3.91
CA GLY G 162 -47.08 -15.16 -3.58
C GLY G 162 -46.42 -16.46 -4.00
N GLY G 163 -45.16 -16.57 -3.64
CA GLY G 163 -44.34 -17.67 -4.10
C GLY G 163 -44.35 -18.88 -3.18
N VAL G 164 -43.99 -20.02 -3.76
CA VAL G 164 -43.82 -21.27 -3.03
C VAL G 164 -42.42 -21.76 -3.32
N HIS G 165 -41.66 -21.98 -2.27
CA HIS G 165 -40.33 -22.55 -2.37
C HIS G 165 -40.45 -24.05 -2.11
N ILE G 166 -40.09 -24.85 -3.12
CA ILE G 166 -40.06 -26.31 -2.98
C ILE G 166 -38.62 -26.76 -3.16
N ASN G 167 -37.94 -27.07 -2.05
CA ASN G 167 -36.57 -27.54 -2.12
C ASN G 167 -36.55 -29.04 -2.39
N CYS G 168 -35.79 -29.44 -3.42
CA CYS G 168 -35.83 -30.80 -3.95
C CYS G 168 -34.43 -31.41 -3.96
N PRO G 169 -34.03 -32.07 -2.87
CA PRO G 169 -32.73 -32.76 -2.88
C PRO G 169 -32.76 -34.01 -3.75
N PHE G 170 -31.65 -34.24 -4.45
CA PHE G 170 -31.51 -35.43 -5.28
C PHE G 170 -30.10 -35.98 -5.13
N ALA G 171 -30.00 -37.27 -4.88
CA ALA G 171 -28.72 -37.95 -4.80
C ALA G 171 -28.33 -38.48 -6.16
N GLU G 172 -27.02 -38.46 -6.43
CA GLU G 172 -26.47 -39.10 -7.62
C GLU G 172 -26.53 -40.62 -7.46
N PRO G 173 -26.51 -41.37 -8.57
CA PRO G 173 -26.39 -40.92 -9.97
C PRO G 173 -27.64 -40.22 -10.47
N LEU G 174 -27.45 -39.18 -11.27
CA LEU G 174 -28.56 -38.43 -11.84
C LEU G 174 -28.91 -38.89 -13.24
N TYR G 175 -27.99 -39.55 -13.92
CA TYR G 175 -28.14 -39.94 -15.31
C TYR G 175 -28.14 -41.45 -15.44
N GLY G 176 -28.66 -41.93 -16.55
CA GLY G 176 -28.80 -43.36 -16.79
C GLY G 176 -30.12 -43.63 -17.47
N GLU G 177 -30.24 -44.84 -18.01
CA GLU G 177 -31.47 -45.24 -18.67
C GLU G 177 -32.62 -45.40 -17.67
N MET G 178 -33.83 -45.05 -18.12
CA MET G 178 -35.03 -45.30 -17.33
C MET G 178 -35.29 -46.80 -17.25
N ASP G 179 -35.40 -47.32 -16.03
CA ASP G 179 -35.96 -48.66 -15.86
C ASP G 179 -37.27 -48.56 -15.08
N ASP G 180 -37.77 -49.66 -14.53
CA ASP G 180 -39.06 -49.62 -13.85
C ASP G 180 -38.95 -49.34 -12.35
N THR G 181 -37.79 -48.91 -11.87
CA THR G 181 -37.67 -48.52 -10.48
C THR G 181 -38.63 -47.37 -10.21
N GLY G 182 -39.51 -47.57 -9.25
CA GLY G 182 -40.46 -46.56 -8.85
C GLY G 182 -41.76 -46.50 -9.63
N LEU G 183 -41.91 -47.32 -10.68
CA LEU G 183 -43.13 -47.34 -11.49
C LEU G 183 -44.33 -47.85 -10.69
N SER G 184 -44.15 -48.96 -9.96
CA SER G 184 -45.19 -49.48 -9.06
C SER G 184 -45.55 -48.45 -7.98
N TRP G 185 -44.52 -47.79 -7.43
CA TRP G 185 -44.70 -46.71 -6.47
C TRP G 185 -45.60 -45.62 -7.04
N GLN G 186 -45.34 -45.24 -8.30
CA GLN G 186 -46.19 -44.27 -9.00
C GLN G 186 -47.60 -44.79 -9.21
N GLN G 187 -47.73 -46.07 -9.56
CA GLN G 187 -49.04 -46.65 -9.88
C GLN G 187 -49.91 -46.80 -8.65
N ARG G 188 -49.33 -46.64 -7.45
CA ARG G 188 -50.18 -46.57 -6.26
C ARG G 188 -51.12 -45.36 -6.30
N LEU G 189 -50.90 -44.40 -7.18
CA LEU G 189 -51.85 -43.31 -7.34
C LEU G 189 -53.02 -43.65 -8.27
N GLY G 190 -53.03 -44.83 -8.91
CA GLY G 190 -54.19 -45.24 -9.68
C GLY G 190 -54.44 -44.34 -10.89
N ASP G 191 -55.71 -44.13 -11.23
CA ASP G 191 -56.00 -43.33 -12.41
C ASP G 191 -55.90 -41.82 -12.16
N TRP G 192 -55.37 -41.41 -11.00
CA TRP G 192 -55.03 -40.00 -10.80
C TRP G 192 -54.15 -39.49 -11.93
N TRP G 193 -53.32 -40.36 -12.49
CA TRP G 193 -52.46 -39.98 -13.60
C TRP G 193 -53.28 -39.59 -14.83
N GLN G 194 -54.50 -40.10 -14.95
CA GLN G 194 -55.37 -39.74 -16.07
C GLN G 194 -56.42 -38.70 -15.70
N ASP G 195 -56.37 -38.16 -14.49
CA ASP G 195 -57.36 -37.22 -14.03
C ASP G 195 -56.87 -35.80 -14.32
N ASP G 196 -57.75 -34.83 -14.15
CA ASP G 196 -57.37 -33.44 -14.38
C ASP G 196 -57.46 -32.60 -13.10
N LYS G 197 -57.68 -33.25 -11.96
CA LYS G 197 -57.84 -32.62 -10.66
C LYS G 197 -56.64 -32.91 -9.77
N PRO G 198 -56.46 -32.11 -8.72
CA PRO G 198 -55.48 -32.48 -7.70
C PRO G 198 -55.89 -33.76 -6.99
N TRP G 199 -54.89 -34.46 -6.46
CA TRP G 199 -55.14 -35.61 -5.60
C TRP G 199 -55.90 -35.22 -4.33
N LEU G 200 -55.47 -34.15 -3.69
CA LEU G 200 -56.15 -33.61 -2.52
C LEU G 200 -56.60 -32.22 -2.85
N ARG G 201 -57.90 -32.02 -2.83
CA ARG G 201 -58.48 -30.72 -3.16
C ARG G 201 -58.70 -29.95 -1.87
N GLU G 202 -57.89 -28.92 -1.68
CA GLU G 202 -57.95 -28.05 -0.52
C GLU G 202 -57.76 -26.63 -1.06
N ALA G 203 -58.86 -25.92 -1.27
CA ALA G 203 -58.82 -24.60 -1.90
C ALA G 203 -59.79 -23.66 -1.19
N PRO G 204 -59.57 -23.42 0.10
CA PRO G 204 -60.44 -22.49 0.82
C PRO G 204 -60.20 -21.08 0.31
N ARG G 205 -61.25 -20.26 0.35
CA ARG G 205 -61.24 -18.92 -0.18
C ARG G 205 -61.12 -17.91 0.95
N LEU G 206 -60.32 -16.89 0.75
CA LEU G 206 -60.14 -15.83 1.74
C LEU G 206 -60.78 -14.57 1.19
N GLU G 207 -61.81 -14.08 1.87
CA GLU G 207 -62.58 -12.95 1.33
C GLU G 207 -63.32 -12.26 2.46
N SER G 208 -63.37 -10.93 2.39
CA SER G 208 -64.09 -10.14 3.38
C SER G 208 -65.59 -10.19 3.15
N GLU G 209 -66.33 -10.02 4.24
CA GLU G 209 -67.78 -10.01 4.20
C GLU G 209 -68.31 -8.66 3.73
N LYS G 210 -69.58 -8.67 3.32
CA LYS G 210 -70.26 -7.45 2.91
C LYS G 210 -70.34 -6.45 4.04
N GLN G 211 -70.10 -5.18 3.72
CA GLN G 211 -70.15 -4.12 4.71
C GLN G 211 -71.61 -3.70 4.85
N ARG G 212 -72.20 -4.06 5.99
CA ARG G 212 -73.63 -3.91 6.20
C ARG G 212 -74.04 -2.46 6.32
N ASP G 213 -73.09 -1.55 6.52
CA ASP G 213 -73.42 -0.13 6.65
C ASP G 213 -73.03 0.65 5.41
N TRP G 214 -72.79 -0.05 4.28
CA TRP G 214 -72.36 0.63 3.06
C TRP G 214 -73.42 1.59 2.54
N PHE G 215 -74.71 1.25 2.68
CA PHE G 215 -75.75 2.19 2.26
C PHE G 215 -75.78 3.46 3.12
N PHE G 216 -75.22 3.40 4.34
CA PHE G 216 -74.99 4.62 5.10
C PHE G 216 -73.81 5.41 4.54
N TRP G 217 -72.69 4.72 4.31
CA TRP G 217 -71.44 5.40 3.96
C TRP G 217 -71.41 5.91 2.52
N ARG G 218 -72.14 5.26 1.61
CA ARG G 218 -72.15 5.72 0.23
C ARG G 218 -72.87 7.05 0.07
N GLN G 219 -73.64 7.47 1.07
CA GLN G 219 -74.31 8.77 1.00
C GLN G 219 -73.47 9.91 1.57
N LYS G 220 -72.30 9.62 2.13
CA LYS G 220 -71.42 10.66 2.67
C LYS G 220 -70.50 11.24 1.59
N ARG G 221 -69.77 12.29 1.97
CA ARG G 221 -68.81 12.88 1.06
C ARG G 221 -67.59 11.98 1.01
N GLY G 222 -67.46 11.21 -0.07
CA GLY G 222 -66.36 10.29 -0.21
C GLY G 222 -65.40 10.69 -1.30
N VAL G 223 -64.19 10.14 -1.23
CA VAL G 223 -63.15 10.26 -2.24
C VAL G 223 -62.79 8.84 -2.67
N VAL G 224 -62.57 8.66 -3.96
CA VAL G 224 -62.15 7.35 -4.47
C VAL G 224 -60.71 7.48 -4.91
N VAL G 225 -59.85 6.63 -4.36
CA VAL G 225 -58.46 6.52 -4.78
C VAL G 225 -58.28 5.18 -5.47
N ALA G 226 -57.77 5.20 -6.69
CA ALA G 226 -57.57 3.98 -7.46
C ALA G 226 -56.07 3.73 -7.62
N GLY G 227 -55.58 2.66 -7.00
CA GLY G 227 -54.23 2.18 -7.14
C GLY G 227 -54.16 1.08 -8.18
N ARG G 228 -53.20 0.18 -8.01
CA ARG G 228 -53.00 -0.88 -9.01
C ARG G 228 -54.15 -1.87 -8.98
N MET G 229 -54.63 -2.22 -10.17
CA MET G 229 -55.72 -3.17 -10.37
C MET G 229 -55.68 -3.60 -11.83
N SER G 230 -56.58 -4.51 -12.19
CA SER G 230 -56.68 -4.93 -13.58
C SER G 230 -57.33 -3.84 -14.43
N ALA G 231 -57.22 -3.97 -15.73
CA ALA G 231 -57.76 -2.93 -16.61
C ALA G 231 -59.28 -2.88 -16.53
N GLU G 232 -59.93 -4.04 -16.49
CA GLU G 232 -61.39 -4.10 -16.33
C GLU G 232 -61.83 -3.45 -15.03
N GLU G 233 -61.16 -3.82 -13.93
CA GLU G 233 -61.43 -3.18 -12.65
C GLU G 233 -61.29 -1.67 -12.73
N GLY G 234 -60.32 -1.19 -13.52
CA GLY G 234 -60.17 0.25 -13.68
C GLY G 234 -61.40 0.90 -14.30
N LYS G 235 -61.90 0.32 -15.41
CA LYS G 235 -63.11 0.91 -15.98
C LYS G 235 -64.29 0.85 -15.02
N LYS G 236 -64.44 -0.27 -14.31
CA LYS G 236 -65.55 -0.39 -13.39
C LYS G 236 -65.44 0.59 -12.23
N VAL G 237 -64.23 0.81 -11.71
CA VAL G 237 -64.07 1.78 -10.63
C VAL G 237 -64.37 3.19 -11.11
N ALA G 238 -63.95 3.53 -12.35
CA ALA G 238 -64.27 4.85 -12.90
C ALA G 238 -65.79 5.08 -12.96
N LEU G 239 -66.54 4.09 -13.46
CA LEU G 239 -68.02 4.15 -13.43
C LEU G 239 -68.58 4.27 -12.03
N TRP G 240 -68.07 3.47 -11.11
CA TRP G 240 -68.57 3.45 -9.74
C TRP G 240 -68.39 4.83 -9.10
N ALA G 241 -67.18 5.40 -9.20
CA ALA G 241 -66.92 6.72 -8.63
C ALA G 241 -67.73 7.83 -9.32
N GLN G 242 -67.81 7.79 -10.64
CA GLN G 242 -68.64 8.80 -11.30
C GLN G 242 -70.10 8.68 -10.87
N THR G 243 -70.60 7.45 -10.70
CA THR G 243 -71.97 7.31 -10.24
C THR G 243 -72.18 7.88 -8.85
N LEU G 244 -71.23 7.63 -7.95
CA LEU G 244 -71.31 8.16 -6.58
C LEU G 244 -71.17 9.69 -6.51
N GLY G 245 -70.61 10.31 -7.53
CA GLY G 245 -70.31 11.72 -7.46
C GLY G 245 -69.09 12.04 -6.63
N TRP G 246 -68.22 11.06 -6.39
CA TRP G 246 -67.01 11.26 -5.62
C TRP G 246 -65.82 11.50 -6.54
N PRO G 247 -64.93 12.43 -6.21
CA PRO G 247 -63.74 12.62 -7.05
C PRO G 247 -62.87 11.37 -7.10
N LEU G 248 -62.38 11.05 -8.29
CA LEU G 248 -61.55 9.89 -8.53
C LEU G 248 -60.10 10.35 -8.71
N ILE G 249 -59.24 9.95 -7.77
CA ILE G 249 -57.79 10.13 -7.87
C ILE G 249 -57.23 8.83 -8.46
N GLY G 250 -56.81 8.88 -9.73
CA GLY G 250 -56.46 7.68 -10.48
C GLY G 250 -54.97 7.57 -10.73
N ASP G 251 -54.41 6.42 -10.31
CA ASP G 251 -52.99 6.15 -10.49
C ASP G 251 -52.67 5.77 -11.94
N VAL G 252 -51.38 5.91 -12.29
CA VAL G 252 -50.92 5.40 -13.59
C VAL G 252 -51.19 3.91 -13.71
N LEU G 253 -51.23 3.20 -12.58
CA LEU G 253 -51.47 1.75 -12.60
C LEU G 253 -52.96 1.38 -12.56
N SER G 254 -53.88 2.35 -12.45
CA SER G 254 -55.28 2.00 -12.21
C SER G 254 -56.08 1.78 -13.48
N GLN G 255 -55.61 2.30 -14.62
CA GLN G 255 -56.35 2.18 -15.87
C GLN G 255 -57.81 2.62 -15.72
N THR G 256 -58.03 3.65 -14.89
CA THR G 256 -59.35 4.21 -14.71
C THR G 256 -59.71 5.26 -15.76
N GLY G 257 -58.74 5.70 -16.55
CA GLY G 257 -58.93 6.87 -17.39
C GLY G 257 -58.56 8.16 -16.70
N GLN G 258 -58.28 8.14 -15.40
CA GLN G 258 -57.83 9.30 -14.64
C GLN G 258 -58.63 10.56 -14.96
N PRO G 259 -59.92 10.61 -14.59
CA PRO G 259 -60.74 11.79 -14.94
C PRO G 259 -60.27 13.09 -14.33
N LEU G 260 -59.51 13.04 -13.24
CA LEU G 260 -58.88 14.22 -12.67
C LEU G 260 -57.37 14.10 -12.80
N PRO G 261 -56.85 14.29 -14.00
CA PRO G 261 -55.44 13.94 -14.25
C PRO G 261 -54.48 14.90 -13.56
N CYS G 262 -53.21 14.52 -13.59
CA CYS G 262 -52.13 15.33 -12.99
C CYS G 262 -52.37 15.53 -11.50
N ALA G 263 -52.92 14.51 -10.86
CA ALA G 263 -53.14 14.62 -9.43
C ALA G 263 -51.83 14.91 -8.69
N ASP G 264 -50.70 14.39 -9.16
CA ASP G 264 -49.44 14.69 -8.49
C ASP G 264 -49.11 16.17 -8.52
N LEU G 265 -49.74 16.93 -9.43
CA LEU G 265 -49.58 18.38 -9.46
C LEU G 265 -50.66 19.08 -8.63
N TRP G 266 -51.95 18.80 -8.87
CA TRP G 266 -52.96 19.57 -8.17
C TRP G 266 -53.14 19.17 -6.71
N LEU G 267 -52.70 17.98 -6.32
CA LEU G 267 -52.70 17.69 -4.90
C LEU G 267 -51.71 18.54 -4.12
N GLY G 268 -50.81 19.24 -4.80
CA GLY G 268 -49.93 20.20 -4.19
C GLY G 268 -50.53 21.57 -4.01
N ASN G 269 -51.76 21.76 -4.50
CA ASN G 269 -52.41 23.06 -4.35
C ASN G 269 -53.28 23.02 -3.09
N ALA G 270 -53.11 24.04 -2.23
CA ALA G 270 -53.76 24.03 -0.93
C ALA G 270 -55.28 24.05 -1.03
N LYS G 271 -55.81 24.65 -2.09
CA LYS G 271 -57.26 24.66 -2.30
C LYS G 271 -57.79 23.25 -2.48
N ALA G 272 -57.03 22.38 -3.15
CA ALA G 272 -57.47 21.01 -3.35
C ALA G 272 -57.52 20.24 -2.04
N THR G 273 -56.42 20.26 -1.27
CA THR G 273 -56.43 19.52 0.00
C THR G 273 -57.44 20.11 0.97
N SER G 274 -57.60 21.43 0.94
CA SER G 274 -58.62 22.06 1.77
C SER G 274 -60.02 21.58 1.38
N GLU G 275 -60.30 21.43 0.07
CA GLU G 275 -61.58 20.86 -0.34
C GLU G 275 -61.70 19.40 0.09
N LEU G 276 -60.61 18.64 0.00
CA LEU G 276 -60.63 17.24 0.41
C LEU G 276 -60.74 17.05 1.92
N GLN G 277 -60.56 18.09 2.74
CA GLN G 277 -60.76 17.93 4.18
C GLN G 277 -62.22 17.59 4.50
N GLN G 278 -63.16 17.97 3.63
CA GLN G 278 -64.55 17.67 3.91
C GLN G 278 -64.88 16.21 3.69
N ALA G 279 -63.98 15.42 3.10
CA ALA G 279 -64.26 14.01 2.91
C ALA G 279 -64.41 13.30 4.25
N GLN G 280 -65.54 12.64 4.44
CA GLN G 280 -65.75 11.88 5.67
C GLN G 280 -65.33 10.42 5.52
N ILE G 281 -65.23 9.92 4.29
CA ILE G 281 -64.75 8.56 4.02
C ILE G 281 -63.89 8.57 2.76
N VAL G 282 -62.85 7.75 2.76
CA VAL G 282 -62.02 7.47 1.59
C VAL G 282 -62.11 5.99 1.29
N VAL G 283 -62.47 5.66 0.07
CA VAL G 283 -62.49 4.27 -0.36
C VAL G 283 -61.39 4.11 -1.41
N GLN G 284 -60.34 3.40 -1.04
CA GLN G 284 -59.25 3.13 -1.94
C GLN G 284 -59.38 1.71 -2.48
N LEU G 285 -59.25 1.57 -3.78
CA LEU G 285 -59.20 0.25 -4.40
C LEU G 285 -57.84 0.11 -5.03
N GLY G 286 -57.17 -0.99 -4.73
CA GLY G 286 -55.79 -1.16 -5.13
C GLY G 286 -54.83 -0.52 -4.13
N SER G 287 -53.55 -0.67 -4.43
CA SER G 287 -52.50 -0.21 -3.52
C SER G 287 -51.26 0.08 -4.35
N SER G 288 -50.12 0.22 -3.67
CA SER G 288 -48.87 0.62 -4.30
C SER G 288 -49.04 1.95 -5.06
N LEU G 289 -49.60 2.94 -4.36
CA LEU G 289 -49.80 4.26 -4.94
C LEU G 289 -48.48 4.90 -5.35
N THR G 290 -48.48 5.55 -6.51
CA THR G 290 -47.23 6.01 -7.11
C THR G 290 -46.79 7.39 -6.63
N GLY G 291 -47.70 8.37 -6.68
CA GLY G 291 -47.27 9.76 -6.61
C GLY G 291 -46.91 10.22 -5.21
N LYS G 292 -45.89 11.07 -5.15
CA LYS G 292 -45.45 11.61 -3.88
C LYS G 292 -46.52 12.52 -3.26
N ARG G 293 -47.17 13.36 -4.09
CA ARG G 293 -48.19 14.24 -3.53
C ARG G 293 -49.41 13.46 -3.06
N LEU G 294 -49.73 12.37 -3.77
CA LEU G 294 -50.82 11.51 -3.32
C LEU G 294 -50.46 10.84 -1.99
N LEU G 295 -49.23 10.36 -1.85
CA LEU G 295 -48.82 9.72 -0.60
C LEU G 295 -48.80 10.71 0.55
N GLN G 296 -48.39 11.95 0.29
CA GLN G 296 -48.42 12.96 1.34
C GLN G 296 -49.84 13.32 1.73
N TRP G 297 -50.76 13.44 0.76
CA TRP G 297 -52.15 13.72 1.11
C TRP G 297 -52.78 12.57 1.87
N GLN G 298 -52.57 11.33 1.42
CA GLN G 298 -53.05 10.19 2.18
C GLN G 298 -52.55 10.26 3.61
N ALA G 299 -51.26 10.56 3.78
CA ALA G 299 -50.70 10.68 5.12
C ALA G 299 -51.35 11.78 5.92
N SER G 300 -51.77 12.87 5.27
CA SER G 300 -52.29 14.03 5.98
C SER G 300 -53.80 14.00 6.22
N CYS G 301 -54.55 13.31 5.37
CA CYS G 301 -56.00 13.34 5.41
C CYS G 301 -56.50 12.59 6.63
N GLU G 302 -57.62 13.05 7.19
CA GLU G 302 -58.21 12.48 8.39
C GLU G 302 -59.71 12.26 8.21
N PRO G 303 -60.12 11.41 7.27
CA PRO G 303 -61.54 11.06 7.17
C PRO G 303 -61.94 10.25 8.39
N GLU G 304 -63.25 10.20 8.65
CA GLU G 304 -63.74 9.32 9.69
C GLU G 304 -63.31 7.88 9.44
N GLU G 305 -63.39 7.44 8.19
CA GLU G 305 -63.01 6.08 7.85
C GLU G 305 -62.20 6.07 6.56
N TYR G 306 -61.20 5.18 6.53
CA TYR G 306 -60.35 4.94 5.37
C TYR G 306 -60.42 3.46 5.07
N TRP G 307 -60.94 3.10 3.89
CA TRP G 307 -61.07 1.71 3.49
C TRP G 307 -60.09 1.45 2.35
N ILE G 308 -59.45 0.28 2.38
CA ILE G 308 -58.64 -0.18 1.25
C ILE G 308 -59.17 -1.52 0.80
N VAL G 309 -59.69 -1.60 -0.44
CA VAL G 309 -60.18 -2.83 -1.03
C VAL G 309 -59.11 -3.38 -1.98
N ASP G 310 -58.69 -4.63 -1.75
CA ASP G 310 -57.70 -5.27 -2.62
C ASP G 310 -57.70 -6.79 -2.36
N ASP G 311 -57.29 -7.56 -3.37
CA ASP G 311 -57.25 -9.01 -3.26
C ASP G 311 -55.90 -9.48 -2.74
N ILE G 312 -55.14 -8.56 -2.17
CA ILE G 312 -53.81 -8.67 -1.58
C ILE G 312 -54.04 -8.77 -0.07
N GLU G 313 -53.23 -9.57 0.64
CA GLU G 313 -53.49 -9.65 2.08
C GLU G 313 -52.73 -8.57 2.85
N GLY G 314 -53.13 -8.35 4.10
CA GLY G 314 -52.36 -7.51 5.00
C GLY G 314 -52.67 -6.03 4.90
N ARG G 315 -52.06 -5.27 5.81
CA ARG G 315 -52.22 -3.83 5.82
C ARG G 315 -51.59 -3.21 4.59
N LEU G 316 -52.30 -2.26 3.99
CA LEU G 316 -51.85 -1.59 2.78
C LEU G 316 -51.84 -0.08 2.93
N ASP G 317 -52.14 0.44 4.13
CA ASP G 317 -52.16 1.87 4.36
C ASP G 317 -50.90 2.26 5.13
N PRO G 318 -49.87 2.80 4.46
CA PRO G 318 -48.65 3.20 5.18
C PRO G 318 -48.84 4.37 6.12
N ALA G 319 -50.04 4.94 6.19
CA ALA G 319 -50.35 5.98 7.16
C ALA G 319 -51.18 5.48 8.33
N HIS G 320 -51.61 4.22 8.31
CA HIS G 320 -52.26 3.56 9.45
C HIS G 320 -53.56 4.24 9.87
N HIS G 321 -54.41 4.58 8.89
CA HIS G 321 -55.67 5.23 9.23
C HIS G 321 -56.61 4.31 10.00
N ARG G 322 -57.44 4.93 10.82
CA ARG G 322 -58.64 4.29 11.34
C ARG G 322 -59.58 3.98 10.20
N GLY G 323 -59.97 2.71 10.10
CA GLY G 323 -60.82 2.27 9.01
C GLY G 323 -60.86 0.76 8.79
N ARG G 324 -60.87 0.36 7.52
CA ARG G 324 -61.13 -1.03 7.15
C ARG G 324 -60.16 -1.49 6.07
N ARG G 325 -59.80 -2.76 6.20
CA ARG G 325 -58.93 -3.45 5.25
C ARG G 325 -59.87 -4.52 4.71
N LEU G 326 -60.12 -4.49 3.40
CA LEU G 326 -61.09 -5.41 2.83
C LEU G 326 -60.42 -6.25 1.75
N ILE G 327 -60.44 -7.57 1.93
CA ILE G 327 -59.79 -8.52 1.05
C ILE G 327 -60.85 -9.07 0.10
N ALA G 328 -60.70 -8.77 -1.19
CA ALA G 328 -61.70 -9.14 -2.18
C ALA G 328 -61.17 -8.88 -3.57
N ASN G 329 -61.73 -9.60 -4.54
CA ASN G 329 -61.60 -9.17 -5.93
C ASN G 329 -62.36 -7.85 -6.10
N ILE G 330 -61.70 -6.85 -6.71
CA ILE G 330 -62.25 -5.49 -6.72
C ILE G 330 -63.57 -5.44 -7.47
N ALA G 331 -63.68 -6.16 -8.59
CA ALA G 331 -64.94 -6.19 -9.33
C ALA G 331 -66.04 -6.82 -8.49
N ASP G 332 -65.76 -7.99 -7.89
CA ASP G 332 -66.72 -8.62 -7.00
C ASP G 332 -67.12 -7.69 -5.89
N TRP G 333 -66.14 -6.95 -5.34
CA TRP G 333 -66.44 -6.03 -4.24
C TRP G 333 -67.36 -4.89 -4.70
N LEU G 334 -67.16 -4.39 -5.92
CA LEU G 334 -68.03 -3.33 -6.43
C LEU G 334 -69.45 -3.83 -6.69
N GLU G 335 -69.61 -5.08 -7.17
CA GLU G 335 -70.97 -5.59 -7.29
C GLU G 335 -71.61 -5.85 -5.92
N LEU G 336 -70.81 -6.23 -4.92
CA LEU G 336 -71.35 -6.40 -3.58
C LEU G 336 -71.62 -5.07 -2.90
N HIS G 337 -70.93 -4.00 -3.31
CA HIS G 337 -71.11 -2.67 -2.74
C HIS G 337 -71.38 -1.69 -3.89
N PRO G 338 -72.56 -1.76 -4.47
CA PRO G 338 -72.83 -0.97 -5.67
C PRO G 338 -72.96 0.51 -5.35
N ALA G 339 -72.76 1.31 -6.38
CA ALA G 339 -72.91 2.75 -6.24
C ALA G 339 -74.37 3.14 -6.35
N GLU G 340 -74.67 4.29 -5.79
CA GLU G 340 -75.96 4.98 -5.90
C GLU G 340 -75.71 6.32 -6.58
N LYS G 341 -76.60 6.69 -7.51
CA LYS G 341 -76.47 7.96 -8.21
C LYS G 341 -76.62 9.13 -7.25
N ARG G 342 -75.55 9.95 -7.14
CA ARG G 342 -75.51 11.06 -6.21
C ARG G 342 -74.81 12.24 -6.85
N GLN G 343 -75.26 13.41 -6.53
CA GLN G 343 -74.70 14.60 -7.05
C GLN G 343 -73.24 14.77 -6.57
N PRO G 344 -72.33 15.08 -7.48
CA PRO G 344 -70.93 15.32 -7.09
C PRO G 344 -70.81 16.50 -6.15
N TRP G 345 -69.92 16.36 -5.16
CA TRP G 345 -69.74 17.36 -4.13
C TRP G 345 -68.49 18.21 -4.29
N CYS G 346 -67.52 17.81 -5.12
CA CYS G 346 -66.33 18.61 -5.34
C CYS G 346 -66.53 19.67 -6.42
N VAL G 347 -66.06 20.90 -6.14
CA VAL G 347 -66.20 22.02 -7.06
C VAL G 347 -64.85 22.59 -7.49
N GLU G 348 -63.90 22.68 -6.56
CA GLU G 348 -62.63 23.32 -6.94
C GLU G 348 -61.69 22.35 -7.65
N ILE G 349 -61.70 21.07 -7.29
CA ILE G 349 -60.71 20.11 -7.79
C ILE G 349 -60.84 19.86 -9.29
N PRO G 350 -62.05 19.73 -9.88
CA PRO G 350 -62.10 19.61 -11.35
C PRO G 350 -61.47 20.80 -12.06
N ARG G 351 -61.73 22.02 -11.57
CA ARG G 351 -61.11 23.20 -12.18
C ARG G 351 -59.59 23.13 -12.06
N LEU G 352 -59.10 22.79 -10.86
CA LEU G 352 -57.66 22.71 -10.63
C LEU G 352 -57.01 21.64 -11.50
N ALA G 353 -57.69 20.51 -11.69
CA ALA G 353 -57.11 19.45 -12.52
C ALA G 353 -57.03 19.89 -13.97
N GLU G 354 -58.10 20.54 -14.47
CA GLU G 354 -58.05 21.07 -15.82
C GLU G 354 -56.89 22.04 -16.00
N GLN G 355 -56.69 22.94 -15.03
CA GLN G 355 -55.58 23.90 -15.15
C GLN G 355 -54.22 23.20 -15.08
N ALA G 356 -54.08 22.17 -14.25
CA ALA G 356 -52.82 21.45 -14.17
C ALA G 356 -52.49 20.77 -15.50
N MET G 357 -53.47 20.08 -16.08
CA MET G 357 -53.26 19.48 -17.39
C MET G 357 -52.90 20.53 -18.44
N GLN G 358 -53.58 21.68 -18.42
CA GLN G 358 -53.23 22.73 -19.38
C GLN G 358 -51.80 23.19 -19.20
N ALA G 359 -51.35 23.34 -17.96
CA ALA G 359 -49.97 23.73 -17.70
C ALA G 359 -49.01 22.69 -18.26
N VAL G 360 -49.38 21.40 -18.19
CA VAL G 360 -48.49 20.39 -18.76
C VAL G 360 -48.50 20.46 -20.27
N ILE G 361 -49.68 20.61 -20.86
CA ILE G 361 -49.80 20.65 -22.32
C ILE G 361 -48.98 21.81 -22.88
N ALA G 362 -48.95 22.95 -22.16
CA ALA G 362 -48.21 24.14 -22.60
C ALA G 362 -46.72 23.89 -22.75
N ARG G 363 -46.20 22.82 -22.15
CA ARG G 363 -44.78 22.52 -22.21
C ARG G 363 -44.52 21.22 -22.96
N ARG G 364 -45.46 20.80 -23.82
CA ARG G 364 -45.41 19.47 -24.40
C ARG G 364 -44.35 19.29 -25.50
N ASP G 365 -43.77 20.37 -26.03
CA ASP G 365 -43.02 20.34 -27.30
C ASP G 365 -41.54 19.98 -27.15
N ALA G 366 -40.89 20.38 -26.07
CA ALA G 366 -39.46 20.10 -25.92
C ALA G 366 -39.23 18.60 -26.00
N PHE G 367 -38.08 18.21 -26.56
CA PHE G 367 -37.75 16.79 -26.78
C PHE G 367 -37.05 16.21 -25.54
N GLY G 368 -37.86 16.04 -24.47
CA GLY G 368 -37.34 15.58 -23.20
C GLY G 368 -38.18 14.45 -22.63
N GLU G 369 -37.70 13.91 -21.50
CA GLU G 369 -38.33 12.73 -20.94
C GLU G 369 -39.68 13.05 -20.30
N ALA G 370 -39.83 14.25 -19.72
CA ALA G 370 -41.13 14.68 -19.19
C ALA G 370 -42.16 14.81 -20.29
N GLN G 371 -41.78 15.36 -21.44
CA GLN G 371 -42.68 15.44 -22.58
C GLN G 371 -42.98 14.06 -23.14
N LEU G 372 -42.01 13.14 -23.12
CA LEU G 372 -42.29 11.78 -23.55
C LEU G 372 -43.35 11.16 -22.65
N ALA G 373 -43.18 11.30 -21.34
CA ALA G 373 -44.17 10.77 -20.40
C ALA G 373 -45.53 11.40 -20.62
N HIS G 374 -45.57 12.72 -20.81
CA HIS G 374 -46.83 13.40 -21.03
C HIS G 374 -47.53 12.89 -22.28
N ARG G 375 -46.77 12.67 -23.35
CA ARG G 375 -47.35 12.32 -24.63
C ARG G 375 -47.47 10.82 -24.85
N ILE G 376 -47.10 10.00 -23.87
CA ILE G 376 -47.00 8.57 -24.10
C ILE G 376 -48.37 7.98 -24.47
N CYS G 377 -49.47 8.62 -24.04
CA CYS G 377 -50.79 8.12 -24.38
C CYS G 377 -51.04 8.12 -25.88
N ASP G 378 -50.42 9.05 -26.62
CA ASP G 378 -50.55 9.08 -28.08
C ASP G 378 -49.72 8.03 -28.80
N TYR G 379 -48.89 7.25 -28.09
CA TYR G 379 -48.02 6.27 -28.73
C TYR G 379 -48.30 4.84 -28.28
N LEU G 380 -49.37 4.62 -27.52
CA LEU G 380 -49.70 3.30 -27.03
C LEU G 380 -50.07 2.39 -28.21
N PRO G 381 -49.49 1.19 -28.30
CA PRO G 381 -49.83 0.32 -29.44
C PRO G 381 -51.26 -0.15 -29.33
N GLU G 382 -51.94 -0.20 -30.46
CA GLU G 382 -53.35 -0.62 -30.47
C GLU G 382 -53.48 -2.07 -30.04
N GLN G 383 -54.46 -2.33 -29.17
CA GLN G 383 -54.66 -3.66 -28.60
C GLN G 383 -53.39 -4.16 -27.92
N GLY G 384 -52.57 -3.23 -27.44
CA GLY G 384 -51.31 -3.55 -26.83
C GLY G 384 -51.36 -3.42 -25.33
N GLN G 385 -50.17 -3.31 -24.73
CA GLN G 385 -50.04 -3.17 -23.29
C GLN G 385 -48.80 -2.34 -23.00
N LEU G 386 -48.83 -1.68 -21.85
CA LEU G 386 -47.73 -0.81 -21.42
C LEU G 386 -47.04 -1.40 -20.20
N PHE G 387 -45.72 -1.55 -20.29
CA PHE G 387 -44.88 -1.89 -19.16
C PHE G 387 -44.02 -0.67 -18.81
N VAL G 388 -44.21 -0.15 -17.60
CA VAL G 388 -43.56 1.06 -17.12
C VAL G 388 -42.50 0.66 -16.10
N GLY G 389 -41.27 1.15 -16.30
CA GLY G 389 -40.18 0.88 -15.39
C GLY G 389 -40.28 1.70 -14.11
N ASN G 390 -39.23 1.61 -13.31
CA ASN G 390 -39.22 2.30 -12.04
C ASN G 390 -38.42 3.59 -12.15
N SER G 391 -38.26 4.28 -11.03
CA SER G 391 -37.59 5.59 -10.97
C SER G 391 -38.43 6.62 -11.72
N LEU G 392 -37.83 7.47 -12.57
CA LEU G 392 -38.55 8.67 -13.02
C LEU G 392 -39.68 8.37 -13.98
N VAL G 393 -39.58 7.33 -14.81
CA VAL G 393 -40.57 7.15 -15.88
C VAL G 393 -41.97 6.96 -15.30
N VAL G 394 -42.10 6.11 -14.26
CA VAL G 394 -43.42 5.83 -13.67
C VAL G 394 -43.97 7.06 -12.99
N ALA G 395 -43.10 7.86 -12.35
CA ALA G 395 -43.52 9.09 -11.70
C ALA G 395 -43.93 10.16 -12.72
N LEU G 396 -43.18 10.29 -13.82
CA LEU G 396 -43.52 11.30 -14.81
C LEU G 396 -44.78 10.94 -15.57
N ILE G 397 -44.96 9.67 -15.93
CA ILE G 397 -46.21 9.25 -16.55
C ILE G 397 -47.38 9.45 -15.60
N ASP G 398 -47.19 9.08 -14.32
CA ASP G 398 -48.25 9.28 -13.34
C ASP G 398 -48.60 10.76 -13.19
N ALA G 399 -47.59 11.64 -13.26
CA ALA G 399 -47.83 13.05 -13.00
C ALA G 399 -48.31 13.84 -14.21
N LEU G 400 -47.91 13.43 -15.41
CA LEU G 400 -48.01 14.29 -16.57
C LEU G 400 -48.90 13.78 -17.68
N SER G 401 -49.36 12.53 -17.61
CA SER G 401 -50.15 11.94 -18.69
C SER G 401 -51.51 11.49 -18.16
N GLN G 402 -52.43 11.32 -19.08
CA GLN G 402 -53.75 10.77 -18.82
C GLN G 402 -53.86 9.54 -19.71
N LEU G 403 -53.64 8.40 -19.13
CA LEU G 403 -53.69 7.18 -19.91
C LEU G 403 -55.14 6.71 -20.01
N PRO G 404 -55.54 6.15 -21.15
CA PRO G 404 -56.96 5.81 -21.33
C PRO G 404 -57.46 4.72 -20.40
N ALA G 405 -58.74 4.81 -20.08
CA ALA G 405 -59.39 3.79 -19.26
C ALA G 405 -59.26 2.41 -19.88
N GLY G 406 -59.00 1.42 -19.04
CA GLY G 406 -58.99 0.04 -19.52
C GLY G 406 -57.79 -0.37 -20.36
N TYR G 407 -56.84 0.51 -20.62
CA TYR G 407 -55.65 0.10 -21.35
C TYR G 407 -54.65 -0.55 -20.40
N PRO G 408 -54.23 -1.79 -20.64
CA PRO G 408 -53.46 -2.54 -19.63
C PRO G 408 -52.09 -1.91 -19.36
N VAL G 409 -51.83 -1.67 -18.08
CA VAL G 409 -50.52 -1.23 -17.61
C VAL G 409 -49.98 -2.31 -16.68
N TYR G 410 -48.70 -2.64 -16.84
CA TYR G 410 -47.98 -3.56 -15.98
C TYR G 410 -46.71 -2.89 -15.45
N SER G 411 -46.28 -3.34 -14.27
CA SER G 411 -45.15 -2.74 -13.59
C SER G 411 -44.65 -3.70 -12.51
N ASN G 412 -43.49 -3.37 -11.94
CA ASN G 412 -42.92 -4.05 -10.77
C ASN G 412 -42.87 -3.02 -9.65
N ARG G 413 -44.02 -2.72 -9.03
CA ARG G 413 -44.12 -1.67 -8.03
C ARG G 413 -44.33 -2.19 -6.62
N GLY G 414 -44.06 -3.47 -6.38
CA GLY G 414 -44.06 -3.96 -5.01
C GLY G 414 -42.85 -3.40 -4.28
N ALA G 415 -41.69 -3.97 -4.57
CA ALA G 415 -40.45 -3.45 -4.03
C ALA G 415 -39.81 -2.39 -4.93
N SER G 416 -40.31 -2.21 -6.16
CA SER G 416 -39.84 -1.16 -7.07
C SER G 416 -38.35 -1.31 -7.40
N GLY G 417 -37.90 -2.56 -7.57
CA GLY G 417 -36.53 -2.80 -7.97
C GLY G 417 -36.29 -2.42 -9.42
N ILE G 418 -35.07 -1.95 -9.69
CA ILE G 418 -34.65 -1.71 -11.07
C ILE G 418 -33.86 -2.89 -11.61
N ASP G 419 -33.98 -4.07 -10.97
CA ASP G 419 -33.08 -5.18 -11.28
C ASP G 419 -33.63 -6.22 -12.24
N GLY G 420 -34.91 -6.18 -12.60
CA GLY G 420 -35.41 -7.20 -13.49
C GLY G 420 -36.45 -6.74 -14.50
N LEU G 421 -36.36 -5.49 -14.96
CA LEU G 421 -37.44 -4.91 -15.76
C LEU G 421 -37.45 -5.44 -17.19
N LEU G 422 -36.29 -5.72 -17.76
CA LEU G 422 -36.24 -6.20 -19.13
C LEU G 422 -36.85 -7.61 -19.22
N SER G 423 -36.41 -8.51 -18.35
CA SER G 423 -36.93 -9.88 -18.34
C SER G 423 -38.39 -9.93 -17.94
N THR G 424 -38.79 -9.10 -16.98
CA THR G 424 -40.21 -9.03 -16.64
C THR G 424 -41.02 -8.62 -17.85
N ALA G 425 -40.55 -7.62 -18.60
CA ALA G 425 -41.27 -7.17 -19.79
C ALA G 425 -41.37 -8.30 -20.80
N ALA G 426 -40.31 -9.09 -20.96
CA ALA G 426 -40.38 -10.24 -21.85
C ALA G 426 -41.45 -11.22 -21.40
N GLY G 427 -41.55 -11.47 -20.09
CA GLY G 427 -42.59 -12.36 -19.59
C GLY G 427 -43.99 -11.80 -19.81
N VAL G 428 -44.14 -10.49 -19.61
CA VAL G 428 -45.41 -9.81 -19.86
C VAL G 428 -45.85 -10.03 -21.30
N GLN G 429 -44.91 -9.82 -22.23
CA GLN G 429 -45.22 -9.96 -23.65
C GLN G 429 -45.55 -11.41 -23.97
N ARG G 430 -44.71 -12.34 -23.54
CA ARG G 430 -44.94 -13.73 -23.91
C ARG G 430 -46.25 -14.25 -23.34
N ALA G 431 -46.66 -13.75 -22.18
CA ALA G 431 -47.90 -14.19 -21.56
C ALA G 431 -49.12 -13.70 -22.32
N SER G 432 -49.14 -12.42 -22.73
CA SER G 432 -50.37 -11.97 -23.39
C SER G 432 -50.35 -12.15 -24.90
N GLY G 433 -49.18 -12.26 -25.53
CA GLY G 433 -49.09 -12.26 -26.97
C GLY G 433 -49.39 -10.92 -27.61
N LYS G 434 -49.49 -9.88 -26.83
CA LYS G 434 -49.86 -8.57 -27.34
C LYS G 434 -48.63 -7.74 -27.68
N PRO G 435 -48.77 -6.83 -28.64
CA PRO G 435 -47.72 -5.83 -28.86
C PRO G 435 -47.53 -5.00 -27.59
N THR G 436 -46.29 -4.75 -27.25
CA THR G 436 -45.94 -4.22 -25.94
C THR G 436 -45.04 -3.02 -26.09
N LEU G 437 -45.35 -1.97 -25.33
CA LEU G 437 -44.47 -0.82 -25.15
C LEU G 437 -43.90 -0.90 -23.75
N ALA G 438 -42.58 -1.01 -23.64
CA ALA G 438 -41.86 -1.07 -22.37
C ALA G 438 -40.92 0.14 -22.29
N ILE G 439 -40.90 0.82 -21.15
CA ILE G 439 -40.14 2.06 -20.98
C ILE G 439 -39.33 1.97 -19.70
N VAL G 440 -38.01 2.13 -19.80
CA VAL G 440 -37.10 1.98 -18.67
C VAL G 440 -36.02 3.05 -18.74
N GLY G 441 -35.32 3.22 -17.59
CA GLY G 441 -34.17 4.12 -17.51
C GLY G 441 -32.86 3.46 -17.93
N ASP G 442 -31.82 4.30 -18.02
CA ASP G 442 -30.53 3.79 -18.52
C ASP G 442 -29.87 2.82 -17.53
N LEU G 443 -29.85 3.19 -16.24
CA LEU G 443 -29.29 2.27 -15.24
C LEU G 443 -30.14 1.00 -15.13
N SER G 444 -31.47 1.13 -15.24
CA SER G 444 -32.34 -0.04 -15.26
C SER G 444 -32.02 -0.95 -16.43
N ALA G 445 -31.83 -0.36 -17.62
CA ALA G 445 -31.49 -1.15 -18.80
C ALA G 445 -30.14 -1.84 -18.62
N LEU G 446 -29.16 -1.15 -18.03
CA LEU G 446 -27.88 -1.79 -17.71
C LEU G 446 -28.04 -2.93 -16.72
N TYR G 447 -28.87 -2.72 -15.70
CA TYR G 447 -28.99 -3.73 -14.65
C TYR G 447 -29.39 -5.08 -15.24
N ASP G 448 -30.39 -5.10 -16.13
CA ASP G 448 -30.88 -6.35 -16.69
C ASP G 448 -30.48 -6.47 -18.16
N LEU G 449 -29.28 -5.99 -18.49
CA LEU G 449 -28.85 -5.89 -19.89
C LEU G 449 -28.86 -7.24 -20.59
N ASN G 450 -28.41 -8.31 -19.92
CA ASN G 450 -28.37 -9.60 -20.64
C ASN G 450 -29.76 -10.14 -20.93
N ALA G 451 -30.81 -9.57 -20.32
CA ALA G 451 -32.17 -9.94 -20.67
C ALA G 451 -32.52 -9.57 -22.09
N LEU G 452 -31.72 -8.73 -22.76
CA LEU G 452 -31.92 -8.52 -24.18
C LEU G 452 -31.90 -9.86 -24.92
N ALA G 453 -31.15 -10.85 -24.39
CA ALA G 453 -31.20 -12.17 -24.99
C ALA G 453 -32.64 -12.69 -25.06
N LEU G 454 -33.38 -12.57 -23.95
CA LEU G 454 -34.77 -13.00 -23.95
C LEU G 454 -35.60 -12.22 -24.95
N LEU G 455 -35.28 -10.94 -25.17
CA LEU G 455 -36.10 -10.14 -26.05
C LEU G 455 -35.85 -10.47 -27.52
N ARG G 456 -34.95 -11.43 -27.79
CA ARG G 456 -34.87 -11.93 -29.15
C ARG G 456 -36.05 -12.83 -29.52
N GLN G 457 -36.89 -13.23 -28.55
CA GLN G 457 -38.06 -14.09 -28.77
C GLN G 457 -39.28 -13.42 -28.15
N VAL G 458 -39.99 -12.68 -28.97
CA VAL G 458 -41.30 -12.14 -28.59
C VAL G 458 -42.28 -12.61 -29.65
N SER G 459 -43.53 -12.78 -29.26
CA SER G 459 -44.53 -13.24 -30.21
C SER G 459 -45.28 -12.10 -30.90
N ALA G 460 -45.03 -10.85 -30.49
CA ALA G 460 -45.64 -9.66 -31.06
C ALA G 460 -44.65 -8.52 -30.88
N PRO G 461 -44.80 -7.42 -31.63
CA PRO G 461 -43.82 -6.33 -31.53
C PRO G 461 -43.70 -5.82 -30.10
N LEU G 462 -42.45 -5.63 -29.66
CA LEU G 462 -42.16 -4.99 -28.39
C LEU G 462 -41.22 -3.82 -28.66
N VAL G 463 -41.66 -2.63 -28.30
CA VAL G 463 -40.80 -1.44 -28.36
C VAL G 463 -40.23 -1.24 -26.96
N LEU G 464 -38.91 -1.17 -26.85
CA LEU G 464 -38.26 -0.90 -25.57
C LEU G 464 -37.67 0.51 -25.66
N ILE G 465 -38.30 1.46 -24.99
CA ILE G 465 -37.74 2.79 -24.91
C ILE G 465 -36.78 2.82 -23.72
N VAL G 466 -35.53 3.15 -23.98
CA VAL G 466 -34.53 3.36 -22.94
C VAL G 466 -34.30 4.87 -22.86
N VAL G 467 -34.78 5.50 -21.78
CA VAL G 467 -34.53 6.92 -21.55
C VAL G 467 -33.14 7.07 -20.94
N ASN G 468 -32.22 7.67 -21.69
CA ASN G 468 -30.84 7.77 -21.23
C ASN G 468 -30.61 9.23 -20.82
N ASN G 469 -30.73 9.48 -19.53
CA ASN G 469 -30.38 10.77 -18.96
C ASN G 469 -29.06 10.71 -18.20
N ASN G 470 -28.28 9.65 -18.48
CA ASN G 470 -26.92 9.43 -17.97
C ASN G 470 -26.89 9.37 -16.45
N GLY G 471 -27.57 8.37 -15.90
CA GLY G 471 -27.54 8.13 -14.48
C GLY G 471 -28.93 8.02 -13.91
N GLY G 472 -28.99 7.91 -12.58
CA GLY G 472 -30.26 7.84 -11.89
C GLY G 472 -30.77 9.22 -11.50
N GLN G 473 -31.44 9.89 -12.44
CA GLN G 473 -31.77 11.29 -12.24
C GLN G 473 -32.95 11.50 -11.29
N ILE G 474 -33.57 10.41 -10.80
CA ILE G 474 -34.48 10.58 -9.68
C ILE G 474 -33.76 11.27 -8.52
N PHE G 475 -32.45 11.05 -8.38
CA PHE G 475 -31.66 11.69 -7.34
C PHE G 475 -31.28 13.15 -7.65
N SER G 476 -31.62 13.63 -8.84
CA SER G 476 -31.71 15.07 -9.12
C SER G 476 -33.08 15.63 -8.78
N LEU G 477 -34.11 14.78 -8.67
CA LEU G 477 -35.42 15.21 -8.19
C LEU G 477 -35.45 15.26 -6.66
N LEU G 478 -34.86 14.26 -6.01
CA LEU G 478 -34.74 14.28 -4.57
C LEU G 478 -33.67 15.28 -4.13
N PRO G 479 -33.79 15.84 -2.89
CA PRO G 479 -32.80 16.85 -2.45
C PRO G 479 -31.49 16.24 -1.95
N THR G 480 -30.86 15.41 -2.79
CA THR G 480 -29.59 14.80 -2.43
C THR G 480 -28.50 15.89 -2.35
N PRO G 481 -27.44 15.67 -1.56
CA PRO G 481 -26.42 16.71 -1.45
C PRO G 481 -25.62 16.86 -2.73
N GLN G 482 -25.39 18.12 -3.13
CA GLN G 482 -24.81 18.39 -4.44
C GLN G 482 -23.39 17.85 -4.56
N SER G 483 -22.61 17.89 -3.49
CA SER G 483 -21.20 17.55 -3.63
C SER G 483 -20.99 16.04 -3.80
N GLU G 484 -21.87 15.21 -3.25
CA GLU G 484 -21.76 13.76 -3.40
C GLU G 484 -22.67 13.18 -4.48
N ARG G 485 -23.54 14.01 -5.08
CA ARG G 485 -24.61 13.50 -5.92
C ARG G 485 -24.10 12.72 -7.13
N GLU G 486 -23.15 13.26 -7.88
CA GLU G 486 -22.72 12.57 -9.08
C GLU G 486 -22.09 11.23 -8.76
N ARG G 487 -21.05 11.23 -7.94
CA ARG G 487 -20.30 9.99 -7.73
C ARG G 487 -21.13 8.97 -6.96
N PHE G 488 -21.89 9.40 -5.97
CA PHE G 488 -22.51 8.46 -5.05
C PHE G 488 -24.01 8.27 -5.23
N TYR G 489 -24.68 9.10 -6.05
CA TYR G 489 -26.11 8.96 -6.31
C TYR G 489 -26.39 8.76 -7.79
N LEU G 490 -26.15 9.77 -8.63
CA LEU G 490 -26.49 9.66 -10.05
C LEU G 490 -25.77 8.51 -10.71
N MET G 491 -24.47 8.34 -10.40
CA MET G 491 -23.62 7.32 -10.99
C MET G 491 -23.82 7.24 -12.49
N PRO G 492 -23.46 8.28 -13.23
CA PRO G 492 -23.53 8.18 -14.69
C PRO G 492 -22.56 7.13 -15.18
N GLN G 493 -23.01 6.32 -16.15
CA GLN G 493 -22.20 5.27 -16.77
C GLN G 493 -21.72 5.63 -18.17
N ASN G 494 -22.23 6.71 -18.76
CA ASN G 494 -21.75 7.26 -20.04
C ASN G 494 -21.66 6.19 -21.12
N VAL G 495 -22.81 5.57 -21.39
CA VAL G 495 -22.92 4.56 -22.43
C VAL G 495 -24.08 4.91 -23.34
N HIS G 496 -24.13 4.21 -24.47
CA HIS G 496 -25.33 4.14 -25.27
C HIS G 496 -25.65 2.67 -25.50
N PHE G 497 -26.79 2.38 -26.13
CA PHE G 497 -27.28 1.01 -26.24
C PHE G 497 -27.26 0.49 -27.69
N GLU G 498 -26.59 1.20 -28.59
CA GLU G 498 -26.51 0.75 -29.99
C GLU G 498 -25.79 -0.59 -30.10
N HIS G 499 -24.69 -0.75 -29.38
CA HIS G 499 -23.95 -2.02 -29.45
C HIS G 499 -24.63 -3.13 -28.66
N ALA G 500 -25.36 -2.81 -27.58
CA ALA G 500 -26.14 -3.84 -26.91
C ALA G 500 -27.19 -4.42 -27.84
N ALA G 501 -27.93 -3.55 -28.55
CA ALA G 501 -28.90 -4.04 -29.52
C ALA G 501 -28.21 -4.83 -30.63
N ALA G 502 -27.09 -4.30 -31.14
CA ALA G 502 -26.39 -5.00 -32.21
C ALA G 502 -25.92 -6.38 -31.75
N MET G 503 -25.52 -6.50 -30.48
CA MET G 503 -25.03 -7.78 -29.98
C MET G 503 -26.12 -8.84 -30.07
N PHE G 504 -27.35 -8.46 -29.76
CA PHE G 504 -28.47 -9.39 -29.81
C PHE G 504 -29.32 -9.23 -31.07
N GLU G 505 -28.80 -8.55 -32.10
CA GLU G 505 -29.48 -8.52 -33.39
C GLU G 505 -30.88 -7.94 -33.29
N LEU G 506 -31.02 -6.86 -32.52
CA LEU G 506 -32.28 -6.15 -32.39
C LEU G 506 -32.16 -4.82 -33.12
N LYS G 507 -33.21 -4.47 -33.86
CA LYS G 507 -33.26 -3.16 -34.51
C LYS G 507 -33.13 -2.05 -33.47
N TYR G 508 -32.45 -0.97 -33.86
CA TYR G 508 -32.10 0.10 -32.93
C TYR G 508 -32.32 1.47 -33.57
N HIS G 509 -32.87 2.38 -32.79
CA HIS G 509 -33.04 3.77 -33.20
C HIS G 509 -32.58 4.69 -32.09
N ARG G 510 -31.96 5.81 -32.46
CA ARG G 510 -31.67 6.90 -31.53
C ARG G 510 -32.27 8.17 -32.10
N PRO G 511 -33.58 8.35 -31.96
CA PRO G 511 -34.23 9.50 -32.60
C PRO G 511 -33.80 10.81 -31.95
N GLN G 512 -33.66 11.84 -32.76
CA GLN G 512 -33.31 13.16 -32.25
C GLN G 512 -34.47 14.13 -32.22
N ASN G 513 -35.62 13.77 -32.76
CA ASN G 513 -36.78 14.65 -32.71
C ASN G 513 -38.05 13.79 -32.71
N TRP G 514 -39.19 14.47 -32.56
CA TRP G 514 -40.47 13.77 -32.50
C TRP G 514 -40.77 13.05 -33.83
N GLN G 515 -40.38 13.66 -34.94
CA GLN G 515 -40.61 13.08 -36.26
C GLN G 515 -39.87 11.75 -36.42
N GLU G 516 -38.63 11.69 -35.94
CA GLU G 516 -37.86 10.46 -36.02
C GLU G 516 -38.34 9.43 -35.00
N LEU G 517 -38.81 9.88 -33.83
CA LEU G 517 -39.36 8.94 -32.86
C LEU G 517 -40.59 8.24 -33.42
N GLU G 518 -41.49 9.01 -34.06
CA GLU G 518 -42.67 8.41 -34.68
C GLU G 518 -42.31 7.53 -35.88
N THR G 519 -41.30 7.91 -36.66
CA THR G 519 -40.83 7.04 -37.72
C THR G 519 -40.35 5.71 -37.15
N ALA G 520 -39.59 5.77 -36.07
CA ALA G 520 -39.12 4.55 -35.42
C ALA G 520 -40.29 3.70 -34.91
N PHE G 521 -41.29 4.34 -34.28
CA PHE G 521 -42.46 3.59 -33.80
C PHE G 521 -43.17 2.90 -34.95
N ALA G 522 -43.46 3.65 -36.02
CA ALA G 522 -44.15 3.11 -37.17
C ALA G 522 -43.40 1.92 -37.75
N ASP G 523 -42.07 2.01 -37.81
CA ASP G 523 -41.29 0.87 -38.31
C ASP G 523 -41.38 -0.30 -37.33
N ALA G 524 -41.37 -0.02 -36.02
CA ALA G 524 -41.24 -1.05 -35.01
C ALA G 524 -42.51 -1.90 -34.88
N TRP G 525 -43.69 -1.30 -35.06
CA TRP G 525 -44.90 -2.10 -34.88
C TRP G 525 -45.16 -3.06 -36.04
N ARG G 526 -44.30 -3.13 -37.05
CA ARG G 526 -44.60 -3.90 -38.25
C ARG G 526 -44.18 -5.37 -38.16
N THR G 527 -43.35 -5.76 -37.19
CA THR G 527 -42.94 -7.17 -37.09
C THR G 527 -42.91 -7.73 -35.65
N PRO G 528 -43.06 -9.06 -35.50
CA PRO G 528 -43.01 -9.64 -34.13
C PRO G 528 -41.59 -9.75 -33.59
N THR G 529 -40.97 -8.59 -33.38
CA THR G 529 -39.62 -8.50 -32.87
C THR G 529 -39.54 -7.34 -31.87
N THR G 530 -38.43 -7.29 -31.15
CA THR G 530 -38.15 -6.21 -30.23
C THR G 530 -37.32 -5.12 -30.91
N THR G 531 -37.75 -3.88 -30.81
CA THR G 531 -37.00 -2.74 -31.31
C THR G 531 -36.55 -1.88 -30.14
N VAL G 532 -35.27 -1.52 -30.12
CA VAL G 532 -34.72 -0.71 -29.04
C VAL G 532 -34.68 0.76 -29.49
N ILE G 533 -35.37 1.61 -28.75
CA ILE G 533 -35.37 3.05 -29.02
C ILE G 533 -34.71 3.77 -27.86
N GLU G 534 -33.51 4.31 -28.10
CA GLU G 534 -32.80 5.04 -27.08
C GLU G 534 -33.10 6.53 -27.23
N MET G 535 -33.69 7.12 -26.19
CA MET G 535 -33.98 8.54 -26.17
C MET G 535 -32.94 9.19 -25.30
N VAL G 536 -31.98 9.86 -25.92
CA VAL G 536 -30.91 10.56 -25.22
C VAL G 536 -31.39 11.97 -24.89
N VAL G 537 -31.38 12.31 -23.59
CA VAL G 537 -31.91 13.57 -23.11
C VAL G 537 -30.92 14.23 -22.15
N ASN G 538 -31.11 15.53 -21.94
CA ASN G 538 -30.24 16.25 -21.01
C ASN G 538 -30.56 15.81 -19.59
N ASP G 539 -29.50 15.56 -18.81
CA ASP G 539 -29.62 14.83 -17.55
C ASP G 539 -30.80 15.26 -16.68
N THR G 540 -30.82 16.54 -16.27
CA THR G 540 -31.72 17.00 -15.23
C THR G 540 -32.95 17.71 -15.76
N ASP G 541 -33.17 17.70 -17.08
CA ASP G 541 -34.30 18.44 -17.63
C ASP G 541 -35.63 17.86 -17.16
N GLY G 542 -35.74 16.53 -17.06
CA GLY G 542 -37.00 15.96 -16.64
C GLY G 542 -37.33 16.31 -15.19
N ALA G 543 -36.35 16.10 -14.29
CA ALA G 543 -36.57 16.42 -12.89
C ALA G 543 -36.96 17.88 -12.72
N GLN G 544 -36.20 18.79 -13.35
CA GLN G 544 -36.50 20.20 -13.20
C GLN G 544 -37.85 20.56 -13.79
N THR G 545 -38.21 19.96 -14.93
CA THR G 545 -39.54 20.23 -15.49
C THR G 545 -40.62 19.83 -14.49
N LEU G 546 -40.46 18.68 -13.84
CA LEU G 546 -41.44 18.25 -12.84
C LEU G 546 -41.52 19.22 -11.67
N GLN G 547 -40.36 19.66 -11.16
CA GLN G 547 -40.34 20.59 -10.03
C GLN G 547 -41.02 21.91 -10.41
N GLN G 548 -40.74 22.41 -11.62
CA GLN G 548 -41.34 23.66 -12.07
C GLN G 548 -42.85 23.53 -12.21
N LEU G 549 -43.31 22.43 -12.81
CA LEU G 549 -44.75 22.24 -12.94
C LEU G 549 -45.41 22.12 -11.56
N LEU G 550 -44.73 21.46 -10.61
CA LEU G 550 -45.25 21.38 -9.25
C LEU G 550 -45.44 22.76 -8.65
N ALA G 551 -44.42 23.62 -8.79
CA ALA G 551 -44.53 24.99 -8.29
C ALA G 551 -45.66 25.74 -8.96
N GLN G 552 -45.70 25.72 -10.30
CA GLN G 552 -46.67 26.53 -11.03
C GLN G 552 -48.09 26.13 -10.69
N VAL G 553 -48.37 24.82 -10.69
CA VAL G 553 -49.71 24.37 -10.33
C VAL G 553 -49.99 24.64 -8.85
N SER G 554 -48.96 24.64 -8.00
CA SER G 554 -49.19 24.92 -6.60
C SER G 554 -49.60 26.37 -6.37
N HIS G 555 -49.24 27.28 -7.27
CA HIS G 555 -49.60 28.67 -7.07
C HIS G 555 -50.89 29.06 -7.75
N LEU G 556 -51.65 28.12 -8.31
CA LEU G 556 -52.88 28.49 -9.00
C LEU G 556 -53.98 28.92 -8.04
N MET H 1 -40.42 14.16 30.62
CA MET H 1 -40.18 13.03 29.72
C MET H 1 -39.90 11.75 30.53
N SER H 2 -40.96 11.14 31.05
CA SER H 2 -40.87 9.98 31.92
C SER H 2 -40.95 8.68 31.10
N VAL H 3 -39.89 7.89 31.14
CA VAL H 3 -39.86 6.61 30.43
C VAL H 3 -40.89 5.66 31.01
N SER H 4 -41.01 5.64 32.34
CA SER H 4 -41.92 4.70 33.00
C SER H 4 -43.38 4.98 32.64
N ALA H 5 -43.79 6.25 32.70
CA ALA H 5 -45.16 6.62 32.37
C ALA H 5 -45.47 6.30 30.91
N PHE H 6 -44.56 6.63 29.99
CA PHE H 6 -44.82 6.33 28.59
C PHE H 6 -44.87 4.83 28.31
N ASN H 7 -44.00 4.05 28.99
CA ASN H 7 -44.13 2.60 28.95
C ASN H 7 -45.56 2.18 29.23
N ARG H 8 -46.14 2.78 30.27
CA ARG H 8 -47.50 2.39 30.66
C ARG H 8 -48.55 2.90 29.66
N ARG H 9 -48.30 4.02 28.95
CA ARG H 9 -49.23 4.47 27.91
C ARG H 9 -49.19 3.56 26.69
N TRP H 10 -47.98 3.20 26.25
CA TRP H 10 -47.76 2.23 25.17
C TRP H 10 -48.46 0.90 25.46
N ALA H 11 -48.24 0.38 26.67
CA ALA H 11 -48.91 -0.86 27.10
C ALA H 11 -50.42 -0.68 27.11
N ALA H 12 -50.90 0.46 27.63
CA ALA H 12 -52.34 0.69 27.75
C ALA H 12 -53.01 0.67 26.38
N VAL H 13 -52.32 1.17 25.35
CA VAL H 13 -52.84 1.05 24.00
C VAL H 13 -52.93 -0.42 23.59
N ILE H 14 -51.90 -1.23 23.90
CA ILE H 14 -51.92 -2.64 23.49
C ILE H 14 -53.12 -3.39 24.11
N LEU H 15 -53.29 -3.26 25.43
CA LEU H 15 -54.36 -4.00 26.11
C LEU H 15 -55.74 -3.51 25.67
N GLU H 16 -55.91 -2.19 25.60
CA GLU H 16 -57.19 -1.67 25.13
C GLU H 16 -57.50 -2.18 23.74
N ALA H 17 -56.49 -2.26 22.87
CA ALA H 17 -56.69 -2.79 21.52
C ALA H 17 -57.22 -4.20 21.56
N LEU H 18 -56.67 -5.03 22.46
CA LEU H 18 -57.13 -6.41 22.60
C LEU H 18 -58.60 -6.48 23.00
N THR H 19 -59.07 -5.56 23.85
CA THR H 19 -60.49 -5.66 24.24
C THR H 19 -61.44 -5.51 23.05
N ARG H 20 -61.00 -4.93 21.94
CA ARG H 20 -61.90 -4.76 20.81
C ARG H 20 -62.05 -6.02 19.98
N HIS H 21 -61.34 -7.09 20.32
CA HIS H 21 -61.38 -8.36 19.60
C HIS H 21 -61.92 -9.49 20.48
N GLY H 22 -62.61 -9.17 21.57
CA GLY H 22 -63.23 -10.19 22.39
C GLY H 22 -62.37 -10.74 23.50
N VAL H 23 -61.21 -10.12 23.76
CA VAL H 23 -60.33 -10.55 24.85
C VAL H 23 -60.96 -10.10 26.17
N ARG H 24 -61.44 -11.07 26.94
CA ARG H 24 -61.97 -10.84 28.28
C ARG H 24 -61.11 -11.44 29.36
N HIS H 25 -60.63 -12.67 29.19
CA HIS H 25 -59.76 -13.30 30.18
C HIS H 25 -58.30 -12.95 29.92
N ILE H 26 -57.58 -12.60 31.00
CA ILE H 26 -56.15 -12.35 30.91
C ILE H 26 -55.45 -13.07 32.05
N CYS H 27 -54.43 -13.85 31.70
CA CYS H 27 -53.69 -14.66 32.66
C CYS H 27 -52.32 -14.04 32.86
N ILE H 28 -51.98 -13.78 34.11
CA ILE H 28 -50.83 -12.98 34.49
C ILE H 28 -50.00 -13.76 35.47
N ALA H 29 -48.72 -13.88 35.18
CA ALA H 29 -47.68 -14.39 36.04
C ALA H 29 -46.84 -13.22 36.55
N PRO H 30 -46.15 -13.39 37.69
CA PRO H 30 -45.47 -12.25 38.31
C PRO H 30 -44.14 -11.93 37.67
N GLY H 31 -43.75 -10.66 37.78
CA GLY H 31 -42.46 -10.23 37.25
C GLY H 31 -42.32 -8.73 37.42
N SER H 32 -41.10 -8.26 37.16
CA SER H 32 -40.82 -6.83 37.19
C SER H 32 -40.86 -6.22 35.79
N ARG H 33 -40.17 -6.85 34.82
CA ARG H 33 -40.11 -6.32 33.45
C ARG H 33 -41.49 -6.22 32.81
N SER H 34 -42.43 -7.05 33.24
CA SER H 34 -43.79 -7.04 32.69
C SER H 34 -44.67 -5.95 33.30
N THR H 35 -44.13 -5.13 34.22
CA THR H 35 -44.91 -4.11 34.92
C THR H 35 -45.77 -3.24 34.01
N PRO H 36 -45.29 -2.68 32.91
CA PRO H 36 -46.21 -1.87 32.08
C PRO H 36 -47.43 -2.64 31.60
N LEU H 37 -47.25 -3.87 31.12
CA LEU H 37 -48.38 -4.67 30.67
C LEU H 37 -49.31 -5.01 31.83
N THR H 38 -48.73 -5.47 32.94
CA THR H 38 -49.52 -5.92 34.08
C THR H 38 -50.33 -4.79 34.70
N LEU H 39 -49.72 -3.60 34.81
CA LEU H 39 -50.47 -2.46 35.35
C LEU H 39 -51.52 -1.98 34.36
N ALA H 40 -51.21 -1.99 33.05
CA ALA H 40 -52.23 -1.64 32.06
C ALA H 40 -53.42 -2.58 32.14
N ALA H 41 -53.17 -3.87 32.33
CA ALA H 41 -54.26 -4.83 32.43
C ALA H 41 -55.01 -4.68 33.76
N ALA H 42 -54.28 -4.41 34.85
CA ALA H 42 -54.91 -4.29 36.16
C ALA H 42 -55.84 -3.08 36.24
N GLU H 43 -55.54 -2.02 35.49
CA GLU H 43 -56.34 -0.81 35.45
C GLU H 43 -57.49 -0.88 34.45
N ASN H 44 -57.53 -1.89 33.61
CA ASN H 44 -58.54 -1.98 32.55
C ASN H 44 -59.72 -2.83 33.01
N SER H 45 -60.89 -2.20 33.13
CA SER H 45 -62.07 -2.85 33.68
C SER H 45 -62.73 -3.85 32.73
N ALA H 46 -62.21 -3.99 31.52
CA ALA H 46 -62.78 -4.97 30.60
C ALA H 46 -62.37 -6.40 30.92
N PHE H 47 -61.33 -6.59 31.75
CA PHE H 47 -60.68 -7.89 31.91
C PHE H 47 -61.12 -8.64 33.17
N ILE H 48 -61.13 -9.95 33.06
CA ILE H 48 -61.11 -10.87 34.20
C ILE H 48 -59.68 -11.38 34.33
N HIS H 49 -59.07 -11.13 35.50
CA HIS H 49 -57.66 -11.41 35.74
C HIS H 49 -57.49 -12.76 36.46
N HIS H 50 -56.64 -13.61 35.91
CA HIS H 50 -56.21 -14.84 36.57
C HIS H 50 -54.73 -14.76 36.81
N THR H 51 -54.28 -15.32 37.94
CA THR H 51 -52.88 -15.29 38.33
C THR H 51 -52.37 -16.70 38.59
N HIS H 52 -51.07 -16.90 38.37
CA HIS H 52 -50.42 -18.18 38.67
C HIS H 52 -48.91 -17.98 38.66
N PHE H 53 -48.21 -18.80 39.43
CA PHE H 53 -46.76 -18.69 39.58
C PHE H 53 -45.98 -19.56 38.59
N ASP H 54 -46.61 -20.57 37.99
CA ASP H 54 -45.98 -21.44 37.01
C ASP H 54 -46.47 -21.01 35.62
N GLU H 55 -45.57 -20.50 34.80
CA GLU H 55 -45.98 -19.94 33.51
C GLU H 55 -46.44 -21.03 32.55
N ARG H 56 -45.94 -22.27 32.70
CA ARG H 56 -46.43 -23.36 31.87
C ARG H 56 -47.88 -23.69 32.22
N GLY H 57 -48.18 -23.78 33.52
CA GLY H 57 -49.57 -23.88 33.93
C GLY H 57 -50.38 -22.65 33.56
N LEU H 58 -49.76 -21.46 33.56
CA LEU H 58 -50.48 -20.26 33.15
C LEU H 58 -50.91 -20.35 31.70
N GLY H 59 -50.01 -20.81 30.83
CA GLY H 59 -50.35 -21.03 29.45
C GLY H 59 -51.47 -22.03 29.28
N HIS H 60 -51.43 -23.13 30.04
CA HIS H 60 -52.49 -24.12 29.88
C HIS H 60 -53.82 -23.64 30.48
N LEU H 61 -53.77 -22.79 31.51
CA LEU H 61 -54.99 -22.18 32.04
C LEU H 61 -55.65 -21.30 30.99
N ALA H 62 -54.86 -20.46 30.33
CA ALA H 62 -55.37 -19.67 29.22
C ALA H 62 -55.86 -20.57 28.09
N LEU H 63 -55.17 -21.69 27.86
CA LEU H 63 -55.60 -22.62 26.82
C LEU H 63 -56.99 -23.18 27.12
N GLY H 64 -57.25 -23.58 28.36
CA GLY H 64 -58.56 -24.10 28.72
C GLY H 64 -59.65 -23.04 28.69
N LEU H 65 -59.34 -21.86 29.21
CA LEU H 65 -60.29 -20.76 29.13
C LEU H 65 -60.69 -20.48 27.68
N ALA H 66 -59.70 -20.38 26.77
CA ALA H 66 -59.99 -20.14 25.37
C ALA H 66 -60.72 -21.33 24.75
N LYS H 67 -60.34 -22.54 25.17
CA LYS H 67 -60.97 -23.75 24.71
C LYS H 67 -62.48 -23.71 24.93
N VAL H 68 -62.91 -23.28 26.11
CA VAL H 68 -64.35 -23.28 26.40
C VAL H 68 -65.02 -22.01 25.85
N SER H 69 -64.43 -20.85 26.10
CA SER H 69 -65.10 -19.60 25.78
C SER H 69 -65.13 -19.27 24.28
N LYS H 70 -64.24 -19.86 23.49
CA LYS H 70 -64.14 -19.57 22.06
C LYS H 70 -63.82 -18.10 21.80
N GLN H 71 -63.20 -17.45 22.77
CA GLN H 71 -62.70 -16.09 22.65
C GLN H 71 -61.18 -16.14 22.61
N PRO H 72 -60.53 -15.10 22.12
CA PRO H 72 -59.07 -15.01 22.35
C PRO H 72 -58.80 -14.71 23.81
N VAL H 73 -57.77 -15.36 24.36
CA VAL H 73 -57.38 -15.18 25.76
C VAL H 73 -55.94 -14.68 25.81
N ALA H 74 -55.72 -13.64 26.61
CA ALA H 74 -54.41 -13.01 26.69
C ALA H 74 -53.62 -13.56 27.87
N VAL H 75 -52.30 -13.55 27.72
CA VAL H 75 -51.34 -13.99 28.72
C VAL H 75 -50.26 -12.94 28.84
N ILE H 76 -49.86 -12.60 30.06
CA ILE H 76 -48.77 -11.66 30.30
C ILE H 76 -47.69 -12.38 31.08
N VAL H 77 -46.45 -12.36 30.56
CA VAL H 77 -45.35 -12.92 31.34
C VAL H 77 -44.16 -11.96 31.27
N THR H 78 -43.28 -12.09 32.25
CA THR H 78 -42.06 -11.33 32.28
C THR H 78 -41.04 -11.93 31.33
N SER H 79 -39.89 -11.29 31.22
CA SER H 79 -38.88 -11.75 30.28
C SER H 79 -38.11 -12.95 30.83
N GLY H 80 -37.51 -13.70 29.93
CA GLY H 80 -36.64 -14.78 30.34
C GLY H 80 -37.27 -16.15 30.13
N THR H 81 -36.88 -17.12 30.95
CA THR H 81 -37.42 -18.47 30.79
C THR H 81 -38.92 -18.52 31.00
N ALA H 82 -39.46 -17.51 31.71
CA ALA H 82 -40.91 -17.40 31.84
C ALA H 82 -41.55 -17.45 30.46
N VAL H 83 -40.96 -16.76 29.50
CA VAL H 83 -41.48 -16.79 28.14
C VAL H 83 -41.43 -18.21 27.57
N ALA H 84 -40.33 -18.92 27.80
CA ALA H 84 -40.17 -20.27 27.24
C ALA H 84 -41.21 -21.23 27.78
N ASN H 85 -41.60 -21.09 29.05
CA ASN H 85 -42.60 -21.98 29.66
C ASN H 85 -43.97 -21.92 28.98
N LEU H 86 -44.24 -20.92 28.12
CA LEU H 86 -45.50 -20.85 27.37
C LEU H 86 -45.53 -21.75 26.14
N TYR H 87 -44.41 -22.34 25.74
CA TYR H 87 -44.30 -23.09 24.52
C TYR H 87 -45.26 -24.29 24.35
N PRO H 88 -45.42 -25.14 25.36
CA PRO H 88 -46.36 -26.28 25.17
C PRO H 88 -47.81 -25.88 24.87
N ALA H 89 -48.40 -24.98 25.68
CA ALA H 89 -49.76 -24.54 25.42
C ALA H 89 -49.85 -23.82 24.07
N LEU H 90 -48.80 -23.08 23.69
CA LEU H 90 -48.80 -22.43 22.38
C LEU H 90 -48.82 -23.45 21.24
N ILE H 91 -48.04 -24.53 21.37
CA ILE H 91 -48.01 -25.58 20.36
C ILE H 91 -49.39 -26.23 20.26
N GLU H 92 -49.98 -26.55 21.41
CA GLU H 92 -51.30 -27.16 21.40
C GLU H 92 -52.32 -26.22 20.76
N ALA H 93 -52.20 -24.92 21.05
CA ALA H 93 -53.08 -23.93 20.43
C ALA H 93 -52.90 -23.93 18.91
N GLY H 94 -51.67 -24.08 18.44
CA GLY H 94 -51.42 -24.18 17.02
C GLY H 94 -52.04 -25.41 16.40
N LEU H 95 -52.25 -26.46 17.19
CA LEU H 95 -52.87 -27.65 16.61
C LEU H 95 -54.41 -27.65 16.67
N THR H 96 -55.01 -27.16 17.75
CA THR H 96 -56.46 -27.25 17.92
C THR H 96 -57.20 -25.93 17.75
N GLY H 97 -56.48 -24.81 17.65
CA GLY H 97 -57.08 -23.57 17.21
C GLY H 97 -57.34 -22.53 18.25
N GLU H 98 -57.12 -22.82 19.53
CA GLU H 98 -57.34 -21.82 20.58
C GLU H 98 -56.54 -20.56 20.27
N LYS H 99 -57.15 -19.40 20.56
CA LYS H 99 -56.55 -18.09 20.30
C LYS H 99 -55.91 -17.57 21.59
N LEU H 100 -54.61 -17.77 21.72
CA LEU H 100 -53.81 -17.28 22.84
C LEU H 100 -52.97 -16.11 22.36
N ILE H 101 -53.10 -14.98 23.05
CA ILE H 101 -52.34 -13.78 22.76
C ILE H 101 -51.23 -13.71 23.82
N LEU H 102 -49.99 -13.98 23.44
CA LEU H 102 -48.89 -14.05 24.37
C LEU H 102 -48.18 -12.70 24.37
N LEU H 103 -48.36 -11.95 25.46
CA LEU H 103 -47.70 -10.66 25.70
C LEU H 103 -46.49 -10.92 26.59
N THR H 104 -45.33 -10.96 25.97
CA THR H 104 -44.12 -11.38 26.63
C THR H 104 -43.21 -10.17 26.80
N ALA H 105 -43.05 -9.72 28.03
CA ALA H 105 -42.18 -8.59 28.28
C ALA H 105 -40.75 -8.95 27.88
N ASP H 106 -40.01 -7.95 27.44
CA ASP H 106 -38.64 -8.15 27.00
C ASP H 106 -37.78 -7.01 27.53
N ARG H 107 -36.49 -7.29 27.65
CA ARG H 107 -35.50 -6.23 27.83
C ARG H 107 -35.41 -5.40 26.56
N PRO H 108 -35.01 -4.13 26.65
CA PRO H 108 -34.84 -3.33 25.44
C PRO H 108 -33.65 -3.84 24.64
N PRO H 109 -33.51 -3.46 23.36
CA PRO H 109 -32.43 -4.03 22.53
C PRO H 109 -31.04 -3.81 23.09
N GLU H 110 -30.79 -2.71 23.81
CA GLU H 110 -29.46 -2.45 24.33
C GLU H 110 -29.06 -3.38 25.47
N LEU H 111 -29.94 -4.26 25.94
CA LEU H 111 -29.58 -5.22 26.97
C LEU H 111 -29.64 -6.65 26.47
N ILE H 112 -29.60 -6.86 25.15
CA ILE H 112 -29.61 -8.19 24.56
C ILE H 112 -28.19 -8.58 24.17
N ASP H 113 -27.86 -9.87 24.37
CA ASP H 113 -26.55 -10.45 24.10
C ASP H 113 -25.40 -9.64 24.68
N CYS H 114 -25.57 -9.22 25.94
CA CYS H 114 -24.48 -8.53 26.60
C CYS H 114 -24.32 -8.97 28.05
N GLY H 115 -24.80 -10.16 28.42
CA GLY H 115 -24.63 -10.64 29.78
C GLY H 115 -25.55 -10.05 30.81
N ALA H 116 -26.63 -9.37 30.40
CA ALA H 116 -27.55 -8.82 31.37
C ALA H 116 -28.41 -9.93 32.00
N ASN H 117 -28.78 -9.74 33.25
CA ASN H 117 -29.50 -10.78 33.96
C ASN H 117 -30.94 -10.86 33.44
N GLN H 118 -31.45 -12.05 33.25
CA GLN H 118 -32.79 -12.27 32.80
C GLN H 118 -33.09 -11.73 31.39
N ALA H 119 -32.07 -11.67 30.57
CA ALA H 119 -32.24 -11.14 29.21
C ALA H 119 -31.86 -12.22 28.21
N ILE H 120 -32.81 -12.61 27.36
CA ILE H 120 -32.57 -13.62 26.35
C ILE H 120 -33.10 -13.08 25.01
N ARG H 121 -32.78 -13.79 23.94
CA ARG H 121 -33.26 -13.45 22.60
C ARG H 121 -34.68 -13.98 22.44
N GLN H 122 -35.67 -13.08 22.47
CA GLN H 122 -37.08 -13.47 22.51
C GLN H 122 -37.80 -13.41 21.16
N PRO H 123 -37.54 -12.45 20.27
CA PRO H 123 -38.20 -12.45 18.96
C PRO H 123 -37.93 -13.74 18.19
N GLY H 124 -38.99 -14.35 17.67
CA GLY H 124 -38.82 -15.57 16.92
C GLY H 124 -38.53 -16.81 17.73
N MET H 125 -38.58 -16.73 19.07
CA MET H 125 -38.19 -17.90 19.86
C MET H 125 -39.23 -19.01 19.80
N PHE H 126 -40.44 -18.73 19.36
CA PHE H 126 -41.45 -19.77 19.19
C PHE H 126 -41.50 -20.30 17.77
N ALA H 127 -40.51 -19.96 16.94
CA ALA H 127 -40.30 -20.52 15.60
C ALA H 127 -41.61 -20.36 14.80
N SER H 128 -42.10 -21.40 14.14
CA SER H 128 -43.26 -21.34 13.28
C SER H 128 -44.57 -21.68 13.99
N HIS H 129 -44.54 -21.87 15.30
CA HIS H 129 -45.74 -22.34 15.98
C HIS H 129 -46.81 -21.27 16.22
N PRO H 130 -46.48 -20.00 16.43
CA PRO H 130 -47.54 -18.98 16.42
C PRO H 130 -48.06 -18.78 15.01
N THR H 131 -49.37 -18.50 14.92
CA THR H 131 -49.94 -18.08 13.65
C THR H 131 -49.41 -16.71 13.21
N HIS H 132 -49.30 -15.76 14.16
CA HIS H 132 -48.74 -14.44 13.89
C HIS H 132 -47.69 -14.14 14.95
N SER H 133 -46.58 -13.53 14.54
CA SER H 133 -45.56 -13.10 15.48
C SER H 133 -45.30 -11.61 15.28
N ILE H 134 -45.32 -10.84 16.37
CA ILE H 134 -45.03 -9.41 16.35
C ILE H 134 -43.87 -9.12 17.29
N SER H 135 -42.79 -8.56 16.76
CA SER H 135 -41.69 -8.08 17.59
C SER H 135 -41.82 -6.57 17.68
N LEU H 136 -42.45 -6.10 18.77
CA LEU H 136 -42.65 -4.68 18.91
C LEU H 136 -41.30 -3.99 19.06
N PRO H 137 -41.18 -2.76 18.57
CA PRO H 137 -39.94 -2.02 18.70
C PRO H 137 -39.81 -1.41 20.08
N ARG H 138 -38.63 -0.87 20.34
CA ARG H 138 -38.43 -0.12 21.57
C ARG H 138 -39.43 1.03 21.63
N PRO H 139 -40.20 1.16 22.71
CA PRO H 139 -41.24 2.20 22.77
C PRO H 139 -40.65 3.59 22.57
N THR H 140 -41.33 4.38 21.74
CA THR H 140 -40.97 5.77 21.51
C THR H 140 -42.19 6.50 20.97
N GLN H 141 -42.30 7.78 21.33
CA GLN H 141 -43.33 8.66 20.79
C GLN H 141 -43.11 9.00 19.33
N ASP H 142 -41.91 8.74 18.79
CA ASP H 142 -41.69 8.98 17.38
C ASP H 142 -42.40 7.95 16.52
N ILE H 143 -42.90 6.87 17.10
CA ILE H 143 -43.77 5.92 16.42
C ILE H 143 -45.20 6.21 16.87
N PRO H 144 -46.11 6.53 15.95
CA PRO H 144 -47.47 6.94 16.35
C PRO H 144 -48.29 5.80 16.92
N ALA H 145 -49.22 6.16 17.83
CA ALA H 145 -50.12 5.16 18.44
C ALA H 145 -50.95 4.42 17.40
N ARG H 146 -51.31 5.09 16.29
CA ARG H 146 -52.10 4.42 15.27
C ARG H 146 -51.33 3.29 14.58
N TRP H 147 -49.99 3.38 14.50
CA TRP H 147 -49.22 2.23 14.03
C TRP H 147 -49.34 1.05 14.99
N LEU H 148 -49.13 1.31 16.28
CA LEU H 148 -49.16 0.24 17.26
C LEU H 148 -50.51 -0.46 17.26
N VAL H 149 -51.59 0.33 17.40
CA VAL H 149 -52.91 -0.27 17.43
C VAL H 149 -53.22 -0.93 16.09
N SER H 150 -52.75 -0.38 14.97
CA SER H 150 -53.03 -1.03 13.68
C SER H 150 -52.34 -2.38 13.57
N THR H 151 -51.10 -2.49 14.07
CA THR H 151 -50.39 -3.76 14.01
C THR H 151 -51.10 -4.81 14.85
N ILE H 152 -51.53 -4.44 16.07
CA ILE H 152 -52.30 -5.38 16.88
C ILE H 152 -53.61 -5.75 16.19
N ASP H 153 -54.30 -4.77 15.63
CA ASP H 153 -55.59 -5.04 14.99
C ASP H 153 -55.43 -5.98 13.80
N HIS H 154 -54.33 -5.84 13.06
CA HIS H 154 -54.05 -6.75 11.97
C HIS H 154 -53.84 -8.17 12.46
N ALA H 155 -53.02 -8.34 13.50
CA ALA H 155 -52.78 -9.70 13.99
C ALA H 155 -54.08 -10.33 14.49
N LEU H 156 -54.87 -9.59 15.26
CA LEU H 156 -56.07 -10.19 15.86
C LEU H 156 -57.21 -10.37 14.86
N GLY H 157 -57.36 -9.43 13.93
CA GLY H 157 -58.46 -9.52 13.00
C GLY H 157 -58.31 -10.65 11.99
N THR H 158 -57.08 -10.95 11.58
CA THR H 158 -56.81 -12.01 10.63
C THR H 158 -56.54 -13.35 11.29
N LEU H 159 -56.72 -13.45 12.60
CA LEU H 159 -56.40 -14.67 13.34
C LEU H 159 -57.54 -15.68 13.18
N HIS H 160 -57.35 -16.64 12.27
CA HIS H 160 -58.32 -17.71 12.09
C HIS H 160 -58.32 -18.67 13.27
N ALA H 161 -57.14 -18.96 13.81
CA ALA H 161 -56.95 -19.96 14.87
C ALA H 161 -55.49 -19.88 15.31
N GLY H 162 -55.23 -20.36 16.53
CA GLY H 162 -53.86 -20.45 17.00
C GLY H 162 -53.40 -19.23 17.78
N GLY H 163 -52.10 -19.29 18.18
CA GLY H 163 -51.54 -18.30 19.07
C GLY H 163 -50.93 -17.09 18.37
N VAL H 164 -50.79 -16.00 19.13
CA VAL H 164 -50.14 -14.78 18.68
C VAL H 164 -49.04 -14.45 19.68
N HIS H 165 -47.81 -14.30 19.18
CA HIS H 165 -46.69 -13.88 20.01
C HIS H 165 -46.44 -12.39 19.82
N ILE H 166 -46.63 -11.62 20.87
CA ILE H 166 -46.39 -10.20 20.86
C ILE H 166 -45.24 -9.95 21.82
N ASN H 167 -44.05 -9.73 21.28
CA ASN H 167 -42.90 -9.43 22.10
C ASN H 167 -42.87 -7.94 22.39
N CYS H 168 -42.74 -7.58 23.68
CA CYS H 168 -42.91 -6.21 24.16
C CYS H 168 -41.69 -5.73 24.93
N PRO H 169 -40.69 -5.16 24.27
CA PRO H 169 -39.54 -4.63 25.00
C PRO H 169 -39.88 -3.36 25.76
N PHE H 170 -39.32 -3.24 26.97
CA PHE H 170 -39.50 -2.07 27.81
C PHE H 170 -38.17 -1.77 28.49
N ALA H 171 -37.73 -0.52 28.41
CA ALA H 171 -36.55 -0.06 29.10
C ALA H 171 -36.92 0.53 30.44
N GLU H 172 -36.05 0.36 31.42
CA GLU H 172 -36.20 0.96 32.74
C GLU H 172 -36.00 2.48 32.61
N PRO H 173 -36.50 3.28 33.55
CA PRO H 173 -37.21 2.90 34.77
C PRO H 173 -38.58 2.36 34.45
N LEU H 174 -39.01 1.34 35.21
CA LEU H 174 -40.34 0.76 35.05
C LEU H 174 -41.36 1.31 36.03
N TYR H 175 -40.90 1.91 37.13
CA TYR H 175 -41.76 2.37 38.20
C TYR H 175 -41.66 3.88 38.34
N GLY H 176 -42.66 4.45 38.98
CA GLY H 176 -42.76 5.89 39.15
C GLY H 176 -44.20 6.34 38.97
N GLU H 177 -44.47 7.54 39.47
CA GLU H 177 -45.82 8.11 39.35
C GLU H 177 -46.13 8.43 37.90
N MET H 178 -47.38 8.23 37.52
CA MET H 178 -47.88 8.63 36.21
C MET H 178 -47.95 10.16 36.13
N ASP H 179 -47.30 10.74 35.11
CA ASP H 179 -47.53 12.13 34.74
C ASP H 179 -48.18 12.16 33.34
N ASP H 180 -48.08 13.30 32.65
CA ASP H 180 -48.76 13.47 31.38
C ASP H 180 -47.95 12.97 30.19
N THR H 181 -46.83 12.30 30.43
CA THR H 181 -46.01 11.77 29.35
C THR H 181 -46.78 10.75 28.53
N GLY H 182 -46.90 11.02 27.23
CA GLY H 182 -47.59 10.15 26.32
C GLY H 182 -49.08 10.37 26.25
N LEU H 183 -49.61 11.36 26.97
CA LEU H 183 -51.04 11.56 26.99
C LEU H 183 -51.56 12.05 25.64
N SER H 184 -50.94 13.10 25.08
CA SER H 184 -51.34 13.59 23.77
C SER H 184 -51.05 12.57 22.68
N TRP H 185 -49.94 11.86 22.81
CA TRP H 185 -49.61 10.75 21.92
C TRP H 185 -50.74 9.75 21.86
N GLN H 186 -51.30 9.39 23.02
CA GLN H 186 -52.49 8.54 23.07
C GLN H 186 -53.70 9.23 22.48
N GLN H 187 -53.85 10.53 22.74
CA GLN H 187 -55.02 11.28 22.32
C GLN H 187 -55.06 11.51 20.81
N ARG H 188 -53.98 11.23 20.08
CA ARG H 188 -54.06 11.20 18.62
C ARG H 188 -55.02 10.13 18.09
N LEU H 189 -55.44 9.16 18.90
CA LEU H 189 -56.45 8.18 18.49
C LEU H 189 -57.87 8.69 18.61
N GLY H 190 -58.07 9.91 19.14
CA GLY H 190 -59.39 10.50 19.14
C GLY H 190 -60.35 9.71 20.00
N ASP H 191 -61.61 9.62 19.55
CA ASP H 191 -62.64 8.94 20.33
C ASP H 191 -62.63 7.42 20.14
N TRP H 192 -61.59 6.86 19.49
CA TRP H 192 -61.39 5.41 19.52
C TRP H 192 -61.36 4.89 20.96
N TRP H 193 -60.89 5.71 21.89
CA TRP H 193 -60.85 5.31 23.31
C TRP H 193 -62.24 5.08 23.87
N GLN H 194 -63.28 5.70 23.30
CA GLN H 194 -64.64 5.49 23.77
C GLN H 194 -65.41 4.56 22.85
N ASP H 195 -64.75 3.97 21.87
CA ASP H 195 -65.39 3.11 20.89
C ASP H 195 -65.31 1.65 21.33
N ASP H 196 -66.02 0.78 20.60
CA ASP H 196 -66.02 -0.65 20.91
C ASP H 196 -65.48 -1.49 19.76
N LYS H 197 -64.97 -0.87 18.71
CA LYS H 197 -64.46 -1.56 17.54
C LYS H 197 -62.95 -1.40 17.45
N PRO H 198 -62.29 -2.23 16.65
CA PRO H 198 -60.85 -2.02 16.39
C PRO H 198 -60.64 -0.71 15.64
N TRP H 199 -59.42 -0.19 15.76
CA TRP H 199 -58.99 0.93 14.93
C TRP H 199 -58.96 0.52 13.47
N LEU H 200 -58.40 -0.65 13.17
CA LEU H 200 -58.41 -1.20 11.83
C LEU H 200 -59.19 -2.50 11.86
N ARG H 201 -60.30 -2.55 11.12
CA ARG H 201 -61.09 -3.76 10.98
C ARG H 201 -60.59 -4.47 9.74
N GLU H 202 -59.91 -5.60 9.97
CA GLU H 202 -59.35 -6.42 8.90
C GLU H 202 -59.68 -7.84 9.32
N ALA H 203 -60.76 -8.40 8.77
CA ALA H 203 -61.29 -9.70 9.22
C ALA H 203 -61.77 -10.56 8.07
N PRO H 204 -60.90 -10.89 7.12
CA PRO H 204 -61.32 -11.77 6.02
C PRO H 204 -61.61 -13.18 6.53
N ARG H 205 -62.71 -13.76 6.04
CA ARG H 205 -63.10 -15.10 6.41
C ARG H 205 -62.45 -16.10 5.46
N LEU H 206 -62.04 -17.24 6.02
CA LEU H 206 -61.44 -18.34 5.27
C LEU H 206 -62.41 -19.50 5.27
N GLU H 207 -62.90 -19.88 4.08
CA GLU H 207 -63.95 -20.89 4.03
C GLU H 207 -63.98 -21.51 2.64
N SER H 208 -64.18 -22.84 2.59
CA SER H 208 -64.30 -23.54 1.32
C SER H 208 -65.67 -23.33 0.69
N GLU H 209 -65.72 -23.39 -0.64
CA GLU H 209 -66.98 -23.20 -1.33
C GLU H 209 -67.83 -24.47 -1.28
N LYS H 210 -69.12 -24.30 -1.58
CA LYS H 210 -70.04 -25.43 -1.62
C LYS H 210 -69.57 -26.45 -2.65
N GLN H 211 -69.70 -27.73 -2.31
CA GLN H 211 -69.34 -28.79 -3.25
C GLN H 211 -70.51 -29.06 -4.18
N ARG H 212 -70.30 -28.80 -5.47
CA ARG H 212 -71.39 -28.81 -6.43
C ARG H 212 -71.86 -30.20 -6.77
N ASP H 213 -71.02 -31.22 -6.57
CA ASP H 213 -71.40 -32.60 -6.84
C ASP H 213 -71.87 -33.33 -5.59
N TRP H 214 -72.25 -32.60 -4.53
CA TRP H 214 -72.64 -33.28 -3.30
C TRP H 214 -73.91 -34.10 -3.50
N PHE H 215 -74.85 -33.63 -4.31
CA PHE H 215 -76.05 -34.43 -4.54
C PHE H 215 -75.73 -35.72 -5.27
N PHE H 216 -74.60 -35.77 -5.97
CA PHE H 216 -74.13 -37.03 -6.52
C PHE H 216 -73.60 -37.97 -5.44
N TRP H 217 -72.73 -37.45 -4.56
CA TRP H 217 -72.05 -38.27 -3.56
C TRP H 217 -72.99 -38.70 -2.43
N ARG H 218 -74.10 -37.99 -2.23
CA ARG H 218 -75.06 -38.35 -1.19
C ARG H 218 -75.71 -39.70 -1.40
N GLN H 219 -75.77 -40.13 -2.63
CA GLN H 219 -76.37 -41.39 -2.96
C GLN H 219 -75.44 -42.58 -2.95
N LYS H 220 -74.15 -42.40 -2.74
CA LYS H 220 -73.22 -43.50 -2.69
C LYS H 220 -73.19 -44.08 -1.28
N ARG H 221 -72.50 -45.21 -1.15
CA ARG H 221 -72.35 -45.81 0.17
C ARG H 221 -71.28 -45.03 0.91
N GLY H 222 -71.70 -44.18 1.84
CA GLY H 222 -70.76 -43.39 2.57
C GLY H 222 -70.67 -43.83 4.01
N VAL H 223 -69.60 -43.42 4.67
CA VAL H 223 -69.40 -43.59 6.10
C VAL H 223 -69.16 -42.20 6.67
N VAL H 224 -69.70 -41.94 7.86
CA VAL H 224 -69.44 -40.67 8.55
C VAL H 224 -68.51 -40.95 9.72
N VAL H 225 -67.39 -40.23 9.75
CA VAL H 225 -66.46 -40.30 10.87
C VAL H 225 -66.52 -38.96 11.59
N ALA H 226 -66.81 -39.00 12.89
CA ALA H 226 -66.95 -37.79 13.69
C ALA H 226 -65.79 -37.73 14.67
N GLY H 227 -64.92 -36.73 14.49
CA GLY H 227 -63.83 -36.42 15.39
C GLY H 227 -64.22 -35.32 16.37
N ARG H 228 -63.23 -34.54 16.78
CA ARG H 228 -63.46 -33.51 17.77
C ARG H 228 -64.31 -32.37 17.18
N MET H 229 -65.33 -31.95 17.91
CA MET H 229 -66.21 -30.87 17.47
C MET H 229 -66.94 -30.34 18.71
N SER H 230 -67.76 -29.30 18.50
CA SER H 230 -68.55 -28.77 19.61
C SER H 230 -69.73 -29.70 19.89
N ALA H 231 -70.37 -29.50 21.06
CA ALA H 231 -71.45 -30.39 21.47
C ALA H 231 -72.64 -30.31 20.51
N GLU H 232 -73.02 -29.08 20.15
CA GLU H 232 -74.13 -28.86 19.20
C GLU H 232 -73.82 -29.49 17.85
N GLU H 233 -72.59 -29.28 17.37
CA GLU H 233 -72.17 -29.89 16.10
C GLU H 233 -72.26 -31.41 16.17
N GLY H 234 -71.93 -31.99 17.33
CA GLY H 234 -72.06 -33.44 17.47
C GLY H 234 -73.49 -33.89 17.27
N LYS H 235 -74.45 -33.19 17.88
CA LYS H 235 -75.85 -33.58 17.70
C LYS H 235 -76.29 -33.45 16.25
N LYS H 236 -75.90 -32.35 15.58
CA LYS H 236 -76.30 -32.18 14.18
C LYS H 236 -75.67 -33.24 13.28
N VAL H 237 -74.41 -33.60 13.53
CA VAL H 237 -73.76 -34.64 12.74
C VAL H 237 -74.48 -35.97 12.93
N ALA H 238 -74.91 -36.27 14.16
CA ALA H 238 -75.66 -37.50 14.41
C ALA H 238 -76.95 -37.55 13.60
N LEU H 239 -77.73 -36.46 13.62
CA LEU H 239 -78.98 -36.48 12.86
C LEU H 239 -78.72 -36.60 11.37
N TRP H 240 -77.70 -35.90 10.87
CA TRP H 240 -77.36 -35.89 9.45
C TRP H 240 -76.96 -37.28 8.95
N ALA H 241 -76.07 -37.95 9.69
CA ALA H 241 -75.66 -39.29 9.29
C ALA H 241 -76.85 -40.25 9.38
N GLN H 242 -77.69 -40.10 10.41
CA GLN H 242 -78.86 -40.98 10.50
C GLN H 242 -79.80 -40.80 9.32
N THR H 243 -80.03 -39.55 8.92
CA THR H 243 -80.88 -39.30 7.75
C THR H 243 -80.29 -39.90 6.49
N LEU H 244 -78.97 -39.79 6.30
CA LEU H 244 -78.36 -40.41 5.11
C LEU H 244 -78.38 -41.92 5.14
N GLY H 245 -78.55 -42.55 6.31
CA GLY H 245 -78.38 -43.98 6.40
C GLY H 245 -76.93 -44.42 6.39
N TRP H 246 -76.02 -43.56 6.67
CA TRP H 246 -74.62 -43.97 6.68
C TRP H 246 -74.20 -44.33 8.11
N PRO H 247 -73.38 -45.36 8.28
CA PRO H 247 -72.88 -45.67 9.62
C PRO H 247 -72.06 -44.51 10.19
N LEU H 248 -72.29 -44.20 11.46
CA LEU H 248 -71.61 -43.11 12.13
C LEU H 248 -70.59 -43.71 13.10
N ILE H 249 -69.31 -43.52 12.81
CA ILE H 249 -68.24 -43.87 13.72
C ILE H 249 -67.95 -42.61 14.54
N GLY H 250 -68.32 -42.63 15.81
CA GLY H 250 -68.27 -41.44 16.63
C GLY H 250 -67.17 -41.46 17.69
N ASP H 251 -66.31 -40.45 17.65
CA ASP H 251 -65.19 -40.35 18.58
C ASP H 251 -65.68 -39.99 19.98
N VAL H 252 -64.84 -40.28 20.98
CA VAL H 252 -65.12 -39.82 22.34
C VAL H 252 -65.21 -38.29 22.37
N LEU H 253 -64.53 -37.61 21.46
CA LEU H 253 -64.54 -36.15 21.41
C LEU H 253 -65.68 -35.56 20.59
N SER H 254 -66.52 -36.39 19.96
CA SER H 254 -67.51 -35.89 19.00
C SER H 254 -68.84 -35.49 19.63
N GLN H 255 -69.19 -36.01 20.80
CA GLN H 255 -70.48 -35.74 21.43
C GLN H 255 -71.64 -36.06 20.51
N THR H 256 -71.50 -37.13 19.73
CA THR H 256 -72.53 -37.56 18.80
C THR H 256 -73.55 -38.49 19.44
N GLY H 257 -73.25 -39.01 20.63
CA GLY H 257 -74.02 -40.08 21.22
C GLY H 257 -73.53 -41.46 20.85
N GLN H 258 -72.57 -41.55 19.94
CA GLN H 258 -71.97 -42.79 19.47
C GLN H 258 -73.02 -43.88 19.25
N PRO H 259 -73.90 -43.74 18.25
CA PRO H 259 -74.91 -44.78 17.99
C PRO H 259 -74.33 -46.13 17.63
N LEU H 260 -73.07 -46.20 17.18
CA LEU H 260 -72.40 -47.49 17.00
C LEU H 260 -71.24 -47.54 17.99
N PRO H 261 -71.51 -47.74 19.27
CA PRO H 261 -70.47 -47.57 20.29
C PRO H 261 -69.43 -48.69 20.19
N CYS H 262 -68.35 -48.49 20.94
CA CYS H 262 -67.25 -49.47 21.02
C CYS H 262 -66.64 -49.73 19.64
N ALA H 263 -66.56 -48.68 18.83
CA ALA H 263 -65.94 -48.80 17.52
C ALA H 263 -64.50 -49.28 17.64
N ASP H 264 -63.79 -48.86 18.70
CA ASP H 264 -62.44 -49.36 18.85
C ASP H 264 -62.43 -50.88 19.02
N LEU H 265 -63.54 -51.47 19.43
CA LEU H 265 -63.59 -52.92 19.53
C LEU H 265 -64.07 -53.56 18.23
N TRP H 266 -65.23 -53.14 17.75
CA TRP H 266 -65.80 -53.86 16.62
C TRP H 266 -65.08 -53.57 15.30
N LEU H 267 -64.32 -52.49 15.21
CA LEU H 267 -63.50 -52.27 14.04
C LEU H 267 -62.39 -53.30 13.90
N GLY H 268 -62.11 -54.07 14.94
CA GLY H 268 -61.17 -55.17 14.83
C GLY H 268 -61.74 -56.45 14.25
N ASN H 269 -63.05 -56.44 13.96
CA ASN H 269 -63.72 -57.62 13.42
C ASN H 269 -63.72 -57.59 11.90
N ALA H 270 -63.35 -58.71 11.29
CA ALA H 270 -63.19 -58.77 9.84
C ALA H 270 -64.51 -58.52 9.10
N LYS H 271 -65.65 -58.88 9.71
CA LYS H 271 -66.94 -58.62 9.09
C LYS H 271 -67.22 -57.12 9.00
N ALA H 272 -66.83 -56.37 10.02
CA ALA H 272 -67.07 -54.93 9.98
C ALA H 272 -66.22 -54.26 8.89
N THR H 273 -64.91 -54.52 8.90
CA THR H 273 -64.05 -53.88 7.91
C THR H 273 -64.39 -54.36 6.50
N SER H 274 -64.76 -55.62 6.37
CA SER H 274 -65.19 -56.12 5.06
C SER H 274 -66.43 -55.39 4.58
N GLU H 275 -67.37 -55.13 5.49
CA GLU H 275 -68.56 -54.36 5.10
C GLU H 275 -68.18 -52.93 4.73
N LEU H 276 -67.27 -52.33 5.49
CA LEU H 276 -66.86 -50.96 5.24
C LEU H 276 -66.09 -50.80 3.95
N GLN H 277 -65.48 -51.88 3.43
CA GLN H 277 -64.82 -51.78 2.14
C GLN H 277 -65.78 -51.47 1.00
N GLN H 278 -67.09 -51.62 1.22
CA GLN H 278 -68.04 -51.23 0.19
C GLN H 278 -68.23 -49.72 0.13
N ALA H 279 -67.76 -48.99 1.13
CA ALA H 279 -67.92 -47.54 1.17
C ALA H 279 -67.17 -46.89 0.02
N GLN H 280 -67.89 -46.08 -0.75
CA GLN H 280 -67.30 -45.38 -1.88
C GLN H 280 -66.81 -43.99 -1.51
N ILE H 281 -67.33 -43.41 -0.42
CA ILE H 281 -66.87 -42.11 0.09
C ILE H 281 -66.85 -42.19 1.61
N VAL H 282 -65.87 -41.51 2.22
CA VAL H 282 -65.87 -41.28 3.65
C VAL H 282 -65.89 -39.77 3.86
N VAL H 283 -66.86 -39.28 4.62
CA VAL H 283 -66.92 -37.89 5.01
C VAL H 283 -66.63 -37.82 6.50
N GLN H 284 -65.46 -37.29 6.84
CA GLN H 284 -65.04 -37.11 8.23
C GLN H 284 -65.29 -35.67 8.62
N LEU H 285 -65.93 -35.48 9.77
CA LEU H 285 -66.12 -34.13 10.31
C LEU H 285 -65.40 -34.04 11.64
N GLY H 286 -64.54 -33.04 11.77
CA GLY H 286 -63.62 -32.99 12.89
C GLY H 286 -62.36 -33.79 12.60
N SER H 287 -61.46 -33.78 13.57
CA SER H 287 -60.17 -34.44 13.38
C SER H 287 -59.65 -34.88 14.74
N SER H 288 -58.35 -35.21 14.81
CA SER H 288 -57.73 -35.71 16.03
C SER H 288 -58.45 -36.96 16.52
N LEU H 289 -58.63 -37.91 15.62
CA LEU H 289 -59.27 -39.17 15.97
C LEU H 289 -58.49 -39.88 17.07
N THR H 290 -59.23 -40.49 18.01
CA THR H 290 -58.62 -41.03 19.23
C THR H 290 -58.14 -42.47 19.07
N GLY H 291 -59.03 -43.38 18.63
CA GLY H 291 -58.79 -44.80 18.78
C GLY H 291 -57.84 -45.40 17.75
N LYS H 292 -57.07 -46.38 18.22
CA LYS H 292 -56.07 -47.05 17.39
C LYS H 292 -56.71 -47.88 16.28
N ARG H 293 -57.82 -48.56 16.56
CA ARG H 293 -58.49 -49.32 15.50
C ARG H 293 -59.11 -48.38 14.46
N LEU H 294 -59.63 -47.24 14.91
CA LEU H 294 -60.15 -46.25 13.97
C LEU H 294 -59.05 -45.67 13.10
N LEU H 295 -57.89 -45.36 13.70
CA LEU H 295 -56.75 -44.85 12.92
C LEU H 295 -56.23 -45.90 11.95
N GLN H 296 -56.25 -47.17 12.35
CA GLN H 296 -55.82 -48.24 11.46
C GLN H 296 -56.78 -48.41 10.29
N TRP H 297 -58.09 -48.35 10.57
CA TRP H 297 -59.07 -48.46 9.48
C TRP H 297 -58.98 -47.27 8.54
N GLN H 298 -58.88 -46.04 9.07
CA GLN H 298 -58.65 -44.90 8.20
C GLN H 298 -57.42 -45.11 7.33
N ALA H 299 -56.33 -45.63 7.91
CA ALA H 299 -55.12 -45.86 7.13
C ALA H 299 -55.33 -46.90 6.04
N SER H 300 -56.16 -47.90 6.29
CA SER H 300 -56.29 -48.99 5.33
C SER H 300 -57.38 -48.75 4.30
N CYS H 301 -58.41 -47.96 4.62
CA CYS H 301 -59.56 -47.84 3.74
C CYS H 301 -59.19 -47.10 2.46
N GLU H 302 -59.84 -47.47 1.37
CA GLU H 302 -59.57 -46.90 0.06
C GLU H 302 -60.88 -46.52 -0.62
N PRO H 303 -61.62 -45.57 -0.05
CA PRO H 303 -62.81 -45.06 -0.73
C PRO H 303 -62.39 -44.31 -1.98
N GLU H 304 -63.34 -44.14 -2.90
CA GLU H 304 -63.07 -43.29 -4.06
C GLU H 304 -62.65 -41.89 -3.62
N GLU H 305 -63.34 -41.35 -2.62
CA GLU H 305 -63.00 -40.03 -2.09
C GLU H 305 -63.05 -40.02 -0.57
N TYR H 306 -62.15 -39.24 0.02
CA TYR H 306 -62.09 -39.04 1.46
C TYR H 306 -62.13 -37.54 1.74
N TRP H 307 -63.16 -37.08 2.44
CA TRP H 307 -63.34 -35.68 2.75
C TRP H 307 -63.12 -35.47 4.23
N ILE H 308 -62.47 -34.37 4.60
CA ILE H 308 -62.37 -33.96 5.99
C ILE H 308 -62.89 -32.54 6.09
N VAL H 309 -63.98 -32.38 6.83
CA VAL H 309 -64.59 -31.09 7.10
C VAL H 309 -64.21 -30.66 8.52
N ASP H 310 -63.64 -29.46 8.65
CA ASP H 310 -63.28 -28.91 9.95
C ASP H 310 -62.99 -27.43 9.80
N ASP H 311 -63.07 -26.70 10.91
CA ASP H 311 -62.76 -25.28 10.89
C ASP H 311 -61.29 -25.00 11.15
N ILE H 312 -60.46 -26.04 11.19
CA ILE H 312 -59.01 -25.93 11.25
C ILE H 312 -58.45 -26.02 9.85
N GLU H 313 -57.34 -25.31 9.64
CA GLU H 313 -56.67 -25.30 8.35
C GLU H 313 -55.69 -26.46 8.23
N GLY H 314 -55.28 -26.73 6.99
CA GLY H 314 -54.23 -27.68 6.70
C GLY H 314 -54.75 -29.10 6.54
N ARG H 315 -53.83 -29.96 6.11
CA ARG H 315 -54.15 -31.38 5.96
C ARG H 315 -54.40 -32.01 7.33
N LEU H 316 -55.44 -32.82 7.41
CA LEU H 316 -55.85 -33.44 8.66
C LEU H 316 -55.96 -34.95 8.56
N ASP H 317 -55.60 -35.55 7.42
CA ASP H 317 -55.65 -37.00 7.19
C ASP H 317 -54.23 -37.52 7.19
N PRO H 318 -53.79 -38.18 8.27
CA PRO H 318 -52.43 -38.73 8.29
C PRO H 318 -52.20 -39.88 7.31
N ALA H 319 -53.22 -40.34 6.60
CA ALA H 319 -53.08 -41.38 5.59
C ALA H 319 -53.12 -40.86 4.16
N HIS H 320 -53.30 -39.55 3.96
CA HIS H 320 -53.07 -38.97 2.63
C HIS H 320 -54.02 -39.49 1.57
N HIS H 321 -55.29 -39.63 1.91
CA HIS H 321 -56.23 -40.13 0.90
C HIS H 321 -56.42 -39.13 -0.23
N ARG H 322 -56.69 -39.67 -1.41
CA ARG H 322 -57.26 -38.89 -2.50
C ARG H 322 -58.63 -38.35 -2.08
N GLY H 323 -58.83 -37.04 -2.22
CA GLY H 323 -60.08 -36.44 -1.81
C GLY H 323 -60.06 -34.94 -1.61
N ARG H 324 -60.73 -34.48 -0.55
CA ARG H 324 -60.99 -33.07 -0.31
C ARG H 324 -60.71 -32.72 1.14
N ARG H 325 -60.25 -31.48 1.34
CA ARG H 325 -59.96 -30.93 2.66
C ARG H 325 -60.78 -29.65 2.72
N LEU H 326 -61.89 -29.67 3.46
CA LEU H 326 -62.91 -28.61 3.39
C LEU H 326 -62.89 -27.80 4.68
N ILE H 327 -62.63 -26.50 4.56
CA ILE H 327 -62.50 -25.61 5.71
C ILE H 327 -63.82 -24.90 5.91
N ALA H 328 -64.47 -25.16 7.04
CA ALA H 328 -65.81 -24.63 7.29
C ALA H 328 -66.19 -24.88 8.74
N ASN H 329 -67.10 -24.06 9.22
CA ASN H 329 -67.85 -24.41 10.42
C ASN H 329 -68.72 -25.63 10.13
N ILE H 330 -68.65 -26.63 11.01
CA ILE H 330 -69.28 -27.90 10.72
C ILE H 330 -70.80 -27.74 10.57
N ALA H 331 -71.41 -26.95 11.46
CA ALA H 331 -72.85 -26.73 11.38
C ALA H 331 -73.22 -26.05 10.07
N ASP H 332 -72.51 -24.97 9.73
CA ASP H 332 -72.70 -24.32 8.44
C ASP H 332 -72.49 -25.29 7.29
N TRP H 333 -71.46 -26.14 7.37
CA TRP H 333 -71.18 -27.08 6.29
C TRP H 333 -72.31 -28.08 6.12
N LEU H 334 -72.91 -28.52 7.21
CA LEU H 334 -74.05 -29.42 7.09
C LEU H 334 -75.22 -28.71 6.42
N GLU H 335 -75.41 -27.42 6.72
CA GLU H 335 -76.49 -26.72 6.03
C GLU H 335 -76.22 -26.53 4.54
N LEU H 336 -74.96 -26.30 4.16
CA LEU H 336 -74.70 -26.21 2.73
C LEU H 336 -74.76 -27.57 2.03
N HIS H 337 -74.59 -28.66 2.74
CA HIS H 337 -74.58 -29.99 2.13
C HIS H 337 -75.54 -30.87 2.92
N PRO H 338 -76.84 -30.63 2.79
CA PRO H 338 -77.82 -31.34 3.62
C PRO H 338 -77.99 -32.78 3.20
N ALA H 339 -78.49 -33.57 4.14
CA ALA H 339 -78.78 -34.97 3.91
C ALA H 339 -80.14 -35.14 3.25
N GLU H 340 -80.27 -36.23 2.49
CA GLU H 340 -81.54 -36.74 1.99
C GLU H 340 -81.81 -38.10 2.61
N LYS H 341 -83.10 -38.41 2.80
CA LYS H 341 -83.47 -39.70 3.42
C LYS H 341 -83.05 -40.86 2.53
N ARG H 342 -82.26 -41.75 3.11
CA ARG H 342 -81.77 -42.93 2.42
C ARG H 342 -81.77 -44.08 3.42
N GLN H 343 -81.82 -45.28 2.89
CA GLN H 343 -81.93 -46.49 3.68
C GLN H 343 -80.54 -46.94 4.11
N PRO H 344 -80.31 -47.24 5.39
CA PRO H 344 -78.99 -47.69 5.80
C PRO H 344 -78.54 -48.90 4.97
N TRP H 345 -77.27 -48.89 4.61
CA TRP H 345 -76.74 -49.96 3.79
C TRP H 345 -75.94 -50.95 4.60
N CYS H 346 -75.57 -50.60 5.83
CA CYS H 346 -74.86 -51.51 6.70
C CYS H 346 -75.83 -52.43 7.43
N VAL H 347 -75.49 -53.72 7.46
CA VAL H 347 -76.32 -54.73 8.11
C VAL H 347 -75.55 -55.44 9.24
N GLU H 348 -74.27 -55.74 9.03
CA GLU H 348 -73.51 -56.48 10.04
C GLU H 348 -73.03 -55.58 11.18
N ILE H 349 -72.68 -54.34 10.88
CA ILE H 349 -72.03 -53.46 11.84
C ILE H 349 -72.92 -53.06 13.02
N PRO H 350 -74.22 -52.72 12.84
CA PRO H 350 -75.05 -52.41 14.02
C PRO H 350 -75.14 -53.54 15.04
N ARG H 351 -75.36 -54.78 14.57
CA ARG H 351 -75.40 -55.93 15.46
C ARG H 351 -74.07 -56.14 16.15
N LEU H 352 -72.97 -56.02 15.40
CA LEU H 352 -71.64 -56.19 15.96
C LEU H 352 -71.39 -55.18 17.07
N ALA H 353 -71.83 -53.94 16.87
CA ALA H 353 -71.63 -52.91 17.88
C ALA H 353 -72.47 -53.19 19.13
N GLU H 354 -73.71 -53.63 18.95
CA GLU H 354 -74.50 -54.03 20.13
C GLU H 354 -73.81 -55.16 20.88
N GLN H 355 -73.26 -56.14 20.14
CA GLN H 355 -72.57 -57.26 20.78
C GLN H 355 -71.34 -56.80 21.53
N ALA H 356 -70.61 -55.82 20.98
CA ALA H 356 -69.41 -55.32 21.63
C ALA H 356 -69.76 -54.61 22.93
N MET H 357 -70.74 -53.70 22.88
CA MET H 357 -71.18 -53.06 24.11
C MET H 357 -71.64 -54.09 25.14
N GLN H 358 -72.37 -55.13 24.70
CA GLN H 358 -72.75 -56.18 25.64
C GLN H 358 -71.52 -56.87 26.24
N ALA H 359 -70.51 -57.13 25.41
CA ALA H 359 -69.30 -57.77 25.90
C ALA H 359 -68.61 -56.92 26.95
N VAL H 360 -68.64 -55.59 26.78
CA VAL H 360 -68.05 -54.72 27.80
C VAL H 360 -68.91 -54.69 29.06
N ILE H 361 -70.24 -54.68 28.90
CA ILE H 361 -71.12 -54.64 30.06
C ILE H 361 -70.90 -55.88 30.92
N ALA H 362 -70.65 -57.02 30.28
CA ALA H 362 -70.41 -58.25 31.04
C ALA H 362 -69.21 -58.13 31.96
N ARG H 363 -68.32 -57.15 31.75
CA ARG H 363 -67.13 -57.02 32.58
C ARG H 363 -67.13 -55.74 33.42
N ARG H 364 -68.30 -55.14 33.69
CA ARG H 364 -68.41 -53.85 34.36
C ARG H 364 -68.18 -53.93 35.87
N ASP H 365 -68.13 -55.13 36.46
CA ASP H 365 -68.25 -55.21 37.90
C ASP H 365 -66.94 -54.96 38.62
N ALA H 366 -65.82 -55.42 38.06
CA ALA H 366 -64.54 -55.26 38.74
C ALA H 366 -64.24 -53.77 38.94
N PHE H 367 -63.60 -53.46 40.07
CA PHE H 367 -63.30 -52.06 40.44
C PHE H 367 -61.96 -51.67 39.81
N GLY H 368 -61.97 -51.47 38.49
CA GLY H 368 -60.78 -51.15 37.73
C GLY H 368 -60.98 -49.94 36.82
N GLU H 369 -59.88 -49.54 36.18
CA GLU H 369 -59.94 -48.32 35.38
C GLU H 369 -60.73 -48.53 34.09
N ALA H 370 -60.64 -49.72 33.50
CA ALA H 370 -61.46 -49.99 32.33
C ALA H 370 -62.94 -49.89 32.68
N GLN H 371 -63.33 -50.45 33.82
CA GLN H 371 -64.71 -50.39 34.25
C GLN H 371 -65.12 -48.95 34.56
N LEU H 372 -64.23 -48.17 35.18
CA LEU H 372 -64.55 -46.78 35.42
C LEU H 372 -64.84 -46.06 34.11
N ALA H 373 -63.98 -46.26 33.11
CA ALA H 373 -64.19 -45.65 31.80
C ALA H 373 -65.52 -46.08 31.20
N HIS H 374 -65.82 -47.37 31.26
CA HIS H 374 -67.06 -47.86 30.68
C HIS H 374 -68.29 -47.24 31.35
N ARG H 375 -68.23 -47.02 32.66
CA ARG H 375 -69.36 -46.57 33.46
C ARG H 375 -69.36 -45.07 33.69
N ILE H 376 -68.47 -44.34 33.02
CA ILE H 376 -68.23 -42.94 33.36
C ILE H 376 -69.48 -42.09 33.15
N CYS H 377 -70.38 -42.53 32.26
CA CYS H 377 -71.62 -41.77 32.07
C CYS H 377 -72.41 -41.68 33.36
N ASP H 378 -72.29 -42.68 34.22
CA ASP H 378 -73.04 -42.66 35.49
C ASP H 378 -72.54 -41.60 36.46
N TYR H 379 -71.43 -40.92 36.15
CA TYR H 379 -70.88 -39.96 37.09
C TYR H 379 -70.85 -38.53 36.50
N LEU H 380 -71.31 -38.34 35.26
CA LEU H 380 -71.28 -37.02 34.66
C LEU H 380 -72.25 -36.08 35.40
N PRO H 381 -71.79 -34.90 35.82
CA PRO H 381 -72.69 -33.98 36.51
C PRO H 381 -73.74 -33.42 35.55
N GLU H 382 -74.95 -33.24 36.05
CA GLU H 382 -76.01 -32.68 35.23
C GLU H 382 -75.64 -31.27 34.82
N GLN H 383 -75.89 -30.95 33.54
CA GLN H 383 -75.56 -29.66 32.96
C GLN H 383 -74.09 -29.28 33.17
N GLY H 384 -73.22 -30.29 33.18
CA GLY H 384 -71.81 -30.10 33.40
C GLY H 384 -70.97 -30.35 32.16
N GLN H 385 -69.68 -30.62 32.39
CA GLN H 385 -68.76 -30.85 31.30
C GLN H 385 -67.70 -31.85 31.75
N LEU H 386 -67.16 -32.57 30.78
CA LEU H 386 -66.14 -33.58 31.01
C LEU H 386 -64.84 -33.09 30.39
N PHE H 387 -63.75 -33.11 31.16
CA PHE H 387 -62.40 -32.92 30.66
C PHE H 387 -61.66 -34.24 30.80
N VAL H 388 -61.27 -34.83 29.68
CA VAL H 388 -60.66 -36.15 29.65
C VAL H 388 -59.16 -36.01 29.39
N GLY H 389 -58.35 -36.63 30.23
CA GLY H 389 -56.92 -36.56 30.10
C GLY H 389 -56.43 -37.44 28.98
N ASN H 390 -55.11 -37.54 28.88
CA ASN H 390 -54.48 -38.31 27.82
C ASN H 390 -54.02 -39.68 28.35
N SER H 391 -53.34 -40.44 27.50
CA SER H 391 -52.87 -41.82 27.77
C SER H 391 -54.09 -42.73 27.94
N LEU H 392 -54.15 -43.61 28.95
CA LEU H 392 -55.14 -44.68 28.89
C LEU H 392 -56.57 -44.20 29.06
N VAL H 393 -56.81 -43.14 29.83
CA VAL H 393 -58.19 -42.82 30.15
C VAL H 393 -58.99 -42.48 28.90
N VAL H 394 -58.46 -41.63 28.03
CA VAL H 394 -59.24 -41.24 26.86
C VAL H 394 -59.45 -42.43 25.92
N ALA H 395 -58.46 -43.33 25.84
CA ALA H 395 -58.60 -44.52 25.02
C ALA H 395 -59.65 -45.48 25.58
N LEU H 396 -59.66 -45.67 26.90
CA LEU H 396 -60.64 -46.58 27.52
C LEU H 396 -62.05 -46.02 27.45
N ILE H 397 -62.22 -44.72 27.69
CA ILE H 397 -63.52 -44.09 27.52
C ILE H 397 -63.97 -44.17 26.07
N ASP H 398 -63.05 -43.91 25.15
CA ASP H 398 -63.40 -43.97 23.72
C ASP H 398 -63.83 -45.37 23.30
N ALA H 399 -63.14 -46.40 23.80
CA ALA H 399 -63.39 -47.77 23.35
C ALA H 399 -64.54 -48.44 24.07
N LEU H 400 -64.82 -48.05 25.32
CA LEU H 400 -65.65 -48.87 26.18
C LEU H 400 -66.89 -48.17 26.69
N SER H 401 -67.02 -46.86 26.48
CA SER H 401 -68.14 -46.09 26.99
C SER H 401 -68.86 -45.44 25.81
N GLN H 402 -70.14 -45.13 26.03
CA GLN H 402 -71.00 -44.42 25.07
C GLN H 402 -71.47 -43.14 25.73
N LEU H 403 -70.80 -42.03 25.41
CA LEU H 403 -71.10 -40.77 26.06
C LEU H 403 -72.32 -40.10 25.41
N PRO H 404 -73.14 -39.40 26.18
CA PRO H 404 -74.41 -38.88 25.62
C PRO H 404 -74.17 -37.80 24.59
N ALA H 405 -75.06 -37.76 23.60
CA ALA H 405 -74.98 -36.74 22.56
C ALA H 405 -75.08 -35.36 23.19
N GLY H 406 -74.24 -34.44 22.70
CA GLY H 406 -74.32 -33.08 23.15
C GLY H 406 -73.77 -32.82 24.54
N TYR H 407 -73.28 -33.84 25.25
CA TYR H 407 -72.67 -33.58 26.55
C TYR H 407 -71.24 -33.11 26.33
N PRO H 408 -70.86 -31.92 26.80
CA PRO H 408 -69.57 -31.33 26.38
C PRO H 408 -68.39 -32.13 26.89
N VAL H 409 -67.48 -32.48 25.95
CA VAL H 409 -66.21 -33.14 26.23
C VAL H 409 -65.08 -32.24 25.79
N TYR H 410 -64.08 -32.05 26.65
CA TYR H 410 -62.91 -31.23 26.38
C TYR H 410 -61.66 -32.06 26.61
N SER H 411 -60.59 -31.72 25.90
CA SER H 411 -59.35 -32.49 25.97
C SER H 411 -58.22 -31.66 25.37
N ASN H 412 -57.01 -32.17 25.52
CA ASN H 412 -55.79 -31.62 24.90
C ASN H 412 -55.22 -32.68 23.97
N ARG H 413 -55.87 -32.86 22.81
CA ARG H 413 -55.56 -33.94 21.87
C ARG H 413 -54.91 -33.44 20.57
N GLY H 414 -54.39 -32.23 20.54
CA GLY H 414 -53.57 -31.85 19.42
C GLY H 414 -52.27 -32.61 19.48
N ALA H 415 -51.41 -32.18 20.38
CA ALA H 415 -50.17 -32.89 20.65
C ALA H 415 -50.32 -33.93 21.76
N SER H 416 -51.45 -33.93 22.48
CA SER H 416 -51.77 -34.93 23.50
C SER H 416 -50.73 -34.97 24.62
N GLY H 417 -50.29 -33.80 25.06
CA GLY H 417 -49.32 -33.74 26.14
C GLY H 417 -49.93 -34.09 27.49
N ILE H 418 -49.11 -34.70 28.35
CA ILE H 418 -49.47 -34.95 29.73
C ILE H 418 -48.99 -33.81 30.65
N ASP H 419 -48.63 -32.66 30.07
CA ASP H 419 -47.91 -31.64 30.82
C ASP H 419 -48.77 -30.48 31.34
N GLY H 420 -50.03 -30.38 30.92
CA GLY H 420 -50.85 -29.27 31.39
C GLY H 420 -52.32 -29.59 31.64
N LEU H 421 -52.64 -30.82 32.06
CA LEU H 421 -54.04 -31.25 32.09
C LEU H 421 -54.80 -30.66 33.28
N LEU H 422 -54.14 -30.51 34.43
CA LEU H 422 -54.82 -29.93 35.60
C LEU H 422 -55.10 -28.44 35.40
N SER H 423 -54.09 -27.66 34.99
CA SER H 423 -54.31 -26.23 34.81
C SER H 423 -55.30 -25.96 33.68
N THR H 424 -55.22 -26.76 32.61
CA THR H 424 -56.21 -26.67 31.55
C THR H 424 -57.61 -26.94 32.08
N ALA H 425 -57.76 -28.01 32.87
CA ALA H 425 -59.09 -28.31 33.43
C ALA H 425 -59.59 -27.15 34.29
N ALA H 426 -58.69 -26.49 35.03
CA ALA H 426 -59.11 -25.32 35.80
C ALA H 426 -59.64 -24.21 34.87
N GLY H 427 -58.96 -24.00 33.72
CA GLY H 427 -59.46 -22.99 32.79
C GLY H 427 -60.79 -23.37 32.15
N VAL H 428 -60.93 -24.64 31.79
CA VAL H 428 -62.18 -25.17 31.28
C VAL H 428 -63.29 -24.89 32.27
N GLN H 429 -63.02 -25.12 33.56
CA GLN H 429 -64.04 -24.89 34.57
C GLN H 429 -64.38 -23.40 34.68
N ARG H 430 -63.37 -22.53 34.85
CA ARG H 430 -63.63 -21.12 35.10
C ARG H 430 -64.32 -20.45 33.91
N ALA H 431 -64.08 -20.94 32.69
CA ALA H 431 -64.68 -20.30 31.52
C ALA H 431 -66.20 -20.48 31.48
N SER H 432 -66.68 -21.70 31.76
CA SER H 432 -68.10 -22.00 31.62
C SER H 432 -68.89 -21.79 32.90
N GLY H 433 -68.24 -21.77 34.06
CA GLY H 433 -68.95 -21.76 35.32
C GLY H 433 -69.68 -23.05 35.64
N LYS H 434 -69.42 -24.18 34.82
CA LYS H 434 -70.14 -25.44 34.97
C LYS H 434 -69.43 -26.38 35.93
N PRO H 435 -70.20 -27.22 36.61
CA PRO H 435 -69.60 -28.34 37.33
C PRO H 435 -68.85 -29.23 36.35
N THR H 436 -67.68 -29.69 36.75
CA THR H 436 -66.73 -30.29 35.83
C THR H 436 -66.28 -31.63 36.39
N LEU H 437 -66.24 -32.66 35.54
CA LEU H 437 -65.58 -33.91 35.86
C LEU H 437 -64.31 -33.99 35.02
N ALA H 438 -63.16 -34.09 35.68
CA ALA H 438 -61.87 -34.22 35.01
C ALA H 438 -61.19 -35.52 35.40
N ILE H 439 -60.63 -36.24 34.42
CA ILE H 439 -60.03 -37.55 34.68
C ILE H 439 -58.63 -37.58 34.10
N VAL H 440 -57.63 -37.89 34.94
CA VAL H 440 -56.24 -37.94 34.49
C VAL H 440 -55.53 -39.12 35.11
N GLY H 441 -54.36 -39.46 34.55
CA GLY H 441 -53.51 -40.49 35.10
C GLY H 441 -52.56 -39.97 36.15
N ASP H 442 -51.85 -40.91 36.79
CA ASP H 442 -51.01 -40.54 37.94
C ASP H 442 -49.80 -39.71 37.49
N LEU H 443 -49.13 -40.11 36.41
CA LEU H 443 -48.01 -39.32 35.92
C LEU H 443 -48.49 -37.96 35.43
N SER H 444 -49.67 -37.91 34.82
CA SER H 444 -50.24 -36.63 34.40
C SER H 444 -50.46 -35.73 35.60
N ALA H 445 -50.99 -36.30 36.68
CA ALA H 445 -51.23 -35.54 37.90
C ALA H 445 -49.93 -35.04 38.52
N LEU H 446 -48.89 -35.89 38.53
CA LEU H 446 -47.61 -35.45 39.06
C LEU H 446 -47.03 -34.32 38.21
N TYR H 447 -47.13 -34.45 36.87
CA TYR H 447 -46.53 -33.51 35.94
C TYR H 447 -47.02 -32.08 36.22
N ASP H 448 -48.33 -31.89 36.36
CA ASP H 448 -48.92 -30.57 36.61
C ASP H 448 -49.44 -30.47 38.03
N LEU H 449 -48.70 -31.03 38.99
CA LEU H 449 -49.15 -31.10 40.38
C LEU H 449 -49.41 -29.72 40.96
N ASN H 450 -48.53 -28.74 40.69
CA ASN H 450 -48.71 -27.43 41.34
C ASN H 450 -49.95 -26.70 40.83
N ALA H 451 -50.56 -27.17 39.73
CA ALA H 451 -51.84 -26.63 39.29
C ALA H 451 -52.95 -26.91 40.29
N LEU H 452 -52.74 -27.80 41.26
CA LEU H 452 -53.71 -27.91 42.35
C LEU H 452 -53.94 -26.57 43.02
N ALA H 453 -52.92 -25.70 43.02
CA ALA H 453 -53.11 -24.34 43.53
C ALA H 453 -54.25 -23.64 42.80
N LEU H 454 -54.24 -23.71 41.47
CA LEU H 454 -55.32 -23.13 40.69
C LEU H 454 -56.64 -23.77 41.03
N LEU H 455 -56.64 -25.06 41.36
CA LEU H 455 -57.93 -25.69 41.60
C LEU H 455 -58.51 -25.33 42.95
N ARG H 456 -57.85 -24.47 43.74
CA ARG H 456 -58.49 -23.93 44.94
C ARG H 456 -59.54 -22.88 44.65
N GLN H 457 -59.63 -22.40 43.41
CA GLN H 457 -60.60 -21.39 43.01
C GLN H 457 -61.33 -21.89 41.76
N VAL H 458 -62.48 -22.53 41.98
CA VAL H 458 -63.40 -22.92 40.92
C VAL H 458 -64.77 -22.34 41.27
N SER H 459 -65.55 -21.99 40.23
CA SER H 459 -66.86 -21.36 40.41
C SER H 459 -67.98 -22.38 40.54
N ALA H 460 -67.69 -23.67 40.36
CA ALA H 460 -68.65 -24.75 40.50
C ALA H 460 -67.87 -25.98 40.93
N PRO H 461 -68.54 -26.99 41.49
CA PRO H 461 -67.80 -28.19 41.92
C PRO H 461 -67.03 -28.79 40.74
N LEU H 462 -65.77 -29.15 40.99
CA LEU H 462 -64.95 -29.89 40.05
C LEU H 462 -64.44 -31.15 40.73
N VAL H 463 -64.75 -32.31 40.14
CA VAL H 463 -64.21 -33.57 40.61
C VAL H 463 -62.99 -33.91 39.75
N LEU H 464 -61.83 -34.10 40.37
CA LEU H 464 -60.63 -34.52 39.68
C LEU H 464 -60.36 -35.97 40.07
N ILE H 465 -60.61 -36.89 39.14
CA ILE H 465 -60.27 -38.29 39.31
C ILE H 465 -58.84 -38.52 38.87
N VAL H 466 -58.03 -39.05 39.77
CA VAL H 466 -56.67 -39.46 39.46
C VAL H 466 -56.63 -40.97 39.47
N VAL H 467 -56.51 -41.56 38.28
CA VAL H 467 -56.35 -43.00 38.15
C VAL H 467 -54.88 -43.30 38.40
N ASN H 468 -54.59 -43.99 39.49
CA ASN H 468 -53.23 -44.30 39.89
C ASN H 468 -52.96 -45.79 39.67
N ASN H 469 -52.34 -46.10 38.53
CA ASN H 469 -51.87 -47.46 38.27
C ASN H 469 -50.35 -47.55 38.39
N ASN H 470 -49.73 -46.57 39.07
CA ASN H 470 -48.30 -46.58 39.37
C ASN H 470 -47.47 -46.63 38.08
N GLY H 471 -47.59 -45.56 37.31
CA GLY H 471 -46.77 -45.39 36.12
C GLY H 471 -47.60 -45.07 34.89
N GLY H 472 -46.91 -45.01 33.76
CA GLY H 472 -47.55 -44.80 32.47
C GLY H 472 -47.89 -46.12 31.81
N GLN H 473 -49.04 -46.70 32.18
CA GLN H 473 -49.35 -48.06 31.77
C GLN H 473 -49.82 -48.18 30.34
N ILE H 474 -49.94 -47.08 29.59
CA ILE H 474 -50.10 -47.19 28.14
C ILE H 474 -48.92 -47.95 27.53
N PHE H 475 -47.75 -47.85 28.14
CA PHE H 475 -46.56 -48.59 27.73
C PHE H 475 -46.57 -50.04 28.20
N SER H 476 -47.54 -50.42 29.03
CA SER H 476 -47.90 -51.83 29.19
C SER H 476 -48.84 -52.29 28.10
N LEU H 477 -49.55 -51.31 27.54
CA LEU H 477 -50.42 -51.49 26.36
C LEU H 477 -49.65 -51.71 25.04
N LEU H 478 -48.64 -50.89 24.77
CA LEU H 478 -47.84 -51.07 23.55
C LEU H 478 -46.80 -52.18 23.76
N PRO H 479 -46.38 -52.89 22.71
CA PRO H 479 -45.37 -53.93 22.96
C PRO H 479 -43.91 -53.48 23.20
N THR H 480 -43.72 -52.75 24.28
CA THR H 480 -42.39 -52.37 24.76
C THR H 480 -41.58 -53.59 25.21
N PRO H 481 -40.25 -53.51 25.18
CA PRO H 481 -39.42 -54.65 25.63
C PRO H 481 -39.55 -54.88 27.13
N GLN H 482 -39.56 -56.15 27.53
CA GLN H 482 -39.92 -56.52 28.91
C GLN H 482 -38.89 -56.05 29.94
N SER H 483 -37.59 -56.20 29.67
CA SER H 483 -36.62 -55.92 30.73
C SER H 483 -36.37 -54.42 30.95
N GLU H 484 -36.62 -53.59 29.94
CA GLU H 484 -36.49 -52.14 30.11
C GLU H 484 -37.81 -51.48 30.44
N ARG H 485 -38.90 -52.25 30.48
CA ARG H 485 -40.24 -51.68 30.51
C ARG H 485 -40.45 -50.80 31.75
N GLU H 486 -40.15 -51.35 32.94
CA GLU H 486 -40.50 -50.62 34.15
C GLU H 486 -39.65 -49.36 34.31
N ARG H 487 -38.33 -49.50 34.12
CA ARG H 487 -37.42 -48.39 34.40
C ARG H 487 -37.50 -47.30 33.33
N PHE H 488 -37.58 -47.67 32.05
CA PHE H 488 -37.43 -46.71 30.96
C PHE H 488 -38.73 -46.35 30.27
N TYR H 489 -39.83 -47.01 30.59
CA TYR H 489 -41.15 -46.72 30.01
C TYR H 489 -42.17 -46.43 31.11
N LEU H 490 -42.51 -47.42 31.94
CA LEU H 490 -43.56 -47.24 32.92
C LEU H 490 -43.21 -46.13 33.90
N MET H 491 -41.97 -46.15 34.40
CA MET H 491 -41.44 -45.21 35.38
C MET H 491 -42.42 -44.97 36.55
N PRO H 492 -42.73 -46.00 37.32
CA PRO H 492 -43.60 -45.82 38.49
C PRO H 492 -42.94 -44.91 39.53
N GLN H 493 -43.75 -44.03 40.12
CA GLN H 493 -43.26 -43.08 41.12
C GLN H 493 -43.67 -43.45 42.54
N ASN H 494 -44.56 -44.44 42.70
CA ASN H 494 -44.92 -44.98 44.01
C ASN H 494 -45.36 -43.88 44.99
N VAL H 495 -46.42 -43.19 44.61
CA VAL H 495 -46.97 -42.11 45.43
C VAL H 495 -48.47 -42.30 45.54
N HIS H 496 -49.06 -41.58 46.50
CA HIS H 496 -50.48 -41.31 46.55
C HIS H 496 -50.66 -39.80 46.61
N PHE H 497 -51.91 -39.36 46.51
CA PHE H 497 -52.20 -37.94 46.36
C PHE H 497 -52.97 -37.35 47.52
N GLU H 498 -53.08 -38.08 48.64
CA GLU H 498 -53.76 -37.53 49.82
C GLU H 498 -53.03 -36.31 50.36
N HIS H 499 -51.71 -36.37 50.43
CA HIS H 499 -50.99 -35.23 50.93
C HIS H 499 -50.98 -34.06 49.94
N ALA H 500 -51.01 -34.36 48.64
CA ALA H 500 -51.16 -33.30 47.66
C ALA H 500 -52.49 -32.55 47.83
N ALA H 501 -53.59 -33.29 47.97
CA ALA H 501 -54.86 -32.63 48.22
C ALA H 501 -54.84 -31.86 49.54
N ALA H 502 -54.28 -32.47 50.59
CA ALA H 502 -54.23 -31.81 51.90
C ALA H 502 -53.41 -30.51 51.84
N MET H 503 -52.32 -30.51 51.07
CA MET H 503 -51.47 -29.31 50.97
C MET H 503 -52.23 -28.12 50.43
N PHE H 504 -53.07 -28.35 49.43
CA PHE H 504 -53.87 -27.27 48.88
C PHE H 504 -55.28 -27.28 49.44
N GLU H 505 -55.48 -28.01 50.54
CA GLU H 505 -56.72 -27.97 51.30
C GLU H 505 -57.91 -28.35 50.42
N LEU H 506 -57.75 -29.44 49.67
CA LEU H 506 -58.81 -29.98 48.84
C LEU H 506 -59.32 -31.28 49.46
N LYS H 507 -60.65 -31.46 49.43
CA LYS H 507 -61.23 -32.71 49.90
C LYS H 507 -60.64 -33.86 49.12
N TYR H 508 -60.48 -35.00 49.79
CA TYR H 508 -59.80 -36.15 49.23
C TYR H 508 -60.58 -37.40 49.57
N HIS H 509 -60.72 -38.29 48.59
CA HIS H 509 -61.31 -39.61 48.79
C HIS H 509 -60.41 -40.60 48.08
N ARG H 510 -60.27 -41.78 48.68
CA ARG H 510 -59.61 -42.91 48.04
C ARG H 510 -60.58 -44.08 48.10
N PRO H 511 -61.60 -44.11 47.24
CA PRO H 511 -62.63 -45.15 47.32
C PRO H 511 -62.08 -46.53 46.98
N GLN H 512 -62.61 -47.53 47.70
CA GLN H 512 -62.19 -48.90 47.52
C GLN H 512 -63.20 -49.74 46.76
N ASN H 513 -64.40 -49.21 46.53
CA ASN H 513 -65.42 -49.93 45.78
C ASN H 513 -66.37 -48.91 45.16
N TRP H 514 -67.29 -49.42 44.35
CA TRP H 514 -68.23 -48.55 43.64
C TRP H 514 -69.09 -47.73 44.60
N GLN H 515 -69.48 -48.33 45.74
CA GLN H 515 -70.30 -47.58 46.69
C GLN H 515 -69.54 -46.37 47.25
N GLU H 516 -68.27 -46.55 47.62
CA GLU H 516 -67.52 -45.42 48.16
C GLU H 516 -67.23 -44.37 47.09
N LEU H 517 -67.08 -44.79 45.83
CA LEU H 517 -66.94 -43.81 44.76
C LEU H 517 -68.21 -42.99 44.61
N GLU H 518 -69.36 -43.66 44.68
CA GLU H 518 -70.65 -42.98 44.63
C GLU H 518 -70.77 -41.96 45.77
N THR H 519 -70.47 -42.40 46.99
CA THR H 519 -70.51 -41.51 48.15
C THR H 519 -69.60 -40.30 47.98
N ALA H 520 -68.38 -40.54 47.48
CA ALA H 520 -67.44 -39.45 47.27
C ALA H 520 -68.01 -38.42 46.30
N PHE H 521 -68.59 -38.88 45.19
CA PHE H 521 -69.22 -37.98 44.23
C PHE H 521 -70.36 -37.17 44.85
N ALA H 522 -71.26 -37.83 45.58
CA ALA H 522 -72.35 -37.11 46.23
C ALA H 522 -71.80 -36.04 47.16
N ASP H 523 -70.74 -36.33 47.89
CA ASP H 523 -70.12 -35.33 48.74
C ASP H 523 -69.54 -34.19 47.92
N ALA H 524 -68.94 -34.52 46.76
CA ALA H 524 -68.21 -33.53 45.99
C ALA H 524 -69.15 -32.53 45.29
N TRP H 525 -70.32 -32.99 44.85
CA TRP H 525 -71.14 -32.06 44.11
C TRP H 525 -71.81 -30.99 44.98
N ARG H 526 -71.57 -30.97 46.29
CA ARG H 526 -72.36 -30.09 47.14
C ARG H 526 -71.83 -28.67 47.26
N THR H 527 -70.54 -28.44 46.99
CA THR H 527 -69.97 -27.11 47.13
C THR H 527 -69.16 -26.77 45.90
N PRO H 528 -69.01 -25.49 45.58
CA PRO H 528 -68.14 -25.10 44.46
C PRO H 528 -66.65 -25.20 44.80
N THR H 529 -66.15 -26.42 45.00
CA THR H 529 -64.76 -26.67 45.32
C THR H 529 -64.28 -27.89 44.54
N THR H 530 -62.98 -28.07 44.51
CA THR H 530 -62.37 -29.23 43.86
C THR H 530 -62.24 -30.37 44.85
N THR H 531 -62.71 -31.54 44.46
CA THR H 531 -62.49 -32.76 45.22
C THR H 531 -61.60 -33.69 44.41
N VAL H 532 -60.55 -34.20 45.04
CA VAL H 532 -59.64 -35.14 44.41
C VAL H 532 -60.07 -36.54 44.81
N ILE H 533 -60.39 -37.38 43.83
CA ILE H 533 -60.77 -38.76 44.02
C ILE H 533 -59.66 -39.60 43.42
N GLU H 534 -58.90 -40.30 44.24
CA GLU H 534 -57.83 -41.14 43.76
C GLU H 534 -58.32 -42.57 43.65
N MET H 535 -58.26 -43.12 42.45
CA MET H 535 -58.64 -44.51 42.22
C MET H 535 -57.38 -45.35 42.02
N VAL H 536 -57.03 -46.12 43.04
CA VAL H 536 -55.87 -47.00 42.98
C VAL H 536 -56.29 -48.33 42.38
N VAL H 537 -55.66 -48.69 41.27
CA VAL H 537 -55.97 -49.90 40.52
C VAL H 537 -54.66 -50.60 40.24
N ASN H 538 -54.75 -51.90 39.95
CA ASN H 538 -53.55 -52.67 39.65
C ASN H 538 -52.98 -52.32 38.30
N ASP H 539 -51.64 -52.24 38.23
CA ASP H 539 -50.94 -51.62 37.11
C ASP H 539 -51.54 -51.95 35.74
N THR H 540 -51.58 -53.22 35.37
CA THR H 540 -51.88 -53.60 34.00
C THR H 540 -53.32 -54.08 33.77
N ASP H 541 -54.20 -53.95 34.77
CA ASP H 541 -55.55 -54.49 34.61
C ASP H 541 -56.33 -53.76 33.51
N GLY H 542 -56.19 -52.43 33.41
CA GLY H 542 -56.92 -51.70 32.39
C GLY H 542 -56.46 -52.05 31.00
N ALA H 543 -55.14 -52.02 30.77
CA ALA H 543 -54.59 -52.40 29.48
C ALA H 543 -55.02 -53.81 29.10
N GLN H 544 -54.82 -54.77 30.01
CA GLN H 544 -55.11 -56.16 29.73
C GLN H 544 -56.59 -56.37 29.45
N THR H 545 -57.44 -55.73 30.24
CA THR H 545 -58.89 -55.82 30.03
C THR H 545 -59.25 -55.35 28.64
N LEU H 546 -58.64 -54.23 28.22
CA LEU H 546 -58.88 -53.74 26.86
C LEU H 546 -58.43 -54.76 25.81
N GLN H 547 -57.24 -55.35 26.00
CA GLN H 547 -56.78 -56.36 25.03
C GLN H 547 -57.72 -57.55 24.96
N GLN H 548 -58.23 -57.99 26.11
CA GLN H 548 -59.13 -59.14 26.12
C GLN H 548 -60.43 -58.81 25.40
N LEU H 549 -61.02 -57.64 25.70
CA LEU H 549 -62.26 -57.25 25.03
C LEU H 549 -62.05 -57.06 23.52
N LEU H 550 -60.88 -56.55 23.12
CA LEU H 550 -60.54 -56.45 21.70
C LEU H 550 -60.49 -57.82 21.05
N ALA H 551 -59.81 -58.78 21.67
CA ALA H 551 -59.73 -60.12 21.09
C ALA H 551 -61.13 -60.73 20.95
N GLN H 552 -61.91 -60.69 22.03
CA GLN H 552 -63.23 -61.30 22.02
C GLN H 552 -64.15 -60.66 20.98
N VAL H 553 -64.18 -59.32 20.92
CA VAL H 553 -65.04 -58.67 19.93
C VAL H 553 -64.53 -58.91 18.51
N SER H 554 -63.21 -59.03 18.34
CA SER H 554 -62.67 -59.34 17.02
C SER H 554 -63.05 -60.74 16.56
N HIS H 555 -63.40 -61.64 17.48
CA HIS H 555 -63.74 -62.99 17.05
C HIS H 555 -65.23 -63.27 16.96
N LEU H 556 -66.08 -62.24 17.07
CA LEU H 556 -67.52 -62.41 16.97
C LEU H 556 -68.03 -62.74 15.55
S1 TD6 I . -38.53 -13.22 41.45
C2 TD6 I . -38.22 -12.98 39.96
N3 TD6 I . -39.35 -13.42 39.21
C4 TD6 I . -40.42 -13.97 40.21
C5 TD6 I . -39.90 -13.83 41.55
C6 TD6 I . -40.62 -14.24 42.84
C7 TD6 I . -39.82 -15.33 43.54
O7 TD6 I . -40.64 -15.96 44.50
PA TD6 I . -39.91 -16.83 45.69
PB TD6 I . -38.77 -14.52 47.02
N1' TD6 I . -40.64 -16.55 36.15
C11 TD6 I . -36.95 -12.39 39.38
C13 TD6 I . -37.94 -10.27 38.50
O1A TD6 I . -39.42 -18.15 45.12
O1B TD6 I . -37.47 -14.18 47.72
C2' TD6 I . -39.54 -17.32 36.25
O2A TD6 I . -40.90 -17.10 46.80
O2B TD6 I . -39.07 -13.46 45.99
N3' TD6 I . -38.41 -16.83 36.82
O3A TD6 I . -38.63 -15.99 46.29
O3B TD6 I . -39.88 -14.57 48.04
C4' TD6 I . -38.39 -15.59 37.30
N4' TD6 I . -37.19 -15.08 37.92
C5' TD6 I . -39.50 -14.82 37.22
C6' TD6 I . -40.63 -15.30 36.64
C7' TD6 I . -39.48 -13.39 37.76
OL1 TD6 I . -36.05 -13.41 39.07
OL2 TD6 I . -37.97 -8.81 36.56
OL3 TD6 I . -39.77 -10.00 36.93
CLB TD6 I . -37.29 -11.60 38.11
CLC TD6 I . -38.60 -9.66 37.25
CM2 TD6 I . -39.58 -18.74 35.68
CM4 TD6 I . -41.79 -14.54 39.84
MG MG J . -41.10 -16.19 48.69
S1 TD6 K . -21.79 -25.05 -15.53
C2 TD6 K . -22.53 -25.29 -14.30
N3 TD6 K . -23.77 -24.61 -14.27
C4 TD6 K . -23.88 -23.93 -15.61
C5 TD6 K . -22.68 -24.23 -16.36
C6 TD6 K . -22.41 -23.74 -17.77
C7 TD6 K . -21.48 -22.62 -17.89
O7 TD6 K . -21.40 -22.34 -19.23
PA TD6 K . -20.15 -21.56 -19.83
PB TD6 K . -18.75 -24.04 -20.29
N1' TD6 K . -26.19 -21.30 -12.16
C11 TD6 K . -21.95 -26.24 -13.29
C13 TD6 K . -23.22 -28.48 -12.45
O1A TD6 K . -19.79 -20.43 -19.16
O1B TD6 K . -17.45 -24.27 -20.21
C2' TD6 K . -25.14 -20.70 -11.56
O2A TD6 K . -20.46 -21.28 -21.17
O2B TD6 K . -19.52 -25.00 -19.60
N3' TD6 K . -23.95 -21.33 -11.48
O3A TD6 K . -18.93 -22.56 -19.76
O3B TD6 K . -19.00 -24.19 -21.64
C4' TD6 K . -23.82 -22.51 -12.01
N4' TD6 K . -22.58 -23.10 -11.89
C5' TD6 K . -24.89 -23.12 -12.66
C6' TD6 K . -26.07 -22.46 -12.71
C7' TD6 K . -24.79 -24.51 -13.29
OL1 TD6 K . -21.98 -25.63 -12.13
OL2 TD6 K . -25.01 -29.07 -10.86
OL3 TD6 K . -25.28 -27.44 -12.19
CLB TD6 K . -22.91 -27.42 -13.48
CLC TD6 K . -24.60 -28.34 -11.78
CM2 TD6 K . -25.27 -19.33 -10.95
CM4 TD6 K . -25.06 -23.08 -16.01
MG MG L . -19.38 -22.23 -22.93
C FMT M . -6.43 -18.63 0.15
O1 FMT M . -5.57 -18.16 0.86
O2 FMT M . -6.42 -19.92 -0.16
C FMT N . -16.45 13.73 17.79
O1 FMT N . -17.08 13.62 18.82
O2 FMT N . -16.96 13.29 16.65
S1 TD6 O . 31.70 6.93 16.83
C2 TD6 O . 32.34 7.27 15.45
N3 TD6 O . 32.44 8.70 15.36
C4 TD6 O . 31.89 9.31 16.66
C5 TD6 O . 31.44 8.26 17.53
C6 TD6 O . 30.84 8.51 18.91
C7 TD6 O . 29.34 8.27 18.98
O7 TD6 O . 28.94 8.59 20.27
PA TD6 O . 27.58 7.86 20.81
PB TD6 O . 28.82 5.42 21.79
N1' TD6 O . 30.97 12.41 12.83
C11 TD6 O . 32.85 6.23 14.42
C13 TD6 O . 30.95 4.50 14.51
C13 TD6 O . 35.48 6.68 14.36
O1A TD6 O . 26.45 8.21 19.85
O1B TD6 O . 28.36 4.00 21.75
C2' TD6 O . 30.00 11.72 12.18
O2A TD6 O . 27.29 8.41 22.21
O2B TD6 O . 30.22 5.55 21.26
N3' TD6 O . 30.00 10.37 12.22
O3A TD6 O . 27.80 6.25 20.82
O3B TD6 O . 28.79 5.98 23.20
C4' TD6 O . 30.91 9.71 12.88
N4' TD6 O . 30.83 8.27 12.87
C5' TD6 O . 31.88 10.37 13.55
C6' TD6 O . 31.89 11.74 13.52
C7' TD6 O . 32.96 9.59 14.31
OL1 TD6 O . 33.80 5.43 15.05
OL1 TD6 O . 31.83 5.89 13.52
OL2 TD6 O . 30.36 2.16 14.55
OL2 TD6 O . 37.16 6.79 12.54
OL3 TD6 O . 31.52 2.85 12.85
OL3 TD6 O . 36.49 8.64 13.37
CLB TD6 O . 31.83 5.38 13.65
CLB TD6 O . 34.11 6.67 13.66
CLC TD6 O . 30.94 3.08 13.94
CLC TD6 O . 36.43 7.39 13.38
CM2 TD6 O . 28.89 12.41 11.38
CM4 TD6 O . 31.84 10.80 16.93
MG MG P . 27.76 7.58 24.18
C1 GOL Q . 4.92 15.80 7.41
O1 GOL Q . 4.72 14.74 6.48
C2 GOL Q . 5.95 15.38 8.46
O2 GOL Q . 7.23 15.21 7.82
C3 GOL Q . 6.06 16.45 9.53
O3 GOL Q . 6.95 16.01 10.56
C FMT R . 25.94 -24.76 7.73
O1 FMT R . 26.12 -25.96 7.82
O2 FMT R . 25.01 -24.16 8.46
S1 TD6 S . 13.98 32.23 5.66
C2 TD6 S . 14.81 31.72 4.43
N3 TD6 S . 14.68 30.31 4.34
C4 TD6 S . 13.76 29.83 5.50
C5 TD6 S . 13.36 30.97 6.27
C6 TD6 S . 12.44 30.86 7.47
C7 TD6 S . 13.13 31.11 8.79
O7 TD6 S . 12.11 30.89 9.74
PA TD6 S . 12.34 31.53 11.23
PB TD6 S . 11.08 34.02 10.47
N1' TD6 S . 17.38 26.56 4.48
C11 TD6 S . 15.62 32.49 3.38
C13 TD6 S . 16.40 34.41 4.97
O1A TD6 S . 13.70 31.09 11.73
O1B TD6 S . 11.44 35.46 10.70
C2' TD6 S . 18.49 27.16 4.99
O2A TD6 S . 11.22 31.02 12.09
O2B TD6 S . 10.95 33.77 8.99
N3' TD6 S . 18.59 28.51 4.99
O3A TD6 S . 12.34 33.16 11.11
O3B TD6 S . 9.82 33.59 11.16
C4' TD6 S . 17.60 29.21 4.48
N4' TD6 S . 17.78 30.64 4.49
C5' TD6 S . 16.47 28.61 3.96
C6' TD6 S . 16.38 27.26 3.97
C7' TD6 S . 15.30 29.44 3.35
OL1 TD6 S . 14.71 33.14 2.54
OL2 TD6 S . 17.26 36.04 3.39
OL3 TD6 S . 16.77 36.74 5.38
CLB TD6 S . 16.74 33.45 3.85
CLC TD6 S . 16.84 35.81 4.55
CM2 TD6 S . 19.64 26.33 5.58
CM4 TD6 S . 13.37 28.38 5.78
MG MG T . 9.61 32.29 12.72
C1 GOL U . -0.70 27.64 12.80
O1 GOL U . -0.44 26.59 13.75
C2 GOL U . -1.14 28.90 13.57
O2 GOL U . -2.27 28.58 14.39
C3 GOL U . 0.00 29.40 14.44
O3 GOL U . -0.38 30.63 15.05
C1 GOL V . 54.03 27.35 19.03
O1 GOL V . 53.50 26.03 18.97
C2 GOL V . 54.70 27.57 20.38
O2 GOL V . 55.84 26.72 20.50
C3 GOL V . 53.72 27.25 21.50
O3 GOL V . 53.20 25.92 21.32
C FMT W . 11.69 37.86 34.16
O1 FMT W . 10.87 38.38 33.43
O2 FMT W . 11.43 36.68 34.69
S1 TD6 X . 34.54 20.31 -41.94
C2 TD6 X . 34.15 20.43 -40.43
N3 TD6 X . 35.11 21.27 -39.78
C4 TD6 X . 36.18 21.71 -40.84
C5 TD6 X . 35.83 21.14 -42.11
C6 TD6 X . 36.62 21.35 -43.39
C7 TD6 X . 37.39 20.09 -43.81
O7 TD6 X . 38.10 20.44 -44.97
PA TD6 X . 38.61 19.25 -45.96
PB TD6 X . 36.18 19.34 -47.56
N1' TD6 X . 38.22 21.11 -36.33
C11 TD6 X . 32.93 19.82 -39.75
C13 TD6 X . 32.39 17.39 -40.12
O1A TD6 X . 39.28 18.21 -45.10
O1B TD6 X . 35.26 18.30 -48.10
C2' TD6 X . 38.26 19.78 -36.19
O2A TD6 X . 39.51 19.77 -47.07
O2B TD6 X . 35.39 20.28 -46.70
N3' TD6 X . 37.29 19.03 -36.77
O3A TD6 X . 37.31 18.55 -46.66
O3B TD6 X . 36.91 20.08 -48.66
C4' TD6 X . 36.33 19.60 -37.47
N4' TD6 X . 35.34 18.75 -38.07
C5' TD6 X . 36.29 20.96 -37.62
C6' TD6 X . 37.25 21.71 -37.04
C7' TD6 X . 35.16 21.67 -38.40
OL1 TD6 X . 32.04 20.88 -39.55
OL2 TD6 X . 30.18 16.33 -40.31
OL3 TD6 X . 31.65 15.92 -41.87
CLB TD6 X . 32.24 18.81 -40.66
CLC TD6 X . 31.34 16.49 -40.80
CM2 TD6 X . 39.39 19.12 -35.38
CM4 TD6 X . 37.37 22.60 -40.55
MG MG Y . 38.81 20.35 -49.00
C FMT Z . 22.46 11.64 -35.39
O1 FMT Z . 23.34 11.88 -36.21
O2 FMT Z . 22.27 10.39 -34.97
C FMT AA . 28.31 21.32 -61.68
O1 FMT AA . 29.50 21.37 -61.89
O2 FMT AA . 27.57 22.34 -62.05
N1' TPP BA . 55.92 15.03 -26.04
C2' TPP BA . 55.78 16.38 -25.94
CM2 TPP BA . 54.58 17.11 -26.51
N3' TPP BA . 56.72 17.11 -25.30
C4' TPP BA . 57.77 16.51 -24.78
N4' TPP BA . 58.76 17.33 -24.09
C5' TPP BA . 57.93 15.17 -24.89
C6' TPP BA . 56.99 14.43 -25.52
C7' TPP BA . 59.15 14.50 -24.25
N3 TPP BA . 60.36 14.83 -24.98
C2 TPP BA . 61.39 15.72 -24.56
S1 TPP BA . 62.46 15.74 -25.68
C5 TPP BA . 61.98 14.79 -26.78
C4 TPP BA . 60.74 14.23 -26.37
CM4 TPP BA . 59.90 13.24 -27.17
C6 TPP BA . 62.68 14.45 -28.10
C7 TPP BA . 62.98 15.69 -28.95
O7 TPP BA . 63.36 15.22 -30.22
PA TPP BA . 64.18 16.26 -31.22
O1A TPP BA . 64.76 15.50 -32.39
O2A TPP BA . 63.29 17.41 -31.61
O3A TPP BA . 65.39 16.95 -30.38
PB TPP BA . 66.69 16.16 -29.83
O1B TPP BA . 67.71 17.20 -29.51
O2B TPP BA . 67.15 15.22 -30.94
O3B TPP BA . 66.30 15.40 -28.59
MG MG CA . 66.64 15.08 -32.86
C1 EDO DA . 57.86 36.80 -16.84
O1 EDO DA . 57.35 35.57 -17.38
C2 EDO DA . 57.41 37.97 -17.70
O2 EDO DA . 57.93 39.19 -17.14
C FMT EA . 60.71 30.97 -49.46
O1 FMT EA . 61.45 30.83 -48.53
O2 FMT EA . 59.42 31.20 -49.32
C FMT FA . 21.33 27.58 -40.86
O1 FMT FA . 21.76 27.44 -39.76
O2 FMT FA . 20.82 28.72 -41.25
S1 TD6 GA . -34.21 4.60 -8.61
C2 TD6 GA . -34.40 3.83 -7.27
N3 TD6 GA . -33.17 3.15 -6.97
C4 TD6 GA . -32.14 3.47 -8.08
C5 TD6 GA . -32.77 4.32 -9.05
C6 TD6 GA . -32.04 4.85 -10.27
C7 TD6 GA . -32.59 4.28 -11.56
O7 TD6 GA . -31.81 4.90 -12.54
PA TD6 GA . -32.41 4.86 -14.07
PB TD6 GA . -33.88 7.32 -13.68
N1' TD6 GA . -31.45 -1.15 -6.29
C11 TD6 GA . -35.72 3.87 -6.49
C13 TD6 GA . -34.59 5.00 -4.37
C13 TD6 GA . -37.79 3.88 -7.73
O1A TD6 GA . -32.79 3.46 -14.48
O1B TD6 GA . -35.29 7.76 -13.94
C2' TD6 GA . -32.54 -1.79 -6.81
O2A TD6 GA . -31.34 5.40 -14.99
O2B TD6 GA . -32.86 8.04 -14.55
N3' TD6 GA . -33.70 -1.13 -7.01
O3A TD6 GA . -33.79 5.73 -14.08
O3B TD6 GA . -33.56 7.51 -12.23
C4' TD6 GA . -33.75 0.15 -6.70
N4' TD6 GA . -34.98 0.87 -6.90
C5' TD6 GA . -32.67 0.81 -6.20
C6' TD6 GA . -31.50 0.14 -5.99
C7' TD6 GA . -32.79 2.29 -5.84
OL1 TD6 GA . -36.59 2.84 -6.88
OL1 TD6 GA . -35.43 4.12 -5.15
OL2 TD6 GA . -33.04 4.14 -2.73
OL2 TD6 GA . -39.94 4.49 -8.62
OL3 TD6 GA . -35.00 4.51 -1.97
OL3 TD6 GA . -39.76 4.58 -6.46
CLB TD6 GA . -35.52 3.92 -4.97
CLB TD6 GA . -36.80 4.81 -7.02
CLC TD6 GA . -34.20 4.53 -2.95
CLC TD6 GA . -39.24 4.35 -7.59
CM2 TD6 GA . -32.47 -3.29 -7.17
CM4 TD6 GA . -30.71 2.95 -8.15
MG MG HA . -31.44 7.45 -15.86
C1 GOL IA . -50.51 -33.42 -20.19
O1 GOL IA . -49.46 -34.30 -20.61
C2 GOL IA . -50.94 -33.77 -18.77
O2 GOL IA . -49.85 -33.53 -17.86
C3 GOL IA . -51.33 -35.24 -18.72
O3 GOL IA . -51.62 -35.60 -17.36
C FMT JA . -66.05 -8.21 7.26
O1 FMT JA . -65.69 -7.09 7.54
O2 FMT JA . -65.17 -9.12 6.85
S1 TD6 KA . -48.46 -41.29 27.81
C2 TD6 KA . -47.71 -40.55 26.66
N3 TD6 KA . -46.47 -40.05 27.15
C4 TD6 KA . -46.33 -40.47 28.63
C5 TD6 KA . -47.51 -41.20 29.01
C6 TD6 KA . -47.70 -41.79 30.39
C7 TD6 KA . -48.75 -41.05 31.21
O7 TD6 KA . -48.84 -41.77 32.39
PA TD6 KA . -50.25 -41.70 33.23
PB TD6 KA . -51.52 -43.97 32.01
N1' TD6 KA . -44.38 -35.95 27.69
C11 TD6 KA . -48.21 -40.36 25.24
C13 TD6 KA . -50.45 -39.51 24.95
O1A TD6 KA . -50.62 -40.25 33.41
O1B TD6 KA . -52.94 -44.19 31.59
C2' TD6 KA . -45.46 -35.17 27.48
O2A TD6 KA . -50.06 -42.46 34.53
O2B TD6 KA . -50.56 -44.24 30.88
N3' TD6 KA . -46.56 -35.71 26.92
O3A TD6 KA . -51.50 -42.39 32.44
O3B TD6 KA . -51.08 -44.78 33.21
C4' TD6 KA . -46.60 -36.97 26.59
N4' TD6 KA . -47.82 -37.46 25.98
C5' TD6 KA . -45.52 -37.79 26.80
C6' TD6 KA . -44.41 -37.24 27.36
C7' TD6 KA . -45.50 -39.28 26.39
OL1 TD6 KA . -47.47 -41.21 24.42
OL2 TD6 KA . -52.73 -40.00 25.46
OL3 TD6 KA . -52.12 -40.31 23.40
CLB TD6 KA . -49.66 -40.79 25.18
CLC TD6 KA . -51.85 -39.97 24.58
CM2 TD6 KA . -45.45 -33.69 27.87
CM4 TD6 KA . -45.14 -40.14 29.52
MG MG LA . -50.72 -44.13 35.20
C1 GOL MA . -55.66 -18.17 41.67
O1 GOL MA . -55.94 -19.54 41.40
C2 GOL MA . -56.51 -17.28 40.76
O2 GOL MA . -56.30 -17.65 39.39
C3 GOL MA . -56.11 -15.82 40.95
O3 GOL MA . -56.83 -15.00 40.03
C FMT NA . -73.37 -49.00 32.26
O1 FMT NA . -72.62 -48.35 32.96
O2 FMT NA . -73.20 -50.32 32.15
#